data_8ODP
#
_entry.id   8ODP
#
_cell.length_a   98.433
_cell.length_b   122.597
_cell.length_c   124.759
_cell.angle_alpha   90.000
_cell.angle_beta   107.880
_cell.angle_gamma   90.000
#
_symmetry.space_group_name_H-M   'P 1 21 1'
#
loop_
_entity.id
_entity.type
_entity.pdbx_description
1 polymer 'RNA-splicing ligase RtcB homolog'
2 polymer 'Protein archease'
3 non-polymer 'MANGANESE (II) ION'
4 non-polymer 'PHOSPHOMETHYLPHOSPHONIC ACID GUANYLATE ESTER'
5 water water
#
loop_
_entity_poly.entity_id
_entity_poly.type
_entity_poly.pdbx_seq_one_letter_code
_entity_poly.pdbx_strand_id
1 'polypeptide(L)'
;GAMSRSYNDELQFLEKINKNCWRIKKGFVPNMQVEGVFYVNDALEKLMFEELRNACRGGGVGGFLPAMKQIGNVAALPGI
VHRSIGLPDVHSGYGFAIGNMAAFDMNDPEAVVSPGGVGFDINCGVRLLRTNLDESDVQPVKEQLAQAMFDHIPVGVGSK
GVIPMNAKDLEEALEMGVDWSLREGYAWAEDKEHCEEYGRMLQADPNKVSARAKKRGLPQLGTLGAGNHYAEIQVVDEIF
NEYAAKKMGIDHKGQVCVMIHSGSRGLGHQVATDALVAMEKAMKRDKIIVNDRQLACARIASPEGQDYLKGMAAAGNYAW
VNRSSMTFLTRQAFAKVFNTTPDDLDLHVIYDVSHNIAKVEQHVVDGKERTLLVHRKGSTRAFPPHHPLIAVDYQLTGQP
VLIGGTMGTCSYVLTGTEQGMTETFGTTCHGAGRALSRAKSRRNLDFQDVLDKLADMGIAIRVASPKLVMEEAPESYKNV
TDVVNTCHDAGISKKAIKLRPIAVIKG
;
A,C,E,G
2 'polypeptide(L)'
;GSHMMKGGSRVSNPAVMAQEEEDVRDYNLTEEQKAIKAKYPPVNRKYEYLDHTADVQLHAWGDTLEEAFEQCAMAMFGYM
TDTGTVEPLQTVEVETQGDDLQSLLFHFLDEWLYKFSADEFFIPREVKVLSIDQRNFKLRSIGWGEEFSLSKHPQGTEVK
AITYSAMQVYNEENPEVFVIIDI
;
B,D,F,H
#
# COMPACT_ATOMS: atom_id res chain seq x y z
N MET A 3 4.25 -7.22 -43.46
CA MET A 3 2.85 -7.62 -43.64
C MET A 3 1.91 -6.41 -43.56
N SER A 4 2.43 -5.22 -43.86
CA SER A 4 1.66 -3.99 -43.73
C SER A 4 0.88 -3.63 -45.00
N ARG A 5 0.93 -4.47 -46.03
CA ARG A 5 0.18 -4.23 -47.24
C ARG A 5 -1.25 -4.73 -47.08
N SER A 6 -2.19 -4.07 -47.75
CA SER A 6 -3.55 -4.60 -47.78
C SER A 6 -3.61 -5.86 -48.63
N TYR A 7 -4.61 -6.68 -48.35
CA TYR A 7 -4.77 -7.94 -49.07
C TYR A 7 -4.86 -7.72 -50.57
N ASN A 8 -5.69 -6.75 -50.99
CA ASN A 8 -5.86 -6.49 -52.40
C ASN A 8 -4.57 -5.96 -53.03
N ASP A 9 -3.75 -5.24 -52.26
CA ASP A 9 -2.45 -4.83 -52.77
C ASP A 9 -1.50 -6.01 -52.92
N GLU A 10 -1.62 -7.02 -52.04
CA GLU A 10 -0.81 -8.22 -52.21
C GLU A 10 -1.17 -8.95 -53.49
N LEU A 11 -2.46 -9.01 -53.83
CA LEU A 11 -2.88 -9.73 -55.02
C LEU A 11 -2.33 -9.12 -56.30
N GLN A 12 -1.81 -7.89 -56.24
CA GLN A 12 -1.22 -7.28 -57.43
C GLN A 12 0.02 -8.02 -57.89
N PHE A 13 0.60 -8.87 -57.04
CA PHE A 13 1.78 -9.64 -57.38
C PHE A 13 1.47 -11.09 -57.71
N LEU A 14 0.19 -11.47 -57.74
CA LEU A 14 -0.22 -12.85 -57.92
C LEU A 14 -0.94 -13.01 -59.24
N GLU A 15 -0.55 -14.02 -60.01
CA GLU A 15 -1.05 -14.27 -61.35
C GLU A 15 -1.23 -15.76 -61.53
N LYS A 16 -2.42 -16.17 -61.94
CA LYS A 16 -2.63 -17.58 -62.25
C LYS A 16 -1.98 -17.90 -63.59
N ILE A 17 -1.12 -18.91 -63.60
CA ILE A 17 -0.39 -19.30 -64.81
C ILE A 17 -1.22 -20.24 -65.67
N ASN A 18 -1.85 -21.24 -65.04
CA ASN A 18 -2.70 -22.21 -65.71
C ASN A 18 -3.70 -22.72 -64.69
N LYS A 19 -4.41 -23.79 -65.02
CA LYS A 19 -5.50 -24.21 -64.14
C LYS A 19 -5.00 -24.59 -62.76
N ASN A 20 -3.74 -25.00 -62.63
CA ASN A 20 -3.22 -25.56 -61.39
C ASN A 20 -2.01 -24.82 -60.85
N CYS A 21 -1.71 -23.62 -61.34
CA CYS A 21 -0.47 -22.99 -60.93
C CYS A 21 -0.61 -21.48 -60.87
N TRP A 22 -0.05 -20.91 -59.81
CA TRP A 22 -0.03 -19.49 -59.57
C TRP A 22 1.41 -19.00 -59.67
N ARG A 23 1.57 -17.74 -60.08
CA ARG A 23 2.87 -17.10 -60.12
C ARG A 23 2.93 -16.03 -59.04
N ILE A 24 4.08 -15.95 -58.37
CA ILE A 24 4.38 -14.88 -57.43
C ILE A 24 5.43 -14.00 -58.08
N LYS A 25 5.01 -12.81 -58.50
CA LYS A 25 5.89 -11.92 -59.24
C LYS A 25 6.90 -11.26 -58.30
N LYS A 26 8.01 -10.85 -58.88
CA LYS A 26 9.03 -10.13 -58.14
C LYS A 26 8.46 -8.83 -57.58
N GLY A 27 8.89 -8.47 -56.38
CA GLY A 27 8.36 -7.33 -55.66
C GLY A 27 7.46 -7.72 -54.52
N PHE A 28 6.91 -8.93 -54.55
CA PHE A 28 6.08 -9.43 -53.46
C PHE A 28 6.80 -9.28 -52.12
N VAL A 29 8.06 -9.69 -52.07
CA VAL A 29 8.96 -9.39 -50.96
C VAL A 29 10.24 -8.83 -51.58
N PRO A 30 11.12 -8.23 -50.80
CA PRO A 30 12.31 -7.60 -51.39
C PRO A 30 13.30 -8.60 -51.95
N ASN A 31 14.01 -8.17 -53.00
CA ASN A 31 15.23 -8.81 -53.49
C ASN A 31 15.00 -10.20 -54.09
N MET A 32 13.81 -10.47 -54.62
CA MET A 32 13.59 -11.75 -55.27
C MET A 32 14.47 -11.89 -56.51
N GLN A 33 15.23 -12.98 -56.57
CA GLN A 33 16.09 -13.27 -57.72
C GLN A 33 15.35 -14.02 -58.83
N VAL A 34 14.35 -14.81 -58.46
CA VAL A 34 13.48 -15.48 -59.41
C VAL A 34 12.05 -15.32 -58.93
N GLU A 35 11.11 -15.84 -59.70
CA GLU A 35 9.72 -15.82 -59.30
C GLU A 35 9.44 -17.01 -58.40
N GLY A 36 8.31 -16.94 -57.70
CA GLY A 36 7.78 -18.07 -56.96
C GLY A 36 6.55 -18.60 -57.67
N VAL A 37 6.28 -19.89 -57.49
CA VAL A 37 5.05 -20.49 -57.99
C VAL A 37 4.52 -21.43 -56.93
N PHE A 38 3.19 -21.62 -56.91
CA PHE A 38 2.62 -22.68 -56.10
C PHE A 38 1.49 -23.34 -56.88
N TYR A 39 1.43 -24.67 -56.76
CA TYR A 39 0.45 -25.51 -57.44
C TYR A 39 -0.76 -25.74 -56.55
N VAL A 40 -1.93 -25.24 -56.96
CA VAL A 40 -3.16 -25.45 -56.20
C VAL A 40 -4.33 -25.59 -57.15
N ASN A 41 -5.26 -26.50 -56.83
CA ASN A 41 -6.55 -26.55 -57.51
C ASN A 41 -7.50 -25.57 -56.79
N ASP A 42 -8.79 -25.64 -57.08
CA ASP A 42 -9.72 -24.64 -56.54
C ASP A 42 -9.84 -24.77 -55.02
N ALA A 43 -9.94 -25.98 -54.50
CA ALA A 43 -10.13 -26.14 -53.06
C ALA A 43 -8.88 -25.77 -52.29
N LEU A 44 -7.70 -26.00 -52.86
CA LEU A 44 -6.47 -25.69 -52.16
C LEU A 44 -6.10 -24.22 -52.31
N GLU A 45 -6.61 -23.59 -53.38
CA GLU A 45 -6.37 -22.18 -53.61
C GLU A 45 -6.96 -21.36 -52.47
N LYS A 46 -8.17 -21.71 -52.03
CA LYS A 46 -8.86 -20.94 -51.01
C LYS A 46 -8.10 -20.97 -49.69
N LEU A 47 -7.62 -22.15 -49.29
CA LEU A 47 -6.84 -22.26 -48.06
C LEU A 47 -5.59 -21.39 -48.11
N MET A 48 -4.91 -21.41 -49.26
CA MET A 48 -3.66 -20.68 -49.41
C MET A 48 -3.85 -19.18 -49.33
N PHE A 49 -4.93 -18.66 -49.92
CA PHE A 49 -5.18 -17.24 -49.89
C PHE A 49 -5.77 -16.80 -48.56
N GLU A 50 -6.52 -17.67 -47.88
CA GLU A 50 -6.97 -17.36 -46.52
C GLU A 50 -5.78 -17.20 -45.59
N GLU A 51 -4.79 -18.09 -45.71
CA GLU A 51 -3.58 -17.93 -44.91
C GLU A 51 -2.90 -16.59 -45.18
N LEU A 52 -2.87 -16.17 -46.44
CA LEU A 52 -2.28 -14.88 -46.77
C LEU A 52 -3.02 -13.75 -46.08
N ARG A 53 -4.36 -13.83 -46.04
CA ARG A 53 -5.14 -12.76 -45.44
C ARG A 53 -5.03 -12.77 -43.91
N ASN A 54 -5.00 -13.95 -43.29
CA ASN A 54 -5.22 -14.09 -41.86
C ASN A 54 -3.95 -14.34 -41.04
N ALA A 55 -2.81 -14.63 -41.68
CA ALA A 55 -1.63 -14.98 -40.89
C ALA A 55 -1.12 -13.79 -40.08
N CYS A 56 -1.31 -12.57 -40.58
CA CYS A 56 -0.86 -11.35 -39.92
C CYS A 56 -1.94 -10.29 -40.11
N ARG A 57 -3.16 -10.62 -39.69
CA ARG A 57 -4.33 -9.81 -40.01
C ARG A 57 -4.22 -8.41 -39.41
N GLY A 58 -3.80 -8.33 -38.14
CA GLY A 58 -3.83 -7.08 -37.41
C GLY A 58 -2.71 -6.13 -37.78
N GLY A 59 -2.97 -4.85 -37.56
CA GLY A 59 -1.96 -3.82 -37.67
C GLY A 59 -1.05 -3.72 -36.46
N GLY A 60 -1.13 -4.67 -35.54
CA GLY A 60 -0.33 -4.63 -34.33
C GLY A 60 0.71 -5.73 -34.20
N VAL A 61 0.98 -6.14 -32.97
CA VAL A 61 2.03 -7.11 -32.70
C VAL A 61 1.49 -8.53 -32.87
N GLY A 62 2.41 -9.48 -32.99
CA GLY A 62 2.04 -10.88 -33.19
C GLY A 62 1.94 -11.28 -34.64
N GLY A 63 1.26 -12.40 -34.87
CA GLY A 63 1.09 -12.93 -36.21
C GLY A 63 2.29 -13.74 -36.65
N PHE A 64 2.12 -14.41 -37.79
CA PHE A 64 3.23 -15.15 -38.41
C PHE A 64 3.22 -14.88 -39.92
N LEU A 65 4.25 -15.41 -40.59
CA LEU A 65 4.43 -15.22 -42.02
C LEU A 65 3.68 -16.28 -42.81
N PRO A 66 2.78 -15.91 -43.72
CA PRO A 66 2.10 -16.92 -44.54
C PRO A 66 3.06 -17.56 -45.56
N ALA A 67 2.67 -18.76 -46.02
CA ALA A 67 3.50 -19.53 -46.93
C ALA A 67 3.91 -18.75 -48.18
N MET A 68 2.99 -17.99 -48.77
CA MET A 68 3.34 -17.22 -49.96
C MET A 68 4.53 -16.30 -49.70
N LYS A 69 4.55 -15.65 -48.53
CA LYS A 69 5.67 -14.76 -48.21
C LYS A 69 6.96 -15.54 -48.08
N GLN A 70 6.89 -16.72 -47.47
CA GLN A 70 8.07 -17.55 -47.30
C GLN A 70 8.61 -18.02 -48.65
N ILE A 71 7.72 -18.44 -49.56
CA ILE A 71 8.16 -18.81 -50.89
C ILE A 71 8.93 -17.68 -51.53
N GLY A 72 8.43 -16.45 -51.40
CA GLY A 72 9.12 -15.30 -51.95
C GLY A 72 10.46 -15.05 -51.27
N ASN A 73 10.50 -15.14 -49.94
CA ASN A 73 11.77 -14.95 -49.24
C ASN A 73 12.82 -15.92 -49.74
N VAL A 74 12.43 -17.17 -49.99
CA VAL A 74 13.36 -18.17 -50.49
C VAL A 74 13.80 -17.83 -51.90
N ALA A 75 12.95 -17.16 -52.68
CA ALA A 75 13.32 -16.75 -54.02
C ALA A 75 14.35 -15.64 -54.01
N ALA A 76 14.63 -15.07 -52.84
CA ALA A 76 15.65 -14.04 -52.69
C ALA A 76 17.00 -14.60 -52.28
N LEU A 77 17.09 -15.90 -52.03
CA LEU A 77 18.35 -16.48 -51.58
C LEU A 77 19.36 -16.48 -52.73
N PRO A 78 20.61 -16.08 -52.47
CA PRO A 78 21.59 -15.96 -53.56
C PRO A 78 21.87 -17.31 -54.22
N GLY A 79 21.98 -17.28 -55.54
CA GLY A 79 22.32 -18.46 -56.32
C GLY A 79 21.15 -19.34 -56.73
N ILE A 80 19.91 -18.96 -56.39
CA ILE A 80 18.75 -19.76 -56.75
C ILE A 80 18.55 -19.73 -58.27
N VAL A 81 18.03 -20.82 -58.81
CA VAL A 81 17.73 -20.88 -60.23
C VAL A 81 16.28 -21.27 -60.46
N HIS A 82 15.75 -20.88 -61.63
CA HIS A 82 14.39 -21.24 -62.03
C HIS A 82 13.33 -20.55 -61.17
N ARG A 83 12.79 -21.25 -60.18
CA ARG A 83 11.71 -20.72 -59.36
C ARG A 83 11.82 -21.25 -57.93
N SER A 84 11.31 -20.46 -56.99
CA SER A 84 10.95 -20.99 -55.68
C SER A 84 9.56 -21.59 -55.79
N ILE A 85 9.42 -22.89 -55.46
CA ILE A 85 8.24 -23.66 -55.83
C ILE A 85 7.52 -24.13 -54.58
N GLY A 86 6.24 -23.74 -54.44
CA GLY A 86 5.36 -24.35 -53.46
C GLY A 86 4.56 -25.48 -54.07
N LEU A 87 4.51 -26.59 -53.37
CA LEU A 87 3.76 -27.74 -53.83
C LEU A 87 2.35 -27.76 -53.24
N PRO A 88 1.45 -28.58 -53.78
CA PRO A 88 0.03 -28.46 -53.41
C PRO A 88 -0.24 -28.55 -51.91
N ASP A 89 0.61 -29.20 -51.13
CA ASP A 89 0.41 -29.26 -49.69
C ASP A 89 1.03 -28.07 -48.95
N VAL A 90 1.49 -27.06 -49.69
CA VAL A 90 2.27 -25.99 -49.09
C VAL A 90 1.45 -25.27 -48.03
N HIS A 91 2.11 -24.94 -46.92
CA HIS A 91 1.53 -24.10 -45.89
C HIS A 91 2.67 -23.50 -45.06
N SER A 92 2.33 -22.50 -44.27
CA SER A 92 3.34 -21.72 -43.58
C SER A 92 4.21 -22.60 -42.67
N GLY A 93 5.53 -22.48 -42.84
CA GLY A 93 6.49 -23.15 -42.00
C GLY A 93 7.25 -22.15 -41.14
N TYR A 94 8.54 -22.37 -40.90
CA TYR A 94 9.32 -21.45 -40.09
C TYR A 94 10.49 -20.80 -40.82
N GLY A 95 10.70 -21.12 -42.09
CA GLY A 95 11.73 -20.46 -42.89
C GLY A 95 11.44 -20.63 -44.37
N PHE A 96 11.78 -21.79 -44.91
CA PHE A 96 11.04 -22.27 -46.06
C PHE A 96 9.60 -22.52 -45.63
N ALA A 97 8.68 -22.45 -46.59
CA ALA A 97 7.36 -22.96 -46.31
C ALA A 97 7.41 -24.48 -46.25
N ILE A 98 6.45 -25.07 -45.55
CA ILE A 98 6.30 -26.52 -45.62
C ILE A 98 5.77 -26.88 -47.01
N GLY A 99 6.56 -27.62 -47.78
CA GLY A 99 6.20 -27.93 -49.15
C GLY A 99 6.83 -26.95 -50.12
N ASN A 100 8.10 -26.66 -49.92
CA ASN A 100 8.82 -25.58 -50.60
C ASN A 100 10.12 -26.16 -51.13
N MET A 101 10.38 -25.98 -52.42
CA MET A 101 11.61 -26.45 -53.05
C MET A 101 12.37 -25.28 -53.64
N ALA A 102 13.69 -25.28 -53.43
CA ALA A 102 14.58 -24.30 -54.05
C ALA A 102 15.91 -24.96 -54.40
N ALA A 103 16.42 -24.67 -55.59
CA ALA A 103 17.64 -25.28 -56.11
C ALA A 103 18.69 -24.20 -56.39
N PHE A 104 19.94 -24.52 -56.08
CA PHE A 104 21.02 -23.55 -56.20
C PHE A 104 22.15 -24.12 -57.05
N ASP A 105 22.68 -23.29 -57.94
CA ASP A 105 23.72 -23.71 -58.89
C ASP A 105 25.05 -23.75 -58.15
N MET A 106 25.61 -24.96 -57.99
CA MET A 106 26.84 -25.12 -57.22
C MET A 106 28.07 -24.55 -57.92
N ASN A 107 27.96 -24.12 -59.17
CA ASN A 107 29.05 -23.42 -59.84
C ASN A 107 28.89 -21.91 -59.80
N ASP A 108 27.82 -21.41 -59.18
CA ASP A 108 27.72 -19.99 -58.87
C ASP A 108 28.38 -19.76 -57.52
N PRO A 109 29.49 -19.02 -57.45
CA PRO A 109 30.17 -18.85 -56.16
C PRO A 109 29.34 -18.12 -55.11
N GLU A 110 28.22 -17.51 -55.49
CA GLU A 110 27.35 -16.86 -54.52
C GLU A 110 26.26 -17.78 -54.00
N ALA A 111 26.12 -18.98 -54.57
CA ALA A 111 25.08 -19.90 -54.13
C ALA A 111 25.28 -20.30 -52.68
N VAL A 112 24.17 -20.42 -51.96
CA VAL A 112 24.19 -20.66 -50.52
C VAL A 112 23.54 -22.01 -50.24
N VAL A 113 23.75 -22.49 -49.01
CA VAL A 113 23.01 -23.60 -48.43
C VAL A 113 22.36 -23.09 -47.15
N SER A 114 21.07 -23.38 -46.97
CA SER A 114 20.32 -22.86 -45.84
C SER A 114 19.88 -24.01 -44.93
N PRO A 115 20.54 -24.21 -43.78
CA PRO A 115 20.11 -25.29 -42.87
C PRO A 115 18.73 -25.03 -42.30
N GLY A 116 18.52 -23.80 -41.84
CA GLY A 116 17.24 -23.42 -41.30
C GLY A 116 16.10 -23.53 -42.28
N GLY A 117 16.41 -23.70 -43.57
CA GLY A 117 15.41 -23.97 -44.58
C GLY A 117 15.21 -25.45 -44.86
N VAL A 118 16.25 -26.26 -44.60
CA VAL A 118 16.09 -27.71 -44.75
C VAL A 118 15.26 -28.26 -43.62
N GLY A 119 15.36 -27.66 -42.44
CA GLY A 119 14.52 -27.98 -41.32
C GLY A 119 15.27 -28.69 -40.21
N PHE A 120 14.64 -28.70 -39.04
CA PHE A 120 15.26 -29.29 -37.86
C PHE A 120 15.16 -30.80 -37.87
N ASP A 121 14.08 -31.37 -38.41
CA ASP A 121 13.97 -32.82 -38.54
C ASP A 121 14.62 -33.24 -39.85
N ILE A 122 15.96 -33.29 -39.83
CA ILE A 122 16.71 -33.58 -41.04
C ILE A 122 16.40 -34.99 -41.52
N ASN A 123 16.06 -35.12 -42.80
CA ASN A 123 15.78 -36.39 -43.47
C ASN A 123 14.57 -37.09 -42.90
N CYS A 124 13.63 -36.35 -42.31
CA CYS A 124 12.35 -36.95 -41.95
C CYS A 124 11.69 -37.53 -43.19
N GLY A 125 11.14 -38.74 -43.05
CA GLY A 125 10.72 -39.46 -44.22
C GLY A 125 9.68 -40.51 -43.89
N VAL A 126 9.24 -41.20 -44.94
CA VAL A 126 8.18 -42.20 -44.84
C VAL A 126 8.67 -43.53 -45.39
N ARG A 127 8.43 -44.61 -44.65
CA ARG A 127 8.73 -45.95 -45.11
C ARG A 127 7.42 -46.73 -45.17
N LEU A 128 7.20 -47.39 -46.31
CA LEU A 128 6.02 -48.23 -46.50
C LEU A 128 6.44 -49.68 -46.53
N LEU A 129 5.78 -50.51 -45.73
CA LEU A 129 6.02 -51.94 -45.72
C LEU A 129 4.80 -52.66 -46.28
N ARG A 130 5.03 -53.82 -46.87
CA ARG A 130 3.95 -54.70 -47.29
C ARG A 130 3.95 -55.99 -46.47
N THR A 131 2.81 -56.65 -46.46
CA THR A 131 2.65 -57.95 -45.81
C THR A 131 1.88 -58.85 -46.77
N ASN A 132 1.87 -60.14 -46.46
CA ASN A 132 1.00 -61.06 -47.17
C ASN A 132 -0.33 -61.29 -46.45
N LEU A 133 -0.65 -60.43 -45.47
CA LEU A 133 -1.93 -60.49 -44.77
C LEU A 133 -2.99 -59.71 -45.53
N ASP A 134 -4.26 -60.03 -45.24
CA ASP A 134 -5.41 -59.33 -45.80
C ASP A 134 -6.17 -58.63 -44.68
N GLU A 135 -7.05 -57.70 -45.06
CA GLU A 135 -7.85 -57.00 -44.07
C GLU A 135 -8.64 -57.99 -43.20
N SER A 136 -9.15 -59.06 -43.81
CA SER A 136 -9.91 -60.06 -43.09
C SER A 136 -9.06 -60.80 -42.05
N ASP A 137 -7.75 -60.86 -42.22
CA ASP A 137 -6.88 -61.48 -41.22
C ASP A 137 -6.63 -60.57 -40.03
N VAL A 138 -6.76 -59.25 -40.21
CA VAL A 138 -6.40 -58.28 -39.19
C VAL A 138 -7.64 -57.82 -38.44
N GLN A 139 -8.76 -57.72 -39.15
CA GLN A 139 -9.99 -57.26 -38.51
C GLN A 139 -10.28 -58.01 -37.20
N PRO A 140 -10.10 -59.33 -37.10
CA PRO A 140 -10.37 -60.01 -35.83
C PRO A 140 -9.45 -59.62 -34.70
N VAL A 141 -8.26 -59.09 -34.99
CA VAL A 141 -7.27 -58.83 -33.95
C VAL A 141 -6.74 -57.42 -34.10
N LYS A 142 -7.61 -56.52 -34.55
CA LYS A 142 -7.20 -55.14 -34.80
C LYS A 142 -6.71 -54.46 -33.52
N GLU A 143 -7.51 -54.52 -32.45
CA GLU A 143 -7.09 -53.91 -31.19
C GLU A 143 -5.82 -54.56 -30.65
N GLN A 144 -5.73 -55.88 -30.71
CA GLN A 144 -4.53 -56.54 -30.21
C GLN A 144 -3.29 -56.09 -30.98
N LEU A 145 -3.42 -55.95 -32.31
CA LEU A 145 -2.29 -55.50 -33.12
C LEU A 145 -1.95 -54.04 -32.84
N ALA A 146 -2.97 -53.19 -32.70
CA ALA A 146 -2.72 -51.81 -32.31
C ALA A 146 -1.97 -51.76 -30.98
N GLN A 147 -2.36 -52.60 -30.02
CA GLN A 147 -1.68 -52.62 -28.73
C GLN A 147 -0.26 -53.18 -28.85
N ALA A 148 -0.07 -54.18 -29.71
CA ALA A 148 1.26 -54.75 -29.90
C ALA A 148 2.23 -53.74 -30.51
N MET A 149 1.75 -52.93 -31.46
CA MET A 149 2.56 -51.86 -31.99
C MET A 149 2.95 -50.86 -30.90
N PHE A 150 1.94 -50.39 -30.16
CA PHE A 150 2.20 -49.44 -29.08
C PHE A 150 3.17 -50.00 -28.05
N ASP A 151 3.09 -51.30 -27.78
CA ASP A 151 3.98 -51.91 -26.78
C ASP A 151 5.40 -52.03 -27.28
N HIS A 152 5.59 -52.15 -28.60
CA HIS A 152 6.93 -52.35 -29.13
C HIS A 152 7.64 -51.05 -29.50
N ILE A 153 6.90 -50.01 -29.85
CA ILE A 153 7.48 -48.80 -30.42
C ILE A 153 7.39 -47.69 -29.38
N PRO A 154 8.51 -47.16 -28.90
CA PRO A 154 8.45 -46.02 -27.97
C PRO A 154 7.97 -44.76 -28.69
N VAL A 155 6.93 -44.15 -28.16
CA VAL A 155 6.34 -42.96 -28.77
C VAL A 155 6.16 -41.87 -27.72
N GLY A 156 6.26 -40.62 -28.17
CA GLY A 156 5.93 -39.48 -27.35
C GLY A 156 7.13 -38.90 -26.59
N VAL A 157 6.89 -37.71 -26.03
CA VAL A 157 7.97 -37.02 -25.33
C VAL A 157 8.47 -37.86 -24.18
N GLY A 158 9.79 -37.91 -24.01
CA GLY A 158 10.40 -38.62 -22.91
C GLY A 158 10.66 -40.10 -23.14
N SER A 159 10.15 -40.66 -24.23
CA SER A 159 10.40 -42.07 -24.51
C SER A 159 11.87 -42.29 -24.84
N LYS A 160 12.36 -43.49 -24.56
CA LYS A 160 13.75 -43.84 -24.83
C LYS A 160 13.80 -45.16 -25.59
N GLY A 161 14.90 -45.36 -26.30
CA GLY A 161 15.02 -46.54 -27.13
C GLY A 161 15.08 -47.82 -26.32
N VAL A 162 14.43 -48.86 -26.82
CA VAL A 162 14.42 -50.13 -26.10
C VAL A 162 15.63 -50.99 -26.39
N ILE A 163 16.18 -50.93 -27.60
CA ILE A 163 17.41 -51.65 -27.93
C ILE A 163 18.61 -50.85 -27.43
N PRO A 164 19.43 -51.40 -26.53
CA PRO A 164 20.51 -50.61 -25.95
C PRO A 164 21.53 -50.17 -26.99
N MET A 165 21.98 -48.93 -26.84
CA MET A 165 22.92 -48.29 -27.75
C MET A 165 23.93 -47.52 -26.91
N ASN A 166 25.19 -47.57 -27.31
CA ASN A 166 26.23 -46.79 -26.64
C ASN A 166 26.78 -45.75 -27.61
N ALA A 167 27.61 -44.86 -27.07
CA ALA A 167 28.12 -43.75 -27.87
C ALA A 167 28.84 -44.25 -29.12
N LYS A 168 29.53 -45.39 -29.04
CA LYS A 168 30.27 -45.90 -30.19
C LYS A 168 29.33 -46.41 -31.27
N ASP A 169 28.31 -47.18 -30.89
CA ASP A 169 27.29 -47.58 -31.84
C ASP A 169 26.73 -46.38 -32.59
N LEU A 170 26.44 -45.30 -31.87
CA LEU A 170 25.92 -44.11 -32.51
C LEU A 170 26.92 -43.54 -33.52
N GLU A 171 28.20 -43.52 -33.14
CA GLU A 171 29.23 -43.02 -34.05
C GLU A 171 29.27 -43.83 -35.35
N GLU A 172 29.05 -45.14 -35.25
CA GLU A 172 29.02 -45.96 -36.46
C GLU A 172 27.72 -45.76 -37.23
N ALA A 173 26.59 -45.63 -36.53
CA ALA A 173 25.33 -45.41 -37.22
C ALA A 173 25.34 -44.11 -38.00
N LEU A 174 25.98 -43.07 -37.45
CA LEU A 174 26.08 -41.80 -38.17
C LEU A 174 26.87 -41.94 -39.45
N GLU A 175 27.85 -42.85 -39.49
CA GLU A 175 28.64 -43.01 -40.70
C GLU A 175 28.02 -44.00 -41.69
N MET A 176 27.36 -45.05 -41.19
CA MET A 176 26.98 -46.18 -42.02
C MET A 176 25.51 -46.17 -42.42
N GLY A 177 24.65 -45.46 -41.70
CA GLY A 177 23.24 -45.53 -42.01
C GLY A 177 22.73 -46.95 -41.88
N VAL A 178 21.87 -47.36 -42.82
CA VAL A 178 21.25 -48.68 -42.72
C VAL A 178 22.29 -49.79 -42.77
N ASP A 179 23.49 -49.52 -43.29
CA ASP A 179 24.54 -50.54 -43.25
C ASP A 179 24.78 -51.01 -41.81
N TRP A 180 24.69 -50.10 -40.85
CA TRP A 180 24.83 -50.50 -39.45
C TRP A 180 23.70 -51.44 -39.03
N SER A 181 22.45 -51.08 -39.35
CA SER A 181 21.32 -51.93 -38.98
C SER A 181 21.46 -53.31 -39.61
N LEU A 182 21.97 -53.38 -40.84
CA LEU A 182 22.19 -54.67 -41.50
C LEU A 182 23.25 -55.49 -40.77
N ARG A 183 24.39 -54.86 -40.45
CA ARG A 183 25.47 -55.57 -39.79
C ARG A 183 25.02 -56.13 -38.45
N GLU A 184 24.20 -55.39 -37.72
CA GLU A 184 23.75 -55.77 -36.39
C GLU A 184 22.52 -56.65 -36.41
N GLY A 185 21.95 -56.94 -37.57
CA GLY A 185 20.83 -57.85 -37.68
C GLY A 185 19.45 -57.26 -37.49
N TYR A 186 19.31 -55.93 -37.52
CA TYR A 186 17.99 -55.32 -37.39
C TYR A 186 17.34 -55.03 -38.73
N ALA A 187 18.07 -55.15 -39.84
CA ALA A 187 17.53 -54.92 -41.17
C ALA A 187 17.90 -56.08 -42.07
N TRP A 188 17.11 -56.26 -43.12
CA TRP A 188 17.37 -57.24 -44.16
C TRP A 188 18.06 -56.56 -45.34
N ALA A 189 18.76 -57.37 -46.13
CA ALA A 189 19.43 -56.81 -47.31
C ALA A 189 18.43 -56.17 -48.25
N GLU A 190 17.23 -56.73 -48.36
CA GLU A 190 16.21 -56.17 -49.23
C GLU A 190 15.77 -54.77 -48.77
N ASP A 191 15.85 -54.48 -47.47
CA ASP A 191 15.48 -53.15 -47.01
C ASP A 191 16.35 -52.08 -47.67
N LYS A 192 17.67 -52.26 -47.61
CA LYS A 192 18.58 -51.29 -48.19
C LYS A 192 18.33 -51.08 -49.67
N GLU A 193 17.97 -52.15 -50.40
CA GLU A 193 17.78 -52.05 -51.84
C GLU A 193 16.60 -51.17 -52.21
N HIS A 194 15.58 -51.11 -51.35
CA HIS A 194 14.40 -50.32 -51.61
C HIS A 194 14.32 -49.08 -50.72
N CYS A 195 15.48 -48.50 -50.41
CA CYS A 195 15.58 -47.30 -49.62
C CYS A 195 16.24 -46.21 -50.45
N GLU A 196 15.68 -45.00 -50.40
CA GLU A 196 16.28 -43.86 -51.08
C GLU A 196 17.72 -43.69 -50.62
N GLU A 197 18.62 -43.40 -51.55
CA GLU A 197 20.06 -43.31 -51.28
C GLU A 197 20.63 -44.64 -50.80
N TYR A 198 19.89 -45.74 -50.94
CA TYR A 198 20.27 -47.02 -50.33
C TYR A 198 20.52 -46.85 -48.84
N GLY A 199 19.83 -45.89 -48.22
CA GLY A 199 19.87 -45.71 -46.78
C GLY A 199 21.20 -45.30 -46.21
N ARG A 200 22.06 -44.67 -47.00
CA ARG A 200 23.35 -44.22 -46.49
C ARG A 200 23.88 -43.10 -47.37
N MET A 201 24.14 -41.94 -46.78
CA MET A 201 24.81 -40.86 -47.48
C MET A 201 26.29 -40.96 -47.13
N LEU A 202 27.10 -41.20 -48.15
CA LEU A 202 28.50 -41.57 -47.97
C LEU A 202 29.36 -40.43 -47.45
N GLN A 203 28.97 -39.19 -47.67
CA GLN A 203 29.79 -38.09 -47.19
C GLN A 203 29.58 -37.79 -45.72
N ALA A 204 28.73 -38.54 -45.02
CA ALA A 204 28.49 -38.30 -43.59
C ALA A 204 29.80 -38.31 -42.83
N ASP A 205 29.99 -37.28 -42.00
CA ASP A 205 31.17 -37.18 -41.15
C ASP A 205 30.75 -37.01 -39.69
N PRO A 206 30.84 -38.06 -38.88
CA PRO A 206 30.48 -37.92 -37.45
C PRO A 206 31.26 -36.84 -36.72
N ASN A 207 32.44 -36.44 -37.20
CA ASN A 207 33.17 -35.37 -36.53
C ASN A 207 32.52 -34.02 -36.72
N LYS A 208 31.57 -33.90 -37.63
CA LYS A 208 30.84 -32.65 -37.83
C LYS A 208 29.54 -32.62 -37.05
N VAL A 209 29.23 -33.68 -36.31
CA VAL A 209 28.06 -33.71 -35.43
C VAL A 209 28.53 -33.41 -34.02
N SER A 210 27.96 -32.37 -33.41
CA SER A 210 28.45 -31.89 -32.12
C SER A 210 28.18 -32.88 -31.00
N ALA A 211 28.90 -32.69 -29.88
CA ALA A 211 28.68 -33.51 -28.70
C ALA A 211 27.25 -33.40 -28.21
N ARG A 212 26.69 -32.18 -28.24
CA ARG A 212 25.30 -32.01 -27.82
C ARG A 212 24.36 -32.83 -28.68
N ALA A 213 24.57 -32.80 -30.01
CA ALA A 213 23.71 -33.58 -30.88
C ALA A 213 23.81 -35.06 -30.53
N LYS A 214 25.02 -35.54 -30.27
CA LYS A 214 25.21 -36.95 -29.93
C LYS A 214 24.60 -37.29 -28.58
N LYS A 215 24.60 -36.37 -27.61
CA LYS A 215 23.97 -36.67 -26.34
C LYS A 215 22.44 -36.68 -26.47
N ARG A 216 21.88 -35.80 -27.30
CA ARG A 216 20.43 -35.85 -27.52
C ARG A 216 20.03 -37.09 -28.29
N GLY A 217 20.85 -37.51 -29.26
CA GLY A 217 20.44 -38.58 -30.15
C GLY A 217 20.49 -39.96 -29.53
N LEU A 218 21.44 -40.19 -28.64
CA LEU A 218 21.65 -41.55 -28.12
C LEU A 218 20.40 -42.13 -27.46
N PRO A 219 19.78 -41.49 -26.47
CA PRO A 219 18.58 -42.08 -25.86
C PRO A 219 17.39 -42.17 -26.80
N GLN A 220 17.37 -41.41 -27.89
CA GLN A 220 16.21 -41.36 -28.77
C GLN A 220 16.33 -42.23 -30.01
N LEU A 221 17.47 -42.86 -30.26
CA LEU A 221 17.59 -43.74 -31.42
C LEU A 221 16.69 -44.96 -31.21
N GLY A 222 15.81 -45.22 -32.17
CA GLY A 222 14.82 -46.25 -31.99
C GLY A 222 13.52 -45.79 -31.36
N THR A 223 13.18 -44.51 -31.48
CA THR A 223 11.94 -43.97 -30.97
C THR A 223 11.22 -43.23 -32.09
N LEU A 224 9.89 -43.18 -31.99
CA LEU A 224 9.09 -42.56 -33.03
C LEU A 224 9.11 -41.02 -32.94
N GLY A 225 9.14 -40.46 -31.75
CA GLY A 225 8.97 -39.04 -31.57
C GLY A 225 7.53 -38.71 -31.26
N ALA A 226 7.16 -37.45 -31.50
CA ALA A 226 5.79 -37.03 -31.25
C ALA A 226 5.25 -36.25 -32.44
N GLY A 227 4.28 -35.37 -32.20
CA GLY A 227 3.76 -34.56 -33.30
C GLY A 227 2.98 -35.40 -34.29
N ASN A 228 3.25 -35.18 -35.58
CA ASN A 228 2.57 -35.90 -36.65
C ASN A 228 3.26 -37.21 -37.01
N HIS A 229 4.31 -37.60 -36.31
CA HIS A 229 4.91 -38.90 -36.56
C HIS A 229 3.92 -40.01 -36.24
N TYR A 230 4.05 -41.13 -36.94
CA TYR A 230 3.07 -42.20 -36.79
C TYR A 230 3.64 -43.52 -37.31
N ALA A 231 3.01 -44.59 -36.86
CA ALA A 231 3.16 -45.92 -37.44
C ALA A 231 1.74 -46.41 -37.66
N GLU A 232 1.37 -46.59 -38.93
CA GLU A 232 -0.01 -46.81 -39.32
C GLU A 232 -0.17 -48.11 -40.09
N ILE A 233 -1.06 -48.97 -39.62
CA ILE A 233 -1.43 -50.17 -40.36
C ILE A 233 -2.48 -49.76 -41.39
N GLN A 234 -2.26 -50.12 -42.65
CA GLN A 234 -3.12 -49.66 -43.73
C GLN A 234 -3.59 -50.85 -44.55
N VAL A 235 -4.61 -50.59 -45.38
CA VAL A 235 -5.19 -51.59 -46.26
C VAL A 235 -5.23 -50.99 -47.65
N VAL A 236 -4.78 -51.76 -48.64
CA VAL A 236 -4.78 -51.29 -50.02
C VAL A 236 -6.22 -51.11 -50.49
N ASP A 237 -6.53 -49.91 -51.00
CA ASP A 237 -7.89 -49.59 -51.39
C ASP A 237 -8.09 -49.41 -52.88
N GLU A 238 -7.06 -49.04 -53.61
CA GLU A 238 -7.24 -48.82 -55.04
C GLU A 238 -5.88 -48.83 -55.69
N ILE A 239 -5.82 -49.46 -56.87
CA ILE A 239 -4.59 -49.55 -57.64
C ILE A 239 -4.81 -48.80 -58.95
N PHE A 240 -4.08 -47.72 -59.14
CA PHE A 240 -4.21 -46.92 -60.35
C PHE A 240 -3.21 -47.34 -61.42
N ASN A 241 -2.13 -48.03 -61.04
CA ASN A 241 -1.06 -48.39 -61.96
C ASN A 241 -0.67 -49.84 -61.66
N GLU A 242 -1.27 -50.76 -62.41
CA GLU A 242 -1.04 -52.19 -62.15
C GLU A 242 0.43 -52.55 -62.33
N TYR A 243 1.11 -51.95 -63.31
CA TYR A 243 2.55 -52.20 -63.46
C TYR A 243 3.32 -51.68 -62.24
N ALA A 244 3.00 -50.46 -61.79
CA ALA A 244 3.64 -49.94 -60.59
C ALA A 244 3.35 -50.83 -59.38
N ALA A 245 2.09 -51.22 -59.21
CA ALA A 245 1.72 -52.07 -58.08
C ALA A 245 2.51 -53.38 -58.10
N LYS A 246 2.69 -53.95 -59.28
CA LYS A 246 3.38 -55.23 -59.41
C LYS A 246 4.84 -55.12 -58.99
N LYS A 247 5.54 -54.07 -59.44
CA LYS A 247 6.92 -53.89 -59.00
C LYS A 247 7.02 -53.63 -57.51
N MET A 248 5.98 -53.02 -56.92
CA MET A 248 6.01 -52.75 -55.50
C MET A 248 5.57 -53.94 -54.65
N GLY A 249 5.08 -55.02 -55.24
CA GLY A 249 4.63 -56.13 -54.43
C GLY A 249 3.21 -56.00 -53.96
N ILE A 250 2.45 -55.06 -54.49
CA ILE A 250 1.05 -54.91 -54.14
C ILE A 250 0.28 -55.79 -55.10
N ASP A 251 -0.45 -56.76 -54.55
CA ASP A 251 -1.15 -57.75 -55.36
C ASP A 251 -2.62 -57.43 -55.51
N HIS A 252 -3.31 -57.09 -54.43
CA HIS A 252 -4.74 -56.87 -54.53
C HIS A 252 -5.22 -55.85 -53.50
N LYS A 253 -6.30 -55.19 -53.86
CA LYS A 253 -7.04 -54.40 -52.89
C LYS A 253 -7.42 -55.30 -51.72
N GLY A 254 -7.25 -54.78 -50.51
CA GLY A 254 -7.44 -55.56 -49.30
C GLY A 254 -6.14 -56.03 -48.66
N GLN A 255 -5.01 -55.87 -49.34
CA GLN A 255 -3.72 -56.23 -48.78
C GLN A 255 -3.29 -55.24 -47.70
N VAL A 256 -2.64 -55.76 -46.66
CA VAL A 256 -2.28 -54.96 -45.48
C VAL A 256 -0.86 -54.45 -45.63
N CYS A 257 -0.68 -53.14 -45.42
CA CYS A 257 0.62 -52.48 -45.45
C CYS A 257 0.80 -51.69 -44.16
N VAL A 258 2.04 -51.24 -43.91
CA VAL A 258 2.38 -50.42 -42.75
C VAL A 258 3.19 -49.21 -43.21
N MET A 259 2.74 -48.02 -42.85
CA MET A 259 3.42 -46.76 -43.18
C MET A 259 4.00 -46.16 -41.91
N ILE A 260 5.31 -45.89 -41.91
CA ILE A 260 6.04 -45.36 -40.76
C ILE A 260 6.64 -44.02 -41.14
N HIS A 261 6.45 -43.01 -40.28
CA HIS A 261 6.89 -41.65 -40.54
C HIS A 261 7.66 -41.11 -39.33
N SER A 262 8.96 -40.91 -39.49
CA SER A 262 9.81 -40.37 -38.42
C SER A 262 11.11 -39.86 -39.04
N GLY A 263 11.92 -39.18 -38.23
CA GLY A 263 13.10 -38.50 -38.72
C GLY A 263 14.33 -38.76 -37.86
N SER A 264 15.22 -37.77 -37.84
CA SER A 264 16.51 -37.88 -37.18
C SER A 264 16.48 -37.46 -35.72
N ARG A 265 15.31 -37.13 -35.17
CA ARG A 265 15.10 -36.92 -33.73
C ARG A 265 16.03 -35.82 -33.22
N GLY A 266 16.38 -35.87 -31.93
CA GLY A 266 17.13 -34.80 -31.30
C GLY A 266 18.51 -34.60 -31.88
N LEU A 267 19.12 -35.66 -32.41
CA LEU A 267 20.42 -35.51 -33.06
C LEU A 267 20.30 -34.60 -34.27
N GLY A 268 19.29 -34.83 -35.10
CA GLY A 268 19.09 -34.00 -36.28
C GLY A 268 18.66 -32.60 -35.94
N HIS A 269 17.74 -32.45 -34.97
CA HIS A 269 17.31 -31.12 -34.54
C HIS A 269 18.51 -30.30 -34.08
N GLN A 270 19.43 -30.92 -33.34
CA GLN A 270 20.61 -30.22 -32.86
C GLN A 270 21.58 -29.89 -34.00
N VAL A 271 21.80 -30.83 -34.92
CA VAL A 271 22.68 -30.55 -36.06
C VAL A 271 22.21 -29.30 -36.79
N ALA A 272 20.90 -29.19 -37.02
CA ALA A 272 20.36 -28.03 -37.70
C ALA A 272 20.55 -26.76 -36.86
N THR A 273 20.31 -26.85 -35.56
CA THR A 273 20.49 -25.71 -34.67
C THR A 273 21.94 -25.24 -34.67
N ASP A 274 22.89 -26.18 -34.54
CA ASP A 274 24.30 -25.79 -34.51
C ASP A 274 24.71 -25.05 -35.77
N ALA A 275 24.28 -25.56 -36.93
CA ALA A 275 24.62 -24.90 -38.19
C ALA A 275 23.93 -23.55 -38.31
N LEU A 276 22.67 -23.47 -37.87
CA LEU A 276 21.96 -22.19 -37.89
C LEU A 276 22.73 -21.15 -37.08
N VAL A 277 23.22 -21.54 -35.89
CA VAL A 277 23.98 -20.62 -35.06
C VAL A 277 25.30 -20.25 -35.73
N ALA A 278 25.99 -21.22 -36.32
CA ALA A 278 27.29 -20.94 -36.92
C ALA A 278 27.17 -19.97 -38.09
N MET A 279 26.04 -19.96 -38.78
CA MET A 279 25.88 -19.12 -39.96
C MET A 279 25.53 -17.66 -39.60
N GLU A 280 24.76 -17.42 -38.54
CA GLU A 280 24.56 -16.03 -38.11
C GLU A 280 25.90 -15.38 -37.79
N LYS A 281 26.81 -16.16 -37.21
CA LYS A 281 28.16 -15.72 -36.88
C LYS A 281 29.02 -15.54 -38.13
N ALA A 282 28.62 -16.08 -39.28
CA ALA A 282 29.40 -16.02 -40.51
C ALA A 282 28.80 -15.23 -41.67
N MET A 283 27.55 -14.76 -41.58
CA MET A 283 26.98 -14.10 -42.76
C MET A 283 27.57 -12.73 -43.03
N LYS A 284 28.34 -12.17 -42.10
CA LYS A 284 29.00 -10.91 -42.36
C LYS A 284 30.11 -11.06 -43.39
N ARG A 285 31.01 -12.02 -43.18
CA ARG A 285 32.16 -12.18 -44.06
C ARG A 285 31.74 -12.24 -45.52
N ASP A 286 30.87 -13.18 -45.87
CA ASP A 286 30.47 -13.38 -47.26
C ASP A 286 29.40 -12.39 -47.71
N LYS A 287 28.99 -11.47 -46.84
CA LYS A 287 28.07 -10.38 -47.20
C LYS A 287 26.76 -10.94 -47.78
N ILE A 288 26.00 -11.62 -46.92
CA ILE A 288 24.75 -12.26 -47.32
C ILE A 288 23.60 -11.59 -46.61
N ILE A 289 22.63 -11.12 -47.39
CA ILE A 289 21.41 -10.51 -46.87
C ILE A 289 20.26 -11.49 -47.07
N VAL A 290 19.38 -11.59 -46.08
CA VAL A 290 18.18 -12.42 -46.18
C VAL A 290 17.01 -11.63 -45.64
N ASN A 291 15.80 -12.03 -46.06
CA ASN A 291 14.59 -11.35 -45.63
C ASN A 291 14.07 -11.88 -44.31
N ASP A 292 14.60 -13.00 -43.85
CA ASP A 292 14.08 -13.69 -42.67
C ASP A 292 15.27 -14.32 -41.95
N ARG A 293 15.41 -13.99 -40.66
CA ARG A 293 16.55 -14.45 -39.89
C ARG A 293 16.65 -15.97 -39.88
N GLN A 294 15.51 -16.67 -39.95
CA GLN A 294 15.51 -18.12 -39.98
C GLN A 294 16.12 -18.67 -41.27
N LEU A 295 16.26 -17.84 -42.31
CA LEU A 295 16.90 -18.27 -43.54
C LEU A 295 18.41 -18.04 -43.52
N ALA A 296 19.00 -17.90 -42.33
CA ALA A 296 20.45 -17.79 -42.20
C ALA A 296 21.13 -18.88 -43.00
N CYS A 297 22.16 -18.51 -43.76
CA CYS A 297 22.75 -19.41 -44.73
C CYS A 297 24.22 -19.06 -44.92
N ALA A 298 24.89 -19.88 -45.72
CA ALA A 298 26.29 -19.68 -46.05
C ALA A 298 26.54 -20.10 -47.48
N ARG A 299 27.61 -19.57 -48.07
CA ARG A 299 28.00 -20.01 -49.40
C ARG A 299 28.26 -21.51 -49.36
N ILE A 300 27.85 -22.21 -50.41
CA ILE A 300 27.92 -23.67 -50.39
C ILE A 300 29.35 -24.13 -50.14
N ALA A 301 30.34 -23.41 -50.70
CA ALA A 301 31.73 -23.81 -50.59
C ALA A 301 32.39 -23.33 -49.30
N SER A 302 31.72 -22.53 -48.49
CA SER A 302 32.33 -22.06 -47.26
C SER A 302 32.55 -23.22 -46.28
N PRO A 303 33.45 -23.05 -45.30
CA PRO A 303 33.60 -24.09 -44.27
C PRO A 303 32.31 -24.37 -43.49
N GLU A 304 31.53 -23.33 -43.17
CA GLU A 304 30.27 -23.56 -42.46
C GLU A 304 29.30 -24.36 -43.31
N GLY A 305 29.24 -24.05 -44.61
CA GLY A 305 28.36 -24.79 -45.49
C GLY A 305 28.75 -26.26 -45.63
N GLN A 306 30.05 -26.53 -45.79
CA GLN A 306 30.52 -27.91 -45.92
C GLN A 306 30.33 -28.69 -44.62
N ASP A 307 30.63 -28.05 -43.48
CA ASP A 307 30.41 -28.71 -42.20
C ASP A 307 28.94 -29.06 -42.01
N TYR A 308 28.04 -28.16 -42.39
CA TYR A 308 26.62 -28.47 -42.29
C TYR A 308 26.24 -29.65 -43.19
N LEU A 309 26.65 -29.60 -44.45
CA LEU A 309 26.26 -30.65 -45.39
C LEU A 309 26.73 -32.02 -44.92
N LYS A 310 27.93 -32.09 -44.34
CA LYS A 310 28.44 -33.36 -43.85
C LYS A 310 27.69 -33.82 -42.61
N GLY A 311 27.35 -32.90 -41.70
CA GLY A 311 26.57 -33.28 -40.53
C GLY A 311 25.13 -33.59 -40.89
N MET A 312 24.59 -32.86 -41.87
CA MET A 312 23.27 -33.20 -42.40
C MET A 312 23.24 -34.63 -42.92
N ALA A 313 24.28 -35.03 -43.64
CA ALA A 313 24.32 -36.39 -44.17
C ALA A 313 24.38 -37.41 -43.03
N ALA A 314 25.18 -37.10 -42.00
CA ALA A 314 25.22 -37.97 -40.84
C ALA A 314 23.87 -38.04 -40.14
N ALA A 315 23.18 -36.90 -40.02
CA ALA A 315 21.82 -36.92 -39.47
C ALA A 315 20.88 -37.69 -40.37
N GLY A 316 21.10 -37.62 -41.69
CA GLY A 316 20.33 -38.46 -42.60
C GLY A 316 20.53 -39.94 -42.31
N ASN A 317 21.78 -40.35 -42.09
CA ASN A 317 22.06 -41.75 -41.77
C ASN A 317 21.38 -42.15 -40.47
N TYR A 318 21.37 -41.26 -39.47
CA TYR A 318 20.67 -41.54 -38.22
C TYR A 318 19.18 -41.78 -38.47
N ALA A 319 18.55 -40.93 -39.29
CA ALA A 319 17.13 -41.10 -39.56
C ALA A 319 16.84 -42.46 -40.22
N TRP A 320 17.70 -42.89 -41.14
CA TRP A 320 17.50 -44.20 -41.77
C TRP A 320 17.66 -45.31 -40.75
N VAL A 321 18.63 -45.19 -39.85
CA VAL A 321 18.77 -46.16 -38.75
C VAL A 321 17.52 -46.16 -37.88
N ASN A 322 16.96 -44.98 -37.60
CA ASN A 322 15.77 -44.93 -36.75
C ASN A 322 14.58 -45.60 -37.40
N ARG A 323 14.36 -45.35 -38.70
CA ARG A 323 13.22 -45.97 -39.38
C ARG A 323 13.41 -47.48 -39.54
N SER A 324 14.65 -47.94 -39.68
CA SER A 324 14.90 -49.39 -39.66
C SER A 324 14.55 -49.98 -38.30
N SER A 325 14.87 -49.27 -37.21
CA SER A 325 14.49 -49.76 -35.89
C SER A 325 12.98 -49.84 -35.75
N MET A 326 12.26 -48.85 -36.28
CA MET A 326 10.80 -48.92 -36.27
C MET A 326 10.32 -50.11 -37.09
N THR A 327 10.98 -50.37 -38.22
CA THR A 327 10.64 -51.53 -39.04
C THR A 327 10.88 -52.83 -38.28
N PHE A 328 12.03 -52.94 -37.63
CA PHE A 328 12.33 -54.15 -36.85
C PHE A 328 11.29 -54.35 -35.76
N LEU A 329 10.93 -53.28 -35.05
CA LEU A 329 9.96 -53.40 -33.97
C LEU A 329 8.57 -53.69 -34.51
N THR A 330 8.23 -53.09 -35.65
CA THR A 330 6.96 -53.41 -36.31
C THR A 330 6.91 -54.88 -36.70
N ARG A 331 8.02 -55.41 -37.21
CA ARG A 331 8.09 -56.83 -37.54
C ARG A 331 7.90 -57.70 -36.30
N GLN A 332 8.53 -57.32 -35.18
CA GLN A 332 8.34 -58.06 -33.95
C GLN A 332 6.87 -58.08 -33.52
N ALA A 333 6.19 -56.95 -33.65
CA ALA A 333 4.79 -56.87 -33.22
C ALA A 333 3.91 -57.79 -34.06
N PHE A 334 4.05 -57.72 -35.39
CA PHE A 334 3.28 -58.59 -36.27
C PHE A 334 3.57 -60.06 -36.01
N ALA A 335 4.85 -60.40 -35.84
CA ALA A 335 5.21 -61.79 -35.58
C ALA A 335 4.53 -62.31 -34.31
N LYS A 336 4.45 -61.48 -33.28
CA LYS A 336 3.85 -61.92 -32.02
C LYS A 336 2.35 -62.11 -32.16
N VAL A 337 1.67 -61.18 -32.82
CA VAL A 337 0.21 -61.24 -32.89
C VAL A 337 -0.25 -62.38 -33.80
N PHE A 338 0.48 -62.67 -34.86
CA PHE A 338 0.09 -63.71 -35.81
C PHE A 338 0.90 -64.99 -35.66
N ASN A 339 1.68 -65.12 -34.59
CA ASN A 339 2.50 -66.31 -34.35
C ASN A 339 3.18 -66.81 -35.62
N THR A 340 3.79 -65.88 -36.35
CA THR A 340 4.53 -66.20 -37.56
C THR A 340 5.74 -65.31 -37.68
N THR A 341 6.84 -65.86 -38.19
CA THR A 341 8.05 -65.08 -38.39
C THR A 341 7.79 -63.93 -39.36
N PRO A 342 8.51 -62.83 -39.23
CA PRO A 342 8.34 -61.73 -40.19
C PRO A 342 8.59 -62.15 -41.63
N ASP A 343 9.53 -63.07 -41.86
CA ASP A 343 9.78 -63.52 -43.23
C ASP A 343 8.56 -64.25 -43.79
N ASP A 344 7.89 -65.04 -42.95
CA ASP A 344 6.69 -65.74 -43.37
C ASP A 344 5.50 -64.82 -43.57
N LEU A 345 5.59 -63.56 -43.14
CA LEU A 345 4.56 -62.57 -43.36
C LEU A 345 4.88 -61.65 -44.53
N ASP A 346 6.01 -61.85 -45.21
CA ASP A 346 6.41 -61.06 -46.37
C ASP A 346 6.49 -59.57 -46.03
N LEU A 347 6.96 -59.26 -44.82
CA LEU A 347 7.03 -57.89 -44.33
C LEU A 347 8.24 -57.17 -44.89
N HIS A 348 8.17 -56.87 -46.18
CA HIS A 348 9.28 -56.24 -46.88
C HIS A 348 9.04 -54.74 -47.06
N VAL A 349 10.13 -54.02 -47.32
CA VAL A 349 10.07 -52.59 -47.57
C VAL A 349 9.70 -52.38 -49.03
N ILE A 350 8.62 -51.62 -49.27
CA ILE A 350 8.34 -51.17 -50.62
C ILE A 350 9.28 -50.02 -51.00
N TYR A 351 9.33 -48.98 -50.18
CA TYR A 351 10.26 -47.88 -50.43
C TYR A 351 10.38 -47.03 -49.19
N ASP A 352 11.47 -46.26 -49.14
CA ASP A 352 11.71 -45.29 -48.08
C ASP A 352 12.20 -44.03 -48.76
N VAL A 353 11.45 -42.94 -48.59
CA VAL A 353 11.74 -41.67 -49.24
C VAL A 353 11.65 -40.57 -48.19
N SER A 354 12.55 -39.59 -48.27
CA SER A 354 12.67 -38.53 -47.29
C SER A 354 12.19 -37.20 -47.86
N HIS A 355 11.87 -36.26 -46.96
CA HIS A 355 11.32 -34.98 -47.42
C HIS A 355 11.88 -33.75 -46.69
N ASN A 356 12.98 -33.86 -45.94
CA ASN A 356 13.64 -32.70 -45.33
C ASN A 356 15.15 -32.87 -45.56
N ILE A 357 15.63 -32.54 -46.75
CA ILE A 357 17.02 -32.84 -47.09
C ILE A 357 17.45 -31.94 -48.25
N ALA A 358 18.75 -31.68 -48.33
CA ALA A 358 19.37 -31.02 -49.47
C ALA A 358 20.21 -32.05 -50.21
N LYS A 359 20.07 -32.10 -51.54
CA LYS A 359 20.71 -33.14 -52.34
C LYS A 359 21.47 -32.50 -53.49
N VAL A 360 22.63 -33.03 -53.81
CA VAL A 360 23.35 -32.62 -55.01
C VAL A 360 22.82 -33.46 -56.18
N GLU A 361 22.29 -32.79 -57.19
CA GLU A 361 21.61 -33.47 -58.29
C GLU A 361 21.93 -32.78 -59.61
N GLN A 362 21.94 -33.58 -60.68
CA GLN A 362 22.13 -33.07 -62.03
C GLN A 362 20.78 -32.72 -62.65
N HIS A 363 20.64 -31.48 -63.12
CA HIS A 363 19.42 -31.02 -63.77
C HIS A 363 19.78 -30.09 -64.92
N VAL A 364 18.85 -29.91 -65.84
CA VAL A 364 19.01 -29.02 -66.97
C VAL A 364 18.32 -27.70 -66.65
N VAL A 365 19.05 -26.61 -66.80
CA VAL A 365 18.51 -25.26 -66.57
C VAL A 365 18.70 -24.47 -67.86
N ASP A 366 17.59 -24.15 -68.52
CA ASP A 366 17.61 -23.36 -69.75
C ASP A 366 18.52 -23.99 -70.80
N GLY A 367 18.38 -25.31 -70.98
CA GLY A 367 19.11 -26.04 -72.00
C GLY A 367 20.51 -26.47 -71.63
N LYS A 368 21.04 -26.03 -70.50
CA LYS A 368 22.37 -26.42 -70.05
C LYS A 368 22.25 -27.31 -68.82
N GLU A 369 22.99 -28.42 -68.82
CA GLU A 369 23.01 -29.30 -67.67
C GLU A 369 23.85 -28.67 -66.57
N ARG A 370 23.32 -28.67 -65.35
CA ARG A 370 23.98 -28.01 -64.24
C ARG A 370 23.96 -28.91 -63.01
N THR A 371 24.89 -28.64 -62.10
CA THR A 371 24.93 -29.29 -60.80
C THR A 371 24.27 -28.38 -59.77
N LEU A 372 23.18 -28.85 -59.19
CA LEU A 372 22.36 -28.04 -58.31
C LEU A 372 22.32 -28.65 -56.91
N LEU A 373 22.30 -27.77 -55.90
CA LEU A 373 22.00 -28.17 -54.52
C LEU A 373 20.52 -27.93 -54.32
N VAL A 374 19.74 -29.01 -54.27
CA VAL A 374 18.29 -28.94 -54.27
C VAL A 374 17.79 -29.02 -52.83
N HIS A 375 17.20 -27.93 -52.33
CA HIS A 375 16.56 -27.93 -51.02
C HIS A 375 15.11 -28.35 -51.14
N ARG A 376 14.71 -29.37 -50.39
CA ARG A 376 13.31 -29.80 -50.34
C ARG A 376 12.86 -29.79 -48.88
N LYS A 377 12.11 -28.75 -48.48
CA LYS A 377 11.52 -28.67 -47.14
C LYS A 377 10.07 -29.14 -47.22
N GLY A 378 9.78 -30.30 -46.65
CA GLY A 378 8.45 -30.84 -46.72
C GLY A 378 8.01 -31.23 -48.12
N SER A 379 8.96 -31.56 -48.98
CA SER A 379 8.64 -32.03 -50.32
C SER A 379 9.60 -33.17 -50.67
N THR A 380 9.20 -33.98 -51.65
CA THR A 380 9.88 -35.24 -51.91
C THR A 380 10.58 -35.24 -53.26
N ARG A 381 11.71 -35.94 -53.32
CA ARG A 381 12.29 -36.25 -54.62
C ARG A 381 11.36 -37.23 -55.32
N ALA A 382 11.15 -37.03 -56.62
CA ALA A 382 10.27 -37.89 -57.42
C ALA A 382 10.91 -38.06 -58.80
N PHE A 383 11.95 -38.90 -58.88
CA PHE A 383 12.69 -39.00 -60.12
C PHE A 383 11.92 -39.81 -61.16
N PRO A 384 12.16 -39.53 -62.44
CA PRO A 384 11.32 -40.06 -63.51
C PRO A 384 11.73 -41.47 -63.92
N PRO A 385 10.90 -42.14 -64.71
CA PRO A 385 11.31 -43.42 -65.29
C PRO A 385 12.65 -43.32 -66.02
N HIS A 386 13.45 -44.37 -65.91
CA HIS A 386 14.73 -44.51 -66.61
C HIS A 386 15.81 -43.62 -66.00
N HIS A 387 15.57 -43.05 -64.82
CA HIS A 387 16.65 -42.30 -64.19
C HIS A 387 17.65 -43.28 -63.56
N PRO A 388 18.95 -43.06 -63.73
CA PRO A 388 19.93 -44.04 -63.24
C PRO A 388 20.00 -44.14 -61.73
N LEU A 389 19.57 -43.13 -60.99
CA LEU A 389 19.74 -43.09 -59.55
C LEU A 389 18.52 -43.65 -58.80
N ILE A 390 17.72 -44.47 -59.46
CA ILE A 390 16.56 -45.10 -58.86
C ILE A 390 16.86 -46.57 -58.67
N ALA A 391 16.31 -47.16 -57.61
CA ALA A 391 16.54 -48.58 -57.40
C ALA A 391 16.09 -49.33 -58.64
N VAL A 392 16.76 -50.45 -58.92
CA VAL A 392 16.53 -51.13 -60.19
C VAL A 392 15.06 -51.49 -60.36
N ASP A 393 14.41 -51.95 -59.29
CA ASP A 393 13.02 -52.39 -59.37
C ASP A 393 12.07 -51.27 -59.81
N TYR A 394 12.48 -50.01 -59.70
CA TYR A 394 11.59 -48.90 -60.03
C TYR A 394 12.11 -48.07 -61.20
N GLN A 395 13.09 -48.60 -61.96
CA GLN A 395 13.65 -47.88 -63.08
C GLN A 395 12.62 -47.59 -64.16
N LEU A 396 11.67 -48.49 -64.36
CA LEU A 396 10.68 -48.32 -65.41
C LEU A 396 9.39 -47.72 -64.91
N THR A 397 9.07 -47.90 -63.63
CA THR A 397 7.86 -47.29 -63.07
C THR A 397 8.07 -45.82 -62.76
N GLY A 398 9.30 -45.43 -62.46
CA GLY A 398 9.57 -44.17 -61.80
C GLY A 398 9.63 -44.36 -60.29
N GLN A 399 10.24 -43.39 -59.64
CA GLN A 399 10.53 -43.52 -58.21
C GLN A 399 9.26 -43.44 -57.37
N PRO A 400 9.02 -44.39 -56.47
CA PRO A 400 7.86 -44.29 -55.59
C PRO A 400 7.92 -43.08 -54.68
N VAL A 401 6.76 -42.49 -54.42
CA VAL A 401 6.56 -41.37 -53.52
C VAL A 401 5.45 -41.74 -52.54
N LEU A 402 5.71 -41.56 -51.24
CA LEU A 402 4.81 -42.02 -50.17
C LEU A 402 4.12 -40.84 -49.52
N ILE A 403 2.81 -40.75 -49.68
CA ILE A 403 2.03 -39.57 -49.30
C ILE A 403 1.07 -39.97 -48.20
N GLY A 404 1.35 -39.56 -46.97
CA GLY A 404 0.40 -39.77 -45.89
C GLY A 404 -0.68 -38.71 -45.89
N GLY A 405 -1.91 -39.15 -45.69
CA GLY A 405 -3.03 -38.24 -45.57
C GLY A 405 -3.30 -37.92 -44.10
N THR A 406 -4.24 -38.64 -43.50
CA THR A 406 -4.53 -38.52 -42.08
C THR A 406 -4.80 -39.90 -41.51
N MET A 407 -4.90 -39.96 -40.19
CA MET A 407 -5.26 -41.21 -39.54
C MET A 407 -6.72 -41.59 -39.80
N GLY A 408 -7.49 -40.70 -40.42
CA GLY A 408 -8.91 -40.98 -40.62
C GLY A 408 -9.39 -40.81 -42.05
N THR A 409 -8.47 -40.60 -42.99
CA THR A 409 -8.85 -40.52 -44.41
C THR A 409 -8.11 -41.59 -45.21
N CYS A 410 -7.12 -41.20 -46.01
CA CYS A 410 -6.40 -42.17 -46.83
C CYS A 410 -4.98 -41.69 -47.06
N SER A 411 -4.17 -42.58 -47.63
CA SER A 411 -2.82 -42.29 -48.07
C SER A 411 -2.63 -42.78 -49.50
N TYR A 412 -1.60 -42.26 -50.17
CA TYR A 412 -1.36 -42.57 -51.58
C TYR A 412 0.10 -42.92 -51.81
N VAL A 413 0.33 -43.66 -52.88
CA VAL A 413 1.66 -43.87 -53.45
C VAL A 413 1.62 -43.32 -54.87
N LEU A 414 2.65 -42.56 -55.22
CA LEU A 414 2.75 -41.92 -56.52
C LEU A 414 4.10 -42.33 -57.11
N THR A 415 4.30 -42.00 -58.39
CA THR A 415 5.58 -42.22 -59.05
C THR A 415 6.01 -40.94 -59.75
N GLY A 416 7.33 -40.74 -59.83
CA GLY A 416 7.85 -39.55 -60.50
C GLY A 416 7.69 -39.63 -62.01
N THR A 417 7.63 -38.46 -62.63
CA THR A 417 7.31 -38.32 -64.03
C THR A 417 8.36 -37.46 -64.72
N GLU A 418 8.42 -37.58 -66.05
CA GLU A 418 9.35 -36.77 -66.82
C GLU A 418 8.98 -35.29 -66.77
N GLN A 419 7.68 -34.99 -66.80
CA GLN A 419 7.27 -33.60 -66.67
C GLN A 419 7.66 -33.05 -65.30
N GLY A 420 7.57 -33.86 -64.26
CA GLY A 420 8.03 -33.41 -62.95
C GLY A 420 9.52 -33.12 -62.95
N MET A 421 10.32 -34.00 -63.56
CA MET A 421 11.74 -33.76 -63.65
C MET A 421 12.03 -32.42 -64.32
N THR A 422 11.16 -32.02 -65.25
CA THR A 422 11.34 -30.83 -66.06
C THR A 422 10.80 -29.56 -65.41
N GLU A 423 9.64 -29.62 -64.76
CA GLU A 423 9.05 -28.42 -64.20
C GLU A 423 9.47 -28.16 -62.76
N THR A 424 9.68 -29.20 -61.96
CA THR A 424 9.97 -29.01 -60.54
C THR A 424 11.26 -29.69 -60.09
N PHE A 425 12.18 -29.96 -61.02
CA PHE A 425 13.41 -30.67 -60.67
C PHE A 425 13.10 -32.00 -59.98
N GLY A 426 12.03 -32.66 -60.44
CA GLY A 426 11.71 -33.96 -59.87
C GLY A 426 11.25 -33.85 -58.44
N THR A 427 10.40 -32.87 -58.13
CA THR A 427 9.90 -32.65 -56.78
C THR A 427 8.38 -32.73 -56.79
N THR A 428 7.83 -33.47 -55.83
CA THR A 428 6.39 -33.51 -55.66
C THR A 428 6.01 -33.31 -54.19
N CYS A 429 4.74 -33.50 -53.87
CA CYS A 429 4.26 -33.27 -52.52
C CYS A 429 4.81 -34.33 -51.58
N HIS A 430 4.59 -34.13 -50.28
CA HIS A 430 4.97 -35.10 -49.26
C HIS A 430 3.81 -35.49 -48.34
N GLY A 431 2.62 -34.92 -48.52
CA GLY A 431 1.51 -35.23 -47.64
C GLY A 431 0.34 -34.32 -47.96
N ALA A 432 -0.60 -34.26 -47.02
CA ALA A 432 -1.76 -33.39 -47.23
C ALA A 432 -1.42 -31.95 -46.88
N GLY A 433 -0.61 -31.74 -45.86
CA GLY A 433 -0.39 -30.41 -45.34
C GLY A 433 -1.49 -30.02 -44.37
N ARG A 434 -1.23 -28.99 -43.58
CA ARG A 434 -2.21 -28.56 -42.58
C ARG A 434 -3.14 -27.48 -43.11
N ALA A 435 -4.40 -27.59 -42.69
CA ALA A 435 -5.40 -26.56 -42.92
C ALA A 435 -5.73 -25.79 -41.66
N LEU A 436 -5.56 -26.39 -40.48
CA LEU A 436 -5.77 -25.72 -39.19
C LEU A 436 -4.55 -25.91 -38.30
N SER A 437 -4.10 -24.83 -37.68
CA SER A 437 -3.06 -24.97 -36.67
C SER A 437 -3.51 -25.90 -35.54
N ARG A 438 -2.53 -26.43 -34.81
CA ARG A 438 -2.82 -27.20 -33.62
C ARG A 438 -3.56 -26.35 -32.57
N ALA A 439 -3.20 -25.06 -32.47
CA ALA A 439 -3.88 -24.21 -31.51
C ALA A 439 -5.35 -24.03 -31.88
N LYS A 440 -5.63 -23.81 -33.17
CA LYS A 440 -7.02 -23.67 -33.59
C LYS A 440 -7.79 -24.99 -33.50
N SER A 441 -7.11 -26.12 -33.70
CA SER A 441 -7.79 -27.41 -33.56
C SER A 441 -8.12 -27.68 -32.10
N ARG A 442 -7.23 -27.31 -31.18
CA ARG A 442 -7.50 -27.48 -29.77
C ARG A 442 -8.78 -26.76 -29.36
N ARG A 443 -9.05 -25.62 -29.98
CA ARG A 443 -10.18 -24.79 -29.54
C ARG A 443 -11.48 -25.22 -30.19
N ASN A 444 -11.47 -25.54 -31.48
CA ASN A 444 -12.68 -25.73 -32.26
C ASN A 444 -13.14 -27.19 -32.28
N LEU A 445 -12.37 -28.12 -31.72
CA LEU A 445 -12.67 -29.54 -31.80
C LEU A 445 -12.56 -30.20 -30.43
N ASP A 446 -13.33 -31.26 -30.23
CA ASP A 446 -13.35 -31.98 -28.97
C ASP A 446 -12.71 -33.34 -29.17
N PHE A 447 -11.86 -33.74 -28.21
CA PHE A 447 -11.07 -34.95 -28.36
C PHE A 447 -11.95 -36.19 -28.46
N GLN A 448 -13.04 -36.23 -27.69
CA GLN A 448 -13.91 -37.41 -27.72
C GLN A 448 -14.63 -37.53 -29.05
N ASP A 449 -15.03 -36.40 -29.64
CA ASP A 449 -15.64 -36.44 -30.97
C ASP A 449 -14.70 -37.06 -31.99
N VAL A 450 -13.40 -36.73 -31.90
CA VAL A 450 -12.44 -37.29 -32.85
C VAL A 450 -12.26 -38.79 -32.61
N LEU A 451 -12.19 -39.20 -31.34
CA LEU A 451 -12.02 -40.61 -31.04
C LEU A 451 -13.24 -41.43 -31.44
N ASP A 452 -14.45 -40.86 -31.29
CA ASP A 452 -15.65 -41.58 -31.69
C ASP A 452 -15.72 -41.72 -33.20
N LYS A 453 -15.42 -40.65 -33.93
CA LYS A 453 -15.45 -40.72 -35.39
C LYS A 453 -14.52 -41.80 -35.91
N LEU A 454 -13.31 -41.88 -35.34
CA LEU A 454 -12.38 -42.94 -35.71
C LEU A 454 -12.95 -44.31 -35.40
N ALA A 455 -13.63 -44.44 -34.26
CA ALA A 455 -14.23 -45.73 -33.90
C ALA A 455 -15.40 -46.07 -34.82
N ASP A 456 -16.24 -45.09 -35.16
CA ASP A 456 -17.31 -45.32 -36.12
C ASP A 456 -16.78 -45.69 -37.50
N MET A 457 -15.50 -45.44 -37.76
CA MET A 457 -14.89 -45.82 -39.02
C MET A 457 -14.13 -47.15 -38.91
N GLY A 458 -14.06 -47.72 -37.71
CA GLY A 458 -13.36 -48.98 -37.50
C GLY A 458 -11.87 -48.88 -37.44
N ILE A 459 -11.32 -47.72 -37.07
CA ILE A 459 -9.88 -47.50 -37.01
C ILE A 459 -9.43 -47.58 -35.56
N ALA A 460 -8.57 -48.54 -35.25
CA ALA A 460 -8.03 -48.66 -33.90
C ALA A 460 -6.90 -47.66 -33.71
N ILE A 461 -6.76 -47.14 -32.48
CA ILE A 461 -5.81 -46.07 -32.21
C ILE A 461 -5.17 -46.25 -30.84
N ARG A 462 -3.89 -45.90 -30.76
CA ARG A 462 -3.14 -45.83 -29.52
C ARG A 462 -2.28 -44.58 -29.59
N VAL A 463 -2.59 -43.58 -28.77
CA VAL A 463 -1.85 -42.32 -28.75
C VAL A 463 -1.33 -42.05 -27.34
N ALA A 464 -0.24 -41.28 -27.27
CA ALA A 464 0.40 -40.99 -25.99
C ALA A 464 -0.43 -40.03 -25.15
N SER A 465 -1.03 -39.00 -25.76
CA SER A 465 -1.82 -37.99 -25.06
C SER A 465 -3.24 -37.99 -25.62
N PRO A 466 -4.13 -38.85 -25.10
CA PRO A 466 -5.42 -39.03 -25.76
C PRO A 466 -6.28 -37.77 -25.81
N LYS A 467 -6.21 -36.91 -24.80
CA LYS A 467 -7.06 -35.71 -24.81
C LYS A 467 -6.49 -34.58 -25.66
N LEU A 468 -5.37 -34.81 -26.34
CA LEU A 468 -4.84 -33.87 -27.32
C LEU A 468 -5.02 -34.37 -28.75
N VAL A 469 -5.79 -35.44 -28.95
CA VAL A 469 -5.85 -36.06 -30.28
C VAL A 469 -6.56 -35.18 -31.28
N MET A 470 -7.39 -34.22 -30.83
CA MET A 470 -8.04 -33.32 -31.77
C MET A 470 -7.04 -32.50 -32.57
N GLU A 471 -5.82 -32.33 -32.04
CA GLU A 471 -4.79 -31.60 -32.78
C GLU A 471 -4.37 -32.35 -34.03
N GLU A 472 -4.66 -33.66 -34.11
CA GLU A 472 -4.37 -34.49 -35.27
C GLU A 472 -5.65 -34.92 -36.00
N ALA A 473 -6.77 -34.23 -35.77
CA ALA A 473 -8.02 -34.64 -36.37
C ALA A 473 -7.93 -34.54 -37.90
N PRO A 474 -8.69 -35.37 -38.62
CA PRO A 474 -8.65 -35.31 -40.09
C PRO A 474 -8.98 -33.93 -40.65
N GLU A 475 -9.90 -33.20 -40.03
CA GLU A 475 -10.28 -31.88 -40.50
C GLU A 475 -9.18 -30.84 -40.33
N SER A 476 -8.15 -31.15 -39.53
CA SER A 476 -7.05 -30.23 -39.35
C SER A 476 -6.13 -30.18 -40.56
N TYR A 477 -6.20 -31.18 -41.43
CA TYR A 477 -5.33 -31.28 -42.60
C TYR A 477 -6.14 -31.00 -43.86
N LYS A 478 -5.41 -30.63 -44.92
CA LYS A 478 -6.03 -30.51 -46.23
C LYS A 478 -6.58 -31.86 -46.67
N ASN A 479 -7.45 -31.83 -47.68
CA ASN A 479 -7.88 -33.08 -48.29
C ASN A 479 -6.73 -33.64 -49.12
N VAL A 480 -6.19 -34.79 -48.71
CA VAL A 480 -5.02 -35.34 -49.38
C VAL A 480 -5.33 -35.65 -50.85
N THR A 481 -6.57 -36.02 -51.16
CA THR A 481 -6.94 -36.31 -52.54
C THR A 481 -6.85 -35.07 -53.43
N ASP A 482 -7.21 -33.89 -52.89
CA ASP A 482 -6.99 -32.68 -53.67
C ASP A 482 -5.51 -32.46 -53.96
N VAL A 483 -4.65 -32.77 -52.98
CA VAL A 483 -3.22 -32.56 -53.16
C VAL A 483 -2.68 -33.50 -54.24
N VAL A 484 -3.01 -34.78 -54.14
CA VAL A 484 -2.50 -35.77 -55.09
C VAL A 484 -3.07 -35.54 -56.48
N ASN A 485 -4.35 -35.15 -56.56
CA ASN A 485 -4.95 -34.91 -57.87
C ASN A 485 -4.36 -33.67 -58.54
N THR A 486 -4.06 -32.63 -57.76
CA THR A 486 -3.40 -31.45 -58.33
C THR A 486 -2.03 -31.83 -58.91
N CYS A 487 -1.23 -32.58 -58.14
CA CYS A 487 0.06 -33.03 -58.65
C CYS A 487 -0.11 -33.88 -59.89
N HIS A 488 -1.13 -34.75 -59.90
CA HIS A 488 -1.34 -35.63 -61.03
C HIS A 488 -1.76 -34.83 -62.26
N ASP A 489 -2.76 -33.96 -62.11
CA ASP A 489 -3.20 -33.14 -63.24
C ASP A 489 -2.11 -32.20 -63.70
N ALA A 490 -1.25 -31.72 -62.78
CA ALA A 490 -0.15 -30.87 -63.18
C ALA A 490 0.92 -31.66 -63.93
N GLY A 491 0.93 -32.98 -63.79
CA GLY A 491 1.86 -33.83 -64.48
C GLY A 491 3.18 -34.07 -63.77
N ILE A 492 3.32 -33.60 -62.53
CA ILE A 492 4.56 -33.76 -61.79
C ILE A 492 4.58 -35.03 -60.96
N SER A 493 3.44 -35.69 -60.79
CA SER A 493 3.37 -36.98 -60.11
C SER A 493 2.25 -37.80 -60.72
N LYS A 494 2.38 -39.12 -60.67
CA LYS A 494 1.39 -40.04 -61.22
C LYS A 494 0.90 -40.93 -60.11
N LYS A 495 -0.42 -40.99 -59.90
CA LYS A 495 -0.96 -41.81 -58.83
C LYS A 495 -0.74 -43.30 -59.13
N ALA A 496 -0.52 -44.06 -58.06
CA ALA A 496 -0.20 -45.48 -58.21
C ALA A 496 -1.06 -46.34 -57.27
N ILE A 497 -1.10 -45.98 -55.98
CA ILE A 497 -1.82 -46.77 -54.99
C ILE A 497 -2.60 -45.84 -54.06
N LYS A 498 -3.73 -46.33 -53.57
CA LYS A 498 -4.49 -45.66 -52.52
C LYS A 498 -4.65 -46.62 -51.35
N LEU A 499 -4.35 -46.13 -50.14
CA LEU A 499 -4.41 -46.95 -48.94
C LEU A 499 -5.30 -46.28 -47.90
N ARG A 500 -5.94 -47.11 -47.08
CA ARG A 500 -6.87 -46.73 -46.04
C ARG A 500 -6.35 -47.18 -44.68
N PRO A 501 -6.40 -46.31 -43.68
CA PRO A 501 -5.92 -46.69 -42.35
C PRO A 501 -6.90 -47.60 -41.62
N ILE A 502 -6.36 -48.58 -40.88
CA ILE A 502 -7.17 -49.39 -39.98
C ILE A 502 -6.64 -49.40 -38.56
N ALA A 503 -5.36 -49.14 -38.33
CA ALA A 503 -4.85 -48.96 -36.97
C ALA A 503 -3.69 -47.99 -37.01
N VAL A 504 -3.59 -47.13 -35.99
CA VAL A 504 -2.57 -46.09 -35.98
C VAL A 504 -2.10 -45.87 -34.56
N ILE A 505 -0.79 -45.74 -34.39
CA ILE A 505 -0.19 -45.30 -33.14
C ILE A 505 0.49 -43.97 -33.38
N LYS A 506 0.31 -43.04 -32.45
CA LYS A 506 0.88 -41.71 -32.54
C LYS A 506 1.48 -41.36 -31.19
N GLY A 507 2.49 -40.49 -31.23
CA GLY A 507 3.22 -40.08 -30.04
C GLY A 507 2.70 -38.76 -29.52
N PRO B 14 -2.97 -5.08 -14.14
CA PRO B 14 -4.21 -5.71 -14.60
C PRO B 14 -4.36 -5.67 -16.12
N ALA B 15 -3.29 -5.30 -16.81
CA ALA B 15 -3.33 -5.22 -18.27
C ALA B 15 -3.54 -6.61 -18.88
N VAL B 16 -4.54 -6.72 -19.74
CA VAL B 16 -4.86 -7.98 -20.41
C VAL B 16 -3.91 -8.11 -21.61
N MET B 17 -2.87 -8.93 -21.46
CA MET B 17 -1.89 -9.12 -22.52
C MET B 17 -2.25 -10.26 -23.45
N ALA B 18 -2.95 -11.28 -22.96
CA ALA B 18 -3.37 -12.39 -23.79
C ALA B 18 -4.17 -11.91 -24.98
N GLN B 19 -3.89 -12.48 -26.15
CA GLN B 19 -4.62 -12.14 -27.37
C GLN B 19 -5.76 -13.11 -27.66
N GLU B 20 -5.74 -14.30 -27.07
CA GLU B 20 -6.82 -15.28 -27.22
C GLU B 20 -7.48 -15.54 -25.89
N GLU B 21 -8.73 -16.00 -25.94
CA GLU B 21 -9.38 -16.53 -24.75
C GLU B 21 -8.61 -17.71 -24.20
N GLU B 22 -8.62 -17.85 -22.87
CA GLU B 22 -7.78 -18.87 -22.25
C GLU B 22 -8.21 -20.27 -22.69
N ASP B 23 -7.22 -21.16 -22.78
CA ASP B 23 -7.46 -22.52 -23.26
C ASP B 23 -6.33 -23.39 -22.70
N VAL B 24 -6.57 -23.98 -21.53
CA VAL B 24 -5.58 -24.84 -20.89
C VAL B 24 -5.54 -26.17 -21.61
N ARG B 25 -4.34 -26.66 -21.91
CA ARG B 25 -4.17 -27.98 -22.49
C ARG B 25 -4.34 -29.02 -21.40
N ASP B 26 -5.02 -30.11 -21.73
CA ASP B 26 -5.45 -31.13 -20.77
C ASP B 26 -4.62 -32.39 -21.00
N TYR B 27 -3.82 -32.77 -20.00
CA TYR B 27 -2.82 -33.82 -20.16
C TYR B 27 -3.24 -35.18 -19.63
N ASN B 28 -4.47 -35.31 -19.12
CA ASN B 28 -4.98 -36.58 -18.67
C ASN B 28 -4.32 -37.00 -17.36
N LEU B 29 -4.50 -36.19 -16.32
CA LEU B 29 -3.83 -36.45 -15.05
C LEU B 29 -4.38 -37.71 -14.39
N THR B 30 -3.48 -38.46 -13.75
CA THR B 30 -3.88 -39.52 -12.84
C THR B 30 -4.28 -38.91 -11.50
N GLU B 31 -4.76 -39.76 -10.59
CA GLU B 31 -5.08 -39.28 -9.25
C GLU B 31 -3.83 -38.88 -8.48
N GLU B 32 -2.71 -39.57 -8.73
CA GLU B 32 -1.47 -39.22 -8.06
C GLU B 32 -0.86 -37.96 -8.65
N GLN B 33 -0.90 -37.81 -9.97
CA GLN B 33 -0.48 -36.56 -10.59
C GLN B 33 -1.35 -35.40 -10.11
N LYS B 34 -2.66 -35.60 -10.08
CA LYS B 34 -3.55 -34.58 -9.53
C LYS B 34 -3.21 -34.25 -8.08
N ALA B 35 -2.76 -35.24 -7.31
CA ALA B 35 -2.43 -35.00 -5.92
C ALA B 35 -1.11 -34.26 -5.75
N ILE B 36 -0.16 -34.47 -6.66
CA ILE B 36 1.10 -33.75 -6.59
C ILE B 36 0.88 -32.27 -6.90
N LYS B 37 -0.09 -31.96 -7.76
CA LYS B 37 -0.35 -30.57 -8.10
C LYS B 37 -1.07 -29.85 -6.97
N ALA B 38 -2.03 -30.51 -6.33
CA ALA B 38 -2.73 -29.91 -5.20
C ALA B 38 -1.79 -29.61 -4.04
N LYS B 39 -0.65 -30.29 -3.98
CA LYS B 39 0.27 -30.13 -2.86
C LYS B 39 1.08 -28.84 -2.91
N TYR B 40 1.14 -28.18 -4.07
CA TYR B 40 2.06 -27.07 -4.26
C TYR B 40 1.32 -25.81 -4.68
N PRO B 41 1.94 -24.65 -4.51
CA PRO B 41 1.31 -23.40 -4.95
C PRO B 41 1.28 -23.34 -6.47
N PRO B 42 0.11 -23.09 -7.06
CA PRO B 42 0.04 -23.00 -8.52
C PRO B 42 1.02 -21.95 -9.02
N VAL B 43 1.60 -22.22 -10.17
CA VAL B 43 2.50 -21.27 -10.80
C VAL B 43 1.69 -20.28 -11.60
N ASN B 44 2.02 -19.00 -11.49
CA ASN B 44 1.34 -17.97 -12.26
C ASN B 44 1.71 -18.11 -13.73
N ARG B 45 0.70 -18.12 -14.60
CA ARG B 45 0.88 -18.31 -16.03
C ARG B 45 0.62 -17.01 -16.76
N LYS B 46 1.64 -16.50 -17.44
CA LYS B 46 1.49 -15.34 -18.30
C LYS B 46 1.91 -15.68 -19.72
N TYR B 47 1.34 -16.74 -20.29
CA TYR B 47 1.66 -17.15 -21.65
C TYR B 47 0.43 -17.78 -22.29
N GLU B 48 0.51 -17.97 -23.61
CA GLU B 48 -0.56 -18.61 -24.36
C GLU B 48 0.01 -19.21 -25.63
N TYR B 49 -0.71 -20.17 -26.21
CA TYR B 49 -0.30 -20.88 -27.42
C TYR B 49 -1.12 -20.37 -28.59
N LEU B 50 -0.48 -19.70 -29.54
CA LEU B 50 -1.16 -19.01 -30.62
C LEU B 50 -1.04 -19.78 -31.93
N ASP B 51 -1.73 -19.25 -32.93
CA ASP B 51 -1.94 -19.91 -34.21
C ASP B 51 -0.65 -19.88 -35.03
N HIS B 52 -0.27 -21.04 -35.57
CA HIS B 52 0.73 -21.14 -36.62
C HIS B 52 0.45 -22.44 -37.39
N THR B 53 0.38 -22.35 -38.71
CA THR B 53 -0.18 -23.47 -39.49
C THR B 53 0.54 -24.78 -39.18
N ALA B 54 1.88 -24.76 -39.18
CA ALA B 54 2.63 -26.01 -39.04
C ALA B 54 3.03 -26.34 -37.60
N ASP B 55 3.28 -25.34 -36.76
CA ASP B 55 3.81 -25.61 -35.43
C ASP B 55 3.04 -24.81 -34.39
N VAL B 56 3.72 -24.05 -33.53
CA VAL B 56 3.03 -23.27 -32.51
C VAL B 56 3.84 -22.02 -32.21
N GLN B 57 3.12 -20.93 -31.91
CA GLN B 57 3.74 -19.67 -31.51
C GLN B 57 3.52 -19.48 -30.01
N LEU B 58 4.62 -19.39 -29.27
CA LEU B 58 4.57 -19.05 -27.86
C LEU B 58 4.40 -17.54 -27.71
N HIS B 59 3.44 -17.14 -26.89
CA HIS B 59 3.28 -15.73 -26.52
C HIS B 59 3.37 -15.61 -25.01
N ALA B 60 4.36 -14.85 -24.52
CA ALA B 60 4.59 -14.69 -23.09
C ALA B 60 4.80 -13.21 -22.78
N TRP B 61 4.50 -12.84 -21.53
CA TRP B 61 4.57 -11.44 -21.12
C TRP B 61 4.85 -11.36 -19.63
N GLY B 62 5.10 -10.13 -19.17
CA GLY B 62 5.33 -9.89 -17.76
C GLY B 62 5.53 -8.41 -17.51
N ASP B 63 5.85 -8.09 -16.25
CA ASP B 63 6.08 -6.71 -15.85
C ASP B 63 7.49 -6.24 -16.20
N THR B 64 8.43 -7.17 -16.39
CA THR B 64 9.77 -6.85 -16.79
C THR B 64 10.15 -7.75 -17.96
N LEU B 65 11.17 -7.35 -18.70
CA LEU B 65 11.69 -8.22 -19.76
C LEU B 65 12.07 -9.57 -19.18
N GLU B 66 12.72 -9.56 -18.01
CA GLU B 66 13.06 -10.79 -17.31
C GLU B 66 11.85 -11.70 -17.13
N GLU B 67 10.71 -11.15 -16.71
CA GLU B 67 9.54 -11.98 -16.52
C GLU B 67 8.99 -12.50 -17.85
N ALA B 68 8.97 -11.64 -18.88
CA ALA B 68 8.51 -12.11 -20.20
C ALA B 68 9.36 -13.29 -20.67
N PHE B 69 10.68 -13.21 -20.48
CA PHE B 69 11.54 -14.33 -20.84
C PHE B 69 11.20 -15.58 -20.04
N GLU B 70 11.12 -15.46 -18.71
CA GLU B 70 10.93 -16.65 -17.90
C GLU B 70 9.58 -17.30 -18.16
N GLN B 71 8.57 -16.48 -18.44
CA GLN B 71 7.27 -17.03 -18.83
C GLN B 71 7.33 -17.73 -20.18
N CYS B 72 8.19 -17.25 -21.08
CA CYS B 72 8.32 -17.95 -22.36
C CYS B 72 8.91 -19.33 -22.16
N ALA B 73 9.93 -19.45 -21.30
CA ALA B 73 10.47 -20.77 -21.01
C ALA B 73 9.44 -21.66 -20.35
N MET B 74 8.66 -21.11 -19.41
CA MET B 74 7.62 -21.90 -18.77
C MET B 74 6.53 -22.29 -19.77
N ALA B 75 6.22 -21.41 -20.72
CA ALA B 75 5.32 -21.78 -21.81
C ALA B 75 5.86 -22.97 -22.59
N MET B 76 7.15 -22.96 -22.90
CA MET B 76 7.72 -24.07 -23.66
C MET B 76 7.61 -25.38 -22.89
N PHE B 77 7.93 -25.35 -21.60
CA PHE B 77 7.84 -26.57 -20.82
C PHE B 77 6.40 -26.98 -20.60
N GLY B 78 5.50 -26.01 -20.51
CA GLY B 78 4.10 -26.32 -20.37
C GLY B 78 3.49 -26.99 -21.58
N TYR B 79 4.19 -26.97 -22.72
CA TYR B 79 3.74 -27.68 -23.91
C TYR B 79 4.19 -29.13 -23.90
N MET B 80 5.21 -29.47 -23.10
CA MET B 80 5.72 -30.84 -23.03
C MET B 80 4.98 -31.68 -22.01
N THR B 81 4.49 -31.07 -20.93
CA THR B 81 3.82 -31.78 -19.86
C THR B 81 3.02 -30.79 -19.04
N ASP B 82 2.34 -31.29 -18.02
CA ASP B 82 1.67 -30.44 -17.04
C ASP B 82 2.70 -30.15 -15.96
N THR B 83 3.31 -28.97 -16.02
CA THR B 83 4.38 -28.65 -15.08
C THR B 83 3.89 -28.55 -13.64
N GLY B 84 2.58 -28.43 -13.42
CA GLY B 84 2.07 -28.44 -12.07
C GLY B 84 2.30 -29.75 -11.35
N THR B 85 2.56 -30.83 -12.09
CA THR B 85 2.87 -32.13 -11.52
C THR B 85 4.35 -32.33 -11.23
N VAL B 86 5.19 -31.34 -11.52
CA VAL B 86 6.62 -31.44 -11.27
C VAL B 86 6.94 -30.90 -9.88
N GLU B 87 7.70 -31.69 -9.11
CA GLU B 87 8.08 -31.31 -7.75
C GLU B 87 9.44 -30.59 -7.75
N PRO B 88 9.58 -29.58 -6.89
CA PRO B 88 10.83 -28.78 -6.84
C PRO B 88 11.90 -29.45 -5.98
N LEU B 89 12.50 -30.50 -6.53
CA LEU B 89 13.46 -31.28 -5.79
C LEU B 89 14.90 -30.85 -6.02
N GLN B 90 15.18 -30.18 -7.14
CA GLN B 90 16.52 -29.75 -7.48
C GLN B 90 16.44 -28.41 -8.19
N THR B 91 17.53 -27.65 -8.13
CA THR B 91 17.64 -26.36 -8.81
C THR B 91 18.75 -26.43 -9.84
N VAL B 92 18.48 -25.89 -11.03
CA VAL B 92 19.41 -25.89 -12.15
C VAL B 92 19.61 -24.45 -12.61
N GLU B 93 20.83 -24.16 -13.07
CA GLU B 93 21.20 -22.83 -13.54
C GLU B 93 21.39 -22.82 -15.05
N VAL B 94 20.95 -21.73 -15.70
CA VAL B 94 21.18 -21.53 -17.13
C VAL B 94 21.62 -20.09 -17.36
N GLU B 95 22.86 -19.91 -17.78
CA GLU B 95 23.40 -18.63 -18.25
C GLU B 95 23.74 -18.73 -19.73
N THR B 96 23.42 -17.70 -20.49
CA THR B 96 23.70 -17.70 -21.92
C THR B 96 23.93 -16.26 -22.38
N GLN B 97 24.21 -16.11 -23.67
CA GLN B 97 24.41 -14.79 -24.26
C GLN B 97 23.99 -14.82 -25.72
N GLY B 98 23.80 -13.63 -26.27
CA GLY B 98 23.43 -13.44 -27.66
C GLY B 98 24.07 -12.18 -28.20
N ASP B 99 23.77 -11.80 -29.44
CA ASP B 99 24.24 -10.55 -30.01
C ASP B 99 23.21 -9.44 -29.92
N ASP B 100 21.99 -9.78 -29.53
CA ASP B 100 20.86 -8.87 -29.46
C ASP B 100 19.78 -9.61 -28.68
N LEU B 101 18.66 -8.94 -28.43
CA LEU B 101 17.64 -9.54 -27.57
C LEU B 101 17.04 -10.79 -28.22
N GLN B 102 16.87 -10.78 -29.54
CA GLN B 102 16.29 -11.93 -30.22
C GLN B 102 17.18 -13.16 -30.07
N SER B 103 18.48 -13.03 -30.36
CA SER B 103 19.36 -14.20 -30.24
C SER B 103 19.55 -14.60 -28.78
N LEU B 104 19.53 -13.64 -27.85
CA LEU B 104 19.54 -14.02 -26.43
C LEU B 104 18.32 -14.86 -26.10
N LEU B 105 17.13 -14.43 -26.53
CA LEU B 105 15.94 -15.22 -26.28
C LEU B 105 16.06 -16.59 -26.92
N PHE B 106 16.61 -16.65 -28.14
CA PHE B 106 16.78 -17.92 -28.83
C PHE B 106 17.69 -18.86 -28.03
N HIS B 107 18.87 -18.37 -27.62
CA HIS B 107 19.81 -19.21 -26.90
C HIS B 107 19.30 -19.57 -25.50
N PHE B 108 18.58 -18.66 -24.85
CA PHE B 108 17.98 -18.94 -23.55
C PHE B 108 17.01 -20.12 -23.64
N LEU B 109 16.08 -20.07 -24.60
CA LEU B 109 15.14 -21.18 -24.75
C LEU B 109 15.85 -22.46 -25.18
N ASP B 110 16.90 -22.33 -25.99
CA ASP B 110 17.63 -23.50 -26.46
C ASP B 110 18.40 -24.16 -25.32
N GLU B 111 19.05 -23.36 -24.48
CA GLU B 111 19.80 -23.93 -23.36
C GLU B 111 18.86 -24.68 -22.42
N TRP B 112 17.68 -24.13 -22.16
CA TRP B 112 16.71 -24.83 -21.31
C TRP B 112 16.18 -26.07 -22.00
N LEU B 113 15.91 -26.00 -23.31
CA LEU B 113 15.49 -27.20 -24.01
C LEU B 113 16.56 -28.29 -23.88
N TYR B 114 17.83 -27.92 -23.96
CA TYR B 114 18.90 -28.91 -23.85
C TYR B 114 18.94 -29.54 -22.46
N LYS B 115 18.69 -28.74 -21.40
CA LYS B 115 18.66 -29.32 -20.06
C LYS B 115 17.65 -30.45 -19.96
N PHE B 116 16.55 -30.34 -20.70
CA PHE B 116 15.49 -31.34 -20.68
C PHE B 116 15.80 -32.54 -21.57
N SER B 117 16.54 -32.33 -22.67
CA SER B 117 16.74 -33.36 -23.69
C SER B 117 18.00 -34.19 -23.49
N ALA B 118 18.81 -33.92 -22.49
CA ALA B 118 20.07 -34.66 -22.38
C ALA B 118 20.59 -34.60 -20.95
N ASP B 119 21.65 -35.37 -20.71
CA ASP B 119 22.35 -35.39 -19.44
C ASP B 119 21.41 -35.83 -18.31
N GLU B 120 20.82 -34.87 -17.62
CA GLU B 120 19.97 -35.18 -16.48
C GLU B 120 18.48 -35.10 -16.80
N PHE B 121 18.11 -34.71 -18.02
CA PHE B 121 16.72 -34.71 -18.43
C PHE B 121 15.85 -33.98 -17.41
N PHE B 122 16.20 -32.72 -17.18
CA PHE B 122 15.59 -31.91 -16.14
C PHE B 122 14.38 -31.14 -16.70
N ILE B 123 13.27 -31.19 -15.98
CA ILE B 123 12.07 -30.44 -16.31
C ILE B 123 11.79 -29.47 -15.17
N PRO B 124 11.73 -28.17 -15.42
CA PRO B 124 11.46 -27.22 -14.33
C PRO B 124 9.97 -27.07 -14.09
N ARG B 125 9.59 -27.02 -12.81
CA ARG B 125 8.25 -26.59 -12.48
C ARG B 125 8.08 -25.09 -12.70
N GLU B 126 9.16 -24.35 -12.54
CA GLU B 126 9.17 -22.89 -12.68
C GLU B 126 10.55 -22.46 -13.13
N VAL B 127 10.60 -21.37 -13.88
CA VAL B 127 11.85 -20.77 -14.31
C VAL B 127 11.84 -19.32 -13.88
N LYS B 128 12.98 -18.83 -13.43
CA LYS B 128 13.10 -17.43 -13.06
C LYS B 128 14.36 -16.87 -13.69
N VAL B 129 14.22 -15.75 -14.38
CA VAL B 129 15.35 -15.04 -14.94
C VAL B 129 15.83 -14.04 -13.89
N LEU B 130 17.07 -14.23 -13.44
CA LEU B 130 17.61 -13.38 -12.39
C LEU B 130 18.10 -12.05 -12.94
N SER B 131 18.58 -12.04 -14.17
CA SER B 131 19.12 -10.82 -14.74
C SER B 131 19.18 -10.95 -16.25
N ILE B 132 18.93 -9.83 -16.93
CA ILE B 132 19.25 -9.68 -18.34
C ILE B 132 20.16 -8.46 -18.43
N ASP B 133 21.40 -8.69 -18.83
CA ASP B 133 22.35 -7.61 -19.10
C ASP B 133 22.10 -7.13 -20.52
N GLN B 134 21.44 -5.99 -20.66
CA GLN B 134 21.05 -5.48 -21.97
C GLN B 134 22.17 -4.73 -22.68
N ARG B 135 23.35 -4.60 -22.07
CA ARG B 135 24.48 -4.06 -22.80
C ARG B 135 25.31 -5.16 -23.47
N ASN B 136 25.52 -6.29 -22.80
CA ASN B 136 26.18 -7.44 -23.39
C ASN B 136 25.23 -8.50 -23.92
N PHE B 137 23.93 -8.36 -23.70
CA PHE B 137 22.97 -9.39 -24.07
C PHE B 137 23.39 -10.73 -23.44
N LYS B 138 23.41 -10.72 -22.11
CA LYS B 138 23.70 -11.87 -21.27
C LYS B 138 22.57 -12.05 -20.27
N LEU B 139 22.35 -13.30 -19.85
CA LEU B 139 21.22 -13.65 -19.03
C LEU B 139 21.64 -14.68 -18.00
N ARG B 140 21.09 -14.55 -16.79
CA ARG B 140 21.23 -15.53 -15.73
C ARG B 140 19.84 -16.00 -15.36
N SER B 141 19.65 -17.31 -15.25
CA SER B 141 18.34 -17.85 -14.88
C SER B 141 18.52 -19.10 -14.05
N ILE B 142 17.46 -19.48 -13.35
CA ILE B 142 17.43 -20.71 -12.57
C ILE B 142 16.05 -21.35 -12.73
N GLY B 143 16.02 -22.65 -12.49
CA GLY B 143 14.75 -23.37 -12.47
C GLY B 143 14.78 -24.45 -11.41
N TRP B 144 13.61 -24.69 -10.82
CA TRP B 144 13.48 -25.74 -9.82
C TRP B 144 12.46 -26.75 -10.31
N GLY B 145 12.78 -28.02 -10.09
CA GLY B 145 11.97 -29.13 -10.57
C GLY B 145 12.67 -30.44 -10.30
N GLU B 146 12.52 -31.40 -11.21
CA GLU B 146 13.08 -32.73 -11.02
C GLU B 146 13.32 -33.36 -12.39
N GLU B 147 13.88 -34.57 -12.38
CA GLU B 147 14.10 -35.30 -13.61
C GLU B 147 12.76 -35.72 -14.21
N PHE B 148 12.58 -35.43 -15.49
CA PHE B 148 11.37 -35.87 -16.19
C PHE B 148 11.24 -37.38 -16.16
N SER B 149 10.05 -37.88 -15.87
CA SER B 149 9.82 -39.31 -15.77
C SER B 149 8.44 -39.63 -16.29
N LEU B 150 8.35 -40.63 -17.18
CA LEU B 150 7.06 -41.05 -17.71
C LEU B 150 6.17 -41.68 -16.63
N SER B 151 6.77 -42.21 -15.56
CA SER B 151 5.98 -42.73 -14.45
C SER B 151 5.42 -41.63 -13.56
N LYS B 152 5.95 -40.41 -13.67
CA LYS B 152 5.54 -39.30 -12.81
C LYS B 152 4.84 -38.19 -13.56
N HIS B 153 5.23 -37.91 -14.81
CA HIS B 153 4.76 -36.75 -15.52
C HIS B 153 4.00 -37.12 -16.79
N PRO B 154 2.91 -36.42 -17.10
CA PRO B 154 2.12 -36.76 -18.29
C PRO B 154 2.80 -36.33 -19.58
N GLN B 155 2.48 -37.04 -20.65
CA GLN B 155 3.07 -36.81 -21.96
C GLN B 155 2.29 -35.74 -22.72
N GLY B 156 2.95 -34.61 -22.98
CA GLY B 156 2.42 -33.61 -23.90
C GLY B 156 3.04 -33.77 -25.27
N THR B 157 3.69 -32.71 -25.77
CA THR B 157 4.31 -32.71 -27.09
C THR B 157 5.81 -32.45 -26.95
N GLU B 158 6.60 -33.18 -27.74
CA GLU B 158 8.04 -32.98 -27.74
C GLU B 158 8.37 -31.71 -28.53
N VAL B 159 9.22 -30.87 -27.96
CA VAL B 159 9.70 -29.66 -28.65
C VAL B 159 11.01 -29.98 -29.34
N LYS B 160 11.05 -29.80 -30.67
CA LYS B 160 12.24 -30.15 -31.43
C LYS B 160 13.29 -29.05 -31.40
N ALA B 161 12.87 -27.79 -31.49
CA ALA B 161 13.86 -26.73 -31.67
C ALA B 161 13.20 -25.38 -31.53
N ILE B 162 14.02 -24.38 -31.27
CA ILE B 162 13.62 -22.97 -31.28
C ILE B 162 13.86 -22.43 -32.68
N THR B 163 13.02 -21.49 -33.13
CA THR B 163 13.20 -20.86 -34.43
C THR B 163 13.13 -19.35 -34.28
N TYR B 164 13.65 -18.66 -35.28
CA TYR B 164 13.53 -17.20 -35.38
C TYR B 164 12.30 -16.77 -36.16
N SER B 165 11.48 -17.70 -36.62
CA SER B 165 10.35 -17.35 -37.47
C SER B 165 9.42 -16.38 -36.77
N ALA B 166 9.29 -15.18 -37.32
CA ALA B 166 8.38 -14.15 -36.81
C ALA B 166 8.67 -13.81 -35.34
N MET B 167 9.92 -13.98 -34.91
CA MET B 167 10.26 -13.69 -33.52
C MET B 167 10.16 -12.20 -33.23
N GLN B 168 9.46 -11.85 -32.15
CA GLN B 168 9.25 -10.47 -31.78
C GLN B 168 9.53 -10.30 -30.29
N VAL B 169 10.35 -9.32 -29.96
CA VAL B 169 10.67 -8.98 -28.57
C VAL B 169 10.29 -7.53 -28.38
N TYR B 170 9.29 -7.28 -27.53
CA TYR B 170 8.87 -5.91 -27.23
C TYR B 170 9.34 -5.56 -25.83
N ASN B 171 10.19 -4.55 -25.75
CA ASN B 171 10.87 -4.19 -24.52
C ASN B 171 10.43 -2.82 -24.02
N GLU B 172 9.12 -2.58 -23.99
CA GLU B 172 8.60 -1.33 -23.44
C GLU B 172 7.86 -1.60 -22.15
N GLU B 173 6.73 -0.92 -21.94
CA GLU B 173 6.15 -0.86 -20.61
C GLU B 173 5.54 -2.19 -20.19
N ASN B 174 4.97 -2.94 -21.14
CA ASN B 174 4.38 -4.25 -20.89
C ASN B 174 5.15 -5.22 -21.77
N PRO B 175 6.31 -5.69 -21.32
CA PRO B 175 7.16 -6.52 -22.18
C PRO B 175 6.47 -7.83 -22.54
N GLU B 176 6.72 -8.28 -23.77
CA GLU B 176 6.14 -9.53 -24.24
C GLU B 176 6.99 -10.05 -25.38
N VAL B 177 6.94 -11.36 -25.61
CA VAL B 177 7.70 -11.98 -26.68
C VAL B 177 6.78 -12.94 -27.43
N PHE B 178 7.11 -13.16 -28.70
CA PHE B 178 6.43 -14.11 -29.57
C PHE B 178 7.51 -14.99 -30.19
N VAL B 179 7.40 -16.30 -30.01
CA VAL B 179 8.39 -17.24 -30.50
C VAL B 179 7.68 -18.43 -31.11
N ILE B 180 8.06 -18.79 -32.33
CA ILE B 180 7.60 -20.02 -32.94
C ILE B 180 8.62 -21.10 -32.64
N ILE B 181 8.15 -22.23 -32.13
CA ILE B 181 9.01 -23.36 -31.84
C ILE B 181 8.60 -24.50 -32.76
N ASP B 182 9.57 -25.32 -33.14
CA ASP B 182 9.31 -26.46 -34.02
C ASP B 182 8.82 -27.64 -33.19
N ILE B 183 7.65 -28.15 -33.54
CA ILE B 183 7.05 -29.30 -32.88
C ILE B 183 6.69 -30.37 -33.90
N SER C 4 -16.08 -11.04 -30.72
CA SER C 4 -15.87 -9.59 -30.61
C SER C 4 -15.42 -9.23 -29.19
N ARG C 5 -14.78 -10.18 -28.50
CA ARG C 5 -14.39 -9.99 -27.11
C ARG C 5 -12.87 -10.08 -26.92
N SER C 6 -12.25 -11.23 -27.16
CA SER C 6 -10.80 -11.29 -27.12
C SER C 6 -10.20 -10.48 -28.26
N TYR C 7 -8.95 -10.08 -28.10
CA TYR C 7 -8.30 -9.25 -29.12
C TYR C 7 -8.34 -9.91 -30.50
N ASN C 8 -7.97 -11.19 -30.59
CA ASN C 8 -7.99 -11.84 -31.90
C ASN C 8 -9.39 -11.95 -32.47
N ASP C 9 -10.41 -12.06 -31.60
CA ASP C 9 -11.78 -12.03 -32.09
C ASP C 9 -12.14 -10.66 -32.65
N GLU C 10 -11.59 -9.60 -32.05
CA GLU C 10 -11.84 -8.26 -32.56
C GLU C 10 -11.27 -8.09 -33.97
N LEU C 11 -10.12 -8.71 -34.22
CA LEU C 11 -9.41 -8.52 -35.48
C LEU C 11 -10.23 -9.01 -36.67
N GLN C 12 -11.25 -9.84 -36.45
CA GLN C 12 -12.07 -10.32 -37.56
C GLN C 12 -12.91 -9.20 -38.17
N PHE C 13 -13.16 -8.12 -37.43
CA PHE C 13 -13.95 -7.02 -37.94
C PHE C 13 -13.09 -5.90 -38.53
N LEU C 14 -11.77 -6.07 -38.59
CA LEU C 14 -10.85 -5.03 -39.02
C LEU C 14 -10.18 -5.43 -40.33
N GLU C 15 -10.15 -4.50 -41.30
CA GLU C 15 -9.65 -4.77 -42.64
C GLU C 15 -8.91 -3.55 -43.16
N LYS C 16 -7.67 -3.74 -43.60
CA LYS C 16 -6.94 -2.67 -44.26
C LYS C 16 -7.48 -2.49 -45.68
N ILE C 17 -7.90 -1.26 -45.99
CA ILE C 17 -8.44 -0.95 -47.31
C ILE C 17 -7.34 -0.59 -48.31
N ASN C 18 -6.39 0.24 -47.89
CA ASN C 18 -5.27 0.66 -48.72
C ASN C 18 -4.13 1.10 -47.80
N LYS C 19 -3.11 1.73 -48.39
CA LYS C 19 -1.92 2.10 -47.63
C LYS C 19 -2.21 3.08 -46.51
N ASN C 20 -3.37 3.75 -46.51
CA ASN C 20 -3.61 4.82 -45.54
C ASN C 20 -4.98 4.72 -44.87
N CYS C 21 -5.68 3.60 -44.98
CA CYS C 21 -7.02 3.54 -44.43
C CYS C 21 -7.38 2.14 -44.01
N TRP C 22 -8.01 2.03 -42.83
CA TRP C 22 -8.51 0.78 -42.27
C TRP C 22 -10.02 0.84 -42.21
N ARG C 23 -10.66 -0.33 -42.32
CA ARG C 23 -12.11 -0.44 -42.23
C ARG C 23 -12.51 -1.14 -40.94
N ILE C 24 -13.58 -0.65 -40.32
CA ILE C 24 -14.21 -1.31 -39.18
C ILE C 24 -15.57 -1.82 -39.65
N LYS C 25 -15.71 -3.14 -39.75
CA LYS C 25 -16.93 -3.74 -40.27
C LYS C 25 -18.06 -3.69 -39.25
N LYS C 26 -19.28 -3.75 -39.76
CA LYS C 26 -20.46 -3.83 -38.90
C LYS C 26 -20.39 -5.09 -38.04
N GLY C 27 -20.83 -4.97 -36.79
CA GLY C 27 -20.72 -6.04 -35.83
C GLY C 27 -19.64 -5.80 -34.80
N PHE C 28 -18.67 -4.93 -35.11
CA PHE C 28 -17.64 -4.58 -34.14
C PHE C 28 -18.25 -4.15 -32.82
N VAL C 29 -19.25 -3.27 -32.87
CA VAL C 29 -20.10 -2.94 -31.73
C VAL C 29 -21.54 -3.07 -32.20
N PRO C 30 -22.52 -3.05 -31.29
CA PRO C 30 -23.91 -3.24 -31.70
C PRO C 30 -24.47 -2.06 -32.50
N ASN C 31 -25.40 -2.40 -33.41
CA ASN C 31 -26.31 -1.46 -34.05
C ASN C 31 -25.64 -0.47 -35.00
N MET C 32 -24.50 -0.84 -35.58
CA MET C 32 -23.85 0.06 -36.54
C MET C 32 -24.71 0.24 -37.78
N GLN C 33 -25.00 1.49 -38.12
CA GLN C 33 -25.75 1.83 -39.32
C GLN C 33 -24.86 1.97 -40.55
N VAL C 34 -23.59 2.32 -40.35
CA VAL C 34 -22.59 2.37 -41.39
C VAL C 34 -21.33 1.74 -40.84
N GLU C 35 -20.31 1.64 -41.69
CA GLU C 35 -19.00 1.18 -41.27
C GLU C 35 -18.19 2.33 -40.70
N GLY C 36 -17.12 1.98 -40.00
CA GLY C 36 -16.12 2.94 -39.55
C GLY C 36 -14.85 2.78 -40.37
N VAL C 37 -14.11 3.87 -40.52
CA VAL C 37 -12.78 3.83 -41.12
C VAL C 37 -11.88 4.73 -40.29
N PHE C 38 -10.58 4.43 -40.31
CA PHE C 38 -9.60 5.37 -39.79
C PHE C 38 -8.39 5.40 -40.70
N TYR C 39 -7.89 6.60 -40.95
CA TYR C 39 -6.76 6.84 -41.83
C TYR C 39 -5.49 6.86 -41.01
N VAL C 40 -4.66 5.84 -41.17
CA VAL C 40 -3.36 5.78 -40.50
C VAL C 40 -2.41 5.11 -41.48
N ASN C 41 -1.18 5.64 -41.57
CA ASN C 41 -0.17 5.02 -42.39
C ASN C 41 0.55 3.93 -41.60
N ASP C 42 1.67 3.46 -42.13
CA ASP C 42 2.34 2.31 -41.55
C ASP C 42 2.89 2.63 -40.16
N ALA C 43 3.44 3.83 -39.99
CA ALA C 43 4.03 4.21 -38.70
C ALA C 43 2.98 4.48 -37.63
N LEU C 44 1.82 5.00 -38.00
CA LEU C 44 0.76 5.35 -37.05
C LEU C 44 -0.15 4.18 -36.73
N GLU C 45 -0.11 3.15 -37.58
CA GLU C 45 -1.02 2.02 -37.50
C GLU C 45 -0.94 1.26 -36.17
N LYS C 46 0.27 1.01 -35.69
CA LYS C 46 0.43 0.18 -34.49
C LYS C 46 -0.24 0.84 -33.28
N LEU C 47 -0.17 2.17 -33.18
CA LEU C 47 -0.75 2.87 -32.03
C LEU C 47 -2.22 2.54 -31.86
N MET C 48 -2.98 2.50 -32.97
CA MET C 48 -4.42 2.25 -32.86
C MET C 48 -4.70 0.83 -32.36
N PHE C 49 -3.90 -0.14 -32.80
CA PHE C 49 -4.12 -1.52 -32.37
C PHE C 49 -3.58 -1.78 -30.96
N GLU C 50 -2.50 -1.09 -30.58
CA GLU C 50 -2.04 -1.20 -29.21
C GLU C 50 -3.03 -0.55 -28.25
N GLU C 51 -3.62 0.58 -28.64
CA GLU C 51 -4.66 1.20 -27.83
C GLU C 51 -5.83 0.24 -27.63
N LEU C 52 -6.18 -0.51 -28.67
CA LEU C 52 -7.27 -1.48 -28.56
C LEU C 52 -6.96 -2.53 -27.51
N ARG C 53 -5.69 -2.91 -27.36
CA ARG C 53 -5.31 -3.89 -26.35
C ARG C 53 -5.30 -3.29 -24.96
N ASN C 54 -4.64 -2.14 -24.79
CA ASN C 54 -4.36 -1.64 -23.46
C ASN C 54 -5.56 -0.98 -22.79
N ALA C 55 -6.61 -0.64 -23.55
CA ALA C 55 -7.78 -0.02 -22.93
C ALA C 55 -8.59 -1.06 -22.15
N CYS C 56 -8.68 -2.27 -22.68
CA CYS C 56 -9.25 -3.38 -21.94
C CYS C 56 -8.34 -3.76 -20.78
N ARG C 57 -8.93 -4.06 -19.63
CA ARG C 57 -8.17 -4.43 -18.45
C ARG C 57 -8.71 -5.72 -17.85
N GLY C 58 -7.98 -6.23 -16.86
CA GLY C 58 -8.33 -7.52 -16.29
C GLY C 58 -9.64 -7.48 -15.53
N GLY C 59 -10.36 -8.60 -15.59
CA GLY C 59 -11.62 -8.75 -14.88
C GLY C 59 -12.59 -7.65 -15.24
N GLY C 60 -12.26 -6.88 -16.27
CA GLY C 60 -13.07 -5.74 -16.69
C GLY C 60 -13.05 -4.56 -15.74
N VAL C 61 -12.29 -4.63 -14.65
CA VAL C 61 -12.30 -3.56 -13.66
C VAL C 61 -11.33 -2.48 -14.11
N GLY C 62 -11.84 -1.27 -14.31
CA GLY C 62 -11.01 -0.20 -14.82
C GLY C 62 -11.05 -0.19 -16.34
N GLY C 63 -10.03 0.43 -16.93
CA GLY C 63 -9.92 0.49 -18.36
C GLY C 63 -10.76 1.61 -18.95
N PHE C 64 -10.54 1.86 -20.25
CA PHE C 64 -11.30 2.85 -20.99
C PHE C 64 -11.68 2.27 -22.35
N LEU C 65 -12.48 3.04 -23.09
CA LEU C 65 -12.96 2.64 -24.41
C LEU C 65 -11.96 3.11 -25.47
N PRO C 66 -11.38 2.22 -26.26
CA PRO C 66 -10.45 2.66 -27.31
C PRO C 66 -11.14 3.34 -28.48
N ALA C 67 -10.37 4.15 -29.20
CA ALA C 67 -10.90 4.91 -30.32
C ALA C 67 -11.66 4.04 -31.31
N MET C 68 -11.14 2.85 -31.62
CA MET C 68 -11.83 1.99 -32.58
C MET C 68 -13.26 1.70 -32.12
N LYS C 69 -13.44 1.42 -30.84
CA LYS C 69 -14.78 1.17 -30.32
C LYS C 69 -15.63 2.43 -30.40
N GLN C 70 -15.03 3.59 -30.11
CA GLN C 70 -15.76 4.83 -30.17
C GLN C 70 -16.18 5.16 -31.60
N ILE C 71 -15.29 4.94 -32.57
CA ILE C 71 -15.69 5.12 -33.96
C ILE C 71 -16.90 4.26 -34.28
N GLY C 72 -16.88 3.00 -33.84
CA GLY C 72 -18.01 2.12 -34.08
C GLY C 72 -19.28 2.59 -33.38
N ASN C 73 -19.17 2.97 -32.10
CA ASN C 73 -20.35 3.45 -31.38
C ASN C 73 -20.97 4.64 -32.10
N VAL C 74 -20.13 5.52 -32.64
CA VAL C 74 -20.62 6.66 -33.41
C VAL C 74 -21.29 6.19 -34.69
N ALA C 75 -20.84 5.07 -35.25
CA ALA C 75 -21.45 4.52 -36.46
C ALA C 75 -22.82 3.93 -36.19
N ALA C 76 -23.22 3.81 -34.92
CA ALA C 76 -24.54 3.32 -34.54
C ALA C 76 -25.53 4.44 -34.31
N LEU C 77 -25.09 5.70 -34.38
CA LEU C 77 -25.99 6.82 -34.13
C LEU C 77 -27.01 6.96 -35.25
N PRO C 78 -28.29 7.19 -34.91
CA PRO C 78 -29.33 7.26 -35.93
C PRO C 78 -29.16 8.41 -36.89
N GLY C 79 -29.39 8.12 -38.18
CA GLY C 79 -29.34 9.12 -39.22
C GLY C 79 -27.97 9.37 -39.83
N ILE C 80 -26.94 8.66 -39.36
CA ILE C 80 -25.61 8.83 -39.92
C ILE C 80 -25.59 8.33 -41.36
N VAL C 81 -24.76 8.96 -42.19
CA VAL C 81 -24.58 8.56 -43.58
C VAL C 81 -23.10 8.33 -43.85
N HIS C 82 -22.83 7.56 -44.90
CA HIS C 82 -21.45 7.34 -45.34
C HIS C 82 -20.65 6.49 -44.37
N ARG C 83 -19.82 7.13 -43.54
CA ARG C 83 -18.95 6.40 -42.62
C ARG C 83 -18.73 7.22 -41.36
N SER C 84 -18.49 6.52 -40.25
CA SER C 84 -17.84 7.14 -39.11
C SER C 84 -16.34 7.10 -39.33
N ILE C 85 -15.69 8.26 -39.31
CA ILE C 85 -14.34 8.41 -39.84
C ILE C 85 -13.41 8.86 -38.73
N GLY C 86 -12.37 8.06 -38.47
CA GLY C 86 -11.24 8.52 -37.68
C GLY C 86 -10.16 9.10 -38.56
N LEU C 87 -9.64 10.25 -38.18
CA LEU C 87 -8.58 10.92 -38.92
C LEU C 87 -7.21 10.54 -38.35
N PRO C 88 -6.14 10.82 -39.09
CA PRO C 88 -4.83 10.25 -38.73
C PRO C 88 -4.38 10.53 -37.31
N ASP C 89 -4.84 11.60 -36.68
CA ASP C 89 -4.49 11.89 -35.30
C ASP C 89 -5.42 11.21 -34.30
N VAL C 90 -6.29 10.31 -34.78
CA VAL C 90 -7.36 9.77 -33.96
C VAL C 90 -6.80 9.04 -32.75
N HIS C 91 -7.45 9.22 -31.60
CA HIS C 91 -7.11 8.46 -30.40
C HIS C 91 -8.31 8.50 -29.46
N SER C 92 -8.29 7.64 -28.46
CA SER C 92 -9.45 7.48 -27.61
C SER C 92 -9.82 8.80 -26.94
N GLY C 93 -11.08 9.19 -27.10
CA GLY C 93 -11.61 10.38 -26.45
C GLY C 93 -12.56 9.97 -25.35
N TYR C 94 -13.63 10.73 -25.13
CA TYR C 94 -14.59 10.39 -24.08
C TYR C 94 -16.00 10.14 -24.60
N GLY C 95 -16.21 10.19 -25.91
CA GLY C 95 -17.50 9.83 -26.49
C GLY C 95 -17.34 9.48 -27.96
N PHE C 96 -17.27 10.51 -28.80
CA PHE C 96 -16.53 10.37 -30.05
C PHE C 96 -15.07 10.14 -29.72
N ALA C 97 -14.34 9.50 -30.64
CA ALA C 97 -12.90 9.50 -30.49
C ALA C 97 -12.38 10.89 -30.77
N ILE C 98 -11.19 11.19 -30.26
CA ILE C 98 -10.54 12.43 -30.65
C ILE C 98 -10.06 12.29 -32.09
N GLY C 99 -10.59 13.11 -32.98
CA GLY C 99 -10.29 13.00 -34.40
C GLY C 99 -11.33 12.19 -35.14
N ASN C 100 -12.60 12.46 -34.87
CA ASN C 100 -13.70 11.64 -35.34
C ASN C 100 -14.75 12.52 -35.98
N MET C 101 -15.18 12.19 -37.19
CA MET C 101 -16.20 12.93 -37.90
C MET C 101 -17.38 12.02 -38.17
N ALA C 102 -18.58 12.56 -37.96
CA ALA C 102 -19.80 11.84 -38.32
C ALA C 102 -20.82 12.86 -38.82
N ALA C 103 -21.49 12.52 -39.91
CA ALA C 103 -22.44 13.42 -40.57
C ALA C 103 -23.81 12.76 -40.61
N PHE C 104 -24.85 13.56 -40.40
CA PHE C 104 -26.21 13.07 -40.27
C PHE C 104 -27.13 13.77 -41.27
N ASP C 105 -28.00 13.00 -41.92
CA ASP C 105 -28.89 13.54 -42.94
C ASP C 105 -30.05 14.24 -42.26
N MET C 106 -30.11 15.56 -42.42
CA MET C 106 -31.13 16.38 -41.76
C MET C 106 -32.53 16.20 -42.33
N ASN C 107 -32.67 15.47 -43.44
CA ASN C 107 -33.98 15.12 -43.95
C ASN C 107 -34.41 13.71 -43.54
N ASP C 108 -33.57 13.00 -42.80
CA ASP C 108 -33.98 11.79 -42.10
C ASP C 108 -34.54 12.22 -40.75
N PRO C 109 -35.85 12.08 -40.51
CA PRO C 109 -36.42 12.61 -39.25
C PRO C 109 -35.86 11.95 -38.00
N GLU C 110 -35.15 10.84 -38.12
CA GLU C 110 -34.53 10.19 -36.97
C GLU C 110 -33.11 10.64 -36.73
N ALA C 111 -32.54 11.45 -37.62
CA ALA C 111 -31.17 11.91 -37.45
C ALA C 111 -31.05 12.70 -36.14
N VAL C 112 -29.94 12.51 -35.44
CA VAL C 112 -29.74 13.08 -34.12
C VAL C 112 -28.59 14.08 -34.18
N VAL C 113 -28.48 14.87 -33.11
CA VAL C 113 -27.31 15.69 -32.84
C VAL C 113 -26.75 15.26 -31.49
N SER C 114 -25.45 15.04 -31.44
CA SER C 114 -24.78 14.54 -30.24
C SER C 114 -23.78 15.56 -29.72
N PRO C 115 -24.02 16.17 -28.56
CA PRO C 115 -23.00 17.09 -28.01
C PRO C 115 -21.63 16.43 -27.90
N GLY C 116 -21.57 15.15 -27.55
CA GLY C 116 -20.30 14.45 -27.54
C GLY C 116 -19.65 14.40 -28.91
N GLY C 117 -20.40 14.76 -29.94
CA GLY C 117 -19.80 14.86 -31.26
C GLY C 117 -19.12 16.18 -31.45
N VAL C 118 -19.50 17.17 -30.64
CA VAL C 118 -18.80 18.44 -30.59
C VAL C 118 -17.76 18.48 -29.47
N GLY C 119 -18.10 18.01 -28.27
CA GLY C 119 -17.15 18.02 -27.17
C GLY C 119 -17.44 19.13 -26.17
N PHE C 120 -16.73 19.08 -25.04
CA PHE C 120 -16.95 20.10 -24.01
C PHE C 120 -16.27 21.42 -24.35
N ASP C 121 -15.10 21.39 -25.00
CA ASP C 121 -14.41 22.60 -25.45
C ASP C 121 -14.99 22.98 -26.81
N ILE C 122 -16.20 23.56 -26.78
CA ILE C 122 -16.92 23.86 -28.01
C ILE C 122 -16.17 24.90 -28.82
N ASN C 123 -15.97 24.61 -30.10
CA ASN C 123 -15.33 25.52 -31.04
C ASN C 123 -13.89 25.82 -30.65
N CYS C 124 -13.26 24.92 -29.91
CA CYS C 124 -11.83 25.04 -29.70
C CYS C 124 -11.12 25.01 -31.05
N GLY C 125 -10.14 25.89 -31.21
CA GLY C 125 -9.59 26.07 -32.54
C GLY C 125 -8.19 26.65 -32.49
N VAL C 126 -7.62 26.79 -33.69
CA VAL C 126 -6.25 27.26 -33.87
C VAL C 126 -6.27 28.46 -34.80
N ARG C 127 -5.56 29.51 -34.41
CA ARG C 127 -5.38 30.71 -35.22
C ARG C 127 -3.90 30.88 -35.51
N LEU C 128 -3.57 31.10 -36.78
CA LEU C 128 -2.21 31.36 -37.19
C LEU C 128 -2.08 32.82 -37.60
N LEU C 129 -1.10 33.51 -37.02
CA LEU C 129 -0.78 34.88 -37.38
C LEU C 129 0.57 34.89 -38.07
N ARG C 130 0.77 35.87 -38.94
CA ARG C 130 2.07 36.07 -39.55
C ARG C 130 2.64 37.40 -39.09
N THR C 131 3.94 37.56 -39.26
CA THR C 131 4.64 38.80 -39.02
C THR C 131 5.59 39.05 -40.19
N ASN C 132 6.12 40.27 -40.26
CA ASN C 132 7.19 40.57 -41.20
C ASN C 132 8.57 40.45 -40.58
N LEU C 133 8.66 39.82 -39.40
CA LEU C 133 9.93 39.56 -38.73
C LEU C 133 10.53 38.25 -39.21
N ASP C 134 11.85 38.12 -39.02
CA ASP C 134 12.57 36.89 -39.28
C ASP C 134 13.20 36.35 -37.99
N GLU C 135 13.62 35.10 -38.05
CA GLU C 135 14.25 34.48 -36.89
C GLU C 135 15.44 35.29 -36.40
N SER C 136 16.20 35.89 -37.33
CA SER C 136 17.33 36.71 -36.92
C SER C 136 16.89 37.93 -36.13
N ASP C 137 15.65 38.39 -36.34
CA ASP C 137 15.13 39.52 -35.58
C ASP C 137 14.66 39.11 -34.19
N VAL C 138 14.30 37.85 -34.01
CA VAL C 138 13.71 37.39 -32.76
C VAL C 138 14.74 36.70 -31.87
N GLN C 139 15.67 35.95 -32.48
CA GLN C 139 16.69 35.25 -31.69
C GLN C 139 17.36 36.12 -30.64
N PRO C 140 17.68 37.39 -30.91
CA PRO C 140 18.30 38.22 -29.86
C PRO C 140 17.41 38.46 -28.66
N VAL C 141 16.10 38.31 -28.79
CA VAL C 141 15.17 38.66 -27.73
C VAL C 141 14.20 37.51 -27.51
N LYS C 142 14.69 36.28 -27.70
CA LYS C 142 13.84 35.10 -27.59
C LYS C 142 13.25 34.96 -26.19
N GLU C 143 14.11 34.96 -25.16
CA GLU C 143 13.62 34.84 -23.79
C GLU C 143 12.75 36.04 -23.42
N GLN C 144 13.17 37.23 -23.81
CA GLN C 144 12.39 38.44 -23.51
C GLN C 144 11.00 38.36 -24.12
N LEU C 145 10.90 37.87 -25.36
CA LEU C 145 9.61 37.81 -26.03
C LEU C 145 8.70 36.76 -25.39
N ALA C 146 9.26 35.60 -25.04
CA ALA C 146 8.47 34.61 -24.32
C ALA C 146 7.92 35.17 -23.01
N GLN C 147 8.74 35.93 -22.29
CA GLN C 147 8.30 36.50 -21.02
C GLN C 147 7.22 37.56 -21.23
N ALA C 148 7.33 38.36 -22.30
CA ALA C 148 6.31 39.37 -22.57
C ALA C 148 4.98 38.72 -22.91
N MET C 149 5.01 37.64 -23.70
CA MET C 149 3.79 36.88 -23.97
C MET C 149 3.19 36.35 -22.68
N PHE C 150 4.01 35.68 -21.87
CA PHE C 150 3.51 35.15 -20.60
C PHE C 150 2.93 36.24 -19.72
N ASP C 151 3.54 37.44 -19.75
CA ASP C 151 3.06 38.54 -18.92
C ASP C 151 1.75 39.11 -19.43
N HIS C 152 1.49 39.01 -20.74
CA HIS C 152 0.31 39.61 -21.35
C HIS C 152 -0.89 38.67 -21.40
N ILE C 153 -0.66 37.36 -21.39
CA ILE C 153 -1.71 36.36 -21.62
C ILE C 153 -1.98 35.63 -20.31
N PRO C 154 -3.20 35.70 -19.78
CA PRO C 154 -3.53 34.86 -18.62
C PRO C 154 -3.61 33.40 -19.02
N VAL C 155 -2.81 32.55 -18.36
CA VAL C 155 -2.77 31.13 -18.68
C VAL C 155 -2.93 30.31 -17.42
N GLY C 156 -3.53 29.13 -17.57
CA GLY C 156 -3.59 28.16 -16.50
C GLY C 156 -4.83 28.29 -15.64
N VAL C 157 -5.02 27.27 -14.78
CA VAL C 157 -6.20 27.21 -13.94
C VAL C 157 -6.26 28.42 -13.03
N GLY C 158 -7.46 28.99 -12.90
CA GLY C 158 -7.69 30.12 -12.04
C GLY C 158 -7.45 31.47 -12.69
N SER C 159 -6.91 31.51 -13.90
CA SER C 159 -6.65 32.79 -14.55
C SER C 159 -7.96 33.49 -14.90
N LYS C 160 -7.91 34.81 -14.91
CA LYS C 160 -9.06 35.65 -15.22
C LYS C 160 -8.63 36.71 -16.23
N GLY C 161 -9.60 37.23 -16.97
CA GLY C 161 -9.28 38.18 -18.03
C GLY C 161 -8.72 39.48 -17.46
N VAL C 162 -7.75 40.05 -18.17
CA VAL C 162 -7.14 41.29 -17.72
C VAL C 162 -7.96 42.50 -18.17
N ILE C 163 -8.63 42.41 -19.32
CA ILE C 163 -9.55 43.45 -19.76
C ILE C 163 -10.89 43.24 -19.04
N PRO C 164 -11.36 44.21 -18.28
CA PRO C 164 -12.59 44.01 -17.50
C PRO C 164 -13.80 43.75 -18.38
N MET C 165 -14.68 42.85 -17.91
CA MET C 165 -15.83 42.39 -18.66
C MET C 165 -17.05 42.31 -17.75
N ASN C 166 -18.21 42.75 -18.24
CA ASN C 166 -19.45 42.62 -17.48
C ASN C 166 -20.45 41.76 -18.25
N ALA C 167 -21.59 41.49 -17.59
CA ALA C 167 -22.61 40.61 -18.16
C ALA C 167 -23.11 41.12 -19.51
N LYS C 168 -23.27 42.44 -19.64
CA LYS C 168 -23.70 43.02 -20.92
C LYS C 168 -22.70 42.66 -22.02
N ASP C 169 -21.41 42.87 -21.76
CA ASP C 169 -20.38 42.49 -22.73
C ASP C 169 -20.48 41.03 -23.10
N LEU C 170 -20.66 40.15 -22.11
CA LEU C 170 -20.74 38.73 -22.40
C LEU C 170 -21.92 38.42 -23.30
N GLU C 171 -23.07 39.03 -23.02
CA GLU C 171 -24.26 38.81 -23.84
C GLU C 171 -24.04 39.28 -25.28
N GLU C 172 -23.32 40.39 -25.46
CA GLU C 172 -23.05 40.88 -26.81
C GLU C 172 -22.01 40.01 -27.51
N ALA C 173 -20.99 39.57 -26.79
CA ALA C 173 -20.00 38.67 -27.36
C ALA C 173 -20.65 37.36 -27.80
N LEU C 174 -21.62 36.86 -27.03
CA LEU C 174 -22.33 35.65 -27.40
C LEU C 174 -23.15 35.82 -28.67
N GLU C 175 -23.67 37.02 -28.91
CA GLU C 175 -24.48 37.28 -30.10
C GLU C 175 -23.64 37.69 -31.31
N MET C 176 -22.59 38.47 -31.09
CA MET C 176 -21.88 39.11 -32.19
C MET C 176 -20.58 38.42 -32.58
N GLY C 177 -20.01 37.61 -31.71
CA GLY C 177 -18.72 37.02 -32.00
C GLY C 177 -17.68 38.11 -32.22
N VAL C 178 -16.81 37.90 -33.23
CA VAL C 178 -15.72 38.83 -33.46
C VAL C 178 -16.22 40.23 -33.78
N ASP C 179 -17.48 40.37 -34.22
CA ASP C 179 -18.03 41.70 -34.44
C ASP C 179 -17.97 42.53 -33.17
N TRP C 180 -18.16 41.90 -32.01
CA TRP C 180 -17.99 42.62 -30.76
C TRP C 180 -16.55 43.09 -30.60
N SER C 181 -15.60 42.19 -30.83
CA SER C 181 -14.19 42.55 -30.73
C SER C 181 -13.85 43.69 -31.69
N LEU C 182 -14.43 43.68 -32.88
CA LEU C 182 -14.20 44.74 -33.85
C LEU C 182 -14.76 46.07 -33.35
N ARG C 183 -16.00 46.06 -32.88
CA ARG C 183 -16.62 47.31 -32.41
C ARG C 183 -15.84 47.92 -31.26
N GLU C 184 -15.32 47.08 -30.36
CA GLU C 184 -14.64 47.56 -29.16
C GLU C 184 -13.16 47.84 -29.39
N GLY C 185 -12.66 47.61 -30.59
CA GLY C 185 -11.30 47.95 -30.93
C GLY C 185 -10.25 46.91 -30.60
N TYR C 186 -10.66 45.67 -30.30
CA TYR C 186 -9.70 44.62 -30.03
C TYR C 186 -9.36 43.78 -31.25
N ALA C 187 -10.07 43.96 -32.36
CA ALA C 187 -9.81 43.21 -33.58
C ALA C 187 -9.74 44.17 -34.77
N TRP C 188 -9.06 43.74 -35.82
CA TRP C 188 -9.02 44.45 -37.08
C TRP C 188 -10.02 43.85 -38.04
N ALA C 189 -10.44 44.63 -39.03
CA ALA C 189 -11.39 44.13 -40.02
C ALA C 189 -10.79 42.96 -40.80
N GLU C 190 -9.48 43.02 -41.08
CA GLU C 190 -8.84 41.93 -41.80
C GLU C 190 -8.88 40.63 -41.00
N ASP C 191 -8.93 40.72 -39.66
CA ASP C 191 -9.04 39.52 -38.85
C ASP C 191 -10.33 38.77 -39.15
N LYS C 192 -11.47 39.48 -39.15
CA LYS C 192 -12.74 38.83 -39.41
C LYS C 192 -12.76 38.18 -40.78
N GLU C 193 -12.11 38.80 -41.76
CA GLU C 193 -12.16 38.30 -43.14
C GLU C 193 -11.45 36.96 -43.29
N HIS C 194 -10.43 36.68 -42.47
CA HIS C 194 -9.70 35.44 -42.54
C HIS C 194 -10.02 34.53 -41.35
N CYS C 195 -11.25 34.59 -40.87
CA CYS C 195 -11.71 33.78 -39.75
C CYS C 195 -12.85 32.88 -40.23
N GLU C 196 -12.78 31.60 -39.85
CA GLU C 196 -13.81 30.66 -40.25
C GLU C 196 -15.16 31.18 -39.75
N GLU C 197 -16.18 31.03 -40.60
CA GLU C 197 -17.50 31.60 -40.31
C GLU C 197 -17.47 33.11 -40.19
N TYR C 198 -16.36 33.75 -40.59
CA TYR C 198 -16.15 35.18 -40.36
C TYR C 198 -16.33 35.54 -38.89
N GLY C 199 -16.04 34.59 -38.00
CA GLY C 199 -16.02 34.84 -36.58
C GLY C 199 -17.34 35.19 -35.96
N ARG C 200 -18.45 34.83 -36.60
CA ARG C 200 -19.78 35.05 -36.02
C ARG C 200 -20.74 34.09 -36.68
N MET C 201 -21.37 33.22 -35.90
CA MET C 201 -22.42 32.34 -36.39
C MET C 201 -23.76 32.97 -36.05
N LEU C 202 -24.56 33.26 -37.09
CA LEU C 202 -25.81 33.97 -36.87
C LEU C 202 -26.85 33.09 -36.18
N GLN C 203 -26.62 31.78 -36.11
CA GLN C 203 -27.52 30.88 -35.40
C GLN C 203 -27.46 31.05 -33.89
N ALA C 204 -26.45 31.75 -33.39
CA ALA C 204 -26.25 31.86 -31.95
C ALA C 204 -27.43 32.57 -31.29
N ASP C 205 -27.94 31.98 -30.20
CA ASP C 205 -28.98 32.60 -29.39
C ASP C 205 -28.49 32.63 -27.95
N PRO C 206 -28.04 33.78 -27.44
CA PRO C 206 -27.56 33.84 -26.05
C PRO C 206 -28.57 33.39 -25.02
N ASN C 207 -29.87 33.45 -25.32
CA ASN C 207 -30.89 32.99 -24.38
C ASN C 207 -30.92 31.47 -24.25
N LYS C 208 -30.20 30.73 -25.09
CA LYS C 208 -30.11 29.30 -24.95
C LYS C 208 -28.89 28.87 -24.14
N VAL C 209 -28.11 29.84 -23.66
CA VAL C 209 -26.98 29.61 -22.78
C VAL C 209 -27.42 29.82 -21.34
N SER C 210 -27.20 28.82 -20.49
CA SER C 210 -27.72 28.87 -19.13
C SER C 210 -26.99 29.93 -18.29
N ALA C 211 -27.64 30.32 -17.19
CA ALA C 211 -27.01 31.26 -16.27
C ALA C 211 -25.70 30.70 -15.72
N ARG C 212 -25.66 29.39 -15.45
CA ARG C 212 -24.44 28.77 -14.96
C ARG C 212 -23.28 28.94 -15.93
N ALA C 213 -23.54 28.69 -17.22
CA ALA C 213 -22.48 28.83 -18.21
C ALA C 213 -21.96 30.26 -18.26
N LYS C 214 -22.88 31.24 -18.22
CA LYS C 214 -22.47 32.63 -18.26
C LYS C 214 -21.68 33.01 -17.01
N LYS C 215 -21.98 32.39 -15.88
CA LYS C 215 -21.24 32.65 -14.65
C LYS C 215 -19.85 32.02 -14.69
N ARG C 216 -19.72 30.83 -15.29
CA ARG C 216 -18.37 30.29 -15.49
C ARG C 216 -17.61 31.08 -16.53
N GLY C 217 -18.31 31.53 -17.57
CA GLY C 217 -17.64 32.12 -18.72
C GLY C 217 -17.15 33.53 -18.51
N LEU C 218 -17.86 34.33 -17.71
CA LEU C 218 -17.53 35.74 -17.58
C LEU C 218 -16.09 35.95 -17.14
N PRO C 219 -15.64 35.41 -16.00
CA PRO C 219 -14.25 35.65 -15.57
C PRO C 219 -13.21 35.08 -16.52
N GLN C 220 -13.58 34.14 -17.38
CA GLN C 220 -12.61 33.42 -18.20
C GLN C 220 -12.51 33.94 -19.63
N LEU C 221 -13.35 34.89 -20.04
CA LEU C 221 -13.25 35.44 -21.39
C LEU C 221 -11.96 36.25 -21.51
N GLY C 222 -11.14 35.95 -22.50
CA GLY C 222 -9.84 36.56 -22.59
C GLY C 222 -8.74 35.84 -21.85
N THR C 223 -8.88 34.52 -21.66
CA THR C 223 -7.86 33.72 -21.02
C THR C 223 -7.54 32.53 -21.91
N LEU C 224 -6.30 32.05 -21.82
CA LEU C 224 -5.85 30.96 -22.68
C LEU C 224 -6.41 29.62 -22.21
N GLY C 225 -6.52 29.43 -20.90
CA GLY C 225 -6.89 28.15 -20.35
C GLY C 225 -5.68 27.33 -19.96
N ALA C 226 -5.89 26.02 -19.86
CA ALA C 226 -4.86 25.07 -19.50
C ALA C 226 -4.84 23.93 -20.51
N GLY C 227 -4.46 22.74 -20.06
CA GLY C 227 -4.45 21.61 -20.99
C GLY C 227 -3.36 21.76 -22.03
N ASN C 228 -3.71 21.43 -23.28
CA ASN C 228 -2.79 21.59 -24.39
C ASN C 228 -2.91 22.94 -25.09
N HIS C 229 -3.68 23.87 -24.53
CA HIS C 229 -3.77 25.20 -25.11
C HIS C 229 -2.41 25.90 -25.05
N TYR C 230 -2.16 26.76 -26.04
CA TYR C 230 -0.83 27.35 -26.14
C TYR C 230 -0.86 28.59 -27.03
N ALA C 231 0.19 29.37 -26.91
CA ALA C 231 0.53 30.43 -27.87
C ALA C 231 1.99 30.21 -28.23
N GLU C 232 2.26 29.88 -29.48
CA GLU C 232 3.58 29.43 -29.90
C GLU C 232 4.08 30.34 -31.01
N ILE C 233 5.27 30.93 -30.80
CA ILE C 233 5.97 31.68 -31.83
C ILE C 233 6.79 30.71 -32.67
N GLN C 234 6.59 30.76 -33.98
CA GLN C 234 7.13 29.76 -34.89
C GLN C 234 7.94 30.43 -35.98
N VAL C 235 8.70 29.62 -36.71
CA VAL C 235 9.53 30.09 -37.80
C VAL C 235 9.26 29.21 -39.01
N VAL C 236 9.07 29.84 -40.16
CA VAL C 236 8.84 29.06 -41.38
C VAL C 236 10.12 28.29 -41.68
N ASP C 237 9.99 26.97 -41.80
CA ASP C 237 11.16 26.13 -41.99
C ASP C 237 11.23 25.49 -43.36
N GLU C 238 10.10 25.34 -44.04
CA GLU C 238 10.07 24.73 -45.36
C GLU C 238 8.74 25.09 -46.00
N ILE C 239 8.77 25.39 -47.29
CA ILE C 239 7.57 25.71 -48.06
C ILE C 239 7.37 24.64 -49.12
N PHE C 240 6.26 23.91 -49.02
CA PHE C 240 5.94 22.87 -50.00
C PHE C 240 5.07 23.38 -51.14
N ASN C 241 4.35 24.48 -50.93
CA ASN C 241 3.42 25.01 -51.92
C ASN C 241 3.60 26.53 -51.92
N GLU C 242 4.60 27.01 -52.67
CA GLU C 242 4.91 28.43 -52.70
C GLU C 242 3.69 29.25 -53.12
N TYR C 243 2.91 28.74 -54.07
CA TYR C 243 1.71 29.46 -54.48
C TYR C 243 0.78 29.69 -53.29
N ALA C 244 0.52 28.64 -52.51
CA ALA C 244 -0.36 28.77 -51.36
C ALA C 244 0.25 29.63 -50.27
N ALA C 245 1.53 29.41 -49.97
CA ALA C 245 2.18 30.22 -48.94
C ALA C 245 2.12 31.70 -49.28
N LYS C 246 2.22 32.03 -50.58
CA LYS C 246 2.20 33.42 -50.98
C LYS C 246 0.81 34.04 -50.81
N LYS C 247 -0.24 33.27 -51.08
CA LYS C 247 -1.59 33.75 -50.79
C LYS C 247 -1.78 34.00 -49.30
N MET C 248 -1.06 33.29 -48.44
CA MET C 248 -1.14 33.47 -46.99
C MET C 248 -0.20 34.55 -46.47
N GLY C 249 0.64 35.14 -47.30
CA GLY C 249 1.58 36.14 -46.85
C GLY C 249 2.91 35.59 -46.39
N ILE C 250 3.17 34.30 -46.62
CA ILE C 250 4.45 33.68 -46.32
C ILE C 250 5.28 33.67 -47.59
N ASP C 251 6.42 34.36 -47.57
CA ASP C 251 7.29 34.45 -48.74
C ASP C 251 8.59 33.68 -48.60
N HIS C 252 9.31 33.82 -47.48
CA HIS C 252 10.62 33.19 -47.32
C HIS C 252 10.68 32.32 -46.07
N LYS C 253 11.53 31.29 -46.14
CA LYS C 253 11.92 30.56 -44.94
C LYS C 253 12.61 31.51 -43.95
N GLY C 254 12.29 31.34 -42.67
CA GLY C 254 12.79 32.21 -41.63
C GLY C 254 11.81 33.25 -41.16
N GLN C 255 10.66 33.36 -41.82
CA GLN C 255 9.62 34.29 -41.40
C GLN C 255 8.95 33.81 -40.12
N VAL C 256 8.59 34.78 -39.26
CA VAL C 256 8.08 34.51 -37.92
C VAL C 256 6.56 34.54 -37.92
N CYS C 257 5.94 33.51 -37.34
CA CYS C 257 4.50 33.40 -37.20
C CYS C 257 4.13 33.10 -35.75
N VAL C 258 2.86 33.24 -35.42
CA VAL C 258 2.33 32.92 -34.10
C VAL C 258 1.10 32.03 -34.24
N MET C 259 1.11 30.88 -33.57
CA MET C 259 -0.01 29.95 -33.58
C MET C 259 -0.65 29.95 -32.20
N ILE C 260 -1.95 30.22 -32.14
CA ILE C 260 -2.69 30.34 -30.89
C ILE C 260 -3.80 29.28 -30.89
N HIS C 261 -3.91 28.54 -29.78
CA HIS C 261 -4.85 27.43 -29.69
C HIS C 261 -5.65 27.56 -28.39
N SER C 262 -6.95 27.86 -28.52
CA SER C 262 -7.82 27.99 -27.36
C SER C 262 -9.28 27.84 -27.79
N GLY C 263 -10.17 27.76 -26.79
CA GLY C 263 -11.58 27.50 -27.02
C GLY C 263 -12.58 28.33 -26.24
N SER C 264 -13.74 27.74 -25.95
CA SER C 264 -14.86 28.45 -25.34
C SER C 264 -14.84 28.39 -23.82
N ARG C 265 -13.79 27.85 -23.21
CA ARG C 265 -13.58 27.95 -21.76
C ARG C 265 -14.80 27.43 -21.00
N GLY C 266 -15.02 27.97 -19.80
CA GLY C 266 -16.06 27.44 -18.92
C GLY C 266 -17.47 27.59 -19.45
N LEU C 267 -17.73 28.63 -20.26
CA LEU C 267 -19.05 28.78 -20.86
C LEU C 267 -19.38 27.62 -21.78
N GLY C 268 -18.45 27.28 -22.67
CA GLY C 268 -18.69 26.18 -23.58
C GLY C 268 -18.76 24.84 -22.87
N HIS C 269 -17.88 24.63 -21.88
CA HIS C 269 -17.95 23.40 -21.10
C HIS C 269 -19.32 23.24 -20.46
N GLN C 270 -19.87 24.32 -19.90
CA GLN C 270 -21.18 24.22 -19.25
C GLN C 270 -22.29 24.06 -20.27
N VAL C 271 -22.22 24.77 -21.41
CA VAL C 271 -23.22 24.59 -22.46
C VAL C 271 -23.29 23.12 -22.85
N ALA C 272 -22.12 22.49 -23.04
CA ALA C 272 -22.08 21.07 -23.38
C ALA C 272 -22.60 20.21 -22.23
N THR C 273 -22.22 20.53 -21.00
CA THR C 273 -22.70 19.79 -19.85
C THR C 273 -24.21 19.88 -19.73
N ASP C 274 -24.76 21.09 -19.86
CA ASP C 274 -26.20 21.26 -19.76
C ASP C 274 -26.92 20.43 -20.81
N ALA C 275 -26.41 20.42 -22.04
CA ALA C 275 -27.08 19.67 -23.10
C ALA C 275 -26.98 18.17 -22.86
N LEU C 276 -25.83 17.69 -22.38
CA LEU C 276 -25.70 16.28 -22.05
C LEU C 276 -26.77 15.85 -21.06
N VAL C 277 -27.02 16.67 -20.03
CA VAL C 277 -28.02 16.33 -19.01
C VAL C 277 -29.42 16.35 -19.62
N ALA C 278 -29.71 17.37 -20.43
CA ALA C 278 -31.03 17.48 -21.05
C ALA C 278 -31.29 16.39 -22.08
N MET C 279 -30.24 15.85 -22.71
CA MET C 279 -30.46 14.91 -23.82
C MET C 279 -30.97 13.56 -23.34
N GLU C 280 -30.56 13.14 -22.15
CA GLU C 280 -31.04 11.87 -21.62
C GLU C 280 -32.57 11.85 -21.52
N LYS C 281 -33.17 12.98 -21.17
CA LYS C 281 -34.64 13.07 -21.11
C LYS C 281 -35.28 13.05 -22.49
N ALA C 282 -34.53 13.33 -23.55
CA ALA C 282 -35.12 13.33 -24.88
C ALA C 282 -34.86 12.02 -25.59
N MET C 283 -33.97 11.19 -25.04
CA MET C 283 -33.75 9.85 -25.53
C MET C 283 -34.86 8.93 -25.03
N LYS C 284 -35.25 9.10 -23.76
CA LYS C 284 -36.37 8.35 -23.22
C LYS C 284 -37.65 8.63 -24.01
N ARG C 285 -37.99 9.91 -24.19
CA ARG C 285 -39.19 10.25 -24.95
C ARG C 285 -39.11 9.73 -26.38
N ASP C 286 -38.09 10.16 -27.13
CA ASP C 286 -37.98 9.81 -28.53
C ASP C 286 -37.46 8.40 -28.77
N LYS C 287 -37.22 7.61 -27.72
CA LYS C 287 -36.85 6.20 -27.86
C LYS C 287 -35.56 6.04 -28.68
N ILE C 288 -34.49 6.64 -28.19
CA ILE C 288 -33.17 6.60 -28.83
C ILE C 288 -32.26 5.69 -28.03
N ILE C 289 -31.62 4.73 -28.71
CA ILE C 289 -30.67 3.82 -28.10
C ILE C 289 -29.25 4.20 -28.52
N VAL C 290 -28.33 4.19 -27.56
CA VAL C 290 -26.92 4.43 -27.83
C VAL C 290 -26.10 3.40 -27.07
N ASN C 291 -24.87 3.18 -27.54
CA ASN C 291 -23.95 2.22 -26.96
C ASN C 291 -23.10 2.80 -25.84
N ASP C 292 -23.09 4.11 -25.67
CA ASP C 292 -22.24 4.77 -24.69
C ASP C 292 -23.00 5.97 -24.16
N ARG C 293 -23.19 6.02 -22.84
CA ARG C 293 -23.99 7.07 -22.26
C ARG C 293 -23.48 8.45 -22.63
N GLN C 294 -22.17 8.58 -22.83
CA GLN C 294 -21.59 9.85 -23.23
C GLN C 294 -22.04 10.29 -24.63
N LEU C 295 -22.63 9.40 -25.43
CA LEU C 295 -23.16 9.76 -26.73
C LEU C 295 -24.62 10.21 -26.67
N ALA C 296 -25.12 10.57 -25.49
CA ALA C 296 -26.50 11.05 -25.35
C ALA C 296 -26.81 12.10 -26.40
N CYS C 297 -28.00 11.98 -27.02
CA CYS C 297 -28.34 12.79 -28.18
C CYS C 297 -29.84 12.98 -28.23
N ALA C 298 -30.28 13.78 -29.20
CA ALA C 298 -31.71 14.03 -29.44
C ALA C 298 -31.92 14.22 -30.94
N ARG C 299 -33.16 14.03 -31.38
CA ARG C 299 -33.48 14.32 -32.78
C ARG C 299 -33.13 15.76 -33.08
N ILE C 300 -32.61 16.00 -34.28
CA ILE C 300 -32.09 17.32 -34.61
C ILE C 300 -33.18 18.38 -34.48
N ALA C 301 -34.41 18.05 -34.88
CA ALA C 301 -35.49 19.02 -34.85
C ALA C 301 -36.18 19.13 -33.50
N SER C 302 -35.82 18.28 -32.54
CA SER C 302 -36.44 18.35 -31.23
C SER C 302 -36.04 19.65 -30.53
N PRO C 303 -36.80 20.07 -29.52
CA PRO C 303 -36.39 21.25 -28.74
C PRO C 303 -35.01 21.11 -28.11
N GLU C 304 -34.65 19.91 -27.64
CA GLU C 304 -33.32 19.72 -27.06
C GLU C 304 -32.24 19.89 -28.11
N GLY C 305 -32.45 19.31 -29.30
CA GLY C 305 -31.46 19.45 -30.36
C GLY C 305 -31.33 20.89 -30.83
N GLN C 306 -32.46 21.57 -31.02
CA GLN C 306 -32.43 22.96 -31.46
C GLN C 306 -31.87 23.87 -30.36
N ASP C 307 -32.26 23.64 -29.11
CA ASP C 307 -31.69 24.43 -28.02
C ASP C 307 -30.19 24.25 -27.93
N TYR C 308 -29.70 23.01 -28.09
CA TYR C 308 -28.27 22.78 -28.04
C TYR C 308 -27.55 23.49 -29.18
N LEU C 309 -28.04 23.32 -30.41
CA LEU C 309 -27.36 23.90 -31.57
C LEU C 309 -27.23 25.41 -31.46
N LYS C 310 -28.26 26.07 -30.93
CA LYS C 310 -28.20 27.52 -30.77
C LYS C 310 -27.21 27.92 -29.67
N GLY C 311 -27.16 27.17 -28.57
CA GLY C 311 -26.17 27.46 -27.54
C GLY C 311 -24.76 27.10 -27.97
N MET C 312 -24.62 26.01 -28.74
CA MET C 312 -23.33 25.67 -29.33
C MET C 312 -22.78 26.83 -30.15
N ALA C 313 -23.63 27.41 -31.00
CA ALA C 313 -23.18 28.53 -31.83
C ALA C 313 -22.83 29.74 -30.98
N ALA C 314 -23.58 29.98 -29.92
CA ALA C 314 -23.23 31.07 -29.01
C ALA C 314 -21.87 30.82 -28.37
N ALA C 315 -21.59 29.58 -27.98
CA ALA C 315 -20.27 29.26 -27.44
C ALA C 315 -19.20 29.43 -28.50
N GLY C 316 -19.52 29.12 -29.76
CA GLY C 316 -18.57 29.38 -30.83
C GLY C 316 -18.22 30.85 -30.93
N ASN C 317 -19.22 31.71 -30.83
CA ASN C 317 -18.95 33.15 -30.85
C ASN C 317 -18.05 33.55 -29.68
N TYR C 318 -18.28 32.94 -28.52
CA TYR C 318 -17.40 33.16 -27.37
C TYR C 318 -15.97 32.74 -27.69
N ALA C 319 -15.81 31.57 -28.32
CA ALA C 319 -14.47 31.08 -28.64
C ALA C 319 -13.75 32.03 -29.60
N TRP C 320 -14.47 32.58 -30.57
CA TRP C 320 -13.84 33.51 -31.50
C TRP C 320 -13.45 34.81 -30.80
N VAL C 321 -14.32 35.33 -29.94
CA VAL C 321 -13.96 36.51 -29.15
C VAL C 321 -12.75 36.20 -28.27
N ASN C 322 -12.71 34.99 -27.69
CA ASN C 322 -11.59 34.64 -26.83
C ASN C 322 -10.29 34.58 -27.61
N ARG C 323 -10.31 33.98 -28.81
CA ARG C 323 -9.08 33.95 -29.61
C ARG C 323 -8.74 35.34 -30.14
N SER C 324 -9.74 36.16 -30.43
CA SER C 324 -9.45 37.55 -30.79
C SER C 324 -8.74 38.26 -29.64
N SER C 325 -9.16 37.96 -28.41
CA SER C 325 -8.49 38.55 -27.25
C SER C 325 -7.04 38.10 -27.15
N MET C 326 -6.77 36.81 -27.42
CA MET C 326 -5.39 36.32 -27.42
C MET C 326 -4.57 37.00 -28.51
N THR C 327 -5.17 37.25 -29.67
CA THR C 327 -4.48 37.97 -30.74
C THR C 327 -4.14 39.39 -30.30
N PHE C 328 -5.12 40.09 -29.74
CA PHE C 328 -4.89 41.46 -29.28
C PHE C 328 -3.75 41.52 -28.27
N LEU C 329 -3.74 40.59 -27.31
CA LEU C 329 -2.68 40.60 -26.31
C LEU C 329 -1.34 40.20 -26.90
N THR C 330 -1.35 39.28 -27.87
CA THR C 330 -0.11 38.92 -28.56
C THR C 330 0.47 40.12 -29.29
N ARG C 331 -0.39 40.90 -29.94
CA ARG C 331 0.07 42.12 -30.61
C ARG C 331 0.69 43.10 -29.62
N GLN C 332 0.06 43.28 -28.46
CA GLN C 332 0.63 44.16 -27.45
C GLN C 332 2.01 43.67 -27.02
N ALA C 333 2.18 42.36 -26.85
CA ALA C 333 3.47 41.83 -26.43
C ALA C 333 4.53 42.09 -27.50
N PHE C 334 4.22 41.78 -28.76
CA PHE C 334 5.16 42.04 -29.83
C PHE C 334 5.44 43.55 -29.96
N ALA C 335 4.39 44.37 -29.85
CA ALA C 335 4.60 45.81 -29.93
C ALA C 335 5.55 46.29 -28.83
N LYS C 336 5.42 45.72 -27.64
CA LYS C 336 6.26 46.14 -26.51
C LYS C 336 7.72 45.73 -26.71
N VAL C 337 7.96 44.49 -27.14
CA VAL C 337 9.35 44.02 -27.25
C VAL C 337 10.06 44.66 -28.45
N PHE C 338 9.35 44.93 -29.54
CA PHE C 338 9.95 45.52 -30.72
C PHE C 338 9.62 47.01 -30.85
N ASN C 339 9.03 47.59 -29.82
CA ASN C 339 8.71 49.03 -29.76
C ASN C 339 8.23 49.54 -31.12
N THR C 340 7.29 48.81 -31.71
CA THR C 340 6.68 49.15 -32.99
C THR C 340 5.20 48.84 -32.92
N THR C 341 4.38 49.67 -33.56
CA THR C 341 2.94 49.42 -33.58
C THR C 341 2.66 48.07 -34.22
N PRO C 342 1.56 47.41 -33.84
CA PRO C 342 1.24 46.11 -34.43
C PRO C 342 1.14 46.13 -35.93
N ASP C 343 0.66 47.24 -36.51
CA ASP C 343 0.52 47.32 -37.96
C ASP C 343 1.88 47.27 -38.65
N ASP C 344 2.88 47.94 -38.09
CA ASP C 344 4.21 47.95 -38.71
C ASP C 344 4.91 46.61 -38.63
N LEU C 345 4.37 45.65 -37.88
CA LEU C 345 4.90 44.30 -37.86
C LEU C 345 4.11 43.37 -38.76
N ASP C 346 3.07 43.88 -39.43
CA ASP C 346 2.26 43.09 -40.34
C ASP C 346 1.69 41.87 -39.64
N LEU C 347 1.31 42.04 -38.36
CA LEU C 347 0.78 40.96 -37.53
C LEU C 347 -0.67 40.69 -37.88
N HIS C 348 -0.86 40.08 -39.04
CA HIS C 348 -2.20 39.80 -39.55
C HIS C 348 -2.55 38.33 -39.35
N VAL C 349 -3.85 38.05 -39.41
CA VAL C 349 -4.34 36.68 -39.29
C VAL C 349 -4.26 36.01 -40.66
N ILE C 350 -3.57 34.87 -40.71
CA ILE C 350 -3.64 34.03 -41.90
C ILE C 350 -4.97 33.29 -41.94
N TYR C 351 -5.31 32.58 -40.86
CA TYR C 351 -6.59 31.92 -40.80
C TYR C 351 -6.89 31.48 -39.37
N ASP C 352 -8.18 31.25 -39.11
CA ASP C 352 -8.67 30.75 -37.83
C ASP C 352 -9.67 29.65 -38.13
N VAL C 353 -9.36 28.43 -37.69
CA VAL C 353 -10.18 27.25 -37.99
C VAL C 353 -10.40 26.46 -36.71
N SER C 354 -11.62 25.96 -36.52
CA SER C 354 -12.02 25.28 -35.30
C SER C 354 -12.20 23.78 -35.52
N HIS C 355 -12.14 23.03 -34.42
CA HIS C 355 -12.16 21.58 -34.53
C HIS C 355 -13.05 20.87 -33.49
N ASN C 356 -13.96 21.59 -32.82
CA ASN C 356 -14.94 20.93 -31.92
C ASN C 356 -16.31 21.60 -32.12
N ILE C 357 -16.99 21.25 -33.21
CA ILE C 357 -18.23 21.94 -33.56
C ILE C 357 -19.00 21.10 -34.58
N ALA C 358 -20.32 21.27 -34.59
CA ALA C 358 -21.21 20.67 -35.58
C ALA C 358 -21.75 21.75 -36.51
N LYS C 359 -21.72 21.49 -37.82
CA LYS C 359 -22.13 22.47 -38.82
C LYS C 359 -23.05 21.84 -39.86
N VAL C 360 -24.01 22.64 -40.33
CA VAL C 360 -24.89 22.25 -41.43
C VAL C 360 -24.20 22.55 -42.74
N GLU C 361 -24.02 21.52 -43.58
CA GLU C 361 -23.25 21.65 -44.80
C GLU C 361 -23.89 20.84 -45.93
N GLN C 362 -23.72 21.35 -47.14
CA GLN C 362 -24.17 20.65 -48.34
C GLN C 362 -23.09 19.69 -48.81
N HIS C 363 -23.45 18.43 -48.97
CA HIS C 363 -22.53 17.40 -49.45
C HIS C 363 -23.27 16.44 -50.36
N VAL C 364 -22.51 15.73 -51.18
CA VAL C 364 -23.05 14.72 -52.09
C VAL C 364 -22.93 13.36 -51.42
N VAL C 365 -24.05 12.64 -51.34
CA VAL C 365 -24.10 11.31 -50.73
C VAL C 365 -24.71 10.36 -51.74
N ASP C 366 -23.92 9.41 -52.22
CA ASP C 366 -24.39 8.44 -53.21
C ASP C 366 -24.94 9.14 -54.45
N GLY C 367 -24.24 10.18 -54.90
CA GLY C 367 -24.60 10.91 -56.10
C GLY C 367 -25.64 12.00 -55.93
N LYS C 368 -26.27 12.12 -54.77
CA LYS C 368 -27.30 13.12 -54.53
C LYS C 368 -26.83 14.13 -53.49
N GLU C 369 -27.13 15.41 -53.74
CA GLU C 369 -26.76 16.47 -52.81
C GLU C 369 -27.70 16.45 -51.60
N ARG C 370 -27.11 16.43 -50.42
CA ARG C 370 -27.84 16.35 -49.16
C ARG C 370 -27.48 17.53 -48.28
N THR C 371 -28.40 17.86 -47.36
CA THR C 371 -28.09 18.75 -46.25
C THR C 371 -27.71 17.90 -45.05
N LEU C 372 -26.47 18.02 -44.59
CA LEU C 372 -25.95 17.19 -43.53
C LEU C 372 -25.55 18.04 -42.34
N LEU C 373 -25.74 17.49 -41.15
CA LEU C 373 -25.20 18.04 -39.92
C LEU C 373 -23.90 17.28 -39.65
N VAL C 374 -22.77 17.96 -39.83
CA VAL C 374 -21.45 17.35 -39.77
C VAL C 374 -20.83 17.59 -38.38
N HIS C 375 -20.67 16.52 -37.61
CA HIS C 375 -19.98 16.58 -36.32
C HIS C 375 -18.48 16.36 -36.54
N ARG C 376 -17.67 17.27 -36.02
CA ARG C 376 -16.22 17.12 -36.05
C ARG C 376 -15.67 17.26 -34.64
N LYS C 377 -15.33 16.14 -34.00
CA LYS C 377 -14.69 16.14 -32.68
C LYS C 377 -13.19 15.98 -32.87
N GLY C 378 -12.44 17.04 -32.55
CA GLY C 378 -11.00 16.98 -32.72
C GLY C 378 -10.56 16.86 -34.17
N SER C 379 -11.40 17.30 -35.10
CA SER C 379 -11.07 17.36 -36.51
C SER C 379 -11.64 18.66 -37.06
N THR C 380 -11.07 19.12 -38.18
CA THR C 380 -11.37 20.44 -38.71
C THR C 380 -11.94 20.37 -40.13
N ARG C 381 -12.69 21.41 -40.47
CA ARG C 381 -13.08 21.63 -41.85
C ARG C 381 -11.85 21.84 -42.72
N ALA C 382 -11.88 21.27 -43.92
CA ALA C 382 -10.81 21.41 -44.90
C ALA C 382 -11.48 21.55 -46.26
N PHE C 383 -12.07 22.71 -46.52
CA PHE C 383 -12.86 22.85 -47.72
C PHE C 383 -11.98 23.04 -48.95
N PRO C 384 -12.48 22.63 -50.11
CA PRO C 384 -11.65 22.58 -51.33
C PRO C 384 -11.58 23.93 -52.01
N PRO C 385 -10.69 24.07 -53.00
CA PRO C 385 -10.67 25.28 -53.82
C PRO C 385 -12.05 25.58 -54.42
N HIS C 386 -12.40 26.86 -54.46
CA HIS C 386 -13.63 27.34 -55.08
C HIS C 386 -14.88 27.00 -54.26
N HIS C 387 -14.72 26.63 -53.00
CA HIS C 387 -15.93 26.43 -52.21
C HIS C 387 -16.52 27.78 -51.80
N PRO C 388 -17.85 27.93 -51.88
CA PRO C 388 -18.45 29.24 -51.57
C PRO C 388 -18.33 29.67 -50.12
N LEU C 389 -18.08 28.76 -49.17
CA LEU C 389 -18.06 29.14 -47.77
C LEU C 389 -16.66 29.43 -47.23
N ILE C 390 -15.66 29.59 -48.10
CA ILE C 390 -14.33 29.93 -47.64
C ILE C 390 -13.98 31.33 -48.15
N ALA C 391 -13.13 32.02 -47.40
CA ALA C 391 -12.77 33.40 -47.71
C ALA C 391 -12.23 33.54 -49.14
N VAL C 392 -12.45 34.73 -49.70
CA VAL C 392 -12.12 34.99 -51.08
C VAL C 392 -10.64 34.75 -51.34
N ASP C 393 -9.78 35.18 -50.40
CA ASP C 393 -8.34 35.07 -50.59
C ASP C 393 -7.88 33.63 -50.79
N TYR C 394 -8.70 32.65 -50.43
CA TYR C 394 -8.30 31.24 -50.49
C TYR C 394 -9.12 30.46 -51.49
N GLN C 395 -9.86 31.14 -52.36
CA GLN C 395 -10.68 30.44 -53.35
C GLN C 395 -9.84 29.59 -54.29
N LEU C 396 -8.61 30.02 -54.58
CA LEU C 396 -7.76 29.29 -55.51
C LEU C 396 -6.85 28.29 -54.81
N THR C 397 -6.46 28.55 -53.57
CA THR C 397 -5.62 27.63 -52.83
C THR C 397 -6.40 26.50 -52.17
N GLY C 398 -7.65 26.72 -51.80
CA GLY C 398 -8.31 25.85 -50.87
C GLY C 398 -8.16 26.36 -49.43
N GLN C 399 -8.99 25.85 -48.56
CA GLN C 399 -9.05 26.39 -47.20
C GLN C 399 -7.79 26.05 -46.42
N PRO C 400 -7.14 27.03 -45.78
CA PRO C 400 -5.98 26.74 -44.93
C PRO C 400 -6.35 25.82 -43.77
N VAL C 401 -5.44 24.92 -43.44
CA VAL C 401 -5.60 23.97 -42.36
C VAL C 401 -4.40 24.07 -41.44
N LEU C 402 -4.65 24.23 -40.14
CA LEU C 402 -3.60 24.48 -39.17
C LEU C 402 -3.40 23.26 -38.27
N ILE C 403 -2.22 22.66 -38.34
CA ILE C 403 -1.89 21.43 -37.62
C ILE C 403 -0.73 21.72 -36.69
N GLY C 404 -1.01 21.81 -35.39
CA GLY C 404 0.06 21.91 -34.42
C GLY C 404 0.64 20.54 -34.13
N GLY C 405 1.97 20.48 -34.01
CA GLY C 405 2.62 19.24 -33.64
C GLY C 405 2.83 19.21 -32.13
N THR C 406 4.03 19.59 -31.70
CA THR C 406 4.33 19.71 -30.27
C THR C 406 5.18 20.95 -30.07
N MET C 407 5.38 21.32 -28.81
CA MET C 407 6.21 22.47 -28.51
C MET C 407 7.68 22.22 -28.84
N GLY C 408 8.05 20.99 -29.19
CA GLY C 408 9.44 20.67 -29.46
C GLY C 408 9.71 19.97 -30.78
N THR C 409 8.71 19.91 -31.66
CA THR C 409 8.92 19.34 -32.99
C THR C 409 8.61 20.37 -34.07
N CYS C 410 7.49 20.22 -34.77
CA CYS C 410 7.15 21.17 -35.81
C CYS C 410 5.63 21.23 -35.96
N SER C 411 5.18 22.23 -36.72
CA SER C 411 3.79 22.39 -37.09
C SER C 411 3.70 22.62 -38.59
N TYR C 412 2.51 22.36 -39.14
CA TYR C 412 2.30 22.40 -40.57
C TYR C 412 1.08 23.23 -40.90
N VAL C 413 1.07 23.77 -42.11
CA VAL C 413 -0.11 24.36 -42.71
C VAL C 413 -0.41 23.57 -43.97
N LEU C 414 -1.68 23.20 -44.14
CA LEU C 414 -2.14 22.41 -45.26
C LEU C 414 -3.30 23.15 -45.92
N THR C 415 -3.75 22.64 -47.06
CA THR C 415 -4.91 23.19 -47.73
C THR C 415 -5.89 22.07 -48.05
N GLY C 416 -7.18 22.41 -48.06
CA GLY C 416 -8.19 21.41 -48.39
C GLY C 416 -8.20 21.07 -49.86
N THR C 417 -8.65 19.86 -50.15
CA THR C 417 -8.63 19.30 -51.50
C THR C 417 -10.01 18.78 -51.88
N GLU C 418 -10.20 18.59 -53.17
CA GLU C 418 -11.46 18.04 -53.65
C GLU C 418 -11.65 16.59 -53.22
N GLN C 419 -10.56 15.82 -53.15
CA GLN C 419 -10.68 14.45 -52.65
C GLN C 419 -11.11 14.42 -51.18
N GLY C 420 -10.60 15.36 -50.38
CA GLY C 420 -11.05 15.43 -49.00
C GLY C 420 -12.53 15.75 -48.91
N MET C 421 -12.99 16.69 -49.75
CA MET C 421 -14.40 17.03 -49.78
C MET C 421 -15.26 15.82 -50.08
N THR C 422 -14.75 14.89 -50.89
CA THR C 422 -15.50 13.73 -51.35
C THR C 422 -15.39 12.54 -50.41
N GLU C 423 -14.22 12.29 -49.82
CA GLU C 423 -14.04 11.13 -48.97
C GLU C 423 -14.39 11.38 -47.51
N THR C 424 -14.15 12.59 -46.99
CA THR C 424 -14.38 12.87 -45.58
C THR C 424 -15.30 14.06 -45.36
N PHE C 425 -16.11 14.43 -46.35
CA PHE C 425 -16.96 15.61 -46.25
C PHE C 425 -16.14 16.85 -45.89
N GLY C 426 -14.93 16.93 -46.45
CA GLY C 426 -14.07 18.09 -46.21
C GLY C 426 -13.53 18.17 -44.80
N THR C 427 -13.09 17.05 -44.24
CA THR C 427 -12.58 16.99 -42.88
C THR C 427 -11.16 16.43 -42.88
N THR C 428 -10.26 17.10 -42.16
CA THR C 428 -8.92 16.56 -41.96
C THR C 428 -8.53 16.69 -40.48
N CYS C 429 -7.29 16.37 -40.15
CA CYS C 429 -6.85 16.38 -38.75
C CYS C 429 -6.73 17.81 -38.22
N HIS C 430 -6.49 17.90 -36.92
CA HIS C 430 -6.29 19.19 -36.25
C HIS C 430 -4.97 19.26 -35.51
N GLY C 431 -4.18 18.19 -35.54
CA GLY C 431 -2.92 18.16 -34.82
C GLY C 431 -2.33 16.77 -34.93
N ALA C 432 -1.35 16.49 -34.07
CA ALA C 432 -0.74 15.16 -34.11
C ALA C 432 -1.57 14.14 -33.35
N GLY C 433 -2.21 14.53 -32.26
CA GLY C 433 -2.86 13.60 -31.39
C GLY C 433 -1.87 13.01 -30.39
N ARG C 434 -2.42 12.42 -29.34
CA ARG C 434 -1.58 11.88 -28.28
C ARG C 434 -1.24 10.43 -28.58
N ALA C 435 0.00 10.06 -28.28
CA ALA C 435 0.45 8.69 -28.34
C ALA C 435 0.59 8.07 -26.95
N LEU C 436 0.80 8.89 -25.94
CA LEU C 436 0.93 8.46 -24.56
C LEU C 436 -0.09 9.19 -23.72
N SER C 437 -0.80 8.45 -22.86
CA SER C 437 -1.60 9.13 -21.86
C SER C 437 -0.69 10.01 -21.02
N ARG C 438 -1.28 11.01 -20.38
CA ARG C 438 -0.51 11.78 -19.40
C ARG C 438 0.06 10.89 -18.30
N ALA C 439 -0.69 9.86 -17.89
CA ALA C 439 -0.18 8.97 -16.86
C ALA C 439 1.04 8.19 -17.34
N LYS C 440 1.00 7.69 -18.58
CA LYS C 440 2.15 6.97 -19.12
C LYS C 440 3.33 7.91 -19.33
N SER C 441 3.07 9.18 -19.64
CA SER C 441 4.17 10.13 -19.81
C SER C 441 4.89 10.39 -18.49
N ARG C 442 4.13 10.48 -17.38
CA ARG C 442 4.75 10.83 -16.11
C ARG C 442 5.66 9.72 -15.59
N ARG C 443 5.33 8.46 -15.86
CA ARG C 443 6.17 7.37 -15.37
C ARG C 443 7.29 6.98 -16.34
N ASN C 444 7.32 7.54 -17.55
CA ASN C 444 8.40 7.28 -18.48
C ASN C 444 9.25 8.50 -18.83
N LEU C 445 8.90 9.68 -18.37
CA LEU C 445 9.62 10.90 -18.71
C LEU C 445 9.86 11.72 -17.47
N ASP C 446 10.96 12.48 -17.48
CA ASP C 446 11.34 13.34 -16.38
C ASP C 446 11.20 14.79 -16.82
N PHE C 447 10.62 15.62 -15.94
CA PHE C 447 10.32 16.99 -16.35
C PHE C 447 11.60 17.77 -16.67
N GLN C 448 12.67 17.52 -15.90
CA GLN C 448 13.91 18.25 -16.15
C GLN C 448 14.53 17.86 -17.48
N ASP C 449 14.44 16.58 -17.85
CA ASP C 449 14.92 16.15 -19.16
C ASP C 449 14.19 16.89 -20.27
N VAL C 450 12.88 17.06 -20.13
CA VAL C 450 12.11 17.75 -21.16
C VAL C 450 12.51 19.22 -21.24
N LEU C 451 12.70 19.86 -20.09
CA LEU C 451 13.09 21.27 -20.11
C LEU C 451 14.51 21.44 -20.66
N ASP C 452 15.42 20.53 -20.31
CA ASP C 452 16.78 20.63 -20.83
C ASP C 452 16.80 20.41 -22.32
N LYS C 453 16.01 19.46 -22.82
CA LYS C 453 15.98 19.19 -24.24
C LYS C 453 15.40 20.36 -25.03
N LEU C 454 14.43 21.06 -24.45
CA LEU C 454 13.90 22.26 -25.12
C LEU C 454 14.94 23.35 -25.17
N ALA C 455 15.71 23.52 -24.09
CA ALA C 455 16.76 24.53 -24.06
C ALA C 455 17.89 24.17 -25.02
N ASP C 456 18.25 22.89 -25.10
CA ASP C 456 19.27 22.47 -26.06
C ASP C 456 18.86 22.73 -27.50
N MET C 457 17.58 22.93 -27.77
CA MET C 457 17.09 23.20 -29.11
C MET C 457 16.89 24.69 -29.38
N GLY C 458 17.08 25.53 -28.38
CA GLY C 458 16.88 26.95 -28.57
C GLY C 458 15.42 27.37 -28.52
N ILE C 459 14.58 26.59 -27.85
CA ILE C 459 13.16 26.90 -27.72
C ILE C 459 12.93 27.46 -26.32
N ALA C 460 12.51 28.72 -26.25
CA ALA C 460 12.16 29.35 -24.99
C ALA C 460 10.74 28.96 -24.58
N ILE C 461 10.52 28.84 -23.27
CA ILE C 461 9.26 28.31 -22.77
C ILE C 461 8.88 29.01 -21.48
N ARG C 462 7.59 29.30 -21.34
CA ARG C 462 6.98 29.76 -20.09
C ARG C 462 5.71 28.96 -19.89
N VAL C 463 5.71 28.08 -18.90
CA VAL C 463 4.56 27.22 -18.61
C VAL C 463 4.10 27.47 -17.18
N ALA C 464 2.81 27.23 -16.94
CA ALA C 464 2.24 27.51 -15.63
C ALA C 464 2.71 26.49 -14.60
N SER C 465 2.77 25.21 -14.97
CA SER C 465 3.15 24.13 -14.05
C SER C 465 4.41 23.47 -14.58
N PRO C 466 5.59 24.01 -14.25
CA PRO C 466 6.82 23.54 -14.90
C PRO C 466 7.15 22.08 -14.64
N LYS C 467 6.87 21.57 -13.45
CA LYS C 467 7.22 20.20 -13.12
C LYS C 467 6.21 19.18 -13.65
N LEU C 468 5.21 19.63 -14.40
CA LEU C 468 4.30 18.74 -15.10
C LEU C 468 4.54 18.71 -16.61
N VAL C 469 5.64 19.32 -17.07
CA VAL C 469 5.82 19.50 -18.51
C VAL C 469 6.09 18.19 -19.23
N MET C 470 6.50 17.13 -18.53
CA MET C 470 6.70 15.86 -19.20
C MET C 470 5.41 15.34 -19.83
N GLU C 471 4.26 15.77 -19.30
CA GLU C 471 2.97 15.37 -19.86
C GLU C 471 2.76 15.98 -21.25
N GLU C 472 3.51 17.03 -21.58
CA GLU C 472 3.42 17.70 -22.86
C GLU C 472 4.66 17.46 -23.70
N ALA C 473 5.45 16.45 -23.35
CA ALA C 473 6.70 16.22 -24.05
C ALA C 473 6.43 15.83 -25.50
N PRO C 474 7.37 16.11 -26.40
CA PRO C 474 7.16 15.70 -27.80
C PRO C 474 6.89 14.22 -27.94
N GLU C 475 7.52 13.39 -27.10
CA GLU C 475 7.29 11.95 -27.15
C GLU C 475 5.90 11.57 -26.68
N SER C 476 5.17 12.47 -26.04
CA SER C 476 3.80 12.18 -25.62
C SER C 476 2.82 12.18 -26.80
N TYR C 477 3.19 12.80 -27.91
CA TYR C 477 2.31 12.96 -29.06
C TYR C 477 2.77 12.08 -30.21
N LYS C 478 1.85 11.80 -31.14
CA LYS C 478 2.26 11.13 -32.36
C LYS C 478 3.25 11.99 -33.12
N ASN C 479 3.95 11.37 -34.06
CA ASN C 479 4.81 12.12 -34.95
C ASN C 479 3.95 12.94 -35.90
N VAL C 480 3.98 14.27 -35.76
CA VAL C 480 3.09 15.11 -36.56
C VAL C 480 3.39 14.95 -38.05
N THR C 481 4.64 14.68 -38.41
CA THR C 481 4.96 14.49 -39.82
C THR C 481 4.30 13.23 -40.37
N ASP C 482 4.25 12.17 -39.58
CA ASP C 482 3.53 10.96 -40.00
C ASP C 482 2.05 11.25 -40.17
N VAL C 483 1.48 12.06 -39.28
CA VAL C 483 0.08 12.42 -39.38
C VAL C 483 -0.17 13.23 -40.64
N VAL C 484 0.63 14.27 -40.84
CA VAL C 484 0.44 15.15 -41.99
C VAL C 484 0.72 14.41 -43.30
N ASN C 485 1.70 13.49 -43.31
CA ASN C 485 1.98 12.74 -44.53
C ASN C 485 0.84 11.79 -44.85
N THR C 486 0.23 11.18 -43.84
CA THR C 486 -0.94 10.34 -44.07
C THR C 486 -2.06 11.15 -44.74
N CYS C 487 -2.33 12.35 -44.25
CA CYS C 487 -3.33 13.20 -44.86
C CYS C 487 -2.97 13.50 -46.31
N HIS C 488 -1.70 13.79 -46.57
CA HIS C 488 -1.28 14.17 -47.91
C HIS C 488 -1.37 12.99 -48.88
N ASP C 489 -0.78 11.85 -48.51
CA ASP C 489 -0.83 10.68 -49.38
C ASP C 489 -2.26 10.19 -49.60
N ALA C 490 -3.12 10.34 -48.59
CA ALA C 490 -4.52 9.97 -48.75
C ALA C 490 -5.28 10.94 -49.65
N GLY C 491 -4.75 12.16 -49.83
CA GLY C 491 -5.37 13.15 -50.68
C GLY C 491 -6.40 14.04 -50.03
N ILE C 492 -6.56 13.98 -48.70
CA ILE C 492 -7.59 14.78 -48.04
C ILE C 492 -7.06 16.13 -47.60
N SER C 493 -5.74 16.30 -47.56
CA SER C 493 -5.12 17.59 -47.29
C SER C 493 -3.81 17.64 -48.06
N LYS C 494 -3.41 18.85 -48.44
CA LYS C 494 -2.20 19.07 -49.23
C LYS C 494 -1.24 19.94 -48.42
N LYS C 495 -0.03 19.43 -48.22
CA LYS C 495 0.96 20.15 -47.44
C LYS C 495 1.33 21.47 -48.11
N ALA C 496 1.58 22.48 -47.29
CA ALA C 496 1.89 23.82 -47.81
C ALA C 496 3.07 24.43 -47.08
N ILE C 497 3.04 24.41 -45.75
CA ILE C 497 4.07 25.03 -44.93
C ILE C 497 4.45 24.11 -43.78
N LYS C 498 5.71 24.20 -43.38
CA LYS C 498 6.23 23.57 -42.18
C LYS C 498 6.81 24.64 -41.28
N LEU C 499 6.44 24.60 -40.00
CA LEU C 499 6.85 25.61 -39.04
C LEU C 499 7.58 24.95 -37.88
N ARG C 500 8.53 25.68 -37.30
CA ARG C 500 9.33 25.18 -36.20
C ARG C 500 9.16 26.11 -35.00
N PRO C 501 8.94 25.57 -33.80
CA PRO C 501 8.75 26.44 -32.63
C PRO C 501 10.06 27.06 -32.16
N ILE C 502 9.98 28.32 -31.71
CA ILE C 502 11.13 28.97 -31.09
C ILE C 502 10.79 29.52 -29.70
N ALA C 503 9.52 29.83 -29.45
CA ALA C 503 9.08 30.19 -28.11
C ALA C 503 7.62 29.79 -27.95
N VAL C 504 7.27 29.31 -26.76
CA VAL C 504 5.93 28.81 -26.51
C VAL C 504 5.55 29.09 -25.06
N ILE C 505 4.31 29.54 -24.85
CA ILE C 505 3.72 29.67 -23.52
C ILE C 505 2.55 28.70 -23.43
N LYS C 506 2.47 27.98 -22.31
CA LYS C 506 1.47 26.94 -22.12
C LYS C 506 0.86 27.06 -20.73
N GLY C 507 -0.38 26.63 -20.61
CA GLY C 507 -1.15 26.69 -19.38
C GLY C 507 -1.16 25.36 -18.65
N MET D 17 -5.67 -1.84 -3.33
CA MET D 17 -6.72 -1.42 -4.25
C MET D 17 -6.16 -0.61 -5.42
N ALA D 18 -4.95 -0.09 -5.25
CA ALA D 18 -4.32 0.72 -6.30
C ALA D 18 -3.92 -0.15 -7.47
N GLN D 19 -4.27 0.29 -8.69
CA GLN D 19 -3.91 -0.47 -9.88
C GLN D 19 -2.49 -0.18 -10.36
N GLU D 20 -1.87 0.87 -9.87
CA GLU D 20 -0.49 1.21 -10.19
C GLU D 20 0.18 1.80 -8.96
N GLU D 21 1.51 1.91 -9.00
CA GLU D 21 2.25 2.44 -7.88
C GLU D 21 1.95 3.93 -7.69
N GLU D 22 2.33 4.45 -6.52
CA GLU D 22 2.04 5.84 -6.20
C GLU D 22 2.86 6.79 -7.06
N ASP D 23 2.18 7.76 -7.66
CA ASP D 23 2.83 8.79 -8.47
C ASP D 23 2.22 10.13 -8.07
N VAL D 24 2.90 10.84 -7.18
CA VAL D 24 2.41 12.14 -6.73
C VAL D 24 2.79 13.19 -7.77
N ARG D 25 1.85 14.09 -8.06
CA ARG D 25 2.13 15.19 -8.97
C ARG D 25 2.77 16.35 -8.20
N ASP D 26 3.82 16.92 -8.78
CA ASP D 26 4.56 18.01 -8.16
C ASP D 26 4.10 19.33 -8.74
N TYR D 27 3.56 20.21 -7.90
CA TYR D 27 3.05 21.50 -8.33
C TYR D 27 4.03 22.64 -8.05
N ASN D 28 5.28 22.32 -7.72
CA ASN D 28 6.35 23.31 -7.69
C ASN D 28 6.07 24.38 -6.63
N LEU D 29 5.99 23.93 -5.38
CA LEU D 29 5.61 24.81 -4.28
C LEU D 29 6.71 25.81 -3.95
N THR D 30 6.31 27.05 -3.69
CA THR D 30 7.20 28.01 -3.05
C THR D 30 7.39 27.64 -1.58
N GLU D 31 8.37 28.27 -0.94
CA GLU D 31 8.59 28.00 0.48
C GLU D 31 7.40 28.45 1.32
N GLU D 32 6.75 29.56 0.94
CA GLU D 32 5.56 30.00 1.66
C GLU D 32 4.45 28.95 1.56
N GLN D 33 4.31 28.33 0.40
CA GLN D 33 3.28 27.30 0.24
C GLN D 33 3.64 26.03 1.00
N LYS D 34 4.94 25.72 1.11
CA LYS D 34 5.35 24.59 1.93
C LYS D 34 5.01 24.85 3.40
N ALA D 35 5.17 26.09 3.85
CA ALA D 35 4.88 26.43 5.24
C ALA D 35 3.40 26.28 5.53
N ILE D 36 2.55 26.81 4.65
CA ILE D 36 1.10 26.65 4.81
C ILE D 36 0.74 25.18 4.89
N LYS D 37 1.40 24.35 4.09
CA LYS D 37 1.09 22.92 4.07
C LYS D 37 1.47 22.26 5.38
N ALA D 38 2.57 22.72 6.00
CA ALA D 38 3.10 22.05 7.18
C ALA D 38 2.22 22.23 8.41
N LYS D 39 1.41 23.28 8.47
CA LYS D 39 0.64 23.56 9.68
C LYS D 39 -0.70 22.83 9.71
N TYR D 40 -1.05 22.12 8.67
CA TYR D 40 -2.29 21.37 8.73
C TYR D 40 -2.02 19.87 8.63
N PRO D 41 -2.89 19.04 9.18
CA PRO D 41 -2.72 17.59 9.06
C PRO D 41 -2.84 17.16 7.62
N PRO D 42 -1.96 16.28 7.15
CA PRO D 42 -2.03 15.85 5.75
C PRO D 42 -3.21 14.92 5.52
N VAL D 43 -3.88 15.11 4.40
CA VAL D 43 -5.11 14.38 4.11
C VAL D 43 -4.78 13.01 3.54
N ASN D 44 -5.54 12.00 3.96
CA ASN D 44 -5.31 10.63 3.53
C ASN D 44 -5.76 10.45 2.08
N ARG D 45 -4.82 10.07 1.22
CA ARG D 45 -5.10 9.89 -0.20
C ARG D 45 -5.42 8.43 -0.49
N LYS D 46 -6.63 8.18 -0.98
CA LYS D 46 -6.99 6.86 -1.50
C LYS D 46 -7.46 7.01 -2.93
N TYR D 47 -6.65 7.65 -3.76
CA TYR D 47 -6.97 7.83 -5.18
C TYR D 47 -5.68 7.80 -5.99
N GLU D 48 -5.85 7.68 -7.30
CA GLU D 48 -4.73 7.67 -8.23
C GLU D 48 -5.22 8.10 -9.60
N TYR D 49 -4.29 8.53 -10.44
CA TYR D 49 -4.59 8.99 -11.79
C TYR D 49 -4.16 7.93 -12.79
N LEU D 50 -5.13 7.34 -13.48
CA LEU D 50 -4.91 6.20 -14.36
C LEU D 50 -4.95 6.63 -15.83
N ASP D 51 -4.61 5.69 -16.71
CA ASP D 51 -4.36 6.00 -18.12
C ASP D 51 -5.65 6.27 -18.89
N HIS D 52 -5.64 7.36 -19.66
CA HIS D 52 -6.60 7.61 -20.72
C HIS D 52 -5.89 8.47 -21.76
N THR D 53 -5.97 8.06 -23.03
CA THR D 53 -5.08 8.62 -24.04
C THR D 53 -5.17 10.14 -24.08
N ALA D 54 -6.41 10.67 -24.12
CA ALA D 54 -6.63 12.11 -24.29
C ALA D 54 -6.77 12.87 -22.98
N ASP D 55 -7.28 12.23 -21.92
CA ASP D 55 -7.52 12.97 -20.69
C ASP D 55 -6.98 12.19 -19.48
N VAL D 56 -7.80 11.97 -18.45
CA VAL D 56 -7.31 11.28 -17.26
C VAL D 56 -8.45 10.50 -16.62
N GLN D 57 -8.12 9.34 -16.05
CA GLN D 57 -9.08 8.53 -15.33
C GLN D 57 -8.82 8.63 -13.83
N LEU D 58 -9.79 9.14 -13.08
CA LEU D 58 -9.72 9.13 -11.63
C LEU D 58 -10.14 7.75 -11.12
N HIS D 59 -9.32 7.17 -10.26
CA HIS D 59 -9.64 5.93 -9.56
C HIS D 59 -9.58 6.21 -8.07
N ALA D 60 -10.69 6.00 -7.37
CA ALA D 60 -10.79 6.25 -5.95
C ALA D 60 -11.46 5.07 -5.26
N TRP D 61 -11.17 4.91 -3.97
CA TRP D 61 -11.68 3.77 -3.22
C TRP D 61 -11.77 4.14 -1.74
N GLY D 62 -12.37 3.25 -0.97
CA GLY D 62 -12.49 3.44 0.47
C GLY D 62 -13.18 2.24 1.08
N ASP D 63 -13.43 2.35 2.39
CA ASP D 63 -14.08 1.26 3.10
C ASP D 63 -15.59 1.27 2.91
N THR D 64 -16.16 2.41 2.52
CA THR D 64 -17.58 2.53 2.26
C THR D 64 -17.78 3.25 0.94
N LEU D 65 -18.98 3.11 0.37
CA LEU D 65 -19.31 3.86 -0.81
C LEU D 65 -19.10 5.35 -0.59
N GLU D 66 -19.52 5.86 0.58
CA GLU D 66 -19.28 7.26 0.91
C GLU D 66 -17.81 7.63 0.81
N GLU D 67 -16.93 6.81 1.37
CA GLU D 67 -15.51 7.15 1.32
C GLU D 67 -14.98 7.11 -0.10
N ALA D 68 -15.41 6.13 -0.89
CA ALA D 68 -14.98 6.07 -2.29
C ALA D 68 -15.37 7.33 -3.05
N PHE D 69 -16.60 7.81 -2.82
CA PHE D 69 -17.04 9.04 -3.47
C PHE D 69 -16.21 10.25 -3.05
N GLU D 70 -16.03 10.44 -1.74
CA GLU D 70 -15.35 11.62 -1.26
C GLU D 70 -13.89 11.65 -1.75
N GLN D 71 -13.26 10.49 -1.84
CA GLN D 71 -11.91 10.43 -2.38
C GLN D 71 -11.89 10.79 -3.87
N CYS D 72 -12.94 10.46 -4.61
CA CYS D 72 -12.99 10.82 -6.03
C CYS D 72 -13.07 12.33 -6.18
N ALA D 73 -13.85 12.99 -5.32
CA ALA D 73 -13.88 14.44 -5.34
C ALA D 73 -12.52 15.02 -4.99
N MET D 74 -11.85 14.43 -3.99
CA MET D 74 -10.52 14.92 -3.62
C MET D 74 -9.51 14.63 -4.73
N ALA D 75 -9.65 13.49 -5.39
CA ALA D 75 -8.82 13.23 -6.56
C ALA D 75 -8.99 14.31 -7.62
N MET D 76 -10.23 14.71 -7.88
CA MET D 76 -10.49 15.73 -8.88
C MET D 76 -9.86 17.06 -8.50
N PHE D 77 -10.06 17.49 -7.26
CA PHE D 77 -9.48 18.76 -6.83
C PHE D 77 -7.96 18.67 -6.76
N GLY D 78 -7.43 17.51 -6.40
CA GLY D 78 -5.99 17.32 -6.37
C GLY D 78 -5.31 17.36 -7.73
N TYR D 79 -6.08 17.29 -8.81
CA TYR D 79 -5.54 17.46 -10.14
C TYR D 79 -5.41 18.92 -10.53
N MET D 80 -6.11 19.81 -9.81
CA MET D 80 -6.09 21.25 -10.09
C MET D 80 -4.98 21.98 -9.36
N THR D 81 -4.60 21.51 -8.18
CA THR D 81 -3.58 22.17 -7.38
C THR D 81 -3.13 21.18 -6.31
N ASP D 82 -2.23 21.62 -5.44
CA ASP D 82 -1.85 20.86 -4.26
C ASP D 82 -2.82 21.24 -3.15
N THR D 83 -3.80 20.38 -2.89
CA THR D 83 -4.84 20.73 -1.93
C THR D 83 -4.29 20.89 -0.53
N GLY D 84 -3.10 20.34 -0.25
CA GLY D 84 -2.47 20.53 1.05
C GLY D 84 -2.11 21.97 1.34
N THR D 85 -2.02 22.82 0.32
CA THR D 85 -1.74 24.23 0.50
C THR D 85 -3.01 25.04 0.71
N VAL D 86 -4.17 24.39 0.70
CA VAL D 86 -5.44 25.07 0.91
C VAL D 86 -5.72 25.12 2.40
N GLU D 87 -6.03 26.32 2.91
CA GLU D 87 -6.27 26.45 4.33
C GLU D 87 -7.75 26.28 4.64
N PRO D 88 -8.10 25.61 5.75
CA PRO D 88 -9.53 25.34 6.04
C PRO D 88 -10.22 26.53 6.69
N LEU D 89 -10.52 27.54 5.89
CA LEU D 89 -11.08 28.77 6.45
C LEU D 89 -12.60 28.80 6.41
N GLN D 90 -13.22 28.04 5.53
CA GLN D 90 -14.65 28.07 5.33
C GLN D 90 -15.14 26.67 4.96
N THR D 91 -16.42 26.41 5.21
CA THR D 91 -17.01 25.11 4.94
C THR D 91 -18.18 25.29 3.98
N VAL D 92 -18.25 24.41 2.99
CA VAL D 92 -19.27 24.47 1.94
C VAL D 92 -20.01 23.15 1.89
N GLU D 93 -21.29 23.21 1.55
CA GLU D 93 -22.14 22.04 1.45
C GLU D 93 -22.48 21.73 0.01
N VAL D 94 -22.52 20.44 -0.32
CA VAL D 94 -22.99 19.98 -1.62
C VAL D 94 -23.90 18.79 -1.37
N GLU D 95 -25.19 18.96 -1.65
CA GLU D 95 -26.18 17.88 -1.64
C GLU D 95 -26.68 17.70 -3.06
N THR D 96 -26.80 16.45 -3.50
CA THR D 96 -27.19 16.20 -4.88
C THR D 96 -27.93 14.86 -4.96
N GLN D 97 -28.37 14.53 -6.17
CA GLN D 97 -29.28 13.43 -6.41
C GLN D 97 -29.03 12.87 -7.79
N GLY D 98 -29.54 11.67 -8.05
CA GLY D 98 -29.40 11.03 -9.35
C GLY D 98 -30.47 9.98 -9.55
N ASP D 99 -30.38 9.29 -10.68
CA ASP D 99 -31.27 8.18 -10.99
C ASP D 99 -30.64 6.83 -10.72
N ASP D 100 -29.35 6.80 -10.41
CA ASP D 100 -28.58 5.57 -10.23
C ASP D 100 -27.24 6.00 -9.64
N LEU D 101 -26.38 5.02 -9.34
CA LEU D 101 -25.11 5.37 -8.72
C LEU D 101 -24.22 6.17 -9.68
N GLN D 102 -24.23 5.81 -10.97
CA GLN D 102 -23.38 6.51 -11.93
C GLN D 102 -23.76 7.98 -12.04
N SER D 103 -25.06 8.27 -12.24
CA SER D 103 -25.48 9.66 -12.39
C SER D 103 -25.32 10.43 -11.07
N LEU D 104 -25.52 9.75 -9.94
CA LEU D 104 -25.23 10.37 -8.65
C LEU D 104 -23.77 10.81 -8.57
N LEU D 105 -22.86 9.91 -8.93
CA LEU D 105 -21.44 10.26 -8.91
C LEU D 105 -21.15 11.42 -9.85
N PHE D 106 -21.79 11.41 -11.03
CA PHE D 106 -21.57 12.48 -12.01
C PHE D 106 -22.00 13.82 -11.45
N HIS D 107 -23.23 13.91 -10.95
CA HIS D 107 -23.73 15.19 -10.46
C HIS D 107 -22.99 15.65 -9.22
N PHE D 108 -22.55 14.69 -8.39
CA PHE D 108 -21.72 15.02 -7.24
C PHE D 108 -20.43 15.71 -7.68
N LEU D 109 -19.71 15.09 -8.62
CA LEU D 109 -18.47 15.70 -9.11
C LEU D 109 -18.74 17.00 -9.84
N ASP D 110 -19.86 17.08 -10.55
CA ASP D 110 -20.18 18.29 -11.31
C ASP D 110 -20.50 19.46 -10.39
N GLU D 111 -21.29 19.21 -9.32
CA GLU D 111 -21.62 20.27 -8.38
C GLU D 111 -20.37 20.82 -7.68
N TRP D 112 -19.44 19.94 -7.30
CA TRP D 112 -18.21 20.44 -6.69
C TRP D 112 -17.38 21.24 -7.67
N LEU D 113 -17.29 20.77 -8.92
CA LEU D 113 -16.57 21.52 -9.94
C LEU D 113 -17.17 22.91 -10.10
N TYR D 114 -18.50 23.01 -10.08
CA TYR D 114 -19.15 24.30 -10.25
C TYR D 114 -18.83 25.24 -9.09
N LYS D 115 -18.75 24.72 -7.86
CA LYS D 115 -18.40 25.56 -6.72
C LYS D 115 -17.06 26.23 -6.94
N PHE D 116 -16.16 25.54 -7.62
CA PHE D 116 -14.81 26.03 -7.85
C PHE D 116 -14.77 27.00 -9.03
N SER D 117 -15.64 26.80 -10.02
CA SER D 117 -15.57 27.49 -11.30
C SER D 117 -16.43 28.75 -11.37
N ALA D 118 -17.18 29.06 -10.33
CA ALA D 118 -18.08 30.21 -10.36
C ALA D 118 -18.38 30.64 -8.93
N ASP D 119 -19.05 31.80 -8.82
CA ASP D 119 -19.54 32.34 -7.56
C ASP D 119 -18.40 32.61 -6.58
N GLU D 120 -18.10 31.66 -5.71
CA GLU D 120 -17.07 31.87 -4.70
C GLU D 120 -15.74 31.25 -5.04
N PHE D 121 -15.64 30.52 -6.15
CA PHE D 121 -14.38 29.95 -6.58
C PHE D 121 -13.70 29.20 -5.44
N PHE D 122 -14.45 28.28 -4.86
CA PHE D 122 -14.06 27.56 -3.65
C PHE D 122 -13.33 26.28 -3.99
N ILE D 123 -12.20 26.07 -3.33
CA ILE D 123 -11.40 24.85 -3.45
C ILE D 123 -11.33 24.19 -2.08
N PRO D 124 -11.81 22.96 -1.91
CA PRO D 124 -11.67 22.27 -0.62
C PRO D 124 -10.35 21.52 -0.53
N ARG D 125 -9.70 21.64 0.63
CA ARG D 125 -8.54 20.79 0.91
C ARG D 125 -8.98 19.36 1.20
N GLU D 126 -10.21 19.17 1.64
CA GLU D 126 -10.71 17.84 1.97
C GLU D 126 -12.21 17.85 1.78
N VAL D 127 -12.73 16.70 1.38
CA VAL D 127 -14.16 16.50 1.17
C VAL D 127 -14.60 15.29 1.97
N LYS D 128 -15.81 15.35 2.54
CA LYS D 128 -16.37 14.20 3.23
C LYS D 128 -17.81 14.02 2.82
N VAL D 129 -18.19 12.80 2.46
CA VAL D 129 -19.57 12.45 2.19
C VAL D 129 -20.21 11.99 3.48
N LEU D 130 -21.26 12.69 3.92
CA LEU D 130 -21.91 12.36 5.17
C LEU D 130 -22.89 11.21 5.04
N SER D 131 -23.55 11.09 3.88
CA SER D 131 -24.54 10.04 3.70
C SER D 131 -24.79 9.84 2.21
N ILE D 132 -25.02 8.58 1.84
CA ILE D 132 -25.59 8.24 0.54
C ILE D 132 -26.77 7.32 0.79
N ASP D 133 -27.95 7.76 0.37
CA ASP D 133 -29.13 6.89 0.32
C ASP D 133 -29.05 6.10 -0.98
N GLN D 134 -28.66 4.84 -0.88
CA GLN D 134 -28.41 4.01 -2.06
C GLN D 134 -29.67 3.48 -2.70
N ARG D 135 -30.84 3.80 -2.15
CA ARG D 135 -32.12 3.40 -2.72
C ARG D 135 -32.78 4.50 -3.52
N ASN D 136 -32.62 5.75 -3.07
CA ASN D 136 -33.18 6.91 -3.74
C ASN D 136 -32.11 7.72 -4.44
N PHE D 137 -30.84 7.34 -4.27
CA PHE D 137 -29.70 7.99 -4.91
C PHE D 137 -29.64 9.48 -4.56
N LYS D 138 -29.51 9.75 -3.26
CA LYS D 138 -29.35 11.10 -2.74
C LYS D 138 -28.10 11.15 -1.88
N LEU D 139 -27.46 12.31 -1.86
CA LEU D 139 -26.16 12.45 -1.23
C LEU D 139 -26.04 13.78 -0.49
N ARG D 140 -25.39 13.74 0.67
CA ARG D 140 -25.00 14.93 1.42
C ARG D 140 -23.48 14.89 1.58
N SER D 141 -22.82 16.03 1.31
CA SER D 141 -21.38 16.10 1.50
C SER D 141 -21.02 17.51 1.93
N ILE D 142 -19.83 17.64 2.51
CA ILE D 142 -19.29 18.92 2.93
C ILE D 142 -17.82 18.96 2.57
N GLY D 143 -17.31 20.17 2.41
CA GLY D 143 -15.89 20.37 2.20
C GLY D 143 -15.44 21.63 2.90
N TRP D 144 -14.20 21.62 3.35
CA TRP D 144 -13.61 22.78 4.01
C TRP D 144 -12.37 23.21 3.25
N GLY D 145 -12.22 24.53 3.10
CA GLY D 145 -11.15 25.11 2.32
C GLY D 145 -11.29 26.61 2.24
N GLU D 146 -10.94 27.19 1.10
CA GLU D 146 -10.97 28.64 0.93
C GLU D 146 -11.13 28.93 -0.55
N GLU D 147 -11.21 30.23 -0.86
CA GLU D 147 -11.26 30.66 -2.26
C GLU D 147 -9.93 30.37 -2.93
N PHE D 148 -9.98 29.73 -4.09
CA PHE D 148 -8.76 29.48 -4.87
C PHE D 148 -8.12 30.81 -5.24
N SER D 149 -6.80 30.88 -5.08
CA SER D 149 -6.07 32.11 -5.36
C SER D 149 -4.70 31.80 -5.95
N LEU D 150 -4.36 32.47 -7.04
CA LEU D 150 -3.06 32.30 -7.65
C LEU D 150 -1.93 32.81 -6.76
N SER D 151 -2.21 33.72 -5.83
CA SER D 151 -1.17 34.17 -4.93
C SER D 151 -0.86 33.15 -3.84
N LYS D 152 -1.76 32.20 -3.61
CA LYS D 152 -1.61 31.21 -2.54
C LYS D 152 -1.43 29.79 -3.05
N HIS D 153 -2.10 29.43 -4.14
CA HIS D 153 -2.16 28.04 -4.51
C HIS D 153 -1.47 27.76 -5.84
N PRO D 154 -0.71 26.67 -5.93
CA PRO D 154 0.03 26.39 -7.16
C PRO D 154 -0.89 25.92 -8.27
N GLN D 155 -0.48 26.19 -9.50
CA GLN D 155 -1.30 25.89 -10.67
C GLN D 155 -1.06 24.46 -11.11
N GLY D 156 -2.11 23.65 -11.05
CA GLY D 156 -2.08 22.34 -11.67
C GLY D 156 -2.74 22.42 -13.03
N THR D 157 -3.76 21.60 -13.26
CA THR D 157 -4.48 21.60 -14.53
C THR D 157 -5.95 21.92 -14.28
N GLU D 158 -6.54 22.68 -15.19
CA GLU D 158 -7.97 23.00 -15.10
C GLU D 158 -8.79 21.79 -15.53
N VAL D 159 -9.82 21.48 -14.75
CA VAL D 159 -10.75 20.41 -15.08
C VAL D 159 -11.93 21.03 -15.84
N LYS D 160 -12.17 20.54 -17.05
CA LYS D 160 -13.21 21.11 -17.89
C LYS D 160 -14.58 20.54 -17.57
N ALA D 161 -14.66 19.24 -17.27
CA ALA D 161 -15.97 18.62 -17.15
C ALA D 161 -15.83 17.19 -16.65
N ILE D 162 -16.95 16.68 -16.12
CA ILE D 162 -17.09 15.27 -15.78
C ILE D 162 -17.67 14.57 -17.01
N THR D 163 -17.28 13.33 -17.24
CA THR D 163 -17.84 12.55 -18.34
C THR D 163 -18.30 11.20 -17.81
N TYR D 164 -19.16 10.56 -18.60
CA TYR D 164 -19.59 9.19 -18.33
C TYR D 164 -18.72 8.15 -19.01
N SER D 165 -17.68 8.56 -19.72
CA SER D 165 -16.89 7.60 -20.48
C SER D 165 -16.30 6.56 -19.53
N ALA D 166 -16.70 5.31 -19.73
CA ALA D 166 -16.21 4.17 -18.95
C ALA D 166 -16.44 4.32 -17.46
N MET D 167 -17.46 5.07 -17.05
CA MET D 167 -17.68 5.26 -15.62
C MET D 167 -18.10 3.95 -14.97
N GLN D 168 -17.42 3.60 -13.87
CA GLN D 168 -17.68 2.36 -13.16
C GLN D 168 -17.78 2.64 -11.67
N VAL D 169 -18.86 2.13 -11.06
CA VAL D 169 -19.08 2.24 -9.62
C VAL D 169 -19.26 0.84 -9.07
N TYR D 170 -18.33 0.39 -8.24
CA TYR D 170 -18.41 -0.93 -7.60
C TYR D 170 -18.76 -0.74 -6.14
N ASN D 171 -19.94 -1.22 -5.75
CA ASN D 171 -20.48 -1.01 -4.41
C ASN D 171 -20.66 -2.34 -3.70
N GLU D 172 -19.57 -3.05 -3.44
CA GLU D 172 -19.64 -4.33 -2.73
C GLU D 172 -18.55 -4.40 -1.66
N GLU D 173 -17.91 -5.56 -1.54
CA GLU D 173 -16.86 -5.76 -0.54
C GLU D 173 -15.94 -4.56 -0.40
N ASN D 174 -15.41 -4.09 -1.52
CA ASN D 174 -14.40 -3.03 -1.55
C ASN D 174 -14.82 -1.94 -2.52
N PRO D 175 -15.57 -0.95 -2.06
CA PRO D 175 -16.12 0.05 -2.98
C PRO D 175 -15.00 0.84 -3.66
N GLU D 176 -15.21 1.15 -4.94
CA GLU D 176 -14.27 1.92 -5.72
C GLU D 176 -15.00 2.47 -6.94
N VAL D 177 -14.48 3.58 -7.48
CA VAL D 177 -15.08 4.21 -8.65
C VAL D 177 -13.99 4.54 -9.66
N PHE D 178 -14.39 4.58 -10.94
CA PHE D 178 -13.53 5.01 -12.05
C PHE D 178 -14.29 6.05 -12.84
N VAL D 179 -13.70 7.24 -13.00
CA VAL D 179 -14.36 8.34 -13.69
C VAL D 179 -13.34 9.01 -14.60
N ILE D 180 -13.71 9.20 -15.85
CA ILE D 180 -12.88 9.97 -16.78
C ILE D 180 -13.39 11.41 -16.78
N ILE D 181 -12.49 12.35 -16.56
CA ILE D 181 -12.83 13.76 -16.60
C ILE D 181 -12.10 14.38 -17.78
N ASP D 182 -12.73 15.41 -18.35
CA ASP D 182 -12.16 16.13 -19.47
C ASP D 182 -11.19 17.19 -18.96
N ILE D 183 -9.94 17.13 -19.43
CA ILE D 183 -8.92 18.09 -19.09
C ILE D 183 -8.36 18.69 -20.39
N ARG E 5 -4.90 -8.64 29.62
CA ARG E 5 -4.91 -7.84 30.84
C ARG E 5 -4.79 -6.35 30.52
N SER E 6 -5.85 -5.60 30.83
CA SER E 6 -5.87 -4.16 30.60
C SER E 6 -4.74 -3.47 31.35
N TYR E 7 -4.38 -2.28 30.88
CA TYR E 7 -3.29 -1.52 31.50
C TYR E 7 -3.55 -1.27 32.99
N ASN E 8 -4.75 -0.80 33.33
CA ASN E 8 -5.03 -0.51 34.74
C ASN E 8 -5.02 -1.78 35.59
N ASP E 9 -5.36 -2.92 34.99
CA ASP E 9 -5.32 -4.18 35.73
C ASP E 9 -3.90 -4.59 36.08
N GLU E 10 -2.93 -4.29 35.20
CA GLU E 10 -1.54 -4.58 35.50
C GLU E 10 -1.04 -3.73 36.67
N LEU E 11 -1.52 -2.48 36.76
CA LEU E 11 -1.04 -1.57 37.80
C LEU E 11 -1.35 -2.08 39.19
N GLN E 12 -2.30 -3.00 39.34
CA GLN E 12 -2.60 -3.54 40.67
C GLN E 12 -1.40 -4.28 41.25
N PHE E 13 -0.57 -4.89 40.39
CA PHE E 13 0.59 -5.65 40.82
C PHE E 13 1.83 -4.78 41.02
N LEU E 14 1.74 -3.47 40.85
CA LEU E 14 2.90 -2.58 40.91
C LEU E 14 2.77 -1.64 42.09
N GLU E 15 3.85 -1.51 42.86
CA GLU E 15 3.84 -0.77 44.10
C GLU E 15 5.16 -0.03 44.28
N LYS E 16 5.09 1.28 44.50
CA LYS E 16 6.28 2.06 44.79
C LYS E 16 6.76 1.79 46.21
N ILE E 17 8.01 1.38 46.35
CA ILE E 17 8.58 1.11 47.66
C ILE E 17 9.16 2.37 48.29
N ASN E 18 9.91 3.14 47.53
CA ASN E 18 10.50 4.38 48.01
C ASN E 18 10.74 5.29 46.82
N LYS E 19 11.49 6.38 47.05
CA LYS E 19 11.68 7.40 46.03
C LYS E 19 12.44 6.89 44.81
N ASN E 20 13.15 5.75 44.91
CA ASN E 20 13.99 5.29 43.81
C ASN E 20 13.75 3.83 43.44
N CYS E 21 12.66 3.22 43.88
CA CYS E 21 12.48 1.80 43.60
C CYS E 21 11.00 1.43 43.54
N TRP E 22 10.65 0.59 42.55
CA TRP E 22 9.31 0.07 42.36
C TRP E 22 9.30 -1.43 42.62
N ARG E 23 8.16 -1.95 43.07
CA ARG E 23 8.00 -3.36 43.37
C ARG E 23 7.05 -3.98 42.34
N ILE E 24 7.38 -5.20 41.88
CA ILE E 24 6.50 -6.00 41.04
C ILE E 24 6.06 -7.20 41.87
N LYS E 25 4.79 -7.21 42.28
CA LYS E 25 4.31 -8.25 43.19
C LYS E 25 4.11 -9.57 42.45
N LYS E 26 4.11 -10.66 43.22
CA LYS E 26 3.83 -11.96 42.64
C LYS E 26 2.44 -11.99 42.03
N GLY E 27 2.32 -12.68 40.90
CA GLY E 27 1.10 -12.71 40.13
C GLY E 27 1.17 -11.90 38.87
N PHE E 28 2.10 -10.93 38.79
CA PHE E 28 2.26 -10.14 37.58
C PHE E 28 2.40 -11.04 36.36
N VAL E 29 3.24 -12.05 36.46
CA VAL E 29 3.29 -13.15 35.48
C VAL E 29 3.23 -14.45 36.27
N PRO E 30 3.00 -15.59 35.60
CA PRO E 30 2.82 -16.84 36.34
C PRO E 30 4.10 -17.34 37.00
N ASN E 31 3.92 -18.04 38.13
CA ASN E 31 4.96 -18.87 38.73
C ASN E 31 6.13 -18.07 39.27
N MET E 32 5.93 -16.80 39.61
CA MET E 32 7.01 -16.03 40.21
C MET E 32 7.42 -16.64 41.54
N GLN E 33 8.70 -16.96 41.67
CA GLN E 33 9.24 -17.46 42.94
C GLN E 33 9.65 -16.35 43.88
N VAL E 34 10.03 -15.19 43.34
CA VAL E 34 10.33 -14.01 44.14
C VAL E 34 9.66 -12.81 43.48
N GLU E 35 9.75 -11.67 44.15
CA GLU E 35 9.22 -10.44 43.59
C GLU E 35 10.25 -9.79 42.67
N GLY E 36 9.77 -8.84 41.87
CA GLY E 36 10.64 -8.03 41.04
C GLY E 36 10.73 -6.61 41.58
N VAL E 37 11.85 -5.97 41.30
CA VAL E 37 12.02 -4.56 41.59
C VAL E 37 12.73 -3.92 40.40
N PHE E 38 12.47 -2.63 40.20
CA PHE E 38 13.29 -1.85 39.28
C PHE E 38 13.52 -0.47 39.90
N TYR E 39 14.76 -0.01 39.80
CA TYR E 39 15.18 1.25 40.39
C TYR E 39 15.01 2.35 39.35
N VAL E 40 14.06 3.26 39.60
CA VAL E 40 13.84 4.40 38.73
C VAL E 40 13.47 5.58 39.60
N ASN E 41 14.02 6.76 39.27
CA ASN E 41 13.63 7.99 39.93
C ASN E 41 12.43 8.60 39.22
N ASP E 42 12.13 9.86 39.54
CA ASP E 42 10.93 10.49 39.00
C ASP E 42 11.04 10.70 37.50
N ALA E 43 12.22 11.10 37.01
CA ALA E 43 12.38 11.38 35.58
C ALA E 43 12.36 10.11 34.74
N LEU E 44 12.87 8.99 35.28
CA LEU E 44 12.93 7.73 34.55
C LEU E 44 11.67 6.89 34.70
N GLU E 45 10.86 7.18 35.71
CA GLU E 45 9.70 6.35 36.05
C GLU E 45 8.72 6.22 34.89
N LYS E 46 8.45 7.31 34.17
CA LYS E 46 7.43 7.26 33.12
C LYS E 46 7.82 6.32 31.99
N LEU E 47 9.11 6.27 31.62
CA LEU E 47 9.53 5.42 30.52
C LEU E 47 9.13 3.97 30.74
N MET E 48 9.29 3.46 31.96
CA MET E 48 8.95 2.06 32.22
C MET E 48 7.46 1.82 32.07
N PHE E 49 6.63 2.80 32.46
CA PHE E 49 5.18 2.61 32.35
C PHE E 49 4.66 2.83 30.94
N GLU E 50 5.27 3.73 30.16
CA GLU E 50 4.89 3.85 28.76
C GLU E 50 5.22 2.59 27.98
N GLU E 51 6.40 2.02 28.22
CA GLU E 51 6.75 0.76 27.59
C GLU E 51 5.74 -0.33 27.94
N LEU E 52 5.27 -0.35 29.19
CA LEU E 52 4.26 -1.32 29.60
C LEU E 52 2.99 -1.19 28.78
N ARG E 53 2.66 0.03 28.36
CA ARG E 53 1.45 0.25 27.58
C ARG E 53 1.68 0.18 26.08
N ASN E 54 2.85 0.60 25.60
CA ASN E 54 3.09 0.63 24.16
C ASN E 54 3.58 -0.71 23.61
N ALA E 55 4.00 -1.62 24.47
CA ALA E 55 4.45 -2.92 23.98
C ALA E 55 3.27 -3.78 23.53
N CYS E 56 2.11 -3.60 24.17
CA CYS E 56 0.92 -4.35 23.83
C CYS E 56 0.27 -3.77 22.58
N ARG E 57 -0.11 -4.62 21.65
CA ARG E 57 -0.76 -4.21 20.42
C ARG E 57 -2.13 -4.86 20.29
N GLY E 58 -2.89 -4.40 19.30
CA GLY E 58 -4.25 -4.87 19.10
C GLY E 58 -4.34 -6.37 18.93
N GLY E 59 -5.14 -7.01 19.78
CA GLY E 59 -5.37 -8.43 19.66
C GLY E 59 -4.15 -9.29 19.89
N GLY E 60 -3.06 -8.72 20.40
CA GLY E 60 -1.83 -9.46 20.57
C GLY E 60 -1.07 -9.70 19.29
N VAL E 61 -1.52 -9.14 18.17
CA VAL E 61 -0.89 -9.36 16.88
C VAL E 61 0.26 -8.37 16.78
N GLY E 62 1.49 -8.87 16.88
CA GLY E 62 2.63 -8.00 16.93
C GLY E 62 2.94 -7.68 18.38
N GLY E 63 3.70 -6.62 18.57
CA GLY E 63 4.07 -6.19 19.91
C GLY E 63 5.25 -6.98 20.45
N PHE E 64 5.78 -6.50 21.58
CA PHE E 64 6.86 -7.16 22.27
C PHE E 64 6.58 -7.16 23.76
N LEU E 65 7.47 -7.80 24.52
CA LEU E 65 7.33 -7.91 25.97
C LEU E 65 7.95 -6.70 26.64
N PRO E 66 7.22 -5.95 27.45
CA PRO E 66 7.84 -4.83 28.17
C PRO E 66 8.79 -5.34 29.24
N ALA E 67 9.74 -4.46 29.61
CA ALA E 67 10.74 -4.84 30.61
C ALA E 67 10.10 -5.35 31.89
N MET E 68 9.02 -4.72 32.34
CA MET E 68 8.37 -5.17 33.57
C MET E 68 7.99 -6.65 33.48
N LYS E 69 7.46 -7.07 32.33
CA LYS E 69 7.08 -8.47 32.16
C LYS E 69 8.31 -9.37 32.15
N GLN E 70 9.38 -8.94 31.49
CA GLN E 70 10.59 -9.75 31.45
C GLN E 70 11.20 -9.90 32.83
N ILE E 71 11.23 -8.81 33.60
CA ILE E 71 11.68 -8.90 34.98
C ILE E 71 10.85 -9.93 35.73
N GLY E 72 9.53 -9.91 35.52
CA GLY E 72 8.67 -10.89 36.17
C GLY E 72 8.95 -12.30 35.71
N ASN E 73 9.10 -12.49 34.39
CA ASN E 73 9.39 -13.83 33.87
C ASN E 73 10.69 -14.36 34.46
N VAL E 74 11.69 -13.50 34.64
CA VAL E 74 12.95 -13.96 35.24
C VAL E 74 12.75 -14.33 36.69
N ALA E 75 11.80 -13.71 37.38
CA ALA E 75 11.53 -14.08 38.77
C ALA E 75 10.85 -15.43 38.89
N ALA E 76 10.42 -16.03 37.78
CA ALA E 76 9.81 -17.34 37.78
C ALA E 76 10.80 -18.46 37.50
N LEU E 77 12.05 -18.14 37.21
CA LEU E 77 13.04 -19.16 36.89
C LEU E 77 13.39 -19.98 38.13
N PRO E 78 13.49 -21.30 38.01
CA PRO E 78 13.71 -22.13 39.20
C PRO E 78 15.05 -21.82 39.86
N GLY E 79 15.03 -21.75 41.20
CA GLY E 79 16.23 -21.55 41.97
C GLY E 79 16.63 -20.10 42.22
N ILE E 80 15.85 -19.13 41.77
CA ILE E 80 16.19 -17.73 42.00
C ILE E 80 16.05 -17.39 43.49
N VAL E 81 16.90 -16.48 43.96
CA VAL E 81 16.85 -16.00 45.34
C VAL E 81 16.72 -14.48 45.36
N HIS E 82 16.19 -13.98 46.48
CA HIS E 82 16.03 -12.55 46.73
C HIS E 82 15.02 -11.90 45.78
N ARG E 83 15.51 -11.23 44.73
CA ARG E 83 14.63 -10.52 43.81
C ARG E 83 15.21 -10.56 42.41
N SER E 84 14.31 -10.48 41.42
CA SER E 84 14.68 -10.12 40.07
C SER E 84 14.72 -8.59 39.97
N ILE E 85 15.87 -8.04 39.59
CA ILE E 85 16.17 -6.62 39.76
C ILE E 85 16.35 -5.96 38.40
N GLY E 86 15.54 -4.96 38.12
CA GLY E 86 15.81 -4.04 37.02
C GLY E 86 16.58 -2.83 37.51
N LEU E 87 17.62 -2.48 36.79
CA LEU E 87 18.49 -1.36 37.15
C LEU E 87 18.06 -0.10 36.41
N PRO E 88 18.56 1.06 36.83
CA PRO E 88 18.00 2.34 36.33
C PRO E 88 17.97 2.48 34.82
N ASP E 89 18.88 1.84 34.10
CA ASP E 89 18.88 1.89 32.65
C ASP E 89 17.97 0.83 32.03
N VAL E 90 17.18 0.16 32.84
CA VAL E 90 16.42 -1.01 32.39
C VAL E 90 15.49 -0.62 31.25
N HIS E 91 15.41 -1.50 30.24
CA HIS E 91 14.45 -1.37 29.16
C HIS E 91 14.24 -2.74 28.55
N SER E 92 13.21 -2.85 27.73
CA SER E 92 12.80 -4.13 27.18
C SER E 92 13.94 -4.77 26.39
N GLY E 93 14.24 -6.03 26.71
CA GLY E 93 15.23 -6.82 25.99
C GLY E 93 14.59 -7.94 25.19
N TYR E 94 15.28 -9.08 25.08
CA TYR E 94 14.74 -10.21 24.33
C TYR E 94 14.55 -11.47 25.17
N GLY E 95 14.82 -11.42 26.47
CA GLY E 95 14.54 -12.53 27.36
C GLY E 95 14.56 -12.04 28.80
N PHE E 96 15.75 -11.83 29.32
CA PHE E 96 15.94 -10.83 30.36
C PHE E 96 15.67 -9.45 29.78
N ALA E 97 15.31 -8.51 30.65
CA ALA E 97 15.31 -7.13 30.21
C ALA E 97 16.75 -6.66 30.05
N ILE E 98 16.95 -5.61 29.25
CA ILE E 98 18.25 -4.97 29.22
C ILE E 98 18.43 -4.22 30.54
N GLY E 99 19.40 -4.65 31.35
CA GLY E 99 19.59 -4.08 32.66
C GLY E 99 18.92 -4.86 33.77
N ASN E 100 19.08 -6.19 33.75
CA ASN E 100 18.33 -7.10 34.60
C ASN E 100 19.29 -8.09 35.26
N MET E 101 19.21 -8.21 36.59
CA MET E 101 20.06 -9.13 37.35
C MET E 101 19.20 -10.15 38.10
N ALA E 102 19.64 -11.41 38.07
CA ALA E 102 19.02 -12.47 38.85
C ALA E 102 20.09 -13.45 39.31
N ALA E 103 20.00 -13.87 40.57
CA ALA E 103 20.99 -14.73 41.20
C ALA E 103 20.32 -16.02 41.67
N PHE E 104 21.02 -17.13 41.51
CA PHE E 104 20.47 -18.46 41.76
C PHE E 104 21.35 -19.22 42.74
N ASP E 105 20.72 -19.94 43.66
CA ASP E 105 21.45 -20.68 44.70
C ASP E 105 22.02 -21.96 44.08
N MET E 106 23.35 -22.02 43.99
CA MET E 106 23.99 -23.16 43.35
C MET E 106 23.90 -24.44 44.17
N ASN E 107 23.42 -24.36 45.41
CA ASN E 107 23.19 -25.55 46.23
C ASN E 107 21.74 -26.01 46.19
N ASP E 108 20.87 -25.30 45.49
CA ASP E 108 19.54 -25.78 45.17
C ASP E 108 19.64 -26.60 43.90
N PRO E 109 19.41 -27.92 43.95
CA PRO E 109 19.62 -28.74 42.74
C PRO E 109 18.74 -28.35 41.58
N GLU E 110 17.72 -27.53 41.80
CA GLU E 110 16.85 -27.06 40.73
C GLU E 110 17.29 -25.72 40.14
N ALA E 111 18.29 -25.07 40.73
CA ALA E 111 18.76 -23.81 40.20
C ALA E 111 19.28 -23.99 38.78
N VAL E 112 18.96 -23.03 37.92
CA VAL E 112 19.25 -23.12 36.49
C VAL E 112 20.21 -22.01 36.09
N VAL E 113 20.76 -22.16 34.88
CA VAL E 113 21.52 -21.11 34.21
C VAL E 113 20.80 -20.79 32.91
N SER E 114 20.60 -19.51 32.64
CA SER E 114 19.86 -19.06 31.47
C SER E 114 20.77 -18.28 30.53
N PRO E 115 21.14 -18.83 29.38
CA PRO E 115 21.97 -18.06 28.43
C PRO E 115 21.31 -16.77 27.98
N GLY E 116 19.99 -16.76 27.79
CA GLY E 116 19.30 -15.52 27.49
C GLY E 116 19.42 -14.47 28.59
N GLY E 117 19.92 -14.86 29.75
CA GLY E 117 20.17 -13.94 30.84
C GLY E 117 21.56 -13.35 30.76
N VAL E 118 22.46 -14.04 30.07
CA VAL E 118 23.77 -13.48 29.75
C VAL E 118 23.72 -12.66 28.47
N GLY E 119 22.99 -13.14 27.46
CA GLY E 119 22.84 -12.42 26.22
C GLY E 119 23.68 -13.05 25.12
N PHE E 120 23.39 -12.64 23.88
CA PHE E 120 24.14 -13.21 22.75
C PHE E 120 25.55 -12.62 22.67
N ASP E 121 25.71 -11.34 23.02
CA ASP E 121 27.03 -10.73 23.07
C ASP E 121 27.63 -11.00 24.44
N ILE E 122 28.14 -12.23 24.60
CA ILE E 122 28.67 -12.68 25.88
C ILE E 122 29.88 -11.86 26.26
N ASN E 123 29.89 -11.34 27.49
CA ASN E 123 31.00 -10.57 28.04
C ASN E 123 31.22 -9.26 27.29
N CYS E 124 30.18 -8.74 26.64
CA CYS E 124 30.26 -7.39 26.12
C CYS E 124 30.54 -6.42 27.27
N GLY E 125 31.47 -5.49 27.04
CA GLY E 125 31.97 -4.69 28.14
C GLY E 125 32.58 -3.40 27.66
N VAL E 126 33.06 -2.60 28.62
CA VAL E 126 33.63 -1.30 28.36
C VAL E 126 35.03 -1.25 28.96
N ARG E 127 36.00 -0.76 28.17
CA ARG E 127 37.36 -0.53 28.64
C ARG E 127 37.64 0.95 28.52
N LEU E 128 38.15 1.54 29.60
CA LEU E 128 38.52 2.95 29.61
C LEU E 128 40.03 3.07 29.72
N LEU E 129 40.62 3.88 28.85
CA LEU E 129 42.04 4.18 28.86
C LEU E 129 42.25 5.63 29.25
N ARG E 130 43.43 5.91 29.80
CA ARG E 130 43.81 7.28 30.11
C ARG E 130 44.96 7.70 29.20
N THR E 131 45.16 9.02 29.13
CA THR E 131 46.29 9.59 28.42
C THR E 131 46.90 10.69 29.28
N ASN E 132 48.11 11.09 28.93
CA ASN E 132 48.72 12.28 29.52
C ASN E 132 48.54 13.50 28.65
N LEU E 133 47.68 13.42 27.64
CA LEU E 133 47.37 14.54 26.76
C LEU E 133 46.25 15.38 27.38
N ASP E 134 46.14 16.62 26.91
CA ASP E 134 45.09 17.51 27.34
C ASP E 134 44.18 17.84 26.17
N GLU E 135 42.98 18.34 26.49
CA GLU E 135 42.06 18.73 25.41
C GLU E 135 42.72 19.75 24.50
N SER E 136 43.57 20.62 25.04
CA SER E 136 44.28 21.58 24.21
C SER E 136 45.19 20.88 23.21
N ASP E 137 45.63 19.66 23.51
CA ASP E 137 46.46 18.91 22.58
C ASP E 137 45.66 18.23 21.48
N VAL E 138 44.37 17.94 21.72
CA VAL E 138 43.58 17.15 20.79
C VAL E 138 42.68 18.03 19.91
N GLN E 139 42.12 19.10 20.48
CA GLN E 139 41.25 19.97 19.70
C GLN E 139 41.86 20.39 18.37
N PRO E 140 43.15 20.72 18.28
CA PRO E 140 43.73 21.08 16.98
C PRO E 140 43.75 19.94 15.96
N VAL E 141 43.70 18.67 16.39
CA VAL E 141 43.82 17.57 15.44
C VAL E 141 42.76 16.51 15.69
N LYS E 142 41.58 16.92 16.17
CA LYS E 142 40.54 15.95 16.47
C LYS E 142 40.11 15.20 15.22
N GLU E 143 39.84 15.92 14.13
CA GLU E 143 39.40 15.27 12.91
C GLU E 143 40.44 14.26 12.43
N GLN E 144 41.72 14.62 12.48
CA GLN E 144 42.77 13.67 12.10
C GLN E 144 42.78 12.47 13.02
N LEU E 145 42.62 12.70 14.33
CA LEU E 145 42.64 11.60 15.29
C LEU E 145 41.41 10.72 15.12
N ALA E 146 40.24 11.33 14.92
CA ALA E 146 39.05 10.54 14.62
C ALA E 146 39.24 9.71 13.36
N GLN E 147 39.83 10.31 12.32
CA GLN E 147 40.07 9.56 11.09
C GLN E 147 41.11 8.47 11.29
N ALA E 148 42.10 8.71 12.14
CA ALA E 148 43.11 7.68 12.42
C ALA E 148 42.48 6.48 13.13
N MET E 149 41.57 6.74 14.08
CA MET E 149 40.86 5.64 14.73
C MET E 149 40.04 4.85 13.72
N PHE E 150 39.25 5.55 12.90
CA PHE E 150 38.45 4.86 11.88
C PHE E 150 39.34 4.07 10.94
N ASP E 151 40.53 4.60 10.62
CA ASP E 151 41.44 3.91 9.71
C ASP E 151 42.12 2.71 10.35
N HIS E 152 42.32 2.73 11.66
CA HIS E 152 43.00 1.64 12.35
C HIS E 152 42.05 0.55 12.84
N ILE E 153 40.81 0.90 13.14
CA ILE E 153 39.86 0.02 13.82
C ILE E 153 38.81 -0.43 12.81
N PRO E 154 38.69 -1.73 12.52
CA PRO E 154 37.60 -2.19 11.64
C PRO E 154 36.26 -2.04 12.35
N VAL E 155 35.33 -1.33 11.71
CA VAL E 155 34.03 -1.06 12.31
C VAL E 155 32.93 -1.44 11.32
N GLY E 156 31.80 -1.88 11.86
CA GLY E 156 30.61 -2.08 11.08
C GLY E 156 30.51 -3.47 10.49
N VAL E 157 29.32 -3.75 9.94
CA VAL E 157 29.05 -5.05 9.38
C VAL E 157 30.03 -5.35 8.25
N GLY E 158 30.53 -6.58 8.21
CA GLY E 158 31.42 -7.03 7.17
C GLY E 158 32.89 -6.76 7.40
N SER E 159 33.24 -6.00 8.43
CA SER E 159 34.66 -5.73 8.69
C SER E 159 35.36 -6.99 9.18
N LYS E 160 36.66 -7.06 8.90
CA LYS E 160 37.48 -8.19 9.31
C LYS E 160 38.74 -7.70 10.01
N GLY E 161 39.33 -8.58 10.81
CA GLY E 161 40.45 -8.20 11.64
C GLY E 161 41.69 -7.86 10.82
N VAL E 162 42.42 -6.85 11.29
CA VAL E 162 43.67 -6.45 10.66
C VAL E 162 44.84 -7.30 11.15
N ILE E 163 44.78 -7.78 12.39
CA ILE E 163 45.79 -8.70 12.90
C ILE E 163 45.54 -10.08 12.32
N PRO E 164 46.47 -10.63 11.54
CA PRO E 164 46.24 -11.96 10.99
C PRO E 164 46.16 -12.98 12.11
N MET E 165 45.19 -13.90 11.99
CA MET E 165 44.84 -14.89 13.00
C MET E 165 44.58 -16.23 12.35
N ASN E 166 45.06 -17.28 12.97
CA ASN E 166 44.81 -18.64 12.52
C ASN E 166 44.02 -19.41 13.59
N ALA E 167 43.63 -20.63 13.22
CA ALA E 167 42.84 -21.45 14.13
C ALA E 167 43.56 -21.67 15.45
N LYS E 168 44.88 -21.88 15.40
CA LYS E 168 45.64 -22.11 16.63
C LYS E 168 45.64 -20.87 17.52
N ASP E 169 45.74 -19.68 16.91
CA ASP E 169 45.68 -18.45 17.69
C ASP E 169 44.33 -18.31 18.39
N LEU E 170 43.24 -18.58 17.66
CA LEU E 170 41.92 -18.47 18.26
C LEU E 170 41.75 -19.46 19.41
N GLU E 171 42.23 -20.69 19.23
CA GLU E 171 42.12 -21.70 20.27
C GLU E 171 42.88 -21.30 21.52
N GLU E 172 44.02 -20.63 21.36
CA GLU E 172 44.79 -20.16 22.51
C GLU E 172 44.15 -18.94 23.15
N ALA E 173 43.59 -18.03 22.34
CA ALA E 173 42.91 -16.87 22.91
C ALA E 173 41.73 -17.30 23.75
N LEU E 174 41.02 -18.36 23.33
CA LEU E 174 39.89 -18.86 24.10
C LEU E 174 40.32 -19.44 25.45
N GLU E 175 41.52 -20.02 25.51
CA GLU E 175 42.03 -20.61 26.75
C GLU E 175 42.77 -19.61 27.62
N MET E 176 43.50 -18.67 27.03
CA MET E 176 44.41 -17.81 27.77
C MET E 176 43.84 -16.42 28.02
N GLY E 177 42.84 -16.00 27.25
CA GLY E 177 42.35 -14.64 27.37
C GLY E 177 43.46 -13.65 27.09
N VAL E 178 43.50 -12.58 27.89
CA VAL E 178 44.47 -11.52 27.65
C VAL E 178 45.90 -12.03 27.76
N ASP E 179 46.11 -13.19 28.40
CA ASP E 179 47.45 -13.77 28.44
C ASP E 179 48.01 -13.98 27.05
N TRP E 180 47.15 -14.35 26.09
CA TRP E 180 47.59 -14.47 24.70
C TRP E 180 48.04 -13.13 24.16
N SER E 181 47.24 -12.08 24.36
CA SER E 181 47.62 -10.75 23.89
C SER E 181 48.94 -10.32 24.51
N LEU E 182 49.16 -10.69 25.77
CA LEU E 182 50.43 -10.39 26.43
C LEU E 182 51.58 -11.17 25.78
N ARG E 183 51.37 -12.47 25.57
CA ARG E 183 52.44 -13.30 25.01
C ARG E 183 52.85 -12.83 23.62
N GLU E 184 51.89 -12.41 22.81
CA GLU E 184 52.16 -12.00 21.44
C GLU E 184 52.53 -10.53 21.30
N GLY E 185 52.53 -9.77 22.40
CA GLY E 185 52.99 -8.40 22.38
C GLY E 185 51.97 -7.35 22.03
N TYR E 186 50.69 -7.67 22.02
CA TYR E 186 49.66 -6.68 21.72
C TYR E 186 49.10 -6.01 22.98
N ALA E 187 49.42 -6.52 24.16
CA ALA E 187 48.95 -5.95 25.41
C ALA E 187 50.12 -5.80 26.37
N TRP E 188 49.94 -4.92 27.35
CA TRP E 188 50.90 -4.72 28.43
C TRP E 188 50.48 -5.47 29.68
N ALA E 189 51.46 -5.75 30.53
CA ALA E 189 51.16 -6.41 31.80
C ALA E 189 50.26 -5.54 32.67
N GLU E 190 50.42 -4.22 32.59
CA GLU E 190 49.58 -3.32 33.37
C GLU E 190 48.12 -3.45 32.97
N ASP E 191 47.86 -3.78 31.71
CA ASP E 191 46.48 -3.99 31.26
C ASP E 191 45.83 -5.15 32.01
N LYS E 192 46.52 -6.30 32.09
CA LYS E 192 45.94 -7.47 32.73
C LYS E 192 45.60 -7.19 34.19
N GLU E 193 46.44 -6.41 34.88
CA GLU E 193 46.21 -6.16 36.30
C GLU E 193 44.98 -5.32 36.54
N HIS E 194 44.62 -4.45 35.59
CA HIS E 194 43.46 -3.58 35.73
C HIS E 194 42.30 -4.03 34.84
N CYS E 195 42.17 -5.34 34.67
CA CYS E 195 41.10 -5.96 33.90
C CYS E 195 40.29 -6.86 34.81
N GLU E 196 38.97 -6.75 34.75
CA GLU E 196 38.15 -7.64 35.55
C GLU E 196 38.47 -9.09 35.22
N GLU E 197 38.52 -9.94 36.24
CA GLU E 197 38.95 -11.32 36.11
C GLU E 197 40.41 -11.44 35.68
N TYR E 198 41.16 -10.33 35.67
CA TYR E 198 42.51 -10.31 35.11
C TYR E 198 42.52 -10.83 33.67
N GLY E 199 41.39 -10.66 32.98
CA GLY E 199 41.31 -10.98 31.56
C GLY E 199 41.47 -12.44 31.21
N ARG E 200 41.20 -13.36 32.14
CA ARG E 200 41.25 -14.78 31.82
C ARG E 200 40.41 -15.52 32.85
N MET E 201 39.38 -16.23 32.39
CA MET E 201 38.58 -17.09 33.24
C MET E 201 39.07 -18.52 33.07
N LEU E 202 39.58 -19.11 34.16
CA LEU E 202 40.19 -20.43 34.05
C LEU E 202 39.16 -21.52 33.80
N GLN E 203 37.88 -21.23 34.04
CA GLN E 203 36.80 -22.18 33.75
C GLN E 203 36.60 -22.40 32.25
N ALA E 204 37.21 -21.56 31.41
CA ALA E 204 37.01 -21.64 29.97
C ALA E 204 37.53 -22.96 29.42
N ASP E 205 36.71 -23.61 28.59
CA ASP E 205 37.12 -24.82 27.87
C ASP E 205 36.87 -24.60 26.38
N PRO E 206 37.92 -24.35 25.60
CA PRO E 206 37.73 -24.16 24.16
C PRO E 206 37.05 -25.35 23.48
N ASN E 207 37.11 -26.54 24.07
CA ASN E 207 36.45 -27.72 23.51
C ASN E 207 34.94 -27.69 23.65
N LYS E 208 34.38 -26.76 24.44
CA LYS E 208 32.94 -26.60 24.54
C LYS E 208 32.41 -25.53 23.61
N VAL E 209 33.29 -24.91 22.81
CA VAL E 209 32.91 -23.93 21.80
C VAL E 209 32.83 -24.65 20.44
N SER E 210 31.69 -24.53 19.78
CA SER E 210 31.42 -25.29 18.57
C SER E 210 32.30 -24.84 17.40
N ALA E 211 32.39 -25.71 16.39
CA ALA E 211 33.10 -25.37 15.16
C ALA E 211 32.48 -24.14 14.49
N ARG E 212 31.15 -24.04 14.50
CA ARG E 212 30.49 -22.88 13.92
C ARG E 212 30.91 -21.60 14.62
N ALA E 213 30.96 -21.63 15.95
CA ALA E 213 31.36 -20.44 16.68
C ALA E 213 32.77 -20.02 16.29
N LYS E 214 33.68 -20.98 16.18
CA LYS E 214 35.05 -20.66 15.80
C LYS E 214 35.15 -20.18 14.36
N LYS E 215 34.32 -20.70 13.47
CA LYS E 215 34.35 -20.21 12.09
C LYS E 215 33.75 -18.81 11.97
N ARG E 216 32.73 -18.47 12.75
CA ARG E 216 32.28 -17.08 12.79
C ARG E 216 33.32 -16.20 13.47
N GLY E 217 33.96 -16.70 14.52
CA GLY E 217 34.79 -15.85 15.36
C GLY E 217 36.13 -15.46 14.78
N LEU E 218 36.75 -16.35 13.99
CA LEU E 218 38.10 -16.07 13.52
C LEU E 218 38.19 -14.76 12.73
N PRO E 219 37.39 -14.54 11.69
CA PRO E 219 37.51 -13.28 10.92
C PRO E 219 37.14 -12.04 11.72
N GLN E 220 36.44 -12.18 12.84
CA GLN E 220 35.94 -11.02 13.57
C GLN E 220 36.80 -10.64 14.77
N LEU E 221 37.81 -11.45 15.09
CA LEU E 221 38.71 -11.09 16.19
C LEU E 221 39.53 -9.87 15.80
N GLY E 222 39.50 -8.85 16.64
CA GLY E 222 40.12 -7.58 16.31
C GLY E 222 39.24 -6.62 15.55
N THR E 223 37.92 -6.74 15.70
CA THR E 223 36.97 -5.85 15.05
C THR E 223 36.02 -5.28 16.11
N LEU E 224 35.53 -4.08 15.83
CA LEU E 224 34.67 -3.40 16.79
C LEU E 224 33.25 -3.96 16.77
N GLY E 225 32.75 -4.31 15.59
CA GLY E 225 31.36 -4.69 15.43
C GLY E 225 30.50 -3.52 14.99
N ALA E 226 29.20 -3.66 15.21
CA ALA E 226 28.25 -2.62 14.85
C ALA E 226 27.34 -2.30 16.02
N GLY E 227 26.11 -1.85 15.73
CA GLY E 227 25.19 -1.55 16.82
C GLY E 227 25.64 -0.34 17.60
N ASN E 228 25.55 -0.43 18.93
CA ASN E 228 25.99 0.66 19.78
C ASN E 228 27.46 0.55 20.16
N HIS E 229 28.19 -0.41 19.59
CA HIS E 229 29.62 -0.48 19.87
C HIS E 229 30.31 0.79 19.39
N TYR E 230 31.36 1.18 20.10
CA TYR E 230 31.99 2.47 19.83
C TYR E 230 33.40 2.48 20.41
N ALA E 231 34.18 3.44 19.92
CA ALA E 231 35.43 3.86 20.54
C ALA E 231 35.37 5.37 20.61
N GLU E 232 35.37 5.92 21.82
CA GLU E 232 35.10 7.33 22.04
C GLU E 232 36.28 7.99 22.74
N ILE E 233 36.86 9.02 22.11
CA ILE E 233 37.85 9.86 22.76
C ILE E 233 37.12 10.91 23.59
N GLN E 234 37.45 10.98 24.88
CA GLN E 234 36.72 11.77 25.85
C GLN E 234 37.67 12.66 26.63
N VAL E 235 37.10 13.62 27.36
CA VAL E 235 37.84 14.53 28.22
C VAL E 235 37.16 14.61 29.56
N VAL E 236 37.96 14.56 30.63
CA VAL E 236 37.45 14.66 31.99
C VAL E 236 36.84 16.03 32.20
N ASP E 237 35.57 16.07 32.64
CA ASP E 237 34.84 17.31 32.79
C ASP E 237 34.54 17.65 34.25
N GLU E 238 34.55 16.66 35.14
CA GLU E 238 34.24 16.90 36.54
C GLU E 238 34.76 15.71 37.36
N ILE E 239 35.31 16.01 38.54
CA ILE E 239 35.82 15.00 39.46
C ILE E 239 35.00 15.03 40.74
N PHE E 240 34.30 13.92 41.02
CA PHE E 240 33.49 13.78 42.22
C PHE E 240 34.21 13.07 43.37
N ASN E 241 35.24 12.29 43.07
CA ASN E 241 35.97 11.51 44.07
C ASN E 241 37.45 11.61 43.70
N GLU E 242 38.13 12.57 44.30
CA GLU E 242 39.51 12.87 43.89
C GLU E 242 40.45 11.71 44.15
N TYR E 243 40.21 10.93 45.21
CA TYR E 243 41.11 9.81 45.51
C TYR E 243 41.00 8.73 44.44
N ALA E 244 39.78 8.30 44.13
CA ALA E 244 39.60 7.34 43.05
C ALA E 244 40.22 7.85 41.76
N ALA E 245 39.99 9.12 41.44
CA ALA E 245 40.57 9.70 40.22
C ALA E 245 42.08 9.55 40.22
N LYS E 246 42.73 9.87 41.35
CA LYS E 246 44.17 9.71 41.45
C LYS E 246 44.59 8.24 41.38
N LYS E 247 43.76 7.33 41.88
CA LYS E 247 44.08 5.91 41.79
C LYS E 247 43.93 5.40 40.36
N MET E 248 43.03 6.00 39.59
CA MET E 248 42.79 5.65 38.20
C MET E 248 43.75 6.33 37.24
N GLY E 249 44.61 7.23 37.75
CA GLY E 249 45.52 7.97 36.91
C GLY E 249 44.98 9.27 36.37
N ILE E 250 43.81 9.72 36.85
CA ILE E 250 43.23 10.98 36.43
C ILE E 250 43.68 12.07 37.40
N ASP E 251 44.40 13.08 36.90
CA ASP E 251 44.91 14.15 37.74
C ASP E 251 44.20 15.48 37.49
N HIS E 252 44.23 16.01 36.27
CA HIS E 252 43.66 17.31 36.03
C HIS E 252 42.39 17.16 35.19
N LYS E 253 41.41 18.01 35.45
CA LYS E 253 40.28 18.11 34.55
C LYS E 253 40.78 18.58 33.19
N GLY E 254 40.24 17.98 32.13
CA GLY E 254 40.75 18.21 30.80
C GLY E 254 41.62 17.09 30.26
N GLN E 255 41.92 16.09 31.09
CA GLN E 255 42.70 14.94 30.67
C GLN E 255 41.92 14.10 29.66
N VAL E 256 42.65 13.53 28.72
CA VAL E 256 42.05 12.80 27.61
C VAL E 256 41.97 11.32 27.95
N CYS E 257 40.80 10.73 27.76
CA CYS E 257 40.59 9.30 27.97
C CYS E 257 39.94 8.72 26.72
N VAL E 258 39.98 7.40 26.62
CA VAL E 258 39.39 6.67 25.50
C VAL E 258 38.54 5.54 26.05
N MET E 259 37.28 5.49 25.65
CA MET E 259 36.34 4.46 26.07
C MET E 259 36.02 3.54 24.90
N ILE E 260 36.20 2.22 25.11
CA ILE E 260 35.98 1.20 24.10
C ILE E 260 34.88 0.27 24.58
N HIS E 261 33.91 0.00 23.70
CA HIS E 261 32.76 -0.84 24.02
C HIS E 261 32.58 -1.87 22.91
N SER E 262 32.83 -3.14 23.24
CA SER E 262 32.65 -4.24 22.30
C SER E 262 32.57 -5.55 23.09
N GLY E 263 32.20 -6.62 22.39
CA GLY E 263 31.94 -7.89 23.02
C GLY E 263 32.64 -9.04 22.30
N SER E 264 32.00 -10.22 22.39
CA SER E 264 32.59 -11.46 21.88
C SER E 264 32.25 -11.75 20.42
N ARG E 265 31.58 -10.83 19.73
CA ARG E 265 31.37 -10.92 18.28
C ARG E 265 30.70 -12.25 17.93
N GLY E 266 30.96 -12.74 16.71
CA GLY E 266 30.24 -13.91 16.20
C GLY E 266 30.50 -15.17 17.00
N LEU E 267 31.68 -15.29 17.61
CA LEU E 267 31.95 -16.45 18.46
C LEU E 267 30.99 -16.48 19.64
N GLY E 268 30.85 -15.35 20.33
CA GLY E 268 29.96 -15.29 21.48
C GLY E 268 28.49 -15.46 21.13
N HIS E 269 28.04 -14.79 20.06
CA HIS E 269 26.66 -14.95 19.62
C HIS E 269 26.34 -16.41 19.35
N GLN E 270 27.27 -17.12 18.68
CA GLN E 270 27.04 -18.51 18.33
C GLN E 270 27.07 -19.41 19.56
N VAL E 271 28.00 -19.17 20.49
CA VAL E 271 27.99 -19.93 21.73
C VAL E 271 26.64 -19.78 22.42
N ALA E 272 26.11 -18.56 22.44
CA ALA E 272 24.79 -18.34 23.05
C ALA E 272 23.71 -19.05 22.26
N THR E 273 23.76 -18.96 20.92
CA THR E 273 22.76 -19.63 20.10
C THR E 273 22.80 -21.14 20.30
N ASP E 274 24.00 -21.72 20.31
CA ASP E 274 24.14 -23.16 20.49
C ASP E 274 23.53 -23.61 21.81
N ALA E 275 23.77 -22.86 22.89
CA ALA E 275 23.23 -23.25 24.19
C ALA E 275 21.71 -23.14 24.20
N LEU E 276 21.16 -22.10 23.57
CA LEU E 276 19.72 -21.95 23.49
C LEU E 276 19.08 -23.17 22.85
N VAL E 277 19.67 -23.65 21.74
CA VAL E 277 19.13 -24.81 21.05
C VAL E 277 19.28 -26.07 21.89
N ALA E 278 20.44 -26.24 22.54
CA ALA E 278 20.68 -27.46 23.31
C ALA E 278 19.80 -27.58 24.55
N MET E 279 19.44 -26.46 25.19
CA MET E 279 18.69 -26.51 26.44
C MET E 279 17.22 -26.82 26.28
N GLU E 280 16.62 -26.51 25.13
CA GLU E 280 15.24 -26.89 24.91
C GLU E 280 15.07 -28.40 25.05
N LYS E 281 16.06 -29.17 24.59
CA LYS E 281 16.05 -30.63 24.77
C LYS E 281 16.35 -31.04 26.21
N ALA E 282 16.91 -30.15 27.03
CA ALA E 282 17.23 -30.49 28.40
C ALA E 282 16.18 -29.99 29.38
N MET E 283 15.26 -29.15 28.91
CA MET E 283 14.12 -28.76 29.71
C MET E 283 13.06 -29.85 29.69
N LYS E 284 12.91 -30.51 28.53
CA LYS E 284 12.04 -31.68 28.45
C LYS E 284 12.53 -32.79 29.36
N ARG E 285 13.84 -33.02 29.39
CA ARG E 285 14.38 -34.08 30.24
C ARG E 285 14.18 -33.77 31.72
N ASP E 286 14.62 -32.59 32.16
CA ASP E 286 14.63 -32.25 33.57
C ASP E 286 13.34 -31.58 34.03
N LYS E 287 12.32 -31.51 33.17
CA LYS E 287 11.00 -30.99 33.52
C LYS E 287 11.08 -29.55 34.05
N ILE E 288 11.53 -28.66 33.16
CA ILE E 288 11.66 -27.23 33.47
C ILE E 288 10.66 -26.47 32.62
N ILE E 289 9.85 -25.65 33.26
CA ILE E 289 8.87 -24.79 32.59
C ILE E 289 9.31 -23.34 32.70
N VAL E 290 9.13 -22.57 31.63
CA VAL E 290 9.46 -21.16 31.61
C VAL E 290 8.30 -20.40 30.97
N ASN E 291 8.25 -19.10 31.26
CA ASN E 291 7.20 -18.23 30.74
C ASN E 291 7.52 -17.66 29.38
N ASP E 292 8.77 -17.79 28.92
CA ASP E 292 9.21 -17.20 27.66
C ASP E 292 10.23 -18.13 27.04
N ARG E 293 9.98 -18.55 25.80
CA ARG E 293 10.85 -19.52 25.15
C ARG E 293 12.29 -19.05 25.13
N GLN E 294 12.50 -17.73 25.09
CA GLN E 294 13.86 -17.18 25.10
C GLN E 294 14.58 -17.41 26.42
N LEU E 295 13.86 -17.75 27.49
CA LEU E 295 14.47 -18.06 28.78
C LEU E 295 14.86 -19.54 28.91
N ALA E 296 15.01 -20.24 27.79
CA ALA E 296 15.47 -21.62 27.81
C ALA E 296 16.72 -21.76 28.69
N CYS E 297 16.71 -22.79 29.54
CA CYS E 297 17.74 -22.94 30.56
C CYS E 297 17.88 -24.42 30.90
N ALA E 298 18.84 -24.71 31.76
CA ALA E 298 19.08 -26.07 32.23
C ALA E 298 19.56 -26.00 33.67
N ARG E 299 19.43 -27.12 34.37
CA ARG E 299 19.98 -27.19 35.71
C ARG E 299 21.47 -26.88 35.67
N ILE E 300 21.95 -26.15 36.68
CA ILE E 300 23.33 -25.69 36.65
C ILE E 300 24.30 -26.85 36.54
N ALA E 301 23.99 -27.97 37.21
CA ALA E 301 24.90 -29.11 37.21
C ALA E 301 24.74 -30.04 36.01
N SER E 302 23.73 -29.83 35.17
CA SER E 302 23.53 -30.69 34.01
C SER E 302 24.67 -30.54 33.01
N PRO E 303 24.85 -31.52 32.11
CA PRO E 303 25.87 -31.35 31.07
C PRO E 303 25.65 -30.11 30.21
N GLU E 304 24.40 -29.79 29.88
CA GLU E 304 24.14 -28.59 29.09
C GLU E 304 24.51 -27.33 29.85
N GLY E 305 24.17 -27.29 31.15
CA GLY E 305 24.51 -26.13 31.95
C GLY E 305 26.01 -25.97 32.11
N GLN E 306 26.71 -27.07 32.39
CA GLN E 306 28.16 -27.00 32.53
C GLN E 306 28.84 -26.70 31.21
N ASP E 307 28.39 -27.32 30.13
CA ASP E 307 28.99 -27.06 28.82
C ASP E 307 28.85 -25.60 28.43
N TYR E 308 27.68 -25.00 28.68
CA TYR E 308 27.50 -23.59 28.37
C TYR E 308 28.42 -22.71 29.20
N LEU E 309 28.45 -22.92 30.52
CA LEU E 309 29.26 -22.06 31.37
C LEU E 309 30.71 -22.07 30.96
N LYS E 310 31.23 -23.24 30.57
CA LYS E 310 32.61 -23.33 30.11
C LYS E 310 32.79 -22.64 28.76
N GLY E 311 31.81 -22.77 27.87
CA GLY E 311 31.86 -22.05 26.61
C GLY E 311 31.64 -20.57 26.79
N MET E 312 30.77 -20.20 27.75
CA MET E 312 30.61 -18.79 28.11
C MET E 312 31.93 -18.17 28.50
N ALA E 313 32.69 -18.85 29.37
CA ALA E 313 33.95 -18.30 29.84
C ALA E 313 34.96 -18.16 28.70
N ALA E 314 34.97 -19.13 27.77
CA ALA E 314 35.84 -19.02 26.60
C ALA E 314 35.45 -17.80 25.75
N ALA E 315 34.15 -17.56 25.59
CA ALA E 315 33.70 -16.37 24.88
C ALA E 315 34.10 -15.10 25.65
N GLY E 316 34.08 -15.15 26.98
CA GLY E 316 34.58 -14.03 27.75
C GLY E 316 36.05 -13.73 27.46
N ASN E 317 36.87 -14.78 27.40
CA ASN E 317 38.29 -14.59 27.08
C ASN E 317 38.46 -14.01 25.68
N TYR E 318 37.65 -14.46 24.72
CA TYR E 318 37.67 -13.87 23.39
C TYR E 318 37.37 -12.38 23.44
N ALA E 319 36.34 -11.99 24.21
CA ALA E 319 35.96 -10.59 24.28
C ALA E 319 37.09 -9.73 24.83
N TRP E 320 37.79 -10.23 25.86
CA TRP E 320 38.90 -9.46 26.41
C TRP E 320 40.04 -9.34 25.39
N VAL E 321 40.34 -10.42 24.67
CA VAL E 321 41.32 -10.34 23.60
C VAL E 321 40.88 -9.32 22.56
N ASN E 322 39.58 -9.30 22.25
CA ASN E 322 39.05 -8.36 21.26
C ASN E 322 39.21 -6.92 21.74
N ARG E 323 38.91 -6.66 23.01
CA ARG E 323 39.08 -5.30 23.53
C ARG E 323 40.55 -4.94 23.69
N SER E 324 41.41 -5.91 24.03
CA SER E 324 42.84 -5.65 24.03
C SER E 324 43.33 -5.29 22.62
N SER E 325 42.80 -5.99 21.61
CA SER E 325 43.16 -5.66 20.23
C SER E 325 42.71 -4.25 19.87
N MET E 326 41.51 -3.84 20.32
CA MET E 326 41.08 -2.47 20.10
C MET E 326 42.02 -1.49 20.78
N THR E 327 42.52 -1.85 21.97
CA THR E 327 43.48 -1.01 22.67
C THR E 327 44.77 -0.87 21.87
N PHE E 328 45.28 -1.99 21.35
CA PHE E 328 46.51 -1.95 20.57
C PHE E 328 46.37 -1.04 19.36
N LEU E 329 45.22 -1.11 18.67
CA LEU E 329 45.00 -0.26 17.50
C LEU E 329 44.79 1.19 17.91
N THR E 330 44.12 1.41 19.05
CA THR E 330 43.96 2.77 19.55
C THR E 330 45.31 3.39 19.90
N ARG E 331 46.20 2.61 20.52
CA ARG E 331 47.54 3.11 20.83
C ARG E 331 48.32 3.46 19.56
N GLN E 332 48.22 2.61 18.54
CA GLN E 332 48.87 2.90 17.27
C GLN E 332 48.36 4.20 16.66
N ALA E 333 47.04 4.43 16.72
CA ALA E 333 46.46 5.63 16.11
C ALA E 333 46.99 6.90 16.77
N PHE E 334 46.98 6.92 18.11
CA PHE E 334 47.47 8.09 18.83
C PHE E 334 48.94 8.36 18.52
N ALA E 335 49.76 7.30 18.49
CA ALA E 335 51.19 7.48 18.22
C ALA E 335 51.41 8.13 16.86
N LYS E 336 50.61 7.76 15.87
CA LYS E 336 50.79 8.32 14.52
C LYS E 336 50.42 9.80 14.50
N VAL E 337 49.33 10.16 15.18
CA VAL E 337 48.85 11.55 15.13
C VAL E 337 49.76 12.46 15.96
N PHE E 338 50.28 11.96 17.08
CA PHE E 338 51.10 12.77 17.97
C PHE E 338 52.58 12.40 17.91
N ASN E 339 52.98 11.59 16.94
CA ASN E 339 54.38 11.18 16.77
C ASN E 339 55.07 10.94 18.10
N THR E 340 54.42 10.15 18.94
CA THR E 340 54.96 9.79 20.24
C THR E 340 54.62 8.33 20.51
N THR E 341 55.55 7.61 21.11
CA THR E 341 55.30 6.21 21.41
C THR E 341 54.08 6.10 22.33
N PRO E 342 53.33 5.00 22.22
CA PRO E 342 52.18 4.83 23.12
C PRO E 342 52.58 4.90 24.58
N ASP E 343 53.79 4.44 24.91
CA ASP E 343 54.25 4.49 26.30
C ASP E 343 54.41 5.92 26.78
N ASP E 344 54.93 6.80 25.92
CA ASP E 344 55.10 8.21 26.29
C ASP E 344 53.79 8.98 26.40
N LEU E 345 52.68 8.38 25.99
CA LEU E 345 51.37 9.01 26.14
C LEU E 345 50.61 8.53 27.36
N ASP E 346 51.20 7.65 28.17
CA ASP E 346 50.55 7.11 29.36
C ASP E 346 49.24 6.42 29.00
N LEU E 347 49.21 5.76 27.86
CA LEU E 347 47.99 5.08 27.39
C LEU E 347 47.83 3.75 28.12
N HIS E 348 47.49 3.86 29.41
CA HIS E 348 47.29 2.70 30.27
C HIS E 348 45.80 2.42 30.46
N VAL E 349 45.51 1.19 30.87
CA VAL E 349 44.14 0.76 31.13
C VAL E 349 43.75 1.22 32.53
N ILE E 350 42.67 1.98 32.63
CA ILE E 350 42.08 2.26 33.94
C ILE E 350 41.34 1.04 34.45
N TYR E 351 40.40 0.53 33.66
CA TYR E 351 39.68 -0.68 34.05
C TYR E 351 38.95 -1.25 32.84
N ASP E 352 38.61 -2.54 32.94
CA ASP E 352 37.82 -3.24 31.94
C ASP E 352 36.78 -4.05 32.70
N VAL E 353 35.51 -3.74 32.47
CA VAL E 353 34.40 -4.38 33.18
C VAL E 353 33.34 -4.78 32.16
N SER E 354 32.74 -5.95 32.37
CA SER E 354 31.79 -6.53 31.44
C SER E 354 30.36 -6.44 31.99
N HIS E 355 29.38 -6.52 31.09
CA HIS E 355 27.99 -6.34 31.49
C HIS E 355 27.04 -7.35 30.85
N ASN E 356 27.56 -8.46 30.27
CA ASN E 356 26.73 -9.57 29.77
C ASN E 356 27.42 -10.88 30.17
N ILE E 357 27.31 -11.27 31.43
CA ILE E 357 28.08 -12.41 31.92
C ILE E 357 27.41 -12.95 33.19
N ALA E 358 27.58 -14.26 33.42
CA ALA E 358 27.15 -14.91 34.65
C ALA E 358 28.38 -15.37 35.43
N LYS E 359 28.40 -15.06 36.73
CA LYS E 359 29.58 -15.36 37.55
C LYS E 359 29.17 -16.01 38.86
N VAL E 360 30.00 -16.96 39.30
CA VAL E 360 29.81 -17.61 40.60
C VAL E 360 30.42 -16.70 41.66
N GLU E 361 29.61 -16.29 42.63
CA GLU E 361 30.03 -15.33 43.64
C GLU E 361 29.43 -15.70 44.98
N GLN E 362 30.16 -15.38 46.03
CA GLN E 362 29.67 -15.56 47.39
C GLN E 362 28.91 -14.30 47.81
N HIS E 363 27.67 -14.49 48.25
CA HIS E 363 26.84 -13.39 48.73
C HIS E 363 26.06 -13.88 49.94
N VAL E 364 25.61 -12.92 50.75
CA VAL E 364 24.82 -13.22 51.93
C VAL E 364 23.35 -13.06 51.57
N VAL E 365 22.55 -14.07 51.86
CA VAL E 365 21.12 -14.05 51.61
C VAL E 365 20.42 -14.32 52.93
N ASP E 366 19.76 -13.30 53.47
CA ASP E 366 19.06 -13.40 54.75
C ASP E 366 20.00 -13.88 55.87
N GLY E 367 21.21 -13.31 55.91
CA GLY E 367 22.15 -13.62 56.96
C GLY E 367 22.99 -14.86 56.74
N LYS E 368 22.70 -15.65 55.70
CA LYS E 368 23.44 -16.87 55.40
C LYS E 368 24.26 -16.64 54.14
N GLU E 369 25.55 -17.00 54.19
CA GLU E 369 26.39 -16.90 53.01
C GLU E 369 26.11 -18.07 52.08
N ARG E 370 25.67 -17.77 50.87
CA ARG E 370 25.39 -18.78 49.87
C ARG E 370 26.31 -18.59 48.67
N THR E 371 26.45 -19.66 47.89
CA THR E 371 27.17 -19.61 46.62
C THR E 371 26.14 -19.44 45.51
N LEU E 372 26.19 -18.30 44.81
CA LEU E 372 25.18 -17.95 43.83
C LEU E 372 25.80 -17.78 42.44
N LEU E 373 25.04 -18.17 41.42
CA LEU E 373 25.34 -17.86 40.03
C LEU E 373 24.59 -16.59 39.66
N VAL E 374 25.32 -15.48 39.49
CA VAL E 374 24.72 -14.17 39.29
C VAL E 374 24.67 -13.87 37.79
N HIS E 375 23.45 -13.80 37.24
CA HIS E 375 23.24 -13.37 35.87
C HIS E 375 23.10 -11.85 35.83
N ARG E 376 23.91 -11.19 35.01
CA ARG E 376 23.83 -9.74 34.83
C ARG E 376 23.67 -9.47 33.33
N LYS E 377 22.44 -9.19 32.89
CA LYS E 377 22.14 -8.84 31.50
C LYS E 377 22.02 -7.32 31.40
N GLY E 378 22.97 -6.71 30.71
CA GLY E 378 22.98 -5.26 30.59
C GLY E 378 23.22 -4.51 31.89
N SER E 379 23.89 -5.16 32.83
CA SER E 379 24.30 -4.52 34.08
C SER E 379 25.69 -5.02 34.44
N THR E 380 26.40 -4.26 35.28
CA THR E 380 27.79 -4.54 35.57
C THR E 380 27.99 -4.89 37.03
N ARG E 381 29.01 -5.71 37.29
CA ARG E 381 29.46 -5.94 38.66
C ARG E 381 30.01 -4.64 39.24
N ALA E 382 29.71 -4.40 40.53
CA ALA E 382 30.15 -3.19 41.23
C ALA E 382 30.55 -3.59 42.66
N PHE E 383 31.72 -4.21 42.78
CA PHE E 383 32.13 -4.75 44.07
C PHE E 383 32.59 -3.63 45.00
N PRO E 384 32.43 -3.81 46.31
CA PRO E 384 32.69 -2.74 47.26
C PRO E 384 34.17 -2.68 47.61
N PRO E 385 34.63 -1.57 48.19
CA PRO E 385 36.00 -1.52 48.70
C PRO E 385 36.29 -2.68 49.65
N HIS E 386 37.51 -3.21 49.57
CA HIS E 386 38.00 -4.28 50.41
C HIS E 386 37.43 -5.65 50.04
N HIS E 387 36.84 -5.79 48.86
CA HIS E 387 36.44 -7.12 48.41
C HIS E 387 37.66 -7.90 47.93
N PRO E 388 37.73 -9.20 48.24
CA PRO E 388 38.94 -9.97 47.86
C PRO E 388 39.15 -10.13 46.37
N LEU E 389 38.12 -9.99 45.53
CA LEU E 389 38.24 -10.20 44.10
C LEU E 389 38.46 -8.91 43.31
N ILE E 390 38.93 -7.84 43.96
CA ILE E 390 39.20 -6.58 43.28
C ILE E 390 40.70 -6.34 43.22
N ALA E 391 41.14 -5.68 42.15
CA ALA E 391 42.55 -5.36 41.97
C ALA E 391 43.05 -4.51 43.14
N VAL E 392 44.35 -4.63 43.42
CA VAL E 392 44.93 -3.97 44.59
C VAL E 392 44.74 -2.45 44.53
N ASP E 393 44.96 -1.86 43.36
CA ASP E 393 44.87 -0.41 43.23
C ASP E 393 43.49 0.14 43.54
N TYR E 394 42.46 -0.72 43.52
CA TYR E 394 41.09 -0.30 43.75
C TYR E 394 40.53 -0.93 45.01
N GLN E 395 41.40 -1.50 45.85
CA GLN E 395 40.97 -2.14 47.08
C GLN E 395 40.30 -1.15 48.03
N LEU E 396 40.75 0.11 48.01
CA LEU E 396 40.17 1.15 48.86
C LEU E 396 39.12 2.00 48.15
N THR E 397 39.23 2.14 46.83
CA THR E 397 38.27 2.96 46.09
C THR E 397 36.95 2.22 45.85
N GLY E 398 36.99 0.90 45.80
CA GLY E 398 35.89 0.13 45.25
C GLY E 398 36.08 -0.13 43.78
N GLN E 399 35.34 -1.10 43.27
CA GLN E 399 35.56 -1.50 41.89
C GLN E 399 35.07 -0.40 40.96
N PRO E 400 35.90 0.07 40.03
CA PRO E 400 35.43 1.07 39.07
C PRO E 400 34.32 0.52 38.18
N VAL E 401 33.37 1.39 37.85
CA VAL E 401 32.27 1.06 36.95
C VAL E 401 32.23 2.11 35.85
N LEU E 402 32.18 1.65 34.60
CA LEU E 402 32.28 2.50 33.43
C LEU E 402 30.91 2.62 32.78
N ILE E 403 30.37 3.84 32.73
CA ILE E 403 29.01 4.09 32.27
C ILE E 403 29.07 5.00 31.05
N GLY E 404 28.80 4.43 29.87
CA GLY E 404 28.67 5.27 28.68
C GLY E 404 27.27 5.86 28.62
N GLY E 405 27.21 7.13 28.23
CA GLY E 405 25.95 7.85 28.05
C GLY E 405 25.54 7.80 26.58
N THR E 406 25.87 8.85 25.84
CA THR E 406 25.62 8.90 24.41
C THR E 406 26.82 9.56 23.74
N MET E 407 26.83 9.51 22.40
CA MET E 407 27.91 10.19 21.70
C MET E 407 27.81 11.71 21.79
N GLY E 408 26.71 12.24 22.31
CA GLY E 408 26.49 13.66 22.35
C GLY E 408 26.11 14.23 23.71
N THR E 409 26.21 13.40 24.75
CA THR E 409 25.98 13.87 26.11
C THR E 409 27.22 13.67 26.96
N CYS E 410 27.21 12.69 27.86
CA CYS E 410 28.38 12.46 28.71
C CYS E 410 28.46 10.99 29.09
N SER E 411 29.59 10.62 29.69
CA SER E 411 29.80 9.31 30.28
C SER E 411 30.34 9.50 31.69
N TYR E 412 30.16 8.47 32.52
CA TYR E 412 30.50 8.53 33.93
C TYR E 412 31.32 7.32 34.35
N VAL E 413 32.08 7.50 35.42
CA VAL E 413 32.76 6.42 36.13
C VAL E 413 32.26 6.40 37.57
N LEU E 414 31.93 5.21 38.07
CA LEU E 414 31.39 5.04 39.40
C LEU E 414 32.24 4.01 40.16
N THR E 415 31.97 3.88 41.45
CA THR E 415 32.62 2.87 42.27
C THR E 415 31.57 2.10 43.06
N GLY E 416 31.86 0.82 43.30
CA GLY E 416 30.95 -0.02 44.04
C GLY E 416 30.94 0.30 45.53
N THR E 417 29.81 -0.02 46.17
CA THR E 417 29.58 0.33 47.56
C THR E 417 29.14 -0.90 48.33
N GLU E 418 29.30 -0.85 49.66
CA GLU E 418 28.82 -1.94 50.50
C GLU E 418 27.30 -2.05 50.46
N GLN E 419 26.59 -0.93 50.36
CA GLN E 419 25.14 -1.00 50.22
C GLN E 419 24.75 -1.69 48.93
N GLY E 420 25.48 -1.45 47.85
CA GLY E 420 25.20 -2.16 46.61
C GLY E 420 25.41 -3.66 46.76
N MET E 421 26.50 -4.05 47.43
CA MET E 421 26.74 -5.46 47.69
C MET E 421 25.57 -6.10 48.43
N THR E 422 24.86 -5.32 49.23
CA THR E 422 23.76 -5.79 50.08
C THR E 422 22.41 -5.77 49.37
N GLU E 423 22.12 -4.74 48.57
CA GLU E 423 20.81 -4.63 47.94
C GLU E 423 20.73 -5.27 46.56
N THR E 424 21.80 -5.20 45.76
CA THR E 424 21.78 -5.69 44.38
C THR E 424 22.87 -6.71 44.11
N PHE E 425 23.40 -7.35 45.16
CA PHE E 425 24.51 -8.29 45.01
C PHE E 425 25.67 -7.66 44.24
N GLY E 426 25.91 -6.37 44.50
CA GLY E 426 27.00 -5.68 43.85
C GLY E 426 26.78 -5.47 42.37
N THR E 427 25.57 -5.08 41.98
CA THR E 427 25.22 -4.87 40.58
C THR E 427 24.75 -3.45 40.38
N THR E 428 25.28 -2.78 39.35
CA THR E 428 24.80 -1.47 38.97
C THR E 428 24.58 -1.41 37.46
N CYS E 429 24.28 -0.23 36.94
CA CYS E 429 23.98 -0.07 35.52
C CYS E 429 25.23 -0.25 34.67
N HIS E 430 25.01 -0.28 33.35
CA HIS E 430 26.08 -0.35 32.37
C HIS E 430 26.03 0.82 31.38
N GLY E 431 25.03 1.68 31.49
CA GLY E 431 24.87 2.78 30.57
C GLY E 431 23.59 3.53 30.85
N ALA E 432 23.18 4.35 29.88
CA ALA E 432 21.95 5.11 30.05
C ALA E 432 20.71 4.28 29.74
N GLY E 433 20.80 3.37 28.79
CA GLY E 433 19.64 2.64 28.29
C GLY E 433 18.89 3.43 27.23
N ARG E 434 18.06 2.71 26.47
CA ARG E 434 17.34 3.32 25.37
C ARG E 434 15.98 3.82 25.84
N ALA E 435 15.59 4.99 25.31
CA ALA E 435 14.27 5.54 25.52
C ALA E 435 13.38 5.42 24.30
N LEU E 436 13.95 5.34 23.10
CA LEU E 436 13.21 5.20 21.86
C LEU E 436 13.74 3.99 21.10
N SER E 437 12.84 3.16 20.58
CA SER E 437 13.28 2.11 19.67
C SER E 437 14.00 2.76 18.48
N ARG E 438 14.83 1.97 17.81
CA ARG E 438 15.43 2.46 16.57
C ARG E 438 14.37 2.87 15.55
N ALA E 439 13.26 2.14 15.50
CA ALA E 439 12.19 2.51 14.57
C ALA E 439 11.58 3.86 14.93
N LYS E 440 11.33 4.10 16.22
CA LYS E 440 10.78 5.38 16.64
C LYS E 440 11.78 6.51 16.44
N SER E 441 13.08 6.22 16.56
CA SER E 441 14.10 7.24 16.33
C SER E 441 14.16 7.66 14.87
N ARG E 442 13.89 6.72 13.95
CA ARG E 442 13.81 7.06 12.54
C ARG E 442 12.53 7.80 12.18
N ARG E 443 11.46 7.63 12.97
CA ARG E 443 10.19 8.30 12.70
C ARG E 443 10.18 9.76 13.13
N ASN E 444 11.04 10.15 14.07
CA ASN E 444 10.96 11.48 14.68
C ASN E 444 12.24 12.29 14.57
N LEU E 445 13.32 11.75 14.00
CA LEU E 445 14.58 12.46 13.91
C LEU E 445 15.15 12.36 12.50
N ASP E 446 15.92 13.38 12.12
CA ASP E 446 16.56 13.48 10.83
C ASP E 446 18.06 13.34 10.99
N PHE E 447 18.69 12.56 10.12
CA PHE E 447 20.10 12.24 10.29
C PHE E 447 20.97 13.50 10.20
N GLN E 448 20.62 14.41 9.29
CA GLN E 448 21.43 15.61 9.12
C GLN E 448 21.33 16.52 10.34
N ASP E 449 20.14 16.61 10.94
CA ASP E 449 20.00 17.37 12.18
C ASP E 449 20.89 16.80 13.28
N VAL E 450 20.99 15.48 13.38
CA VAL E 450 21.81 14.88 14.41
C VAL E 450 23.28 15.19 14.16
N LEU E 451 23.71 15.11 12.90
CA LEU E 451 25.10 15.42 12.56
C LEU E 451 25.39 16.91 12.74
N ASP E 452 24.42 17.77 12.42
CA ASP E 452 24.63 19.20 12.59
C ASP E 452 24.81 19.55 14.07
N LYS E 453 23.97 18.98 14.93
CA LYS E 453 24.09 19.24 16.36
C LYS E 453 25.45 18.77 16.88
N LEU E 454 25.93 17.62 16.42
CA LEU E 454 27.24 17.15 16.84
C LEU E 454 28.33 18.11 16.39
N ALA E 455 28.21 18.65 15.18
CA ALA E 455 29.17 19.64 14.71
C ALA E 455 29.03 20.95 15.48
N ASP E 456 27.80 21.36 15.77
CA ASP E 456 27.57 22.54 16.58
C ASP E 456 28.13 22.39 18.00
N MET E 457 28.39 21.16 18.43
CA MET E 457 29.01 20.90 19.73
C MET E 457 30.50 20.66 19.64
N GLY E 458 31.07 20.63 18.43
CA GLY E 458 32.49 20.39 18.27
C GLY E 458 32.91 18.95 18.43
N ILE E 459 31.99 18.02 18.21
CA ILE E 459 32.26 16.59 18.38
C ILE E 459 32.46 15.96 17.01
N ALA E 460 33.64 15.41 16.78
CA ALA E 460 33.94 14.72 15.53
C ALA E 460 33.30 13.35 15.51
N ILE E 461 33.01 12.85 14.31
CA ILE E 461 32.25 11.61 14.16
C ILE E 461 32.63 10.93 12.86
N ARG E 462 32.98 9.65 12.96
CA ARG E 462 33.16 8.78 11.81
C ARG E 462 32.29 7.55 12.05
N VAL E 463 31.22 7.42 11.28
CA VAL E 463 30.31 6.28 11.45
C VAL E 463 30.23 5.52 10.13
N ALA E 464 29.95 4.21 10.24
CA ALA E 464 29.91 3.36 9.06
C ALA E 464 28.68 3.66 8.21
N SER E 465 27.53 3.90 8.84
CA SER E 465 26.28 4.16 8.15
C SER E 465 25.80 5.56 8.54
N PRO E 466 26.31 6.60 7.87
CA PRO E 466 26.04 7.97 8.35
C PRO E 466 24.58 8.37 8.31
N LYS E 467 23.83 7.92 7.30
CA LYS E 467 22.42 8.30 7.17
C LYS E 467 21.50 7.47 8.04
N LEU E 468 22.04 6.57 8.87
CA LEU E 468 21.30 5.87 9.90
C LEU E 468 21.62 6.39 11.29
N VAL E 469 22.32 7.52 11.39
CA VAL E 469 22.84 7.98 12.68
C VAL E 469 21.75 8.48 13.62
N MET E 470 20.58 8.86 13.10
CA MET E 470 19.51 9.29 14.00
C MET E 470 19.07 8.18 14.93
N GLU E 471 19.29 6.91 14.55
CA GLU E 471 18.93 5.80 15.41
C GLU E 471 19.80 5.73 16.66
N GLU E 472 20.97 6.38 16.65
CA GLU E 472 21.86 6.44 17.80
C GLU E 472 21.94 7.83 18.40
N ALA E 473 20.96 8.68 18.10
CA ALA E 473 20.98 10.06 18.56
C ALA E 473 20.86 10.13 20.08
N PRO E 474 21.36 11.22 20.69
CA PRO E 474 21.24 11.36 22.15
C PRO E 474 19.81 11.26 22.65
N GLU E 475 18.83 11.75 21.89
CA GLU E 475 17.43 11.65 22.30
C GLU E 475 16.91 10.21 22.27
N SER E 476 17.63 9.29 21.63
CA SER E 476 17.20 7.89 21.61
C SER E 476 17.44 7.18 22.93
N TYR E 477 18.33 7.70 23.77
CA TYR E 477 18.71 7.06 25.02
C TYR E 477 18.13 7.84 26.20
N LYS E 478 18.01 7.15 27.33
CA LYS E 478 17.59 7.83 28.55
C LYS E 478 18.60 8.90 28.93
N ASN E 479 18.19 9.80 29.82
CA ASN E 479 19.11 10.80 30.35
C ASN E 479 20.12 10.09 31.24
N VAL E 480 21.38 10.03 30.78
CA VAL E 480 22.40 9.27 31.51
C VAL E 480 22.63 9.86 32.91
N THR E 481 22.50 11.17 33.05
CA THR E 481 22.71 11.78 34.37
C THR E 481 21.65 11.33 35.37
N ASP E 482 20.41 11.15 34.90
CA ASP E 482 19.35 10.62 35.76
C ASP E 482 19.65 9.20 36.22
N VAL E 483 20.18 8.36 35.32
CA VAL E 483 20.46 6.97 35.66
C VAL E 483 21.54 6.90 36.73
N VAL E 484 22.63 7.65 36.54
CA VAL E 484 23.72 7.62 37.50
C VAL E 484 23.27 8.19 38.84
N ASN E 485 22.40 9.20 38.83
CA ASN E 485 21.92 9.78 40.08
C ASN E 485 20.99 8.82 40.81
N THR E 486 20.15 8.08 40.06
CA THR E 486 19.33 7.05 40.68
C THR E 486 20.18 5.97 41.34
N CYS E 487 21.21 5.50 40.65
CA CYS E 487 22.12 4.53 41.26
C CYS E 487 22.71 5.11 42.54
N HIS E 488 23.09 6.39 42.49
CA HIS E 488 23.69 7.04 43.65
C HIS E 488 22.67 7.22 44.76
N ASP E 489 21.51 7.80 44.44
CA ASP E 489 20.48 8.04 45.46
C ASP E 489 19.97 6.74 46.07
N ALA E 490 19.91 5.67 45.28
CA ALA E 490 19.52 4.38 45.84
C ALA E 490 20.62 3.76 46.70
N GLY E 491 21.86 4.19 46.52
CA GLY E 491 22.98 3.69 47.28
C GLY E 491 23.70 2.47 46.74
N ILE E 492 23.40 2.05 45.50
CA ILE E 492 24.04 0.85 44.97
C ILE E 492 25.35 1.15 44.24
N SER E 493 25.57 2.41 43.86
CA SER E 493 26.82 2.83 43.23
C SER E 493 27.09 4.27 43.62
N LYS E 494 28.36 4.64 43.60
CA LYS E 494 28.84 5.95 44.04
C LYS E 494 29.48 6.69 42.88
N LYS E 495 29.02 7.91 42.64
CA LYS E 495 29.53 8.72 41.54
C LYS E 495 31.01 9.05 41.77
N ALA E 496 31.77 9.08 40.68
CA ALA E 496 33.21 9.32 40.81
C ALA E 496 33.76 10.31 39.80
N ILE E 497 33.50 10.11 38.50
CA ILE E 497 34.04 10.96 37.45
C ILE E 497 32.97 11.22 36.41
N LYS E 498 33.06 12.40 35.77
CA LYS E 498 32.21 12.76 34.64
C LYS E 498 33.07 13.07 33.43
N LEU E 499 32.69 12.50 32.27
CA LEU E 499 33.44 12.65 31.03
C LEU E 499 32.53 13.17 29.93
N ARG E 500 33.12 13.91 29.00
CA ARG E 500 32.43 14.53 27.88
C ARG E 500 33.02 14.01 26.57
N PRO E 501 32.19 13.62 25.59
CA PRO E 501 32.73 13.13 24.32
C PRO E 501 33.23 14.26 23.45
N ILE E 502 34.33 14.01 22.73
CA ILE E 502 34.81 14.98 21.75
C ILE E 502 35.00 14.30 20.39
N ALA E 503 35.25 12.99 20.38
CA ALA E 503 35.32 12.26 19.12
C ALA E 503 34.85 10.83 19.34
N VAL E 504 34.14 10.29 18.35
CA VAL E 504 33.56 8.95 18.46
C VAL E 504 33.53 8.30 17.09
N ILE E 505 33.91 7.03 17.04
CA ILE E 505 33.72 6.19 15.87
C ILE E 505 32.76 5.09 16.24
N LYS E 506 31.76 4.86 15.39
CA LYS E 506 30.70 3.88 15.62
C LYS E 506 30.48 3.09 14.34
N GLY E 507 29.98 1.88 14.47
CA GLY E 507 29.75 1.04 13.32
C GLY E 507 28.31 1.05 12.84
N MET F 17 -1.34 -5.64 5.15
CA MET F 17 -0.79 -6.32 6.31
C MET F 17 0.13 -5.40 7.10
N ALA F 18 0.67 -4.38 6.43
CA ALA F 18 1.60 -3.45 7.08
C ALA F 18 0.98 -2.89 8.36
N GLN F 19 1.81 -2.78 9.39
CA GLN F 19 1.40 -2.21 10.66
C GLN F 19 1.87 -0.77 10.85
N GLU F 20 2.67 -0.25 9.92
CA GLU F 20 3.22 1.09 10.03
C GLU F 20 3.37 1.66 8.62
N GLU F 21 3.45 2.99 8.55
CA GLU F 21 3.71 3.63 7.27
C GLU F 21 5.15 3.35 6.81
N GLU F 22 5.36 3.41 5.50
CA GLU F 22 6.63 2.97 4.95
C GLU F 22 7.76 3.93 5.34
N ASP F 23 8.96 3.36 5.48
CA ASP F 23 10.16 4.13 5.78
C ASP F 23 11.35 3.29 5.35
N VAL F 24 12.00 3.67 4.26
CA VAL F 24 13.14 2.93 3.74
C VAL F 24 14.40 3.38 4.46
N ARG F 25 15.23 2.42 4.85
CA ARG F 25 16.52 2.75 5.44
C ARG F 25 17.48 3.20 4.35
N ASP F 26 18.11 4.36 4.57
CA ASP F 26 19.01 4.95 3.59
C ASP F 26 20.43 4.52 3.92
N TYR F 27 21.05 3.79 2.99
CA TYR F 27 22.36 3.22 3.21
C TYR F 27 23.48 4.02 2.59
N ASN F 28 23.19 5.19 2.01
CA ASN F 28 24.24 6.06 1.52
C ASN F 28 24.93 5.44 0.31
N LEU F 29 24.19 5.22 -0.77
CA LEU F 29 24.71 4.53 -1.95
C LEU F 29 25.55 5.47 -2.81
N THR F 30 26.67 4.94 -3.32
CA THR F 30 27.39 5.67 -4.35
C THR F 30 26.60 5.70 -5.65
N GLU F 31 27.07 6.53 -6.59
CA GLU F 31 26.44 6.54 -7.92
C GLU F 31 26.57 5.18 -8.59
N GLU F 32 27.71 4.52 -8.42
CA GLU F 32 27.89 3.19 -9.00
C GLU F 32 26.94 2.19 -8.35
N GLN F 33 26.79 2.26 -7.03
CA GLN F 33 25.85 1.37 -6.35
C GLN F 33 24.42 1.59 -6.83
N LYS F 34 24.03 2.86 -7.02
CA LYS F 34 22.73 3.14 -7.60
C LYS F 34 22.59 2.54 -8.99
N ALA F 35 23.69 2.52 -9.77
CA ALA F 35 23.66 1.92 -11.09
C ALA F 35 23.47 0.41 -11.02
N ILE F 36 24.27 -0.26 -10.19
CA ILE F 36 24.12 -1.70 -9.99
C ILE F 36 22.66 -2.04 -9.66
N LYS F 37 22.08 -1.29 -8.71
CA LYS F 37 20.70 -1.58 -8.31
C LYS F 37 19.72 -1.29 -9.44
N ALA F 38 20.03 -0.34 -10.31
CA ALA F 38 19.10 0.03 -11.37
C ALA F 38 18.96 -1.08 -12.43
N LYS F 39 19.96 -1.93 -12.58
CA LYS F 39 19.99 -2.88 -13.68
C LYS F 39 19.39 -4.24 -13.32
N TYR F 40 18.86 -4.42 -12.13
CA TYR F 40 18.27 -5.70 -11.76
C TYR F 40 16.80 -5.53 -11.40
N PRO F 41 16.00 -6.57 -11.60
CA PRO F 41 14.58 -6.48 -11.26
C PRO F 41 14.38 -6.11 -9.80
N PRO F 42 13.51 -5.14 -9.52
CA PRO F 42 13.29 -4.73 -8.13
C PRO F 42 12.52 -5.80 -7.37
N VAL F 43 13.01 -6.14 -6.19
CA VAL F 43 12.39 -7.17 -5.36
C VAL F 43 11.17 -6.58 -4.67
N ASN F 44 10.03 -7.24 -4.79
CA ASN F 44 8.80 -6.79 -4.16
C ASN F 44 8.88 -6.98 -2.65
N ARG F 45 8.81 -5.89 -1.89
CA ARG F 45 9.03 -5.92 -0.45
C ARG F 45 7.71 -6.10 0.29
N LYS F 46 7.60 -7.20 1.03
CA LYS F 46 6.46 -7.42 1.90
C LYS F 46 6.93 -7.59 3.33
N TYR F 47 7.73 -6.65 3.82
CA TYR F 47 8.23 -6.70 5.20
C TYR F 47 8.40 -5.27 5.71
N GLU F 48 8.59 -5.16 7.02
CA GLU F 48 8.80 -3.87 7.65
C GLU F 48 9.53 -4.06 8.97
N TYR F 49 10.13 -2.96 9.46
CA TYR F 49 10.89 -2.98 10.70
C TYR F 49 10.07 -2.25 11.77
N LEU F 50 9.64 -2.98 12.79
CA LEU F 50 8.72 -2.48 13.79
C LEU F 50 9.45 -2.19 15.11
N ASP F 51 8.71 -1.58 16.04
CA ASP F 51 9.31 -1.06 17.25
C ASP F 51 9.70 -2.17 18.20
N HIS F 52 10.92 -2.09 18.72
CA HIS F 52 11.35 -2.89 19.87
C HIS F 52 12.44 -2.07 20.56
N THR F 53 12.31 -1.90 21.87
CA THR F 53 13.12 -0.90 22.58
C THR F 53 14.60 -1.10 22.34
N ALA F 54 15.09 -2.33 22.53
CA ALA F 54 16.52 -2.58 22.47
C ALA F 54 17.02 -2.98 21.08
N ASP F 55 16.19 -3.65 20.28
CA ASP F 55 16.65 -4.17 19.00
C ASP F 55 15.66 -3.86 17.89
N VAL F 56 15.21 -4.86 17.12
CA VAL F 56 14.29 -4.62 16.02
C VAL F 56 13.40 -5.83 15.84
N GLN F 57 12.14 -5.58 15.47
CA GLN F 57 11.18 -6.63 15.17
C GLN F 57 10.93 -6.69 13.67
N LEU F 58 11.22 -7.85 13.08
CA LEU F 58 10.88 -8.08 11.68
C LEU F 58 9.41 -8.44 11.56
N HIS F 59 8.70 -7.77 10.65
CA HIS F 59 7.34 -8.15 10.28
C HIS F 59 7.32 -8.40 8.78
N ALA F 60 6.97 -9.63 8.39
CA ALA F 60 6.91 -10.02 6.99
C ALA F 60 5.62 -10.76 6.74
N TRP F 61 5.16 -10.74 5.50
CA TRP F 61 3.89 -11.33 5.14
C TRP F 61 3.91 -11.76 3.68
N GLY F 62 2.87 -12.48 3.28
CA GLY F 62 2.74 -12.93 1.91
C GLY F 62 1.43 -13.68 1.74
N ASP F 63 1.25 -14.20 0.52
CA ASP F 63 0.04 -14.96 0.20
C ASP F 63 0.13 -16.41 0.63
N THR F 64 1.33 -16.92 0.88
CA THR F 64 1.51 -18.27 1.39
C THR F 64 2.47 -18.22 2.56
N LEU F 65 2.44 -19.26 3.39
CA LEU F 65 3.43 -19.37 4.45
C LEU F 65 4.83 -19.30 3.87
N GLU F 66 5.05 -19.98 2.73
CA GLU F 66 6.33 -19.91 2.04
C GLU F 66 6.75 -18.46 1.78
N GLU F 67 5.83 -17.63 1.27
CA GLU F 67 6.18 -16.25 0.97
C GLU F 67 6.46 -15.45 2.25
N ALA F 68 5.68 -15.67 3.31
CA ALA F 68 5.93 -14.98 4.56
C ALA F 68 7.32 -15.29 5.08
N PHE F 69 7.73 -16.57 5.03
CA PHE F 69 9.09 -16.94 5.45
C PHE F 69 10.14 -16.28 4.57
N GLU F 70 9.99 -16.36 3.25
CA GLU F 70 11.02 -15.83 2.37
C GLU F 70 11.12 -14.31 2.51
N GLN F 71 9.99 -13.66 2.74
CA GLN F 71 10.02 -12.22 2.99
C GLN F 71 10.68 -11.90 4.32
N CYS F 72 10.55 -12.78 5.32
CA CYS F 72 11.19 -12.54 6.61
C CYS F 72 12.70 -12.62 6.49
N ALA F 73 13.22 -13.57 5.71
CA ALA F 73 14.66 -13.66 5.50
C ALA F 73 15.17 -12.42 4.76
N MET F 74 14.43 -11.95 3.76
CA MET F 74 14.83 -10.77 3.01
C MET F 74 14.80 -9.53 3.91
N ALA F 75 13.84 -9.48 4.83
CA ALA F 75 13.83 -8.42 5.84
C ALA F 75 15.12 -8.42 6.66
N MET F 76 15.55 -9.61 7.08
CA MET F 76 16.77 -9.70 7.87
C MET F 76 17.99 -9.21 7.07
N PHE F 77 18.13 -9.67 5.83
CA PHE F 77 19.26 -9.23 5.01
C PHE F 77 19.13 -7.76 4.63
N GLY F 78 17.89 -7.27 4.46
CA GLY F 78 17.66 -5.86 4.18
C GLY F 78 18.03 -4.93 5.32
N TYR F 79 18.25 -5.46 6.52
CA TYR F 79 18.74 -4.66 7.64
C TYR F 79 20.26 -4.55 7.66
N MET F 80 20.97 -5.42 6.93
CA MET F 80 22.42 -5.40 6.92
C MET F 80 22.99 -4.49 5.84
N THR F 81 22.30 -4.35 4.71
CA THR F 81 22.78 -3.56 3.59
C THR F 81 21.59 -3.28 2.70
N ASP F 82 21.83 -2.60 1.58
CA ASP F 82 20.80 -2.43 0.55
C ASP F 82 20.93 -3.63 -0.38
N THR F 83 20.03 -4.61 -0.20
CA THR F 83 20.11 -5.85 -0.95
C THR F 83 19.91 -5.63 -2.45
N GLY F 84 19.34 -4.50 -2.85
CA GLY F 84 19.22 -4.20 -4.26
C GLY F 84 20.56 -4.01 -4.95
N THR F 85 21.61 -3.74 -4.19
CA THR F 85 22.96 -3.59 -4.73
C THR F 85 23.71 -4.91 -4.79
N VAL F 86 23.07 -6.01 -4.39
CA VAL F 86 23.70 -7.32 -4.46
C VAL F 86 23.40 -7.92 -5.83
N GLU F 87 24.45 -8.37 -6.53
CA GLU F 87 24.25 -8.91 -7.86
C GLU F 87 24.01 -10.42 -7.77
N PRO F 88 23.12 -10.95 -8.61
CA PRO F 88 22.77 -12.39 -8.53
C PRO F 88 23.79 -13.26 -9.26
N LEU F 89 24.95 -13.43 -8.63
CA LEU F 89 26.06 -14.14 -9.25
C LEU F 89 26.15 -15.61 -8.86
N GLN F 90 25.59 -15.98 -7.71
CA GLN F 90 25.60 -17.37 -7.27
C GLN F 90 24.28 -17.70 -6.58
N THR F 91 23.91 -18.96 -6.63
CA THR F 91 22.71 -19.44 -5.98
C THR F 91 23.10 -20.39 -4.86
N VAL F 92 22.46 -20.21 -3.71
CA VAL F 92 22.77 -20.97 -2.51
C VAL F 92 21.50 -21.64 -2.01
N GLU F 93 21.63 -22.85 -1.47
CA GLU F 93 20.50 -23.60 -0.96
C GLU F 93 20.53 -23.62 0.56
N VAL F 94 19.37 -23.50 1.17
CA VAL F 94 19.21 -23.63 2.62
C VAL F 94 18.00 -24.53 2.86
N GLU F 95 18.26 -25.72 3.38
CA GLU F 95 17.23 -26.64 3.81
C GLU F 95 17.35 -26.79 5.31
N THR F 96 16.21 -26.76 6.01
CA THR F 96 16.27 -26.83 7.47
C THR F 96 15.00 -27.49 7.99
N GLN F 97 15.01 -27.78 9.29
CA GLN F 97 13.94 -28.55 9.91
C GLN F 97 13.71 -28.06 11.32
N GLY F 98 12.45 -28.11 11.75
CA GLY F 98 12.07 -27.67 13.08
C GLY F 98 11.14 -28.65 13.76
N ASP F 99 10.72 -28.28 14.97
CA ASP F 99 9.75 -29.04 15.76
C ASP F 99 8.36 -28.43 15.71
N ASP F 100 8.23 -27.23 15.17
CA ASP F 100 6.99 -26.47 15.11
C ASP F 100 7.30 -25.28 14.21
N LEU F 101 6.29 -24.45 13.93
CA LEU F 101 6.51 -23.35 13.00
C LEU F 101 7.52 -22.35 13.57
N GLN F 102 7.45 -22.09 14.87
CA GLN F 102 8.36 -21.12 15.47
C GLN F 102 9.81 -21.57 15.33
N SER F 103 10.11 -22.83 15.69
CA SER F 103 11.48 -23.31 15.61
C SER F 103 11.94 -23.46 14.16
N LEU F 104 11.03 -23.85 13.26
CA LEU F 104 11.38 -23.87 11.83
C LEU F 104 11.79 -22.49 11.34
N LEU F 105 10.98 -21.47 11.67
CA LEU F 105 11.32 -20.10 11.29
C LEU F 105 12.65 -19.68 11.91
N PHE F 106 12.86 -20.04 13.18
CA PHE F 106 14.11 -19.70 13.86
C PHE F 106 15.30 -20.31 13.14
N HIS F 107 15.25 -21.62 12.89
CA HIS F 107 16.37 -22.30 12.25
C HIS F 107 16.55 -21.85 10.82
N PHE F 108 15.44 -21.53 10.15
CA PHE F 108 15.51 -20.99 8.79
C PHE F 108 16.28 -19.67 8.77
N LEU F 109 15.93 -18.73 9.63
CA LEU F 109 16.65 -17.47 9.68
C LEU F 109 18.07 -17.65 10.18
N ASP F 110 18.29 -18.60 11.08
CA ASP F 110 19.62 -18.81 11.64
C ASP F 110 20.57 -19.40 10.59
N GLU F 111 20.09 -20.35 9.79
CA GLU F 111 20.94 -20.93 8.75
C GLU F 111 21.35 -19.88 7.73
N TRP F 112 20.42 -18.99 7.35
CA TRP F 112 20.76 -17.94 6.40
C TRP F 112 21.76 -16.97 7.01
N LEU F 113 21.55 -16.58 8.27
CA LEU F 113 22.51 -15.72 8.93
C LEU F 113 23.90 -16.35 8.93
N TYR F 114 23.97 -17.65 9.20
CA TYR F 114 25.26 -18.32 9.23
C TYR F 114 25.93 -18.32 7.86
N LYS F 115 25.13 -18.47 6.78
CA LYS F 115 25.71 -18.39 5.44
C LYS F 115 26.40 -17.06 5.21
N PHE F 116 25.90 -16.00 5.84
CA PHE F 116 26.45 -14.66 5.68
C PHE F 116 27.68 -14.44 6.57
N SER F 117 27.72 -15.08 7.74
CA SER F 117 28.70 -14.82 8.78
C SER F 117 29.92 -15.72 8.73
N ALA F 118 30.00 -16.68 7.81
CA ALA F 118 31.11 -17.62 7.82
C ALA F 118 31.25 -18.24 6.43
N ASP F 119 32.32 -19.01 6.25
CA ASP F 119 32.59 -19.74 5.02
C ASP F 119 32.69 -18.80 3.83
N GLU F 120 31.59 -18.62 3.10
CA GLU F 120 31.59 -17.81 1.89
C GLU F 120 31.03 -16.41 2.09
N PHE F 121 30.53 -16.09 3.28
CA PHE F 121 30.04 -14.75 3.59
C PHE F 121 29.08 -14.27 2.49
N PHE F 122 28.05 -15.08 2.27
CA PHE F 122 27.10 -14.91 1.17
C PHE F 122 25.91 -14.05 1.59
N ILE F 123 25.55 -13.08 0.74
CA ILE F 123 24.41 -12.20 0.94
C ILE F 123 23.43 -12.41 -0.22
N PRO F 124 22.18 -12.79 0.04
CA PRO F 124 21.20 -12.89 -1.05
C PRO F 124 20.50 -11.56 -1.33
N ARG F 125 20.37 -11.21 -2.61
CA ARG F 125 19.49 -10.10 -2.96
C ARG F 125 18.03 -10.51 -2.86
N GLU F 126 17.75 -11.80 -2.99
CA GLU F 126 16.39 -12.29 -2.97
C GLU F 126 16.42 -13.74 -2.47
N VAL F 127 15.36 -14.12 -1.78
CA VAL F 127 15.21 -15.48 -1.26
C VAL F 127 13.88 -16.04 -1.71
N LYS F 128 13.87 -17.35 -1.97
CA LYS F 128 12.66 -18.07 -2.32
C LYS F 128 12.55 -19.34 -1.50
N VAL F 129 11.42 -19.51 -0.83
CA VAL F 129 11.10 -20.75 -0.16
C VAL F 129 10.33 -21.62 -1.14
N LEU F 130 10.89 -22.80 -1.45
CA LEU F 130 10.26 -23.67 -2.44
C LEU F 130 9.14 -24.50 -1.84
N SER F 131 9.26 -24.88 -0.57
CA SER F 131 8.24 -25.72 0.05
C SER F 131 8.39 -25.66 1.56
N ILE F 132 7.25 -25.68 2.25
CA ILE F 132 7.19 -25.94 3.68
C ILE F 132 6.23 -27.10 3.88
N ASP F 133 6.76 -28.21 4.40
CA ASP F 133 5.95 -29.34 4.84
C ASP F 133 5.46 -29.01 6.24
N GLN F 134 4.22 -28.57 6.35
CA GLN F 134 3.71 -28.11 7.65
C GLN F 134 3.32 -29.25 8.58
N ARG F 135 3.64 -30.49 8.21
CA ARG F 135 3.34 -31.63 9.06
C ARG F 135 4.56 -32.21 9.75
N ASN F 136 5.71 -32.23 9.07
CA ASN F 136 6.97 -32.62 9.67
C ASN F 136 7.90 -31.43 9.89
N PHE F 137 7.47 -30.22 9.51
CA PHE F 137 8.23 -28.99 9.70
C PHE F 137 9.61 -29.08 9.02
N LYS F 138 9.56 -29.23 7.70
CA LYS F 138 10.73 -29.23 6.84
C LYS F 138 10.57 -28.13 5.80
N LEU F 139 11.69 -27.53 5.41
CA LEU F 139 11.66 -26.37 4.52
C LEU F 139 12.81 -26.48 3.53
N ARG F 140 12.56 -26.11 2.29
CA ARG F 140 13.58 -25.97 1.27
C ARG F 140 13.57 -24.55 0.73
N SER F 141 14.74 -23.93 0.63
CA SER F 141 14.82 -22.57 0.12
C SER F 141 16.09 -22.39 -0.70
N ILE F 142 16.08 -21.34 -1.51
CA ILE F 142 17.23 -20.95 -2.29
C ILE F 142 17.31 -19.43 -2.26
N GLY F 143 18.52 -18.91 -2.44
CA GLY F 143 18.74 -17.49 -2.57
C GLY F 143 19.83 -17.24 -3.58
N TRP F 144 19.75 -16.11 -4.26
CA TRP F 144 20.75 -15.74 -5.25
C TRP F 144 21.37 -14.40 -4.87
N GLY F 145 22.69 -14.32 -5.03
CA GLY F 145 23.44 -13.15 -4.62
C GLY F 145 24.93 -13.34 -4.82
N GLU F 146 25.73 -12.79 -3.92
CA GLU F 146 27.17 -12.84 -4.08
C GLU F 146 27.82 -12.73 -2.70
N GLU F 147 29.14 -12.83 -2.68
CA GLU F 147 29.86 -12.63 -1.43
C GLU F 147 29.74 -11.17 -1.03
N PHE F 148 29.37 -10.95 0.23
CA PHE F 148 29.30 -9.60 0.75
C PHE F 148 30.68 -8.93 0.68
N SER F 149 30.71 -7.68 0.23
CA SER F 149 31.97 -6.98 0.05
C SER F 149 31.79 -5.51 0.41
N LEU F 150 32.69 -5.01 1.25
CA LEU F 150 32.64 -3.59 1.62
C LEU F 150 32.91 -2.68 0.44
N SER F 151 33.56 -3.19 -0.60
CA SER F 151 33.79 -2.41 -1.81
C SER F 151 32.55 -2.27 -2.67
N LYS F 152 31.57 -3.15 -2.52
CA LYS F 152 30.37 -3.14 -3.36
C LYS F 152 29.11 -2.80 -2.59
N HIS F 153 29.01 -3.23 -1.34
CA HIS F 153 27.74 -3.11 -0.68
C HIS F 153 27.82 -2.15 0.49
N PRO F 154 26.81 -1.30 0.66
CA PRO F 154 26.89 -0.30 1.73
C PRO F 154 26.70 -0.96 3.09
N GLN F 155 27.27 -0.32 4.11
CA GLN F 155 27.25 -0.87 5.46
C GLN F 155 25.94 -0.48 6.13
N GLY F 156 25.13 -1.48 6.46
CA GLY F 156 23.98 -1.28 7.33
C GLY F 156 24.32 -1.68 8.75
N THR F 157 23.54 -2.60 9.31
CA THR F 157 23.73 -3.07 10.67
C THR F 157 23.97 -4.57 10.69
N GLU F 158 24.93 -5.01 11.50
CA GLU F 158 25.22 -6.43 11.66
C GLU F 158 24.16 -7.07 12.55
N VAL F 159 23.64 -8.22 12.13
CA VAL F 159 22.67 -8.98 12.90
C VAL F 159 23.41 -10.03 13.72
N LYS F 160 23.24 -9.98 15.05
CA LYS F 160 23.98 -10.85 15.94
C LYS F 160 23.35 -12.24 16.05
N ALA F 161 22.02 -12.30 16.07
CA ALA F 161 21.35 -13.56 16.35
C ALA F 161 19.85 -13.41 16.10
N ILE F 162 19.20 -14.55 15.92
CA ILE F 162 17.74 -14.66 15.91
C ILE F 162 17.27 -14.96 17.32
N THR F 163 16.10 -14.46 17.70
CA THR F 163 15.55 -14.74 19.02
C THR F 163 14.10 -15.22 18.92
N TYR F 164 13.63 -15.85 19.98
CA TYR F 164 12.23 -16.27 20.10
C TYR F 164 11.36 -15.23 20.78
N SER F 165 11.91 -14.08 21.15
CA SER F 165 11.13 -13.11 21.92
C SER F 165 9.93 -12.66 21.09
N ALA F 166 8.73 -12.94 21.62
CA ALA F 166 7.48 -12.55 20.99
C ALA F 166 7.33 -13.09 19.58
N MET F 167 7.95 -14.23 19.28
CA MET F 167 7.85 -14.78 17.93
C MET F 167 6.42 -15.23 17.67
N GLN F 168 5.87 -14.82 16.52
CA GLN F 168 4.50 -15.14 16.17
C GLN F 168 4.44 -15.60 14.72
N VAL F 169 3.80 -16.75 14.50
CA VAL F 169 3.61 -17.32 13.17
C VAL F 169 2.11 -17.52 12.96
N TYR F 170 1.56 -16.80 11.99
CA TYR F 170 0.17 -16.93 11.58
C TYR F 170 0.14 -17.59 10.22
N ASN F 171 -0.45 -18.79 10.14
CA ASN F 171 -0.54 -19.53 8.88
C ASN F 171 -2.01 -19.84 8.58
N GLU F 172 -2.73 -18.82 8.15
CA GLU F 172 -4.13 -19.00 7.76
C GLU F 172 -4.43 -18.27 6.47
N GLU F 173 -5.46 -17.43 6.43
CA GLU F 173 -5.82 -16.78 5.18
C GLU F 173 -4.87 -15.65 4.80
N ASN F 174 -4.10 -15.13 5.76
CA ASN F 174 -3.17 -14.04 5.51
C ASN F 174 -1.90 -14.30 6.31
N PRO F 175 -1.02 -15.14 5.79
CA PRO F 175 0.17 -15.53 6.57
C PRO F 175 1.08 -14.32 6.81
N GLU F 176 1.63 -14.28 8.02
CA GLU F 176 2.58 -13.25 8.42
C GLU F 176 3.34 -13.76 9.63
N VAL F 177 4.53 -13.20 9.85
CA VAL F 177 5.36 -13.58 10.98
C VAL F 177 5.89 -12.33 11.67
N PHE F 178 6.23 -12.50 12.94
CA PHE F 178 6.88 -11.46 13.73
C PHE F 178 8.09 -12.10 14.41
N VAL F 179 9.26 -11.49 14.22
CA VAL F 179 10.50 -12.02 14.74
C VAL F 179 11.34 -10.86 15.24
N ILE F 180 11.82 -10.97 16.48
CA ILE F 180 12.79 -10.03 17.02
C ILE F 180 14.18 -10.60 16.81
N ILE F 181 15.07 -9.80 16.23
CA ILE F 181 16.45 -10.21 16.05
C ILE F 181 17.33 -9.31 16.90
N ASP F 182 18.44 -9.88 17.39
CA ASP F 182 19.38 -9.13 18.20
C ASP F 182 20.33 -8.38 17.30
N ILE F 183 20.41 -7.05 17.47
CA ILE F 183 21.31 -6.22 16.69
C ILE F 183 22.24 -5.42 17.58
N SER G 4 3.56 10.81 43.03
CA SER G 4 5.01 10.80 42.86
C SER G 4 5.70 10.21 44.09
N ARG G 5 4.99 10.19 45.22
CA ARG G 5 5.50 9.63 46.45
C ARG G 5 4.94 8.22 46.68
N SER G 6 5.76 7.38 47.31
CA SER G 6 5.28 6.09 47.78
C SER G 6 4.15 6.28 48.78
N TYR G 7 3.30 5.25 48.91
CA TYR G 7 2.18 5.33 49.85
C TYR G 7 2.68 5.61 51.26
N ASN G 8 3.71 4.87 51.70
CA ASN G 8 4.27 5.10 53.02
C ASN G 8 4.86 6.49 53.14
N ASP G 9 5.34 7.06 52.04
CA ASP G 9 5.85 8.41 52.07
C ASP G 9 4.74 9.42 52.32
N GLU G 10 3.55 9.17 51.76
CA GLU G 10 2.40 10.03 52.01
C GLU G 10 1.91 9.94 53.46
N LEU G 11 1.88 8.72 54.02
CA LEU G 11 1.35 8.55 55.36
C LEU G 11 2.18 9.29 56.41
N GLN G 12 3.41 9.64 56.07
CA GLN G 12 4.27 10.39 56.98
C GLN G 12 3.69 11.76 57.33
N PHE G 13 2.75 12.25 56.53
CA PHE G 13 2.08 13.53 56.77
C PHE G 13 0.71 13.38 57.41
N LEU G 14 0.29 12.15 57.72
CA LEU G 14 -1.05 11.89 58.22
C LEU G 14 -0.98 11.40 59.66
N GLU G 15 -1.79 12.00 60.52
CA GLU G 15 -1.75 11.75 61.96
C GLU G 15 -3.18 11.79 62.49
N LYS G 16 -3.57 10.73 63.21
CA LYS G 16 -4.90 10.70 63.81
C LYS G 16 -4.94 11.63 65.02
N ILE G 17 -5.90 12.56 65.03
CA ILE G 17 -6.03 13.50 66.14
C ILE G 17 -6.85 12.88 67.27
N ASN G 18 -7.94 12.21 66.94
CA ASN G 18 -8.74 11.50 67.92
C ASN G 18 -9.46 10.37 67.20
N LYS G 19 -10.51 9.83 67.81
CA LYS G 19 -11.14 8.62 67.29
C LYS G 19 -11.74 8.83 65.91
N ASN G 20 -12.21 10.04 65.60
CA ASN G 20 -12.97 10.30 64.39
C ASN G 20 -12.35 11.39 63.53
N CYS G 21 -11.08 11.74 63.74
CA CYS G 21 -10.51 12.86 63.02
C CYS G 21 -9.03 12.62 62.76
N TRP G 22 -8.62 12.91 61.52
CA TRP G 22 -7.25 12.81 61.06
C TRP G 22 -6.70 14.20 60.75
N ARG G 23 -5.39 14.36 60.91
CA ARG G 23 -4.71 15.59 60.57
C ARG G 23 -3.83 15.40 59.33
N ILE G 24 -3.82 16.42 58.48
CA ILE G 24 -2.92 16.49 57.34
C ILE G 24 -1.90 17.58 57.65
N LYS G 25 -0.65 17.17 57.90
CA LYS G 25 0.36 18.12 58.30
C LYS G 25 0.81 18.95 57.11
N LYS G 26 1.36 20.13 57.39
CA LYS G 26 1.90 20.95 56.33
C LYS G 26 3.03 20.21 55.63
N GLY G 27 3.09 20.35 54.31
CA GLY G 27 4.03 19.62 53.48
C GLY G 27 3.40 18.53 52.64
N PHE G 28 2.21 18.06 53.02
CA PHE G 28 1.52 17.07 52.20
C PHE G 28 1.42 17.56 50.76
N VAL G 29 1.03 18.82 50.59
CA VAL G 29 1.12 19.50 49.29
C VAL G 29 1.83 20.83 49.50
N PRO G 30 2.28 21.49 48.44
CA PRO G 30 3.04 22.73 48.60
C PRO G 30 2.19 23.87 49.12
N ASN G 31 2.84 24.78 49.85
CA ASN G 31 2.28 26.09 50.18
C ASN G 31 1.09 26.03 51.13
N MET G 32 0.95 24.97 51.92
CA MET G 32 -0.17 24.92 52.85
C MET G 32 -0.08 26.03 53.88
N GLN G 33 -1.15 26.83 53.98
CA GLN G 33 -1.24 27.87 54.98
C GLN G 33 -1.79 27.37 56.31
N VAL G 34 -2.65 26.35 56.26
CA VAL G 34 -3.18 25.71 57.45
C VAL G 34 -3.11 24.20 57.25
N GLU G 35 -3.48 23.46 58.28
CA GLU G 35 -3.54 22.01 58.22
C GLU G 35 -4.90 21.57 57.69
N GLY G 36 -4.97 20.31 57.29
CA GLY G 36 -6.23 19.68 56.91
C GLY G 36 -6.67 18.68 57.96
N VAL G 37 -7.98 18.49 58.06
CA VAL G 37 -8.56 17.46 58.90
C VAL G 37 -9.67 16.79 58.11
N PHE G 38 -9.91 15.51 58.38
CA PHE G 38 -11.10 14.84 57.87
C PHE G 38 -11.66 13.91 58.93
N TYR G 39 -12.99 13.90 59.06
CA TYR G 39 -13.70 13.14 60.08
C TYR G 39 -14.10 11.78 59.52
N VAL G 40 -13.50 10.72 60.04
CA VAL G 40 -13.78 9.38 59.59
C VAL G 40 -13.75 8.41 60.76
N ASN G 41 -14.67 7.46 60.78
CA ASN G 41 -14.58 6.31 61.67
C ASN G 41 -13.72 5.25 60.95
N ASP G 42 -13.72 4.02 61.43
CA ASP G 42 -12.82 3.03 60.84
C ASP G 42 -13.23 2.66 59.43
N ALA G 43 -14.53 2.46 59.18
CA ALA G 43 -14.96 2.00 57.86
C ALA G 43 -14.82 3.09 56.81
N LEU G 44 -14.98 4.36 57.20
CA LEU G 44 -14.81 5.44 56.24
C LEU G 44 -13.35 5.78 56.08
N GLU G 45 -12.54 5.45 57.09
CA GLU G 45 -11.11 5.68 57.03
C GLU G 45 -10.46 4.85 55.92
N LYS G 46 -10.88 3.58 55.78
CA LYS G 46 -10.28 2.72 54.78
C LYS G 46 -10.54 3.24 53.37
N LEU G 47 -11.77 3.70 53.11
CA LEU G 47 -12.10 4.26 51.81
C LEU G 47 -11.20 5.46 51.49
N MET G 48 -10.96 6.31 52.49
CA MET G 48 -10.18 7.53 52.26
C MET G 48 -8.74 7.21 51.91
N PHE G 49 -8.15 6.22 52.58
CA PHE G 49 -6.76 5.85 52.27
C PHE G 49 -6.66 4.97 51.03
N GLU G 50 -7.67 4.14 50.77
CA GLU G 50 -7.68 3.39 49.52
C GLU G 50 -7.78 4.32 48.32
N GLU G 51 -8.60 5.37 48.43
CA GLU G 51 -8.62 6.37 47.37
C GLU G 51 -7.25 7.01 47.23
N LEU G 52 -6.57 7.26 48.35
CA LEU G 52 -5.23 7.85 48.31
C LEU G 52 -4.25 6.94 47.59
N ARG G 53 -4.41 5.63 47.73
CA ARG G 53 -3.48 4.70 47.09
C ARG G 53 -3.82 4.39 45.64
N ASN G 54 -5.07 4.60 45.22
CA ASN G 54 -5.55 4.13 43.92
C ASN G 54 -5.80 5.23 42.90
N ALA G 55 -5.81 6.50 43.30
CA ALA G 55 -6.18 7.54 42.35
C ALA G 55 -5.12 7.74 41.28
N CYS G 56 -3.85 7.70 41.66
CA CYS G 56 -2.74 7.86 40.73
C CYS G 56 -1.70 6.76 40.96
N ARG G 57 -2.19 5.52 41.02
CA ARG G 57 -1.37 4.41 41.47
C ARG G 57 -0.12 4.22 40.62
N GLY G 58 -0.19 4.59 39.34
CA GLY G 58 0.85 4.32 38.39
C GLY G 58 1.85 5.46 38.23
N GLY G 59 3.05 5.11 37.76
CA GLY G 59 4.04 6.09 37.40
C GLY G 59 3.89 6.67 36.00
N GLY G 60 2.78 6.40 35.32
CA GLY G 60 2.58 6.88 33.96
C GLY G 60 1.53 7.96 33.85
N VAL G 61 0.82 7.99 32.72
CA VAL G 61 -0.19 9.01 32.47
C VAL G 61 -1.53 8.58 33.06
N GLY G 62 -2.43 9.55 33.19
CA GLY G 62 -3.74 9.32 33.78
C GLY G 62 -3.83 9.63 35.27
N GLY G 63 -4.88 9.09 35.88
CA GLY G 63 -5.13 9.28 37.29
C GLY G 63 -5.86 10.58 37.59
N PHE G 64 -6.31 10.70 38.84
CA PHE G 64 -6.93 11.92 39.32
C PHE G 64 -6.38 12.21 40.72
N LEU G 65 -6.74 13.38 41.26
CA LEU G 65 -6.24 13.79 42.57
C LEU G 65 -7.15 13.26 43.67
N PRO G 66 -6.64 12.48 44.62
CA PRO G 66 -7.49 11.97 45.70
C PRO G 66 -7.92 13.08 46.66
N ALA G 67 -9.01 12.80 47.38
CA ALA G 67 -9.61 13.78 48.28
C ALA G 67 -8.61 14.38 49.25
N MET G 68 -7.72 13.56 49.81
CA MET G 68 -6.73 14.08 50.75
C MET G 68 -5.88 15.17 50.12
N LYS G 69 -5.47 14.98 48.87
CA LYS G 69 -4.65 15.99 48.20
C LYS G 69 -5.43 17.28 47.99
N GLN G 70 -6.69 17.16 47.58
CA GLN G 70 -7.52 18.34 47.35
C GLN G 70 -7.76 19.12 48.63
N ILE G 71 -8.01 18.42 49.74
CA ILE G 71 -8.11 19.12 51.03
C ILE G 71 -6.84 19.93 51.28
N GLY G 72 -5.68 19.33 51.01
CA GLY G 72 -4.42 20.04 51.19
C GLY G 72 -4.27 21.23 50.26
N ASN G 73 -4.61 21.05 48.98
CA ASN G 73 -4.52 22.17 48.04
C ASN G 73 -5.38 23.34 48.50
N VAL G 74 -6.57 23.05 49.03
CA VAL G 74 -7.43 24.13 49.51
C VAL G 74 -6.80 24.81 50.72
N ALA G 75 -6.00 24.08 51.49
CA ALA G 75 -5.32 24.66 52.64
C ALA G 75 -4.21 25.63 52.25
N ALA G 76 -3.86 25.70 50.96
CA ALA G 76 -2.85 26.64 50.48
C ALA G 76 -3.44 27.92 49.93
N LEU G 77 -4.75 28.04 49.85
CA LEU G 77 -5.36 29.24 49.28
C LEU G 77 -5.16 30.43 50.22
N PRO G 78 -4.75 31.59 49.70
CA PRO G 78 -4.44 32.74 50.57
C PRO G 78 -5.66 33.20 51.37
N GLY G 79 -5.40 33.53 52.63
CA GLY G 79 -6.44 34.05 53.50
C GLY G 79 -7.22 33.00 54.26
N ILE G 80 -6.89 31.71 54.09
CA ILE G 80 -7.61 30.67 54.81
C ILE G 80 -7.32 30.80 56.30
N VAL G 81 -8.32 30.46 57.12
CA VAL G 81 -8.18 30.48 58.57
C VAL G 81 -8.56 29.11 59.13
N HIS G 82 -8.01 28.82 60.31
CA HIS G 82 -8.28 27.58 61.03
C HIS G 82 -7.74 26.36 60.30
N ARG G 83 -8.60 25.66 59.57
CA ARG G 83 -8.21 24.43 58.88
C ARG G 83 -9.02 24.27 57.60
N SER G 84 -8.43 23.55 56.64
CA SER G 84 -9.22 22.97 55.56
C SER G 84 -9.81 21.65 56.05
N ILE G 85 -11.13 21.53 55.99
CA ILE G 85 -11.85 20.49 56.73
C ILE G 85 -12.60 19.60 55.75
N GLY G 86 -12.27 18.31 55.77
CA GLY G 86 -13.09 17.29 55.14
C GLY G 86 -14.09 16.68 56.10
N LEU G 87 -15.32 16.51 55.63
CA LEU G 87 -16.40 15.92 56.40
C LEU G 87 -16.55 14.44 56.10
N PRO G 88 -17.32 13.71 56.91
CA PRO G 88 -17.33 12.24 56.80
C PRO G 88 -17.70 11.71 55.42
N ASP G 89 -18.43 12.47 54.61
CA ASP G 89 -18.78 12.03 53.26
C ASP G 89 -17.70 12.37 52.23
N VAL G 90 -16.53 12.83 52.69
CA VAL G 90 -15.55 13.38 51.76
C VAL G 90 -15.11 12.36 50.73
N HIS G 91 -15.00 12.80 49.48
CA HIS G 91 -14.42 11.99 48.41
C HIS G 91 -13.93 12.94 47.34
N SER G 92 -13.12 12.41 46.43
CA SER G 92 -12.43 13.22 45.44
C SER G 92 -13.42 14.00 44.57
N GLY G 93 -13.21 15.32 44.48
CA GLY G 93 -14.00 16.18 43.61
C GLY G 93 -13.17 16.71 42.45
N TYR G 94 -13.44 17.95 42.02
CA TYR G 94 -12.70 18.54 40.90
C TYR G 94 -11.92 19.80 41.25
N GLY G 95 -11.94 20.24 42.50
CA GLY G 95 -11.14 21.37 42.93
C GLY G 95 -11.03 21.35 44.44
N PHE G 96 -12.07 21.83 45.11
CA PHE G 96 -12.34 21.36 46.46
C PHE G 96 -12.69 19.88 46.37
N ALA G 97 -12.43 19.16 47.45
CA ALA G 97 -12.97 17.80 47.53
C ALA G 97 -14.47 17.88 47.75
N ILE G 98 -15.18 16.82 47.39
CA ILE G 98 -16.59 16.73 47.78
C ILE G 98 -16.66 16.49 49.27
N GLY G 99 -17.23 17.45 50.00
CA GLY G 99 -17.26 17.35 51.45
C GLY G 99 -16.10 18.12 52.07
N ASN G 100 -15.86 19.33 51.58
CA ASN G 100 -14.68 20.11 51.93
C ASN G 100 -15.12 21.52 52.30
N MET G 101 -14.69 21.99 53.46
CA MET G 101 -15.02 23.34 53.92
C MET G 101 -13.75 24.15 54.10
N ALA G 102 -13.77 25.40 53.65
CA ALA G 102 -12.70 26.35 53.87
C ALA G 102 -13.28 27.73 54.08
N ALA G 103 -12.78 28.44 55.08
CA ALA G 103 -13.30 29.76 55.45
C ALA G 103 -12.18 30.79 55.35
N PHE G 104 -12.52 31.98 54.85
CA PHE G 104 -11.54 33.01 54.54
C PHE G 104 -11.90 34.32 55.23
N ASP G 105 -10.89 34.98 55.78
CA ASP G 105 -11.05 36.21 56.54
C ASP G 105 -11.25 37.36 55.59
N MET G 106 -12.47 37.94 55.58
CA MET G 106 -12.77 39.00 54.64
C MET G 106 -12.10 40.33 54.98
N ASN G 107 -11.47 40.44 56.15
CA ASN G 107 -10.69 41.61 56.50
C ASN G 107 -9.21 41.39 56.25
N ASP G 108 -8.84 40.21 55.78
CA ASP G 108 -7.51 39.94 55.24
C ASP G 108 -7.55 40.33 53.77
N PRO G 109 -6.85 41.39 53.35
CA PRO G 109 -6.96 41.84 51.95
C PRO G 109 -6.50 40.81 50.93
N GLU G 110 -5.81 39.76 51.36
CA GLU G 110 -5.39 38.69 50.46
C GLU G 110 -6.37 37.53 50.37
N ALA G 111 -7.43 37.53 51.19
CA ALA G 111 -8.40 36.44 51.15
C ALA G 111 -9.06 36.37 49.78
N VAL G 112 -9.25 35.15 49.28
CA VAL G 112 -9.75 34.92 47.93
C VAL G 112 -11.10 34.22 48.01
N VAL G 113 -11.80 34.21 46.88
CA VAL G 113 -12.98 33.39 46.66
C VAL G 113 -12.71 32.51 45.45
N SER G 114 -13.05 31.23 45.56
CA SER G 114 -12.74 30.27 44.50
C SER G 114 -14.02 29.77 43.84
N PRO G 115 -14.36 30.26 42.63
CA PRO G 115 -15.56 29.77 41.93
C PRO G 115 -15.48 28.32 41.53
N GLY G 116 -14.34 27.91 40.96
CA GLY G 116 -14.16 26.51 40.62
C GLY G 116 -14.12 25.57 41.81
N GLY G 117 -13.96 26.11 43.01
CA GLY G 117 -13.99 25.32 44.23
C GLY G 117 -15.34 25.24 44.90
N VAL G 118 -16.21 26.22 44.67
CA VAL G 118 -17.58 26.14 45.19
C VAL G 118 -18.39 25.16 44.37
N GLY G 119 -18.07 25.02 43.09
CA GLY G 119 -18.67 24.02 42.25
C GLY G 119 -19.60 24.63 41.21
N PHE G 120 -19.90 23.81 40.21
CA PHE G 120 -20.73 24.25 39.10
C PHE G 120 -22.22 24.23 39.42
N ASP G 121 -22.68 23.29 40.24
CA ASP G 121 -24.08 23.28 40.66
C ASP G 121 -24.21 24.16 41.90
N ILE G 122 -24.23 25.47 41.66
CA ILE G 122 -24.27 26.44 42.75
C ILE G 122 -25.57 26.32 43.52
N ASN G 123 -25.46 26.25 44.85
CA ASN G 123 -26.59 26.18 45.77
C ASN G 123 -27.39 24.91 45.60
N CYS G 124 -26.78 23.85 45.05
CA CYS G 124 -27.42 22.55 45.04
C CYS G 124 -27.75 22.14 46.47
N GLY G 125 -28.96 21.63 46.68
CA GLY G 125 -29.43 21.45 48.04
C GLY G 125 -30.53 20.42 48.11
N VAL G 126 -30.98 20.17 49.34
CA VAL G 126 -31.99 19.17 49.64
C VAL G 126 -33.15 19.84 50.36
N ARG G 127 -34.37 19.57 49.90
CA ARG G 127 -35.59 20.04 50.54
C ARG G 127 -36.40 18.83 50.99
N LEU G 128 -36.80 18.83 52.26
CA LEU G 128 -37.59 17.74 52.83
C LEU G 128 -39.01 18.22 53.12
N LEU G 129 -39.99 17.46 52.65
CA LEU G 129 -41.39 17.77 52.88
C LEU G 129 -42.02 16.71 53.77
N ARG G 130 -43.06 17.12 54.49
CA ARG G 130 -43.89 16.21 55.28
C ARG G 130 -45.31 16.18 54.74
N THR G 131 -46.03 15.11 55.09
CA THR G 131 -47.43 14.93 54.77
C THR G 131 -48.15 14.45 56.02
N ASN G 132 -49.48 14.47 55.96
CA ASN G 132 -50.28 13.84 57.02
C ASN G 132 -50.66 12.41 56.67
N LEU G 133 -50.07 11.84 55.62
CA LEU G 133 -50.29 10.46 55.25
C LEU G 133 -49.31 9.54 55.98
N ASP G 134 -49.68 8.27 56.07
CA ASP G 134 -48.86 7.23 56.65
C ASP G 134 -48.50 6.21 55.57
N GLU G 135 -47.51 5.36 55.88
CA GLU G 135 -47.09 4.34 54.92
C GLU G 135 -48.27 3.47 54.48
N SER G 136 -49.20 3.18 55.40
CA SER G 136 -50.35 2.36 55.03
C SER G 136 -51.22 3.07 54.00
N ASP G 137 -51.19 4.40 53.97
CA ASP G 137 -51.96 5.15 52.99
C ASP G 137 -51.30 5.18 51.62
N VAL G 138 -49.99 4.98 51.55
CA VAL G 138 -49.25 5.12 50.31
C VAL G 138 -48.94 3.77 49.66
N GLN G 139 -48.62 2.75 50.46
CA GLN G 139 -48.32 1.44 49.88
C GLN G 139 -49.35 0.95 48.88
N PRO G 140 -50.66 1.15 49.07
CA PRO G 140 -51.62 0.67 48.06
C PRO G 140 -51.47 1.34 46.70
N VAL G 141 -50.84 2.51 46.63
CA VAL G 141 -50.76 3.25 45.38
C VAL G 141 -49.34 3.74 45.12
N LYS G 142 -48.35 2.94 45.51
CA LYS G 142 -46.96 3.36 45.34
C LYS G 142 -46.63 3.63 43.89
N GLU G 143 -46.88 2.65 43.01
CA GLU G 143 -46.55 2.80 41.60
C GLU G 143 -47.33 3.94 40.96
N GLN G 144 -48.63 4.05 41.26
CA GLN G 144 -49.41 5.12 40.67
C GLN G 144 -48.85 6.48 41.06
N LEU G 145 -48.43 6.63 42.32
CA LEU G 145 -47.80 7.88 42.75
C LEU G 145 -46.42 8.05 42.15
N ALA G 146 -45.65 6.95 42.08
CA ALA G 146 -44.34 7.02 41.43
C ALA G 146 -44.46 7.49 39.99
N GLN G 147 -45.43 6.96 39.25
CA GLN G 147 -45.64 7.42 37.89
C GLN G 147 -46.15 8.86 37.86
N ALA G 148 -46.95 9.25 38.86
CA ALA G 148 -47.44 10.62 38.93
C ALA G 148 -46.30 11.62 39.13
N MET G 149 -45.34 11.28 39.98
CA MET G 149 -44.17 12.14 40.14
C MET G 149 -43.41 12.25 38.82
N PHE G 150 -43.09 11.12 38.20
CA PHE G 150 -42.37 11.11 36.94
C PHE G 150 -43.12 11.89 35.86
N ASP G 151 -44.45 11.81 35.87
CA ASP G 151 -45.23 12.53 34.86
C ASP G 151 -45.24 14.04 35.09
N HIS G 152 -45.12 14.47 36.34
CA HIS G 152 -45.18 15.90 36.65
C HIS G 152 -43.81 16.56 36.66
N ILE G 153 -42.74 15.82 36.93
CA ILE G 153 -41.41 16.39 37.13
C ILE G 153 -40.54 16.01 35.94
N PRO G 154 -40.06 16.97 35.15
CA PRO G 154 -39.11 16.68 34.05
C PRO G 154 -37.75 16.25 34.58
N VAL G 155 -37.28 15.09 34.15
CA VAL G 155 -36.01 14.53 34.61
C VAL G 155 -35.17 14.10 33.41
N GLY G 156 -33.85 14.18 33.57
CA GLY G 156 -32.91 13.66 32.60
C GLY G 156 -32.46 14.68 31.57
N VAL G 157 -31.40 14.32 30.84
CA VAL G 157 -30.81 15.23 29.87
C VAL G 157 -31.82 15.59 28.80
N GLY G 158 -31.86 16.87 28.44
CA GLY G 158 -32.75 17.36 27.40
C GLY G 158 -34.13 17.73 27.86
N SER G 159 -34.49 17.46 29.11
CA SER G 159 -35.82 17.79 29.58
C SER G 159 -35.99 19.31 29.69
N LYS G 160 -37.21 19.77 29.48
CA LYS G 160 -37.53 21.19 29.54
C LYS G 160 -38.71 21.40 30.48
N GLY G 161 -38.79 22.60 31.03
CA GLY G 161 -39.81 22.89 32.02
C GLY G 161 -41.21 22.93 31.42
N VAL G 162 -42.17 22.38 32.17
CA VAL G 162 -43.57 22.44 31.76
C VAL G 162 -44.21 23.76 32.16
N ILE G 163 -43.66 24.39 33.19
CA ILE G 163 -44.11 25.70 33.68
C ILE G 163 -43.65 26.78 32.70
N PRO G 164 -44.57 27.57 32.14
CA PRO G 164 -44.17 28.56 31.12
C PRO G 164 -43.25 29.63 31.71
N MET G 165 -42.18 29.94 30.98
CA MET G 165 -41.20 30.91 31.44
C MET G 165 -40.67 31.69 30.24
N ASN G 166 -40.56 33.01 30.38
CA ASN G 166 -39.91 33.83 29.38
C ASN G 166 -38.71 34.54 30.01
N ALA G 167 -37.95 35.25 29.19
CA ALA G 167 -36.72 35.89 29.67
C ALA G 167 -36.99 36.82 30.84
N LYS G 168 -38.08 37.59 30.78
CA LYS G 168 -38.37 38.54 31.85
C LYS G 168 -38.69 37.83 33.16
N ASP G 169 -39.40 36.70 33.09
CA ASP G 169 -39.65 35.91 34.28
C ASP G 169 -38.35 35.47 34.93
N LEU G 170 -37.40 34.99 34.12
CA LEU G 170 -36.12 34.52 34.65
C LEU G 170 -35.36 35.66 35.32
N GLU G 171 -35.37 36.84 34.70
CA GLU G 171 -34.68 37.99 35.31
C GLU G 171 -35.24 38.27 36.70
N GLU G 172 -36.55 38.09 36.88
CA GLU G 172 -37.16 38.31 38.20
C GLU G 172 -36.82 37.18 39.16
N ALA G 173 -36.82 35.94 38.68
CA ALA G 173 -36.48 34.81 39.54
C ALA G 173 -35.05 34.90 40.04
N LEU G 174 -34.13 35.35 39.19
CA LEU G 174 -32.74 35.49 39.60
C LEU G 174 -32.59 36.52 40.70
N GLU G 175 -33.43 37.56 40.70
CA GLU G 175 -33.35 38.59 41.73
C GLU G 175 -34.17 38.26 42.97
N MET G 176 -35.32 37.60 42.80
CA MET G 176 -36.28 37.49 43.90
C MET G 176 -36.23 36.15 44.60
N GLY G 177 -35.69 35.11 43.97
CA GLY G 177 -35.73 33.79 44.56
C GLY G 177 -37.15 33.32 44.79
N VAL G 178 -37.36 32.66 45.93
CA VAL G 178 -38.66 32.08 46.24
C VAL G 178 -39.75 33.13 46.30
N ASP G 179 -39.39 34.40 46.50
CA ASP G 179 -40.39 35.45 46.45
C ASP G 179 -41.12 35.46 45.11
N TRP G 180 -40.40 35.16 44.03
CA TRP G 180 -41.05 35.04 42.73
C TRP G 180 -42.04 33.89 42.71
N SER G 181 -41.62 32.72 43.19
CA SER G 181 -42.52 31.57 43.24
C SER G 181 -43.74 31.87 44.09
N LEU G 182 -43.55 32.57 45.20
CA LEU G 182 -44.68 32.93 46.06
C LEU G 182 -45.62 33.89 45.34
N ARG G 183 -45.07 34.92 44.70
CA ARG G 183 -45.89 35.90 44.01
C ARG G 183 -46.71 35.25 42.89
N GLU G 184 -46.12 34.29 42.18
CA GLU G 184 -46.79 33.63 41.06
C GLU G 184 -47.68 32.47 41.49
N GLY G 185 -47.74 32.15 42.78
CA GLY G 185 -48.64 31.14 43.26
C GLY G 185 -48.12 29.71 43.23
N TYR G 186 -46.81 29.51 43.04
CA TYR G 186 -46.25 28.17 43.04
C TYR G 186 -45.73 27.76 44.42
N ALA G 187 -45.64 28.68 45.36
CA ALA G 187 -45.15 28.39 46.69
C ALA G 187 -46.09 28.96 47.74
N TRP G 188 -46.05 28.38 48.93
CA TRP G 188 -46.78 28.87 50.08
C TRP G 188 -45.86 29.72 50.96
N ALA G 189 -46.47 30.60 51.74
CA ALA G 189 -45.66 31.47 52.59
C ALA G 189 -44.85 30.65 53.60
N GLU G 190 -45.42 29.54 54.07
CA GLU G 190 -44.68 28.69 55.02
C GLU G 190 -43.44 28.09 54.38
N ASP G 191 -43.46 27.86 53.06
CA ASP G 191 -42.26 27.33 52.40
C ASP G 191 -41.09 28.28 52.60
N LYS G 192 -41.30 29.56 52.31
CA LYS G 192 -40.24 30.53 52.49
C LYS G 192 -39.80 30.58 53.95
N GLU G 193 -40.75 30.38 54.87
CA GLU G 193 -40.42 30.53 56.27
C GLU G 193 -39.46 29.44 56.73
N HIS G 194 -39.55 28.25 56.12
CA HIS G 194 -38.71 27.12 56.47
C HIS G 194 -37.64 26.84 55.40
N CYS G 195 -37.14 27.88 54.75
CA CYS G 195 -36.10 27.75 53.74
C CYS G 195 -34.87 28.53 54.18
N GLU G 196 -33.70 27.90 54.06
CA GLU G 196 -32.47 28.59 54.42
C GLU G 196 -32.34 29.89 53.62
N GLU G 197 -31.86 30.94 54.27
CA GLU G 197 -31.82 32.28 53.68
C GLU G 197 -33.22 32.79 53.36
N TYR G 198 -34.26 32.09 53.80
CA TYR G 198 -35.63 32.38 53.39
C TYR G 198 -35.75 32.36 51.86
N GLY G 199 -34.93 31.54 51.22
CA GLY G 199 -35.04 31.32 49.79
C GLY G 199 -34.76 32.52 48.93
N ARG G 200 -33.97 33.48 49.41
CA ARG G 200 -33.64 34.64 48.61
C ARG G 200 -32.35 35.27 49.12
N MET G 201 -31.34 35.35 48.27
CA MET G 201 -30.13 36.08 48.59
C MET G 201 -30.23 37.47 48.00
N LEU G 202 -30.20 38.48 48.86
CA LEU G 202 -30.50 39.86 48.50
C LEU G 202 -29.44 40.50 47.62
N GLN G 203 -28.21 40.01 47.65
CA GLN G 203 -27.17 40.62 46.85
C GLN G 203 -27.17 40.14 45.40
N ALA G 204 -28.10 39.25 45.03
CA ALA G 204 -28.18 38.79 43.66
C ALA G 204 -28.32 39.96 42.71
N ASP G 205 -27.50 39.95 41.66
CA ASP G 205 -27.56 40.96 40.60
C ASP G 205 -27.73 40.24 39.27
N PRO G 206 -28.93 40.22 38.69
CA PRO G 206 -29.12 39.53 37.41
C PRO G 206 -28.19 40.04 36.32
N ASN G 207 -27.67 41.27 36.44
CA ASN G 207 -26.75 41.77 35.43
C ASN G 207 -25.38 41.10 35.51
N LYS G 208 -25.10 40.36 36.57
CA LYS G 208 -23.85 39.64 36.69
C LYS G 208 -23.94 38.20 36.19
N VAL G 209 -25.11 37.78 35.72
CA VAL G 209 -25.29 36.49 35.08
C VAL G 209 -25.23 36.72 33.57
N SER G 210 -24.33 36.00 32.89
CA SER G 210 -24.09 36.24 31.47
C SER G 210 -25.28 35.80 30.63
N ALA G 211 -25.33 36.31 29.41
CA ALA G 211 -26.40 35.92 28.49
C ALA G 211 -26.40 34.41 28.26
N ARG G 212 -25.22 33.81 28.16
CA ARG G 212 -25.15 32.36 27.98
C ARG G 212 -25.81 31.62 29.14
N ALA G 213 -25.54 32.07 30.37
CA ALA G 213 -26.14 31.42 31.53
C ALA G 213 -27.67 31.51 31.47
N LYS G 214 -28.20 32.67 31.10
CA LYS G 214 -29.64 32.83 31.02
C LYS G 214 -30.24 32.01 29.89
N LYS G 215 -29.52 31.83 28.78
CA LYS G 215 -30.06 30.99 27.71
C LYS G 215 -30.00 29.52 28.09
N ARG G 216 -28.99 29.10 28.85
CA ARG G 216 -29.00 27.73 29.34
C ARG G 216 -30.10 27.53 30.38
N GLY G 217 -30.29 28.52 31.26
CA GLY G 217 -31.16 28.31 32.40
C GLY G 217 -32.64 28.37 32.06
N LEU G 218 -33.02 29.20 31.08
CA LEU G 218 -34.44 29.42 30.83
C LEU G 218 -35.19 28.14 30.55
N PRO G 219 -34.81 27.30 29.58
CA PRO G 219 -35.56 26.06 29.33
C PRO G 219 -35.49 25.07 30.47
N GLN G 220 -34.52 25.20 31.39
CA GLN G 220 -34.31 24.20 32.43
C GLN G 220 -34.92 24.57 33.77
N LEU G 221 -35.47 25.77 33.91
CA LEU G 221 -36.12 26.13 35.17
C LEU G 221 -37.37 25.28 35.35
N GLY G 222 -37.44 24.59 36.49
CA GLY G 222 -38.50 23.62 36.70
C GLY G 222 -38.17 22.22 36.23
N THR G 223 -36.90 21.86 36.16
CA THR G 223 -36.49 20.51 35.80
C THR G 223 -35.54 19.97 36.87
N LEU G 224 -35.56 18.66 37.04
CA LEU G 224 -34.78 18.02 38.10
C LEU G 224 -33.31 17.94 37.75
N GLY G 225 -32.98 17.67 36.49
CA GLY G 225 -31.62 17.42 36.08
C GLY G 225 -31.29 15.94 36.06
N ALA G 226 -29.99 15.66 36.10
CA ALA G 226 -29.53 14.27 36.10
C ALA G 226 -28.51 14.04 37.20
N GLY G 227 -27.61 13.07 37.00
CA GLY G 227 -26.62 12.79 38.02
C GLY G 227 -27.26 12.14 39.22
N ASN G 228 -26.87 12.58 40.41
CA ASN G 228 -27.43 12.06 41.65
C ASN G 228 -28.66 12.81 42.13
N HIS G 229 -29.19 13.73 41.34
CA HIS G 229 -30.44 14.39 41.69
C HIS G 229 -31.57 13.36 41.77
N TYR G 230 -32.53 13.61 42.67
CA TYR G 230 -33.57 12.64 42.95
C TYR G 230 -34.76 13.31 43.62
N ALA G 231 -35.91 12.63 43.56
CA ALA G 231 -37.09 12.95 44.34
C ALA G 231 -37.59 11.66 44.98
N GLU G 232 -37.58 11.61 46.31
CA GLU G 232 -37.81 10.38 47.05
C GLU G 232 -39.02 10.51 47.97
N ILE G 233 -39.96 9.59 47.83
CA ILE G 233 -41.03 9.46 48.81
C ILE G 233 -40.48 8.62 49.95
N GLN G 234 -40.55 9.13 51.18
CA GLN G 234 -39.92 8.46 52.31
C GLN G 234 -40.92 8.29 53.45
N VAL G 235 -40.56 7.41 54.38
CA VAL G 235 -41.37 7.13 55.57
C VAL G 235 -40.43 7.10 56.77
N VAL G 236 -40.86 7.73 57.86
CA VAL G 236 -40.05 7.79 59.07
C VAL G 236 -39.88 6.38 59.63
N ASP G 237 -38.62 6.00 59.88
CA ASP G 237 -38.26 4.67 60.33
C ASP G 237 -37.78 4.62 61.76
N GLU G 238 -37.25 5.74 62.28
CA GLU G 238 -36.75 5.81 63.64
C GLU G 238 -36.63 7.27 64.02
N ILE G 239 -37.00 7.59 65.25
CA ILE G 239 -36.92 8.95 65.79
C ILE G 239 -35.94 8.94 66.95
N PHE G 240 -34.82 9.65 66.81
CA PHE G 240 -33.82 9.71 67.86
C PHE G 240 -34.02 10.90 68.80
N ASN G 241 -34.72 11.93 68.34
CA ASN G 241 -34.94 13.15 69.11
C ASN G 241 -36.39 13.56 68.87
N GLU G 242 -37.29 13.15 69.77
CA GLU G 242 -38.71 13.30 69.51
C GLU G 242 -39.16 14.75 69.49
N TYR G 243 -38.54 15.61 70.29
CA TYR G 243 -39.03 16.99 70.34
C TYR G 243 -38.42 17.85 69.24
N ALA G 244 -37.20 17.55 68.81
CA ALA G 244 -36.75 18.11 67.54
C ALA G 244 -37.65 17.64 66.40
N ALA G 245 -37.93 16.34 66.36
CA ALA G 245 -38.83 15.81 65.34
C ALA G 245 -40.21 16.45 65.44
N LYS G 246 -40.70 16.69 66.66
CA LYS G 246 -42.02 17.29 66.83
C LYS G 246 -42.07 18.69 66.25
N LYS G 247 -41.02 19.49 66.48
CA LYS G 247 -40.96 20.83 65.92
C LYS G 247 -40.96 20.79 64.40
N MET G 248 -40.46 19.71 63.80
CA MET G 248 -40.45 19.54 62.36
C MET G 248 -41.76 18.95 61.84
N GLY G 249 -42.68 18.60 62.72
CA GLY G 249 -43.94 18.00 62.31
C GLY G 249 -43.94 16.50 62.17
N ILE G 250 -42.87 15.82 62.58
CA ILE G 250 -42.80 14.37 62.59
C ILE G 250 -43.15 13.89 64.00
N ASP G 251 -44.25 13.13 64.11
CA ASP G 251 -44.69 12.61 65.40
C ASP G 251 -44.51 11.10 65.56
N HIS G 252 -44.88 10.30 64.55
CA HIS G 252 -44.82 8.85 64.66
C HIS G 252 -44.00 8.26 63.52
N LYS G 253 -43.39 7.10 63.80
CA LYS G 253 -42.84 6.28 62.73
C LYS G 253 -43.94 5.86 61.76
N GLY G 254 -43.60 5.86 60.47
CA GLY G 254 -44.55 5.56 59.43
C GLY G 254 -45.10 6.76 58.70
N GLN G 255 -44.79 7.96 59.16
CA GLN G 255 -45.23 9.16 58.47
C GLN G 255 -44.46 9.32 57.16
N VAL G 256 -45.13 9.86 56.16
CA VAL G 256 -44.61 9.95 54.79
C VAL G 256 -43.97 11.31 54.57
N CYS G 257 -42.75 11.31 54.03
CA CYS G 257 -42.03 12.53 53.68
C CYS G 257 -41.54 12.43 52.22
N VAL G 258 -41.14 13.56 51.67
CA VAL G 258 -40.58 13.64 50.32
C VAL G 258 -39.30 14.44 50.38
N MET G 259 -38.21 13.84 49.88
CA MET G 259 -36.90 14.49 49.83
C MET G 259 -36.54 14.81 48.37
N ILE G 260 -36.22 16.07 48.11
CA ILE G 260 -35.92 16.56 46.77
C ILE G 260 -34.49 17.11 46.77
N HIS G 261 -33.71 16.73 45.76
CA HIS G 261 -32.30 17.11 45.68
C HIS G 261 -32.03 17.65 44.27
N SER G 262 -31.79 18.96 44.16
CA SER G 262 -31.49 19.57 42.88
C SER G 262 -30.84 20.92 43.12
N GLY G 263 -30.31 21.52 42.04
CA GLY G 263 -29.56 22.75 42.14
C GLY G 263 -29.99 23.80 41.12
N SER G 264 -29.03 24.63 40.73
CA SER G 264 -29.27 25.79 39.89
C SER G 264 -29.15 25.47 38.38
N ARG G 265 -29.01 24.21 38.02
CA ARG G 265 -29.08 23.73 36.62
C ARG G 265 -28.07 24.47 35.75
N GLY G 266 -28.37 24.58 34.45
CA GLY G 266 -27.41 25.12 33.50
C GLY G 266 -27.03 26.56 33.76
N LEU G 267 -27.93 27.34 34.36
CA LEU G 267 -27.60 28.72 34.69
C LEU G 267 -26.44 28.78 35.68
N GLY G 268 -26.53 28.02 36.77
CA GLY G 268 -25.47 28.03 37.75
C GLY G 268 -24.18 27.49 37.20
N HIS G 269 -24.27 26.41 36.42
CA HIS G 269 -23.07 25.85 35.79
C HIS G 269 -22.36 26.90 34.95
N GLN G 270 -23.12 27.71 34.21
CA GLN G 270 -22.52 28.74 33.36
C GLN G 270 -21.96 29.88 34.20
N VAL G 271 -22.69 30.33 35.22
CA VAL G 271 -22.17 31.37 36.10
C VAL G 271 -20.84 30.94 36.69
N ALA G 272 -20.75 29.70 37.13
CA ALA G 272 -19.48 29.20 37.67
C ALA G 272 -18.41 29.14 36.59
N THR G 273 -18.78 28.66 35.40
CA THR G 273 -17.84 28.59 34.28
C THR G 273 -17.35 29.98 33.89
N ASP G 274 -18.28 30.93 33.75
CA ASP G 274 -17.88 32.29 33.40
C ASP G 274 -16.93 32.87 34.43
N ALA G 275 -17.21 32.66 35.71
CA ALA G 275 -16.34 33.20 36.75
C ALA G 275 -14.98 32.50 36.73
N LEU G 276 -14.96 31.19 36.48
CA LEU G 276 -13.70 30.49 36.36
C LEU G 276 -12.84 31.08 35.26
N VAL G 277 -13.46 31.37 34.10
CA VAL G 277 -12.71 31.97 33.00
C VAL G 277 -12.25 33.38 33.36
N ALA G 278 -13.12 34.15 34.00
CA ALA G 278 -12.73 35.50 34.39
C ALA G 278 -11.61 35.47 35.42
N MET G 279 -11.52 34.40 36.21
CA MET G 279 -10.49 34.32 37.24
C MET G 279 -9.13 34.01 36.62
N GLU G 280 -9.11 33.16 35.58
CA GLU G 280 -7.87 32.91 34.86
C GLU G 280 -7.34 34.17 34.20
N LYS G 281 -8.24 35.02 33.69
CA LYS G 281 -7.81 36.28 33.07
C LYS G 281 -7.31 37.29 34.10
N ALA G 282 -7.62 37.10 35.37
CA ALA G 282 -7.16 38.03 36.40
C ALA G 282 -5.97 37.47 37.16
N MET G 283 -5.67 36.19 36.99
CA MET G 283 -4.45 35.58 37.50
C MET G 283 -3.27 35.83 36.57
N LYS G 284 -3.45 36.70 35.57
CA LYS G 284 -2.35 37.22 34.77
C LYS G 284 -1.99 38.64 35.14
N ARG G 285 -2.85 39.35 35.88
CA ARG G 285 -2.55 40.65 36.45
C ARG G 285 -2.41 40.59 37.96
N ASP G 286 -2.46 39.39 38.53
CA ASP G 286 -2.36 39.20 39.98
C ASP G 286 -1.71 37.86 40.27
N LYS G 287 -1.89 36.91 39.36
CA LYS G 287 -1.23 35.60 39.39
C LYS G 287 -1.14 35.04 40.80
N ILE G 288 -2.29 35.00 41.48
CA ILE G 288 -2.39 34.24 42.72
C ILE G 288 -1.91 32.82 42.46
N ILE G 289 -1.06 32.30 43.33
CA ILE G 289 -0.51 30.96 43.15
C ILE G 289 -1.46 29.95 43.78
N VAL G 290 -1.76 28.89 43.03
CA VAL G 290 -2.59 27.79 43.49
C VAL G 290 -1.93 26.49 43.04
N ASN G 291 -2.27 25.41 43.73
CA ASN G 291 -1.70 24.10 43.41
C ASN G 291 -2.50 23.37 42.35
N ASP G 292 -3.68 23.87 41.98
CA ASP G 292 -4.57 23.19 41.06
C ASP G 292 -5.27 24.24 40.22
N ARG G 293 -5.15 24.12 38.90
CA ARG G 293 -5.70 25.13 38.01
C ARG G 293 -7.19 25.35 38.25
N GLN G 294 -7.90 24.30 38.69
CA GLN G 294 -9.32 24.45 39.00
C GLN G 294 -9.58 25.36 40.18
N LEU G 295 -8.56 25.64 41.00
CA LEU G 295 -8.71 26.53 42.15
C LEU G 295 -8.46 27.99 41.79
N ALA G 296 -8.48 28.33 40.50
CA ALA G 296 -8.36 29.72 40.07
C ALA G 296 -9.31 30.61 40.85
N CYS G 297 -8.79 31.74 41.32
CA CYS G 297 -9.51 32.57 42.28
C CYS G 297 -9.10 34.02 42.12
N ALA G 298 -9.74 34.89 42.91
CA ALA G 298 -9.44 36.31 42.93
C ALA G 298 -9.67 36.82 44.34
N ARG G 299 -9.07 37.98 44.64
CA ARG G 299 -9.28 38.61 45.93
C ARG G 299 -10.78 38.88 46.13
N ILE G 300 -11.23 38.71 47.36
CA ILE G 300 -12.67 38.81 47.64
C ILE G 300 -13.20 40.17 47.21
N ALA G 301 -12.41 41.22 47.38
CA ALA G 301 -12.84 42.57 47.04
C ALA G 301 -12.63 42.94 45.57
N SER G 302 -11.97 42.08 44.78
CA SER G 302 -11.72 42.42 43.40
C SER G 302 -13.03 42.50 42.61
N PRO G 303 -13.02 43.20 41.48
CA PRO G 303 -14.22 43.20 40.63
C PRO G 303 -14.64 41.81 40.19
N GLU G 304 -13.68 40.94 39.88
CA GLU G 304 -14.03 39.57 39.50
C GLU G 304 -14.67 38.81 40.65
N GLY G 305 -14.11 38.96 41.86
CA GLY G 305 -14.71 38.28 43.01
C GLY G 305 -16.10 38.81 43.31
N GLN G 306 -16.26 40.13 43.27
CA GLN G 306 -17.57 40.72 43.53
C GLN G 306 -18.55 40.34 42.44
N ASP G 307 -18.12 40.35 41.17
CA ASP G 307 -19.00 39.95 40.09
C ASP G 307 -19.48 38.52 40.29
N TYR G 308 -18.57 37.61 40.69
CA TYR G 308 -18.96 36.23 40.94
C TYR G 308 -19.94 36.13 42.11
N LEU G 309 -19.60 36.76 43.24
CA LEU G 309 -20.45 36.60 44.43
C LEU G 309 -21.87 37.04 44.14
N LYS G 310 -22.04 38.12 43.37
CA LYS G 310 -23.40 38.57 43.03
C LYS G 310 -24.06 37.61 42.05
N GLY G 311 -23.31 37.07 41.09
CA GLY G 311 -23.87 36.07 40.20
C GLY G 311 -24.12 34.75 40.90
N MET G 312 -23.24 34.39 41.83
CA MET G 312 -23.45 33.20 42.65
C MET G 312 -24.79 33.30 43.40
N ALA G 313 -25.07 34.46 43.99
CA ALA G 313 -26.31 34.62 44.75
C ALA G 313 -27.52 34.52 43.84
N ALA G 314 -27.44 35.09 42.63
CA ALA G 314 -28.54 34.95 41.69
C ALA G 314 -28.75 33.49 41.30
N ALA G 315 -27.67 32.74 41.10
CA ALA G 315 -27.80 31.32 40.82
C ALA G 315 -28.39 30.60 42.03
N GLY G 316 -28.01 31.01 43.24
CA GLY G 316 -28.65 30.45 44.42
C GLY G 316 -30.15 30.70 44.42
N ASN G 317 -30.56 31.91 44.06
CA ASN G 317 -31.98 32.22 43.96
C ASN G 317 -32.66 31.35 42.90
N TYR G 318 -31.97 31.12 41.78
CA TYR G 318 -32.50 30.24 40.75
C TYR G 318 -32.74 28.84 41.29
N ALA G 319 -31.78 28.31 42.05
CA ALA G 319 -31.94 26.96 42.60
C ALA G 319 -33.14 26.89 43.54
N TRP G 320 -33.36 27.93 44.35
CA TRP G 320 -34.52 27.93 45.23
C TRP G 320 -35.81 27.96 44.42
N VAL G 321 -35.84 28.76 43.35
CA VAL G 321 -36.99 28.78 42.47
C VAL G 321 -37.20 27.40 41.86
N ASN G 322 -36.10 26.74 41.49
CA ASN G 322 -36.21 25.41 40.90
C ASN G 322 -36.76 24.39 41.89
N ARG G 323 -36.30 24.43 43.15
CA ARG G 323 -36.80 23.48 44.13
C ARG G 323 -38.23 23.80 44.53
N SER G 324 -38.59 25.09 44.61
CA SER G 324 -39.99 25.45 44.82
C SER G 324 -40.85 24.93 43.68
N SER G 325 -40.32 25.00 42.45
CA SER G 325 -41.05 24.46 41.31
C SER G 325 -41.25 22.95 41.45
N MET G 326 -40.22 22.23 41.90
CA MET G 326 -40.37 20.80 42.14
C MET G 326 -41.40 20.53 43.23
N THR G 327 -41.42 21.37 44.28
CA THR G 327 -42.40 21.21 45.34
C THR G 327 -43.82 21.40 44.82
N PHE G 328 -44.03 22.46 44.01
CA PHE G 328 -45.35 22.68 43.43
C PHE G 328 -45.81 21.48 42.62
N LEU G 329 -44.89 20.91 41.83
CA LEU G 329 -45.25 19.76 40.99
C LEU G 329 -45.46 18.50 41.83
N THR G 330 -44.67 18.31 42.88
CA THR G 330 -44.89 17.17 43.77
C THR G 330 -46.24 17.26 44.46
N ARG G 331 -46.63 18.47 44.87
CA ARG G 331 -47.95 18.66 45.46
C ARG G 331 -49.05 18.29 44.47
N GLN G 332 -48.86 18.66 43.19
CA GLN G 332 -49.81 18.25 42.16
C GLN G 332 -49.90 16.74 42.03
N ALA G 333 -48.76 16.05 42.09
CA ALA G 333 -48.76 14.60 41.95
C ALA G 333 -49.52 13.94 43.10
N PHE G 334 -49.19 14.33 44.33
CA PHE G 334 -49.91 13.80 45.49
C PHE G 334 -51.38 14.16 45.45
N ALA G 335 -51.70 15.40 45.08
CA ALA G 335 -53.10 15.84 45.06
C ALA G 335 -53.94 15.00 44.10
N LYS G 336 -53.39 14.66 42.93
CA LYS G 336 -54.16 13.93 41.94
C LYS G 336 -54.37 12.47 42.36
N VAL G 337 -53.35 11.84 42.92
CA VAL G 337 -53.46 10.43 43.28
C VAL G 337 -54.40 10.23 44.46
N PHE G 338 -54.43 11.19 45.39
CA PHE G 338 -55.28 11.09 46.58
C PHE G 338 -56.50 11.99 46.48
N ASN G 339 -56.77 12.54 45.29
CA ASN G 339 -57.92 13.40 45.03
C ASN G 339 -58.21 14.30 46.22
N THR G 340 -57.15 14.94 46.72
CA THR G 340 -57.22 15.86 47.85
C THR G 340 -56.26 17.01 47.62
N THR G 341 -56.67 18.21 48.02
CA THR G 341 -55.83 19.38 47.88
C THR G 341 -54.54 19.21 48.67
N PRO G 342 -53.44 19.83 48.22
CA PRO G 342 -52.18 19.72 48.97
C PRO G 342 -52.29 20.19 50.41
N ASP G 343 -53.12 21.21 50.66
CA ASP G 343 -53.25 21.71 52.02
C ASP G 343 -53.85 20.67 52.96
N ASP G 344 -54.84 19.91 52.48
CA ASP G 344 -55.43 18.86 53.31
C ASP G 344 -54.49 17.69 53.52
N LEU G 345 -53.36 17.65 52.80
CA LEU G 345 -52.35 16.64 52.99
C LEU G 345 -51.19 17.13 53.84
N ASP G 346 -51.23 18.39 54.27
CA ASP G 346 -50.17 18.99 55.09
C ASP G 346 -48.79 18.87 54.42
N LEU G 347 -48.78 18.99 53.09
CA LEU G 347 -47.54 18.88 52.31
C LEU G 347 -46.75 20.18 52.45
N HIS G 348 -46.22 20.38 53.66
CA HIS G 348 -45.47 21.57 54.01
C HIS G 348 -43.98 21.28 54.00
N VAL G 349 -43.19 22.34 53.93
CA VAL G 349 -41.74 22.22 53.91
C VAL G 349 -41.22 22.10 55.34
N ILE G 350 -40.46 21.04 55.62
CA ILE G 350 -39.72 20.96 56.87
C ILE G 350 -38.50 21.88 56.84
N TYR G 351 -37.65 21.72 55.83
CA TYR G 351 -36.51 22.62 55.71
C TYR G 351 -35.89 22.46 54.33
N ASP G 352 -35.13 23.48 53.93
CA ASP G 352 -34.36 23.48 52.69
C ASP G 352 -32.97 24.01 52.99
N VAL G 353 -31.96 23.19 52.76
CA VAL G 353 -30.58 23.53 53.06
C VAL G 353 -29.71 23.18 51.86
N SER G 354 -28.76 24.05 51.52
CA SER G 354 -27.92 23.91 50.33
C SER G 354 -26.49 23.56 50.71
N HIS G 355 -25.75 23.01 49.74
CA HIS G 355 -24.41 22.52 50.02
C HIS G 355 -23.35 22.87 48.98
N ASN G 356 -23.61 23.80 48.05
CA ASN G 356 -22.55 24.24 47.13
C ASN G 356 -22.63 25.75 47.02
N ILE G 357 -22.14 26.45 48.04
CA ILE G 357 -22.34 27.89 48.12
C ILE G 357 -21.30 28.48 49.06
N ALA G 358 -20.97 29.75 48.84
CA ALA G 358 -20.13 30.52 49.73
C ALA G 358 -21.00 31.57 50.42
N LYS G 359 -20.86 31.69 51.73
CA LYS G 359 -21.68 32.57 52.55
C LYS G 359 -20.80 33.43 53.44
N VAL G 360 -21.20 34.68 53.61
CA VAL G 360 -20.57 35.57 54.57
C VAL G 360 -21.20 35.31 55.94
N GLU G 361 -20.38 34.93 56.91
CA GLU G 361 -20.86 34.51 58.22
C GLU G 361 -19.91 35.01 59.29
N GLN G 362 -20.48 35.29 60.47
CA GLN G 362 -19.69 35.69 61.63
C GLN G 362 -19.26 34.46 62.41
N HIS G 363 -17.96 34.33 62.65
CA HIS G 363 -17.43 33.22 63.43
C HIS G 363 -16.28 33.71 64.29
N VAL G 364 -16.01 32.97 65.36
CA VAL G 364 -14.93 33.29 66.28
C VAL G 364 -13.72 32.44 65.91
N VAL G 365 -12.58 33.09 65.71
CA VAL G 365 -11.33 32.43 65.38
C VAL G 365 -10.31 32.83 66.43
N ASP G 366 -9.87 31.87 67.24
CA ASP G 366 -8.89 32.12 68.31
C ASP G 366 -9.39 33.18 69.27
N GLY G 367 -10.66 33.09 69.66
CA GLY G 367 -11.24 33.99 70.63
C GLY G 367 -11.69 35.32 70.07
N LYS G 368 -11.39 35.62 68.81
CA LYS G 368 -11.78 36.87 68.19
C LYS G 368 -12.81 36.60 67.11
N GLU G 369 -13.89 37.38 67.11
CA GLU G 369 -14.95 37.26 66.12
C GLU G 369 -14.54 37.88 64.80
N ARG G 370 -14.72 37.13 63.71
CA ARG G 370 -14.31 37.57 62.38
C ARG G 370 -15.46 37.40 61.39
N THR G 371 -15.43 38.21 60.33
CA THR G 371 -16.33 38.05 59.20
C THR G 371 -15.64 37.17 58.16
N LEU G 372 -16.21 36.00 57.89
CA LEU G 372 -15.58 35.02 57.01
C LEU G 372 -16.45 34.75 55.80
N LEU G 373 -15.79 34.52 54.66
CA LEU G 373 -16.44 33.97 53.48
C LEU G 373 -16.23 32.47 53.55
N VAL G 374 -17.29 31.74 53.87
CA VAL G 374 -17.19 30.31 54.16
C VAL G 374 -17.53 29.54 52.89
N HIS G 375 -16.53 28.86 52.32
CA HIS G 375 -16.74 27.99 51.17
C HIS G 375 -17.13 26.59 51.64
N ARG G 376 -18.26 26.10 51.14
CA ARG G 376 -18.73 24.74 51.44
C ARG G 376 -19.03 24.01 50.12
N LYS G 377 -18.14 23.11 49.69
CA LYS G 377 -18.37 22.25 48.53
C LYS G 377 -18.84 20.89 49.03
N GLY G 378 -20.08 20.53 48.74
CA GLY G 378 -20.59 19.25 49.21
C GLY G 378 -20.69 19.16 50.71
N SER G 379 -20.85 20.29 51.39
CA SER G 379 -21.04 20.33 52.83
C SER G 379 -22.09 21.39 53.14
N THR G 380 -22.74 21.26 54.31
CA THR G 380 -23.88 22.09 54.66
C THR G 380 -23.62 22.91 55.91
N ARG G 381 -24.25 24.07 55.96
CA ARG G 381 -24.35 24.83 57.20
C ARG G 381 -25.18 24.03 58.21
N ALA G 382 -24.75 24.04 59.48
CA ALA G 382 -25.45 23.33 60.56
C ALA G 382 -25.39 24.22 61.80
N PHE G 383 -26.21 25.28 61.81
CA PHE G 383 -26.10 26.27 62.88
C PHE G 383 -26.76 25.77 64.17
N PRO G 384 -26.28 26.25 65.31
CA PRO G 384 -26.69 25.70 66.61
C PRO G 384 -27.99 26.31 67.10
N PRO G 385 -28.58 25.76 68.16
CA PRO G 385 -29.75 26.39 68.78
C PRO G 385 -29.49 27.86 69.11
N HIS G 386 -30.51 28.68 68.91
CA HIS G 386 -30.50 30.11 69.21
C HIS G 386 -29.62 30.92 68.26
N HIS G 387 -29.25 30.37 67.11
CA HIS G 387 -28.53 31.20 66.17
C HIS G 387 -29.50 32.16 65.49
N PRO G 388 -29.11 33.43 65.31
CA PRO G 388 -30.06 34.41 64.75
C PRO G 388 -30.44 34.13 63.31
N LEU G 389 -29.66 33.36 62.57
CA LEU G 389 -29.91 33.11 61.16
C LEU G 389 -30.70 31.85 60.90
N ILE G 390 -31.37 31.30 61.91
CA ILE G 390 -32.22 30.13 61.72
C ILE G 390 -33.67 30.54 61.94
N ALA G 391 -34.57 29.89 61.20
CA ALA G 391 -35.98 30.22 61.28
C ALA G 391 -36.48 30.07 62.71
N VAL G 392 -37.52 30.84 63.05
CA VAL G 392 -38.01 30.88 64.42
C VAL G 392 -38.38 29.49 64.90
N ASP G 393 -39.04 28.71 64.04
CA ASP G 393 -39.52 27.39 64.44
C ASP G 393 -38.39 26.45 64.88
N TYR G 394 -37.14 26.78 64.55
CA TYR G 394 -36.01 25.90 64.87
C TYR G 394 -35.01 26.55 65.83
N GLN G 395 -35.40 27.63 66.49
CA GLN G 395 -34.49 28.30 67.42
C GLN G 395 -34.11 27.41 68.60
N LEU G 396 -35.00 26.51 69.00
CA LEU G 396 -34.74 25.66 70.16
C LEU G 396 -34.12 24.33 69.80
N THR G 397 -34.45 23.79 68.63
CA THR G 397 -33.90 22.51 68.21
C THR G 397 -32.51 22.64 67.62
N GLY G 398 -32.19 23.78 67.02
CA GLY G 398 -31.07 23.86 66.11
C GLY G 398 -31.51 23.64 64.67
N GLN G 399 -30.64 24.03 63.76
CA GLN G 399 -31.00 24.01 62.34
C GLN G 399 -31.13 22.58 61.83
N PRO G 400 -32.23 22.22 61.19
CA PRO G 400 -32.32 20.88 60.60
C PRO G 400 -31.29 20.68 59.51
N VAL G 401 -30.76 19.46 59.45
CA VAL G 401 -29.77 19.07 58.44
C VAL G 401 -30.29 17.82 57.74
N LEU G 402 -30.29 17.86 56.40
CA LEU G 402 -30.91 16.82 55.59
C LEU G 402 -29.84 16.00 54.89
N ILE G 403 -29.73 14.72 55.24
CA ILE G 403 -28.67 13.85 54.75
C ILE G 403 -29.32 12.69 54.00
N GLY G 404 -29.24 12.71 52.68
CA GLY G 404 -29.69 11.59 51.86
C GLY G 404 -28.64 10.51 51.78
N GLY G 405 -29.10 9.25 51.82
CA GLY G 405 -28.19 8.13 51.67
C GLY G 405 -28.15 7.62 50.24
N THR G 406 -28.95 6.60 49.95
CA THR G 406 -29.07 6.05 48.61
C THR G 406 -30.54 5.74 48.35
N MET G 407 -30.86 5.42 47.10
CA MET G 407 -32.24 5.05 46.80
C MET G 407 -32.62 3.71 47.39
N GLY G 408 -31.66 2.97 47.94
CA GLY G 408 -31.92 1.64 48.46
C GLY G 408 -31.43 1.42 49.88
N THR G 409 -31.04 2.49 50.57
CA THR G 409 -30.66 2.37 51.97
C THR G 409 -31.55 3.26 52.84
N CYS G 410 -31.00 4.35 53.38
CA CYS G 410 -31.78 5.24 54.24
C CYS G 410 -31.25 6.65 54.12
N SER G 411 -32.03 7.58 54.68
CA SER G 411 -31.63 8.98 54.83
C SER G 411 -31.89 9.42 56.27
N TYR G 412 -31.21 10.50 56.68
CA TYR G 412 -31.28 10.97 58.06
C TYR G 412 -31.56 12.46 58.07
N VAL G 413 -32.14 12.90 59.18
CA VAL G 413 -32.27 14.32 59.52
C VAL G 413 -31.54 14.55 60.83
N LEU G 414 -30.71 15.58 60.87
CA LEU G 414 -29.89 15.92 62.01
C LEU G 414 -30.15 17.38 62.37
N THR G 415 -29.57 17.82 63.48
CA THR G 415 -29.64 19.21 63.90
C THR G 415 -28.24 19.73 64.19
N GLY G 416 -28.05 21.03 63.97
CA GLY G 416 -26.78 21.65 64.25
C GLY G 416 -26.54 21.77 65.75
N THR G 417 -25.27 21.78 66.11
CA THR G 417 -24.86 21.73 67.51
C THR G 417 -23.91 22.88 67.81
N GLU G 418 -23.79 23.20 69.09
CA GLU G 418 -22.87 24.26 69.49
C GLU G 418 -21.41 23.83 69.30
N GLN G 419 -21.09 22.55 69.53
CA GLN G 419 -19.76 22.08 69.23
C GLN G 419 -19.44 22.19 67.74
N GLY G 420 -20.42 21.91 66.88
CA GLY G 420 -20.20 22.06 65.46
C GLY G 420 -19.86 23.49 65.07
N MET G 421 -20.57 24.45 65.66
CA MET G 421 -20.29 25.86 65.37
C MET G 421 -18.84 26.22 65.67
N THR G 422 -18.26 25.59 66.69
CA THR G 422 -16.92 25.90 67.17
C THR G 422 -15.82 25.13 66.45
N GLU G 423 -16.09 23.88 66.09
CA GLU G 423 -15.06 23.03 65.48
C GLU G 423 -15.03 23.12 63.96
N THR G 424 -16.19 23.28 63.30
CA THR G 424 -16.24 23.29 61.84
C THR G 424 -16.97 24.51 61.28
N PHE G 425 -17.08 25.59 62.04
CA PHE G 425 -17.84 26.76 61.61
C PHE G 425 -19.28 26.39 61.26
N GLY G 426 -19.85 25.45 61.99
CA GLY G 426 -21.23 25.06 61.75
C GLY G 426 -21.43 24.34 60.43
N THR G 427 -20.54 23.40 60.11
CA THR G 427 -20.59 22.66 58.85
C THR G 427 -20.71 21.17 59.13
N THR G 428 -21.62 20.49 58.43
CA THR G 428 -21.74 19.04 58.53
C THR G 428 -21.82 18.46 57.12
N CYS G 429 -22.03 17.14 57.05
CA CYS G 429 -22.11 16.47 55.77
C CYS G 429 -23.41 16.82 55.06
N HIS G 430 -23.50 16.42 53.79
CA HIS G 430 -24.70 16.63 53.00
C HIS G 430 -25.26 15.34 52.42
N GLY G 431 -24.62 14.21 52.70
CA GLY G 431 -25.05 12.94 52.17
C GLY G 431 -24.06 11.87 52.56
N ALA G 432 -24.17 10.72 51.89
CA ALA G 432 -23.25 9.63 52.20
C ALA G 432 -21.93 9.80 51.45
N GLY G 433 -21.98 10.33 50.24
CA GLY G 433 -20.81 10.37 49.39
C GLY G 433 -20.61 9.08 48.62
N ARG G 434 -19.79 9.16 47.58
CA ARG G 434 -19.56 8.03 46.71
C ARG G 434 -18.37 7.21 47.17
N ALA G 435 -18.49 5.88 47.08
CA ALA G 435 -17.40 4.94 47.31
C ALA G 435 -16.86 4.30 46.04
N LEU G 436 -17.67 4.23 44.98
CA LEU G 436 -17.29 3.68 43.69
C LEU G 436 -17.55 4.70 42.59
N SER G 437 -16.61 4.80 41.66
CA SER G 437 -16.82 5.62 40.47
C SER G 437 -18.10 5.18 39.77
N ARG G 438 -18.69 6.09 38.99
CA ARG G 438 -19.77 5.70 38.10
C ARG G 438 -19.26 4.69 37.08
N ALA G 439 -18.03 4.89 36.60
CA ALA G 439 -17.44 3.99 35.61
C ALA G 439 -17.17 2.61 36.20
N LYS G 440 -16.60 2.56 37.41
CA LYS G 440 -16.35 1.27 38.03
C LYS G 440 -17.66 0.55 38.38
N SER G 441 -18.72 1.32 38.62
CA SER G 441 -20.01 0.70 38.92
C SER G 441 -20.59 -0.02 37.71
N ARG G 442 -20.37 0.54 36.51
CA ARG G 442 -20.82 -0.16 35.30
C ARG G 442 -19.99 -1.41 35.04
N ARG G 443 -18.67 -1.31 35.23
CA ARG G 443 -17.76 -2.43 35.03
C ARG G 443 -17.86 -3.49 36.13
N ASN G 444 -18.75 -3.34 37.10
CA ASN G 444 -18.87 -4.34 38.15
C ASN G 444 -20.30 -4.66 38.58
N LEU G 445 -21.32 -3.96 38.08
CA LEU G 445 -22.69 -4.18 38.54
C LEU G 445 -23.61 -4.25 37.33
N ASP G 446 -24.71 -5.00 37.49
CA ASP G 446 -25.69 -5.19 36.44
C ASP G 446 -26.98 -4.47 36.79
N PHE G 447 -27.56 -3.78 35.80
CA PHE G 447 -28.71 -2.92 36.06
C PHE G 447 -29.92 -3.72 36.56
N GLN G 448 -30.16 -4.90 35.99
CA GLN G 448 -31.30 -5.70 36.42
C GLN G 448 -31.12 -6.20 37.85
N ASP G 449 -29.87 -6.53 38.22
CA ASP G 449 -29.61 -6.94 39.59
C ASP G 449 -29.98 -5.84 40.58
N VAL G 450 -29.66 -4.58 40.25
CA VAL G 450 -29.95 -3.47 41.15
C VAL G 450 -31.46 -3.22 41.23
N LEU G 451 -32.15 -3.25 40.08
CA LEU G 451 -33.58 -2.99 40.09
C LEU G 451 -34.35 -4.10 40.81
N ASP G 452 -33.89 -5.35 40.69
CA ASP G 452 -34.57 -6.44 41.38
C ASP G 452 -34.43 -6.29 42.89
N LYS G 453 -33.26 -5.87 43.38
CA LYS G 453 -33.08 -5.68 44.80
C LYS G 453 -33.97 -4.56 45.34
N LEU G 454 -34.21 -3.53 44.53
CA LEU G 454 -35.18 -2.51 44.91
C LEU G 454 -36.59 -3.08 44.98
N ALA G 455 -36.93 -3.97 44.04
CA ALA G 455 -38.24 -4.61 44.09
C ALA G 455 -38.36 -5.56 45.27
N ASP G 456 -37.29 -6.32 45.56
CA ASP G 456 -37.30 -7.18 46.73
C ASP G 456 -37.43 -6.38 48.02
N MET G 457 -37.12 -5.09 47.97
CA MET G 457 -37.26 -4.20 49.12
C MET G 457 -38.54 -3.38 49.07
N GLY G 458 -39.31 -3.49 47.99
CA GLY G 458 -40.55 -2.75 47.88
C GLY G 458 -40.41 -1.29 47.51
N ILE G 459 -39.33 -0.92 46.83
CA ILE G 459 -39.08 0.47 46.44
C ILE G 459 -39.45 0.65 44.98
N ALA G 460 -40.43 1.50 44.71
CA ALA G 460 -40.82 1.83 43.35
C ALA G 460 -39.86 2.85 42.75
N ILE G 461 -39.52 2.66 41.48
CA ILE G 461 -38.47 3.42 40.82
C ILE G 461 -38.94 3.84 39.43
N ARG G 462 -38.74 5.12 39.11
CA ARG G 462 -38.92 5.64 37.75
C ARG G 462 -37.66 6.42 37.37
N VAL G 463 -36.86 5.86 36.46
CA VAL G 463 -35.61 6.49 36.04
C VAL G 463 -35.67 6.73 34.53
N ALA G 464 -34.92 7.74 34.08
CA ALA G 464 -34.96 8.10 32.67
C ALA G 464 -34.23 7.07 31.81
N SER G 465 -33.07 6.59 32.27
CA SER G 465 -32.25 5.63 31.54
C SER G 465 -32.05 4.39 32.41
N PRO G 466 -32.97 3.41 32.33
CA PRO G 466 -32.93 2.29 33.29
C PRO G 466 -31.67 1.45 33.24
N LYS G 467 -31.05 1.29 32.07
CA LYS G 467 -29.89 0.42 31.95
C LYS G 467 -28.59 1.07 32.43
N LEU G 468 -28.65 2.31 32.94
CA LEU G 468 -27.52 2.95 33.58
C LEU G 468 -27.68 3.03 35.10
N VAL G 469 -28.67 2.35 35.67
CA VAL G 469 -28.99 2.51 37.09
C VAL G 469 -27.92 1.94 38.00
N MET G 470 -27.06 1.03 37.52
CA MET G 470 -26.01 0.51 38.38
C MET G 470 -25.07 1.60 38.87
N GLU G 471 -24.97 2.71 38.14
CA GLU G 471 -24.14 3.82 38.58
C GLU G 471 -24.72 4.50 39.82
N GLU G 472 -25.99 4.29 40.10
CA GLU G 472 -26.64 4.90 41.26
C GLU G 472 -26.97 3.85 42.32
N ALA G 473 -26.36 2.67 42.22
CA ALA G 473 -26.68 1.58 43.12
C ALA G 473 -26.27 1.90 44.54
N PRO G 474 -26.93 1.30 45.53
CA PRO G 474 -26.55 1.55 46.94
C PRO G 474 -25.10 1.25 47.25
N GLU G 475 -24.52 0.19 46.64
CA GLU G 475 -23.14 -0.15 46.94
C GLU G 475 -22.16 0.87 46.37
N SER G 476 -22.61 1.72 45.45
CA SER G 476 -21.75 2.75 44.86
C SER G 476 -21.50 3.91 45.82
N TYR G 477 -22.32 4.05 46.85
CA TYR G 477 -22.19 5.12 47.82
C TYR G 477 -21.68 4.57 49.14
N LYS G 478 -21.08 5.44 49.95
CA LYS G 478 -20.72 5.03 51.30
C LYS G 478 -21.98 4.67 52.09
N ASN G 479 -21.78 3.97 53.20
CA ASN G 479 -22.88 3.71 54.13
C ASN G 479 -23.24 4.99 54.87
N VAL G 480 -24.45 5.49 54.62
CA VAL G 480 -24.87 6.77 55.20
C VAL G 480 -24.88 6.71 56.72
N THR G 481 -25.17 5.53 57.29
CA THR G 481 -25.20 5.41 58.75
C THR G 481 -23.82 5.66 59.35
N ASP G 482 -22.76 5.22 58.67
CA ASP G 482 -21.41 5.52 59.13
C ASP G 482 -21.15 7.02 59.10
N VAL G 483 -21.67 7.70 58.09
CA VAL G 483 -21.43 9.14 57.96
C VAL G 483 -22.11 9.91 59.09
N VAL G 484 -23.39 9.64 59.33
CA VAL G 484 -24.12 10.38 60.36
C VAL G 484 -23.60 10.06 61.75
N ASN G 485 -23.21 8.80 61.99
CA ASN G 485 -22.68 8.45 63.31
C ASN G 485 -21.33 9.12 63.55
N THR G 486 -20.49 9.17 62.52
CA THR G 486 -19.23 9.90 62.64
C THR G 486 -19.50 11.36 62.98
N CYS G 487 -20.45 11.97 62.28
CA CYS G 487 -20.85 13.33 62.62
C CYS G 487 -21.40 13.41 64.04
N HIS G 488 -22.24 12.44 64.43
CA HIS G 488 -22.88 12.50 65.75
C HIS G 488 -21.85 12.30 66.86
N ASP G 489 -21.07 11.22 66.77
CA ASP G 489 -20.05 10.97 67.78
C ASP G 489 -19.00 12.08 67.81
N ALA G 490 -18.75 12.70 66.66
CA ALA G 490 -17.82 13.82 66.63
C ALA G 490 -18.38 15.07 67.29
N GLY G 491 -19.70 15.15 67.44
CA GLY G 491 -20.34 16.27 68.10
C GLY G 491 -20.70 17.43 67.19
N ILE G 492 -20.55 17.28 65.88
CA ILE G 492 -20.85 18.36 64.95
C ILE G 492 -22.30 18.34 64.47
N SER G 493 -23.00 17.21 64.64
CA SER G 493 -24.41 17.11 64.32
C SER G 493 -25.03 16.09 65.27
N LYS G 494 -26.33 16.24 65.53
CA LYS G 494 -27.06 15.36 66.41
C LYS G 494 -28.17 14.69 65.62
N LYS G 495 -28.20 13.36 65.68
CA LYS G 495 -29.23 12.65 64.91
C LYS G 495 -30.60 12.97 65.48
N ALA G 496 -31.59 13.01 64.57
CA ALA G 496 -32.95 13.38 64.95
C ALA G 496 -33.96 12.40 64.38
N ILE G 497 -33.87 12.12 63.08
CA ILE G 497 -34.78 11.22 62.39
C ILE G 497 -34.01 10.32 61.44
N LYS G 498 -34.55 9.12 61.20
CA LYS G 498 -34.08 8.21 60.17
C LYS G 498 -35.24 7.91 59.23
N LEU G 499 -34.98 7.94 57.93
CA LEU G 499 -36.01 7.73 56.94
C LEU G 499 -35.65 6.60 55.98
N ARG G 500 -36.68 5.92 55.48
CA ARG G 500 -36.54 4.79 54.58
C ARG G 500 -37.26 5.10 53.26
N PRO G 501 -36.63 4.82 52.12
CA PRO G 501 -37.26 5.11 50.83
C PRO G 501 -38.35 4.10 50.47
N ILE G 502 -39.41 4.60 49.82
CA ILE G 502 -40.43 3.73 49.27
C ILE G 502 -40.65 4.04 47.79
N ALA G 503 -40.31 5.25 47.36
CA ALA G 503 -40.40 5.61 45.95
C ALA G 503 -39.32 6.62 45.59
N VAL G 504 -38.78 6.50 44.38
CA VAL G 504 -37.68 7.33 43.89
C VAL G 504 -37.88 7.57 42.39
N ILE G 505 -37.73 8.83 41.97
CA ILE G 505 -37.59 9.14 40.55
C ILE G 505 -36.24 9.83 40.37
N LYS G 506 -35.47 9.38 39.38
CA LYS G 506 -34.15 9.94 39.12
C LYS G 506 -33.93 10.12 37.63
N GLY G 507 -33.07 11.07 37.30
CA GLY G 507 -32.73 11.36 35.92
C GLY G 507 -31.40 10.73 35.54
N ALA H 15 -1.23 0.28 18.30
CA ALA H 15 -1.06 0.96 19.58
C ALA H 15 -2.35 0.91 20.41
N VAL H 16 -2.27 0.32 21.60
CA VAL H 16 -3.45 0.11 22.42
C VAL H 16 -4.03 1.45 22.87
N MET H 17 -3.22 2.26 23.55
CA MET H 17 -3.62 3.57 24.06
C MET H 17 -4.69 3.46 25.15
N ALA H 18 -5.76 2.71 24.91
CA ALA H 18 -6.78 2.55 25.93
C ALA H 18 -6.18 1.94 27.19
N GLN H 19 -6.68 2.39 28.35
CA GLN H 19 -6.15 1.95 29.63
C GLN H 19 -7.05 0.95 30.35
N GLU H 20 -8.28 0.75 29.89
CA GLU H 20 -9.21 -0.18 30.51
C GLU H 20 -9.72 -1.16 29.46
N GLU H 21 -10.34 -2.25 29.92
CA GLU H 21 -11.04 -3.13 29.00
C GLU H 21 -12.28 -2.43 28.46
N GLU H 22 -12.66 -2.79 27.24
CA GLU H 22 -13.74 -2.09 26.55
C GLU H 22 -15.07 -2.30 27.29
N ASP H 23 -15.77 -1.19 27.56
CA ASP H 23 -17.10 -1.22 28.14
C ASP H 23 -17.93 -0.13 27.49
N VAL H 24 -19.02 -0.52 26.84
CA VAL H 24 -19.87 0.40 26.09
C VAL H 24 -21.15 0.64 26.87
N ARG H 25 -21.57 1.91 26.92
CA ARG H 25 -22.82 2.27 27.58
C ARG H 25 -24.01 1.89 26.71
N ASP H 26 -24.98 1.21 27.31
CA ASP H 26 -26.17 0.74 26.61
C ASP H 26 -27.30 1.73 26.89
N TYR H 27 -27.67 2.52 25.89
CA TYR H 27 -28.64 3.59 26.05
C TYR H 27 -30.08 3.12 25.80
N ASN H 28 -30.33 1.82 25.77
CA ASN H 28 -31.68 1.28 25.71
C ASN H 28 -32.37 1.73 24.42
N LEU H 29 -31.87 1.18 23.31
CA LEU H 29 -32.23 1.66 21.99
C LEU H 29 -33.54 1.04 21.49
N THR H 30 -34.37 1.86 20.88
CA THR H 30 -35.59 1.40 20.24
C THR H 30 -35.30 0.93 18.81
N GLU H 31 -36.27 0.24 18.21
CA GLU H 31 -36.09 -0.26 16.86
C GLU H 31 -35.91 0.89 15.88
N GLU H 32 -36.77 1.91 15.98
CA GLU H 32 -36.62 3.08 15.11
C GLU H 32 -35.25 3.70 15.22
N GLN H 33 -34.66 3.68 16.42
CA GLN H 33 -33.31 4.23 16.59
C GLN H 33 -32.24 3.28 16.06
N LYS H 34 -32.39 1.98 16.30
CA LYS H 34 -31.42 1.02 15.79
C LYS H 34 -31.31 1.09 14.27
N ALA H 35 -32.42 1.43 13.59
CA ALA H 35 -32.37 1.57 12.14
C ALA H 35 -31.74 2.89 11.73
N ILE H 36 -31.94 3.95 12.50
CA ILE H 36 -31.25 5.21 12.22
C ILE H 36 -29.75 5.03 12.35
N LYS H 37 -29.32 4.19 13.30
CA LYS H 37 -27.89 3.92 13.44
C LYS H 37 -27.37 3.07 12.29
N ALA H 38 -28.25 2.29 11.64
CA ALA H 38 -27.81 1.41 10.57
C ALA H 38 -27.48 2.20 9.30
N LYS H 39 -28.37 3.10 8.90
CA LYS H 39 -28.24 3.75 7.60
C LYS H 39 -27.01 4.63 7.48
N TYR H 40 -26.32 4.93 8.57
CA TYR H 40 -25.14 5.77 8.48
C TYR H 40 -23.88 4.98 8.82
N PRO H 41 -22.73 5.41 8.31
CA PRO H 41 -21.48 4.71 8.60
C PRO H 41 -21.10 4.87 10.06
N PRO H 42 -20.72 3.78 10.73
CA PRO H 42 -20.32 3.88 12.14
C PRO H 42 -19.06 4.74 12.29
N VAL H 43 -19.01 5.50 13.37
CA VAL H 43 -17.92 6.44 13.62
C VAL H 43 -16.89 5.76 14.52
N ASN H 44 -15.62 6.06 14.28
CA ASN H 44 -14.52 5.41 14.99
C ASN H 44 -14.39 6.00 16.39
N ARG H 45 -14.40 5.14 17.40
CA ARG H 45 -14.27 5.56 18.80
C ARG H 45 -12.83 5.35 19.27
N LYS H 46 -12.20 6.46 19.66
CA LYS H 46 -10.89 6.41 20.30
C LYS H 46 -10.96 7.11 21.65
N TYR H 47 -11.93 6.72 22.47
CA TYR H 47 -12.10 7.31 23.79
C TYR H 47 -12.63 6.25 24.76
N GLU H 48 -12.58 6.60 26.04
CA GLU H 48 -13.09 5.76 27.10
C GLU H 48 -13.42 6.64 28.31
N TYR H 49 -14.26 6.11 29.19
CA TYR H 49 -14.67 6.82 30.39
C TYR H 49 -13.98 6.18 31.58
N LEU H 50 -13.07 6.92 32.21
CA LEU H 50 -12.20 6.37 33.24
C LEU H 50 -12.67 6.79 34.64
N ASP H 51 -11.99 6.24 35.65
CA ASP H 51 -12.44 6.35 37.03
C ASP H 51 -12.25 7.76 37.57
N HIS H 52 -13.29 8.28 38.21
CA HIS H 52 -13.20 9.45 39.08
C HIS H 52 -14.32 9.33 40.09
N THR H 53 -13.97 9.46 41.38
CA THR H 53 -14.90 9.06 42.44
C THR H 53 -16.25 9.77 42.30
N ALA H 54 -16.23 11.10 42.11
CA ALA H 54 -17.46 11.87 42.10
C ALA H 54 -18.06 12.05 40.71
N ASP H 55 -17.24 12.10 39.66
CA ASP H 55 -17.74 12.37 38.32
C ASP H 55 -17.14 11.37 37.34
N VAL H 56 -16.55 11.83 36.24
CA VAL H 56 -15.98 10.90 35.26
C VAL H 56 -14.80 11.56 34.55
N GLN H 57 -13.81 10.76 34.19
CA GLN H 57 -12.65 11.21 33.43
C GLN H 57 -12.75 10.72 31.98
N LEU H 58 -12.79 11.66 31.05
CA LEU H 58 -12.70 11.35 29.62
C LEU H 58 -11.23 11.11 29.25
N HIS H 59 -10.97 10.01 28.56
CA HIS H 59 -9.66 9.73 27.99
C HIS H 59 -9.81 9.53 26.49
N ALA H 60 -9.12 10.38 25.71
CA ALA H 60 -9.20 10.33 24.25
C ALA H 60 -7.80 10.38 23.66
N TRP H 61 -7.67 9.84 22.44
CA TRP H 61 -6.39 9.75 21.78
C TRP H 61 -6.58 9.75 20.27
N GLY H 62 -5.48 9.85 19.55
CA GLY H 62 -5.52 9.81 18.10
C GLY H 62 -4.11 9.87 17.55
N ASP H 63 -4.03 9.94 16.22
CA ASP H 63 -2.72 10.04 15.57
C ASP H 63 -2.18 11.46 15.55
N THR H 64 -3.05 12.46 15.68
CA THR H 64 -2.62 13.85 15.74
C THR H 64 -3.28 14.50 16.95
N LEU H 65 -2.69 15.61 17.39
CA LEU H 65 -3.31 16.40 18.46
C LEU H 65 -4.73 16.78 18.07
N GLU H 66 -4.92 17.15 16.80
CA GLU H 66 -6.26 17.46 16.29
C GLU H 66 -7.23 16.32 16.52
N GLU H 67 -6.82 15.08 16.20
CA GLU H 67 -7.72 13.95 16.38
C GLU H 67 -8.00 13.69 17.87
N ALA H 68 -6.97 13.83 18.72
CA ALA H 68 -7.17 13.65 20.16
C ALA H 68 -8.21 14.64 20.67
N PHE H 69 -8.12 15.90 20.24
CA PHE H 69 -9.13 16.89 20.65
C PHE H 69 -10.51 16.50 20.16
N GLU H 70 -10.64 16.15 18.88
CA GLU H 70 -11.96 15.86 18.34
C GLU H 70 -12.56 14.61 18.97
N GLN H 71 -11.73 13.62 19.31
CA GLN H 71 -12.24 12.45 20.02
C GLN H 71 -12.70 12.79 21.42
N CYS H 72 -12.05 13.75 22.08
CA CYS H 72 -12.47 14.13 23.43
C CYS H 72 -13.88 14.71 23.42
N ALA H 73 -14.18 15.55 22.42
CA ALA H 73 -15.54 16.06 22.29
C ALA H 73 -16.52 14.93 22.03
N MET H 74 -16.14 13.96 21.18
CA MET H 74 -17.03 12.84 20.92
C MET H 74 -17.24 11.98 22.17
N ALA H 75 -16.22 11.83 23.01
CA ALA H 75 -16.42 11.20 24.31
C ALA H 75 -17.44 11.97 25.13
N MET H 76 -17.34 13.30 25.14
CA MET H 76 -18.28 14.12 25.91
C MET H 76 -19.70 13.95 25.40
N PHE H 77 -19.89 13.98 24.08
CA PHE H 77 -21.24 13.83 23.53
C PHE H 77 -21.75 12.40 23.68
N GLY H 78 -20.86 11.42 23.56
CA GLY H 78 -21.25 10.03 23.71
C GLY H 78 -21.68 9.64 25.10
N TYR H 79 -21.40 10.49 26.09
CA TYR H 79 -21.89 10.30 27.45
C TYR H 79 -23.29 10.85 27.66
N MET H 80 -23.75 11.71 26.75
CA MET H 80 -25.09 12.30 26.84
C MET H 80 -26.15 11.45 26.18
N THR H 81 -25.80 10.75 25.10
CA THR H 81 -26.73 9.95 24.30
C THR H 81 -25.92 8.98 23.47
N ASP H 82 -26.61 8.18 22.66
CA ASP H 82 -25.95 7.34 21.66
C ASP H 82 -25.76 8.18 20.42
N THR H 83 -24.53 8.64 20.20
CA THR H 83 -24.29 9.54 19.08
C THR H 83 -24.55 8.85 17.74
N GLY H 84 -24.54 7.52 17.72
CA GLY H 84 -24.84 6.79 16.50
C GLY H 84 -26.25 6.98 16.01
N THR H 85 -27.16 7.42 16.89
CA THR H 85 -28.54 7.70 16.51
C THR H 85 -28.74 9.12 16.00
N VAL H 86 -27.67 9.91 15.93
CA VAL H 86 -27.75 11.29 15.46
C VAL H 86 -27.56 11.30 13.94
N GLU H 87 -28.46 11.98 13.24
CA GLU H 87 -28.37 12.03 11.79
C GLU H 87 -27.60 13.27 11.35
N PRO H 88 -26.77 13.13 10.29
CA PRO H 88 -25.95 14.27 9.83
C PRO H 88 -26.73 15.21 8.92
N LEU H 89 -27.62 15.99 9.54
CA LEU H 89 -28.51 16.86 8.78
C LEU H 89 -28.01 18.30 8.69
N GLN H 90 -27.06 18.69 9.55
CA GLN H 90 -26.57 20.05 9.60
C GLN H 90 -25.15 20.04 10.12
N THR H 91 -24.39 21.06 9.74
CA THR H 91 -23.00 21.20 10.15
C THR H 91 -22.81 22.50 10.92
N VAL H 92 -22.08 22.42 12.02
CA VAL H 92 -21.85 23.55 12.91
C VAL H 92 -20.35 23.75 13.07
N GLU H 93 -19.95 25.00 13.24
CA GLU H 93 -18.56 25.38 13.39
C GLU H 93 -18.30 25.83 14.82
N VAL H 94 -17.12 25.49 15.34
CA VAL H 94 -16.65 25.96 16.63
C VAL H 94 -15.21 26.43 16.44
N GLU H 95 -14.98 27.73 16.56
CA GLU H 95 -13.66 28.33 16.54
C GLU H 95 -13.39 28.91 17.91
N THR H 96 -12.20 28.65 18.46
CA THR H 96 -11.90 29.12 19.80
C THR H 96 -10.39 29.32 19.95
N GLN H 97 -9.98 29.77 21.13
CA GLN H 97 -8.58 30.07 21.42
C GLN H 97 -8.33 29.87 22.90
N GLY H 98 -7.06 30.01 23.28
CA GLY H 98 -6.63 29.84 24.65
C GLY H 98 -5.26 30.44 24.84
N ASP H 99 -4.73 30.28 26.05
CA ASP H 99 -3.37 30.71 26.37
C ASP H 99 -2.37 29.56 26.34
N ASP H 100 -2.85 28.33 26.20
CA ASP H 100 -2.03 27.11 26.24
C ASP H 100 -2.94 25.98 25.77
N LEU H 101 -2.37 24.76 25.70
CA LEU H 101 -3.16 23.63 25.21
C LEU H 101 -4.29 23.28 26.18
N GLN H 102 -4.02 23.33 27.48
CA GLN H 102 -5.06 22.98 28.45
C GLN H 102 -6.24 23.93 28.34
N SER H 103 -6.00 25.24 28.32
CA SER H 103 -7.10 26.18 28.20
C SER H 103 -7.73 26.12 26.82
N LEU H 104 -6.94 25.86 25.76
CA LEU H 104 -7.53 25.65 24.46
C LEU H 104 -8.50 24.47 24.49
N LEU H 105 -8.04 23.34 25.03
CA LEU H 105 -8.90 22.16 25.15
C LEU H 105 -10.13 22.48 25.99
N PHE H 106 -9.95 23.24 27.08
CA PHE H 106 -11.07 23.61 27.93
C PHE H 106 -12.13 24.38 27.15
N HIS H 107 -11.72 25.45 26.46
CA HIS H 107 -12.68 26.27 25.73
C HIS H 107 -13.28 25.51 24.56
N PHE H 108 -12.49 24.63 23.93
CA PHE H 108 -13.02 23.80 22.85
C PHE H 108 -14.16 22.93 23.34
N LEU H 109 -13.96 22.21 24.45
CA LEU H 109 -15.02 21.37 24.98
C LEU H 109 -16.19 22.22 25.47
N ASP H 110 -15.91 23.39 26.03
CA ASP H 110 -16.96 24.24 26.56
C ASP H 110 -17.83 24.82 25.45
N GLU H 111 -17.19 25.29 24.37
CA GLU H 111 -17.95 25.83 23.25
C GLU H 111 -18.88 24.78 22.65
N TRP H 112 -18.40 23.54 22.55
CA TRP H 112 -19.25 22.46 22.03
C TRP H 112 -20.37 22.15 23.02
N LEU H 113 -20.06 22.12 24.32
CA LEU H 113 -21.10 21.91 25.32
C LEU H 113 -22.18 22.97 25.19
N TYR H 114 -21.79 24.22 24.96
CA TYR H 114 -22.75 25.30 24.82
C TYR H 114 -23.64 25.13 23.59
N LYS H 115 -23.07 24.66 22.47
CA LYS H 115 -23.91 24.43 21.29
C LYS H 115 -25.05 23.48 21.61
N PHE H 116 -24.80 22.52 22.51
CA PHE H 116 -25.80 21.52 22.87
C PHE H 116 -26.78 22.06 23.92
N SER H 117 -26.32 22.97 24.76
CA SER H 117 -27.07 23.43 25.93
C SER H 117 -27.91 24.68 25.67
N ALA H 118 -27.88 25.25 24.47
CA ALA H 118 -28.59 26.50 24.25
C ALA H 118 -28.85 26.71 22.77
N ASP H 119 -29.61 27.76 22.47
CA ASP H 119 -29.85 28.20 21.10
C ASP H 119 -30.52 27.10 20.28
N GLU H 120 -29.71 26.32 19.56
CA GLU H 120 -30.24 25.29 18.68
C GLU H 120 -30.18 23.90 19.30
N PHE H 121 -29.59 23.76 20.49
CA PHE H 121 -29.55 22.48 21.19
C PHE H 121 -29.04 21.38 20.26
N PHE H 122 -27.83 21.62 19.73
CA PHE H 122 -27.24 20.78 18.71
C PHE H 122 -26.40 19.67 19.33
N ILE H 123 -26.62 18.45 18.85
CA ILE H 123 -25.84 17.28 19.24
C ILE H 123 -25.08 16.81 18.01
N PRO H 124 -23.74 16.80 18.03
CA PRO H 124 -23.00 16.34 16.86
C PRO H 124 -22.87 14.82 16.87
N ARG H 125 -23.10 14.21 15.72
CA ARG H 125 -22.80 12.81 15.56
C ARG H 125 -21.30 12.57 15.49
N GLU H 126 -20.56 13.55 14.99
CA GLU H 126 -19.13 13.43 14.81
C GLU H 126 -18.54 14.84 14.84
N VAL H 127 -17.34 14.96 15.38
CA VAL H 127 -16.63 16.24 15.42
C VAL H 127 -15.28 16.05 14.76
N LYS H 128 -14.84 17.07 14.04
CA LYS H 128 -13.52 17.03 13.43
C LYS H 128 -12.83 18.37 13.67
N VAL H 129 -11.60 18.31 14.18
CA VAL H 129 -10.77 19.50 14.32
C VAL H 129 -9.99 19.70 13.03
N LEU H 130 -10.21 20.84 12.39
CA LEU H 130 -9.58 21.15 11.12
C LEU H 130 -8.18 21.70 11.29
N SER H 131 -7.92 22.41 12.39
CA SER H 131 -6.62 23.02 12.60
C SER H 131 -6.42 23.35 14.08
N ILE H 132 -5.20 23.14 14.56
CA ILE H 132 -4.74 23.67 15.83
C ILE H 132 -3.43 24.40 15.59
N ASP H 133 -3.42 25.71 15.83
CA ASP H 133 -2.20 26.50 15.83
C ASP H 133 -1.57 26.37 17.21
N GLN H 134 -0.52 25.56 17.31
CA GLN H 134 0.10 25.25 18.58
C GLN H 134 1.04 26.35 19.07
N ARG H 135 1.15 27.45 18.32
CA ARG H 135 1.96 28.60 18.70
C ARG H 135 1.12 29.71 19.31
N ASN H 136 -0.02 30.03 18.68
CA ASN H 136 -0.95 31.03 19.17
C ASN H 136 -2.11 30.42 19.92
N PHE H 137 -2.21 29.09 19.97
CA PHE H 137 -3.27 28.39 20.67
C PHE H 137 -4.65 28.82 20.17
N LYS H 138 -4.87 28.55 18.89
CA LYS H 138 -6.14 28.80 18.20
C LYS H 138 -6.59 27.51 17.54
N LEU H 139 -7.91 27.35 17.43
CA LEU H 139 -8.49 26.09 16.97
C LEU H 139 -9.68 26.34 16.06
N ARG H 140 -9.79 25.53 15.01
CA ARG H 140 -10.97 25.49 14.14
C ARG H 140 -11.52 24.07 14.16
N SER H 141 -12.83 23.95 14.31
CA SER H 141 -13.46 22.63 14.30
C SER H 141 -14.83 22.72 13.66
N ILE H 142 -15.34 21.56 13.24
CA ILE H 142 -16.69 21.43 12.72
C ILE H 142 -17.29 20.13 13.24
N GLY H 143 -18.61 20.10 13.28
CA GLY H 143 -19.35 18.90 13.63
C GLY H 143 -20.64 18.86 12.85
N TRP H 144 -21.08 17.64 12.54
CA TRP H 144 -22.33 17.45 11.82
C TRP H 144 -23.29 16.59 12.63
N GLY H 145 -24.57 16.97 12.62
CA GLY H 145 -25.59 16.30 13.42
C GLY H 145 -26.95 16.96 13.30
N GLU H 146 -27.72 16.99 14.40
CA GLU H 146 -29.08 17.52 14.38
C GLU H 146 -29.44 18.01 15.78
N GLU H 147 -30.64 18.59 15.90
CA GLU H 147 -31.11 19.04 17.21
C GLU H 147 -31.43 17.85 18.09
N PHE H 148 -30.90 17.86 19.32
CA PHE H 148 -31.21 16.80 20.26
C PHE H 148 -32.70 16.75 20.53
N SER H 149 -33.26 15.55 20.53
CA SER H 149 -34.69 15.37 20.71
C SER H 149 -34.94 14.11 21.52
N LEU H 150 -35.77 14.23 22.56
CA LEU H 150 -36.12 13.06 23.38
C LEU H 150 -36.95 12.04 22.60
N SER H 151 -37.62 12.46 21.54
CA SER H 151 -38.35 11.53 20.69
C SER H 151 -37.42 10.76 19.75
N LYS H 152 -36.20 11.25 19.51
CA LYS H 152 -35.27 10.61 18.59
C LYS H 152 -34.04 10.05 19.28
N HIS H 153 -33.54 10.70 20.32
CA HIS H 153 -32.27 10.31 20.88
C HIS H 153 -32.42 9.81 22.31
N PRO H 154 -31.71 8.73 22.66
CA PRO H 154 -31.85 8.18 24.01
C PRO H 154 -31.18 9.06 25.05
N GLN H 155 -31.71 8.98 26.27
CA GLN H 155 -31.24 9.80 27.38
C GLN H 155 -30.05 9.12 28.07
N GLY H 156 -28.89 9.74 27.98
CA GLY H 156 -27.75 9.34 28.79
C GLY H 156 -27.67 10.22 30.03
N THR H 157 -26.53 10.89 30.21
CA THR H 157 -26.33 11.76 31.37
C THR H 157 -26.03 13.18 30.90
N GLU H 158 -26.57 14.16 31.60
CA GLU H 158 -26.31 15.56 31.30
C GLU H 158 -24.93 15.97 31.79
N VAL H 159 -24.18 16.67 30.94
CA VAL H 159 -22.86 17.19 31.29
C VAL H 159 -23.01 18.63 31.78
N LYS H 160 -22.58 18.89 33.01
CA LYS H 160 -22.75 20.21 33.59
C LYS H 160 -21.64 21.18 33.17
N ALA H 161 -20.40 20.71 33.11
CA ALA H 161 -19.31 21.65 32.91
C ALA H 161 -18.01 20.90 32.66
N ILE H 162 -17.06 21.63 32.06
CA ILE H 162 -15.68 21.18 31.91
C ILE H 162 -14.88 21.66 33.12
N THR H 163 -13.92 20.85 33.55
CA THR H 163 -13.05 21.22 34.66
C THR H 163 -11.60 21.05 34.24
N TYR H 164 -10.71 21.68 34.99
CA TYR H 164 -9.28 21.49 34.82
C TYR H 164 -8.76 20.37 35.70
N SER H 165 -9.63 19.72 36.47
CA SER H 165 -9.18 18.74 37.45
C SER H 165 -8.41 17.63 36.77
N ALA H 166 -7.13 17.51 37.13
CA ALA H 166 -6.25 16.47 36.61
C ALA H 166 -6.17 16.49 35.08
N MET H 167 -6.36 17.65 34.47
CA MET H 167 -6.33 17.72 33.01
C MET H 167 -4.91 17.46 32.50
N GLN H 168 -4.79 16.57 31.52
CA GLN H 168 -3.51 16.18 30.96
C GLN H 168 -3.59 16.18 29.44
N VAL H 169 -2.66 16.88 28.80
CA VAL H 169 -2.57 16.95 27.35
C VAL H 169 -1.17 16.49 26.97
N TYR H 170 -1.08 15.35 26.29
CA TYR H 170 0.19 14.81 25.84
C TYR H 170 0.30 14.98 24.33
N ASN H 171 1.33 15.68 23.89
CA ASN H 171 1.51 16.09 22.50
C ASN H 171 2.75 15.44 21.89
N GLU H 172 2.99 14.17 22.21
CA GLU H 172 4.09 13.46 21.58
C GLU H 172 3.54 12.52 20.51
N GLU H 173 4.22 11.40 20.27
CA GLU H 173 3.71 10.42 19.33
C GLU H 173 2.47 9.78 19.92
N ASN H 174 1.43 9.66 19.11
CA ASN H 174 0.13 9.20 19.59
C ASN H 174 -0.36 10.17 20.68
N PRO H 175 -0.85 11.34 20.29
CA PRO H 175 -1.32 12.31 21.29
C PRO H 175 -2.57 11.81 22.00
N GLU H 176 -2.73 12.25 23.25
CA GLU H 176 -3.90 11.87 24.04
C GLU H 176 -4.14 12.91 25.11
N VAL H 177 -5.39 12.98 25.57
CA VAL H 177 -5.80 13.91 26.62
C VAL H 177 -6.63 13.16 27.66
N PHE H 178 -6.62 13.72 28.87
CA PHE H 178 -7.46 13.26 29.98
C PHE H 178 -8.16 14.48 30.56
N VAL H 179 -9.50 14.43 30.62
CA VAL H 179 -10.28 15.56 31.10
C VAL H 179 -11.40 15.04 32.01
N ILE H 180 -11.52 15.64 33.18
CA ILE H 180 -12.62 15.35 34.09
C ILE H 180 -13.74 16.35 33.85
N ILE H 181 -14.96 15.85 33.63
CA ILE H 181 -16.12 16.71 33.44
C ILE H 181 -17.09 16.51 34.59
N ASP H 182 -17.82 17.57 34.92
CA ASP H 182 -18.78 17.56 36.01
C ASP H 182 -20.11 17.01 35.50
N ILE H 183 -20.60 15.93 36.13
CA ILE H 183 -21.87 15.32 35.78
C ILE H 183 -22.79 15.21 36.99
#